data_9EQ7
#
_entry.id   9EQ7
#
_cell.length_a   1.00
_cell.length_b   1.00
_cell.length_c   1.00
_cell.angle_alpha   90.00
_cell.angle_beta   90.00
_cell.angle_gamma   90.00
#
_symmetry.space_group_name_H-M   'P 1'
#
loop_
_entity.id
_entity.type
_entity.pdbx_description
1 polymer Archaellin
2 branched '2-O-sulfo-beta-D-glucopyranuronic acid-(1-4)-3-O-sulfo-alpha-L-idopyranuronic acid-(1-4)-beta-D-glucopyranuronic acid-(1-4)-beta-D-glucopyranose'
#
_entity_poly.entity_id   1
_entity_poly.type   'polypeptide(L)'
_entity_poly.pdbx_seq_one_letter_code
;MFEFITDEDERGQVGIGTLIVFIAMVLVAAIAAGVLINTAGYLQSKGSATGEEASAQVSNRINIVSAYGNV(UNK)
(UNK)(UNK)(UNK)VDYVNLTVRQAAGADNINL(UNK)KSTIQWIGPD(UNK)ATTLTY(UNK)(UNK)(UNK)(UNK)
(UNK)(UNK)(UNK)(UNK)(UNK)ENFTT(UNK)SIKG(UNK)(UNK)(UNK)(UNK)VLVDQSDRIKVIMYA(UNK)
(UNK)V(UNK)(UNK)(UNK)L(UNK)(UNK)G(UNK)EVQLTVTTQYGSKTTYWAQVPESLKDKNAV(UNK)L
;
_entity_poly.pdbx_strand_id   A,B,C,D,E,F,G,H,I,J,K,L,M,N,O,P,Q,R,S,T,U,V,W,X,Y,Z
#
# COMPACT_ATOMS: atom_id res chain seq x y z
N GLN A 13 -1.36 -131.45 13.99
CA GLN A 13 -0.88 -131.18 15.33
C GLN A 13 -0.56 -129.70 15.50
N VAL A 14 0.72 -129.40 15.72
CA VAL A 14 1.14 -128.01 15.88
C VAL A 14 0.88 -127.23 14.59
N GLY A 15 1.19 -127.82 13.44
CA GLY A 15 0.97 -127.13 12.18
C GLY A 15 -0.50 -126.83 11.92
N ILE A 16 -1.38 -127.75 12.31
CA ILE A 16 -2.81 -127.57 12.06
C ILE A 16 -3.32 -126.33 12.80
N GLY A 17 -2.89 -126.16 14.05
CA GLY A 17 -3.34 -125.00 14.81
C GLY A 17 -2.88 -123.68 14.22
N THR A 18 -1.73 -123.69 13.54
CA THR A 18 -1.19 -122.46 12.99
C THR A 18 -2.12 -121.88 11.92
N LEU A 19 -2.64 -122.74 11.03
CA LEU A 19 -3.49 -122.26 9.95
C LEU A 19 -4.76 -121.60 10.50
N ILE A 20 -5.37 -122.21 11.52
CA ILE A 20 -6.59 -121.66 12.08
C ILE A 20 -6.34 -120.26 12.64
N VAL A 21 -5.23 -120.11 13.37
CA VAL A 21 -4.85 -118.78 13.84
C VAL A 21 -4.44 -117.90 12.67
N PHE A 22 -3.77 -118.48 11.67
CA PHE A 22 -3.34 -117.70 10.51
C PHE A 22 -4.53 -117.05 9.82
N ILE A 23 -5.61 -117.80 9.60
CA ILE A 23 -6.81 -117.22 9.01
C ILE A 23 -7.36 -116.12 9.90
N ALA A 24 -7.33 -116.34 11.22
CA ALA A 24 -7.83 -115.33 12.16
C ALA A 24 -7.02 -114.04 12.06
N MET A 25 -5.69 -114.17 11.97
CA MET A 25 -4.84 -112.98 11.99
C MET A 25 -5.11 -112.08 10.80
N VAL A 26 -5.30 -112.66 9.60
CA VAL A 26 -5.55 -111.84 8.42
C VAL A 26 -6.90 -111.17 8.52
N LEU A 27 -7.86 -111.79 9.21
CA LEU A 27 -9.16 -111.16 9.40
C LEU A 27 -9.06 -109.96 10.34
N VAL A 28 -8.39 -110.14 11.48
CA VAL A 28 -8.28 -109.04 12.44
C VAL A 28 -7.48 -107.88 11.86
N ALA A 29 -6.47 -108.18 11.04
CA ALA A 29 -5.74 -107.11 10.35
C ALA A 29 -6.67 -106.36 9.41
N ALA A 30 -7.57 -107.07 8.73
CA ALA A 30 -8.52 -106.45 7.83
C ALA A 30 -9.46 -105.51 8.58
N ILE A 31 -9.91 -105.93 9.76
CA ILE A 31 -10.78 -105.08 10.57
C ILE A 31 -10.04 -103.79 10.95
N ALA A 32 -8.79 -103.93 11.37
CA ALA A 32 -7.99 -102.75 11.71
C ALA A 32 -7.76 -101.87 10.48
N ALA A 33 -7.52 -102.50 9.33
CA ALA A 33 -7.32 -101.75 8.10
C ALA A 33 -8.58 -100.99 7.71
N GLY A 34 -9.74 -101.64 7.85
CA GLY A 34 -11.00 -101.05 7.43
C GLY A 34 -11.38 -99.80 8.19
N VAL A 35 -11.27 -99.83 9.52
CA VAL A 35 -11.73 -98.69 10.34
C VAL A 35 -10.87 -97.47 10.06
N LEU A 36 -9.57 -97.67 9.81
CA LEU A 36 -8.68 -96.56 9.53
C LEU A 36 -9.08 -95.84 8.25
N ILE A 37 -9.40 -96.60 7.20
CA ILE A 37 -9.70 -96.01 5.90
C ILE A 37 -11.00 -95.22 5.96
N ASN A 38 -12.05 -95.82 6.53
CA ASN A 38 -13.34 -95.13 6.60
C ASN A 38 -13.25 -93.90 7.50
N THR A 39 -12.54 -93.99 8.62
CA THR A 39 -12.34 -92.82 9.47
C THR A 39 -11.56 -91.75 8.73
N ALA A 40 -10.51 -92.14 8.01
CA ALA A 40 -9.81 -91.19 7.16
C ALA A 40 -10.72 -90.67 6.06
N GLY A 41 -11.52 -91.56 5.48
CA GLY A 41 -12.46 -91.13 4.44
C GLY A 41 -13.49 -90.14 4.96
N TYR A 42 -13.93 -90.33 6.21
CA TYR A 42 -14.85 -89.37 6.80
C TYR A 42 -14.20 -88.00 6.93
N LEU A 43 -13.00 -87.96 7.52
CA LEU A 43 -12.35 -86.69 7.79
C LEU A 43 -12.05 -85.93 6.50
N GLN A 44 -11.77 -86.66 5.42
CA GLN A 44 -11.47 -86.01 4.14
C GLN A 44 -12.67 -85.22 3.64
N SER A 45 -13.87 -85.80 3.74
CA SER A 45 -15.07 -85.09 3.33
C SER A 45 -15.41 -83.96 4.30
N LYS A 46 -15.12 -84.15 5.59
CA LYS A 46 -15.29 -83.08 6.56
C LYS A 46 -14.25 -81.98 6.37
N GLY A 47 -13.01 -82.38 6.09
CA GLY A 47 -11.97 -81.38 5.87
C GLY A 47 -12.16 -80.60 4.58
N SER A 48 -12.58 -81.28 3.52
CA SER A 48 -12.77 -80.61 2.23
C SER A 48 -13.86 -79.55 2.33
N ALA A 49 -14.97 -79.89 2.99
CA ALA A 49 -16.05 -78.92 3.16
C ALA A 49 -15.59 -77.73 4.00
N THR A 50 -14.88 -78.01 5.10
CA THR A 50 -14.47 -76.94 6.01
C THR A 50 -13.57 -75.93 5.30
N GLY A 51 -12.75 -76.40 4.36
CA GLY A 51 -11.91 -75.48 3.60
C GLY A 51 -12.72 -74.57 2.71
N GLU A 52 -13.79 -75.10 2.12
CA GLU A 52 -14.59 -74.30 1.19
C GLU A 52 -15.43 -73.25 1.92
N GLU A 53 -16.08 -73.63 3.03
CA GLU A 53 -16.94 -72.69 3.72
C GLU A 53 -16.13 -71.62 4.45
N ALA A 54 -14.98 -72.00 5.02
CA ALA A 54 -14.13 -71.02 5.69
C ALA A 54 -13.61 -69.99 4.70
N SER A 55 -13.19 -70.43 3.51
CA SER A 55 -12.76 -69.49 2.48
C SER A 55 -13.94 -68.63 2.02
N ALA A 56 -15.12 -69.24 1.85
CA ALA A 56 -16.29 -68.47 1.46
C ALA A 56 -16.78 -67.59 2.60
N GLN A 57 -16.40 -67.90 3.85
CA GLN A 57 -16.77 -67.05 4.96
C GLN A 57 -16.04 -65.71 4.90
N VAL A 58 -14.84 -65.68 4.35
CA VAL A 58 -14.05 -64.47 4.27
C VAL A 58 -14.22 -63.77 2.92
N SER A 59 -14.22 -64.53 1.83
CA SER A 59 -14.23 -63.95 0.50
C SER A 59 -15.59 -63.38 0.12
N ASN A 60 -16.62 -64.22 0.10
CA ASN A 60 -17.96 -63.77 -0.28
C ASN A 60 -18.46 -62.72 0.70
N ARG A 61 -18.55 -61.47 0.25
CA ARG A 61 -18.85 -60.37 1.14
C ARG A 61 -19.45 -59.24 0.33
N ILE A 62 -20.34 -58.48 0.96
CA ILE A 62 -21.02 -57.37 0.30
C ILE A 62 -20.27 -56.07 0.57
N ASN A 63 -20.13 -55.25 -0.47
CA ASN A 63 -19.62 -53.89 -0.34
C ASN A 63 -20.74 -52.93 -0.71
N ILE A 64 -21.03 -51.97 0.17
CA ILE A 64 -22.11 -51.03 -0.05
C ILE A 64 -21.59 -49.80 -0.76
N VAL A 65 -21.91 -49.67 -2.05
CA VAL A 65 -21.39 -48.61 -2.90
C VAL A 65 -21.88 -47.25 -2.43
N SER A 66 -23.19 -47.13 -2.24
CA SER A 66 -23.80 -45.86 -1.86
C SER A 66 -25.08 -46.12 -1.09
N ALA A 67 -25.58 -45.07 -0.44
CA ALA A 67 -26.81 -45.15 0.33
C ALA A 67 -27.54 -43.82 0.23
N TYR A 68 -28.74 -43.84 -0.33
CA TYR A 68 -29.57 -42.65 -0.46
C TYR A 68 -30.94 -42.92 0.14
N GLY A 69 -31.81 -41.92 0.09
CA GLY A 69 -33.13 -42.07 0.65
C GLY A 69 -34.16 -41.08 0.13
N ASN A 70 -35.35 -41.56 -0.20
CA ASN A 70 -36.43 -40.68 -0.59
C ASN A 70 -36.90 -39.85 0.60
N VAL A 71 -37.27 -38.60 0.34
CA VAL A 71 -37.70 -37.72 1.41
C VAL A 71 -39.17 -37.35 1.26
N UNK A 72 -39.95 -37.62 2.30
CA UNK A 72 -41.36 -37.25 2.32
C UNK A 72 -41.61 -36.24 3.42
N UNK A 73 -42.31 -35.15 3.09
CA UNK A 73 -42.58 -34.06 4.02
C UNK A 73 -41.29 -33.51 4.61
N UNK A 74 -40.79 -34.14 5.66
CA UNK A 74 -39.55 -33.71 6.29
C UNK A 74 -38.93 -34.86 7.09
N UNK A 75 -38.99 -36.06 6.54
CA UNK A 75 -38.41 -37.23 7.17
C UNK A 75 -38.16 -38.34 6.16
N VAL A 76 -36.96 -38.89 6.16
CA VAL A 76 -36.62 -39.96 5.23
C VAL A 76 -37.39 -41.23 5.58
N ASP A 77 -38.04 -41.81 4.59
CA ASP A 77 -38.86 -43.00 4.79
C ASP A 77 -38.27 -44.25 4.13
N TYR A 78 -37.40 -44.08 3.14
CA TYR A 78 -36.74 -45.20 2.49
C TYR A 78 -35.24 -45.10 2.69
N VAL A 79 -34.59 -46.23 2.89
CA VAL A 79 -33.13 -46.32 3.02
C VAL A 79 -32.66 -47.36 2.02
N ASN A 80 -32.19 -46.89 0.86
CA ASN A 80 -31.79 -47.78 -0.23
C ASN A 80 -30.28 -47.86 -0.27
N LEU A 81 -29.76 -49.08 -0.21
CA LEU A 81 -28.32 -49.35 -0.28
C LEU A 81 -28.02 -49.97 -1.64
N THR A 82 -26.99 -49.46 -2.31
CA THR A 82 -26.51 -50.07 -3.55
C THR A 82 -25.36 -51.00 -3.20
N VAL A 83 -25.55 -52.30 -3.42
CA VAL A 83 -24.60 -53.30 -2.97
C VAL A 83 -23.97 -53.98 -4.19
N ARG A 84 -22.79 -54.55 -3.97
CA ARG A 84 -22.05 -55.22 -5.04
C ARG A 84 -21.13 -56.26 -4.42
N GLN A 85 -20.63 -57.15 -5.26
CA GLN A 85 -19.70 -58.19 -4.81
C GLN A 85 -18.39 -57.56 -4.35
N ALA A 86 -17.72 -58.25 -3.43
CA ALA A 86 -16.40 -57.84 -2.97
C ALA A 86 -15.34 -58.31 -3.98
N ALA A 87 -14.08 -58.18 -3.61
CA ALA A 87 -13.00 -58.64 -4.47
C ALA A 87 -12.92 -60.15 -4.44
N GLY A 88 -13.09 -60.79 -5.60
CA GLY A 88 -13.03 -62.23 -5.70
C GLY A 88 -14.24 -62.97 -5.18
N ALA A 89 -15.34 -62.27 -4.88
CA ALA A 89 -16.51 -62.92 -4.34
C ALA A 89 -17.19 -63.80 -5.39
N ASP A 90 -17.82 -64.86 -4.91
CA ASP A 90 -18.62 -65.77 -5.73
C ASP A 90 -20.07 -65.27 -5.75
N ASN A 91 -20.99 -66.13 -6.22
CA ASN A 91 -22.40 -65.79 -6.24
C ASN A 91 -22.91 -65.49 -4.83
N ILE A 92 -23.48 -64.31 -4.64
CA ILE A 92 -24.01 -63.90 -3.34
C ILE A 92 -25.53 -63.83 -3.48
N ASN A 93 -26.22 -64.84 -2.96
CA ASN A 93 -27.67 -64.84 -2.96
C ASN A 93 -28.16 -63.92 -1.85
N LEU A 94 -28.76 -62.79 -2.24
CA LEU A 94 -29.18 -61.79 -1.27
C LEU A 94 -30.43 -62.21 -0.51
N UNK A 95 -31.12 -63.23 -1.01
CA UNK A 95 -32.35 -63.69 -0.37
C UNK A 95 -32.03 -64.37 0.96
N LYS A 96 -30.97 -65.16 0.98
CA LYS A 96 -30.56 -65.86 2.20
C LYS A 96 -29.92 -64.89 3.20
N SER A 97 -29.43 -63.76 2.70
CA SER A 97 -28.76 -62.80 3.55
C SER A 97 -29.76 -62.10 4.47
N THR A 98 -29.25 -61.59 5.59
CA THR A 98 -30.06 -60.89 6.57
C THR A 98 -29.43 -59.54 6.87
N ILE A 99 -30.26 -58.58 7.26
CA ILE A 99 -29.82 -57.23 7.59
C ILE A 99 -30.26 -56.93 9.01
N GLN A 100 -29.34 -56.44 9.83
CA GLN A 100 -29.63 -56.10 11.22
C GLN A 100 -29.68 -54.58 11.38
N TRP A 101 -30.76 -54.09 11.98
CA TRP A 101 -31.00 -52.67 12.18
C TRP A 101 -30.87 -52.34 13.66
N ILE A 102 -30.09 -51.31 13.96
CA ILE A 102 -30.00 -50.75 15.30
C ILE A 102 -30.04 -49.23 15.18
N GLY A 103 -31.21 -48.64 15.42
CA GLY A 103 -31.37 -47.22 15.27
C GLY A 103 -31.79 -46.54 16.55
N PRO A 104 -32.28 -45.30 16.44
CA PRO A 104 -32.73 -44.58 17.64
C PRO A 104 -33.86 -45.27 18.37
N ASP A 105 -34.76 -45.94 17.65
CA ASP A 105 -35.91 -46.56 18.29
C ASP A 105 -35.75 -48.08 18.43
N UNK A 106 -35.89 -48.80 17.32
CA UNK A 106 -35.93 -50.26 17.35
C UNK A 106 -34.55 -50.89 17.17
N ALA A 107 -34.54 -52.22 17.25
CA ALA A 107 -33.32 -53.00 17.08
C ALA A 107 -33.70 -54.42 16.67
N THR A 108 -33.74 -54.68 15.37
CA THR A 108 -34.30 -55.91 14.82
C THR A 108 -33.32 -56.57 13.86
N THR A 109 -33.82 -57.60 13.17
CA THR A 109 -33.06 -58.36 12.18
C THR A 109 -33.99 -58.65 11.01
N LEU A 110 -33.78 -57.94 9.91
CA LEU A 110 -34.68 -58.03 8.77
C LEU A 110 -34.24 -59.12 7.81
N THR A 111 -35.22 -59.83 7.23
CA THR A 111 -34.97 -60.86 6.23
C THR A 111 -35.70 -60.50 4.94
N TYR A 112 -35.30 -61.17 3.86
CA TYR A 112 -35.81 -60.86 2.52
C TYR A 112 -37.30 -61.16 2.45
N UNK A 113 -38.04 -60.26 1.81
CA UNK A 113 -39.50 -60.36 1.73
C UNK A 113 -39.97 -61.03 0.44
N UNK A 114 -40.73 -60.29 -0.35
CA UNK A 114 -41.25 -60.79 -1.63
C UNK A 114 -41.91 -59.65 -2.39
N UNK A 115 -41.11 -58.68 -2.83
CA UNK A 115 -41.61 -57.51 -3.55
C UNK A 115 -42.68 -56.78 -2.74
N UNK A 116 -42.52 -56.78 -1.42
CA UNK A 116 -43.47 -56.13 -0.54
C UNK A 116 -43.39 -54.60 -0.69
N UNK A 118 -43.95 -50.05 -0.81
CA UNK A 118 -44.32 -49.93 0.59
C UNK A 118 -44.25 -51.29 1.29
N UNK A 119 -45.24 -51.56 2.15
CA UNK A 119 -45.32 -52.81 2.90
C UNK A 119 -44.05 -53.05 3.70
N UNK A 120 -43.27 -54.06 3.28
CA UNK A 120 -41.98 -54.39 3.91
C UNK A 120 -42.11 -54.70 5.40
N UNK A 121 -42.57 -53.71 6.17
CA UNK A 121 -42.79 -53.85 7.61
C UNK A 121 -41.50 -54.14 8.36
N GLU A 122 -41.08 -55.40 8.34
CA GLU A 122 -39.91 -55.82 9.10
C GLU A 122 -38.96 -56.61 8.20
N ASN A 123 -38.94 -56.24 6.92
CA ASN A 123 -38.23 -56.98 5.89
C ASN A 123 -37.46 -56.01 5.00
N PHE A 124 -36.78 -56.57 4.00
CA PHE A 124 -36.11 -55.78 2.99
C PHE A 124 -36.31 -56.43 1.63
N THR A 125 -36.22 -55.63 0.58
CA THR A 125 -36.44 -56.10 -0.79
C THR A 125 -35.24 -55.72 -1.66
N THR A 126 -35.04 -56.49 -2.72
CA THR A 126 -33.89 -56.29 -3.59
C THR A 126 -34.29 -56.01 -5.04
N UNK A 127 -34.20 -54.75 -5.45
CA UNK A 127 -34.41 -54.38 -6.84
C UNK A 127 -33.07 -54.47 -7.57
N SER A 128 -33.12 -54.74 -8.87
CA SER A 128 -31.89 -54.95 -9.64
C SER A 128 -31.51 -53.71 -10.45
N ILE A 129 -30.48 -53.01 -9.98
CA ILE A 129 -30.00 -51.83 -10.71
C ILE A 129 -29.35 -52.25 -12.02
N LYS A 130 -28.46 -53.24 -11.96
CA LYS A 130 -27.72 -53.68 -13.13
C LYS A 130 -27.48 -55.18 -13.04
N GLY A 131 -27.79 -55.89 -14.11
CA GLY A 131 -27.59 -57.33 -14.14
C GLY A 131 -28.77 -58.11 -14.69
N UNK A 132 -28.66 -59.43 -14.67
CA UNK A 132 -29.71 -60.30 -15.17
C UNK A 132 -30.68 -60.68 -14.05
N UNK A 133 -30.14 -61.17 -12.94
CA UNK A 133 -30.96 -61.59 -11.82
C UNK A 133 -31.22 -60.43 -10.86
N UNK A 134 -32.29 -60.54 -10.09
CA UNK A 134 -32.68 -59.49 -9.16
C UNK A 134 -32.60 -59.97 -7.72
N UNK A 135 -31.71 -60.92 -7.46
CA UNK A 135 -31.57 -61.48 -6.12
C UNK A 135 -30.16 -62.02 -5.90
N VAL A 136 -29.48 -62.35 -6.99
CA VAL A 136 -28.13 -62.91 -6.90
C VAL A 136 -27.14 -62.10 -7.72
N LEU A 137 -26.01 -61.74 -7.12
CA LEU A 137 -24.94 -61.08 -7.84
C LEU A 137 -24.00 -62.13 -8.42
N VAL A 138 -24.05 -62.33 -9.74
CA VAL A 138 -23.26 -63.37 -10.38
C VAL A 138 -21.91 -62.83 -10.81
N ASP A 139 -21.90 -61.83 -11.69
CA ASP A 139 -20.66 -61.22 -12.16
C ASP A 139 -20.29 -60.05 -11.25
N GLN A 140 -19.09 -59.51 -11.50
CA GLN A 140 -18.60 -58.40 -10.69
C GLN A 140 -19.29 -57.08 -11.01
N SER A 141 -19.85 -56.95 -12.22
CA SER A 141 -20.46 -55.69 -12.62
C SER A 141 -21.84 -55.48 -12.02
N ASP A 142 -22.55 -56.55 -11.67
CA ASP A 142 -23.94 -56.43 -11.21
C ASP A 142 -24.03 -55.59 -9.95
N ARG A 143 -24.97 -54.66 -9.95
CA ARG A 143 -25.29 -53.82 -8.80
C ARG A 143 -26.74 -54.07 -8.42
N ILE A 144 -26.97 -54.41 -7.16
CA ILE A 144 -28.32 -54.66 -6.65
C ILE A 144 -28.63 -53.62 -5.59
N LYS A 145 -29.84 -53.08 -5.64
CA LYS A 145 -30.30 -52.12 -4.67
C LYS A 145 -31.16 -52.81 -3.62
N VAL A 146 -30.86 -52.53 -2.36
CA VAL A 146 -31.58 -53.11 -1.22
C VAL A 146 -32.66 -52.12 -0.81
N ILE A 147 -33.89 -52.58 -0.73
CA ILE A 147 -35.03 -51.71 -0.41
C ILE A 147 -35.36 -51.87 1.06
N MET A 148 -35.45 -50.75 1.77
CA MET A 148 -35.67 -50.76 3.21
C MET A 148 -36.57 -49.61 3.59
N TYR A 149 -37.65 -49.91 4.29
CA TYR A 149 -38.68 -48.93 4.64
C TYR A 149 -38.40 -48.46 6.06
N ALA A 150 -38.14 -47.16 6.22
CA ALA A 150 -37.77 -46.62 7.53
C ALA A 150 -38.95 -46.59 8.49
N UNK A 151 -40.07 -46.02 8.05
CA UNK A 151 -41.23 -45.82 8.92
C UNK A 151 -41.94 -47.13 9.26
N UNK A 152 -41.58 -48.20 8.57
CA UNK A 152 -42.22 -49.49 8.79
C UNK A 152 -41.47 -50.32 9.83
N VAL A 153 -40.15 -50.20 9.84
CA VAL A 153 -39.32 -50.94 10.79
C VAL A 153 -39.24 -50.21 12.11
N UNK A 154 -39.66 -48.95 12.11
CA UNK A 154 -39.69 -48.14 13.31
C UNK A 154 -40.52 -46.89 13.05
N UNK A 155 -39.85 -45.75 13.01
CA UNK A 155 -40.50 -44.50 12.64
C UNK A 155 -39.69 -43.86 11.52
N UNK A 156 -40.30 -42.92 10.79
CA UNK A 156 -39.62 -42.22 9.72
C UNK A 156 -38.41 -41.49 10.29
N LEU A 157 -37.25 -41.70 9.67
CA LEU A 157 -35.99 -41.13 10.16
C LEU A 157 -36.06 -39.61 10.23
N UNK A 158 -35.80 -39.08 11.42
CA UNK A 158 -35.82 -37.64 11.63
C UNK A 158 -34.50 -37.02 11.16
N UNK A 159 -34.45 -35.69 11.18
CA UNK A 159 -33.25 -34.98 10.75
C UNK A 159 -32.11 -35.20 11.74
N GLY A 160 -30.99 -35.72 11.22
CA GLY A 160 -29.82 -35.96 12.04
C GLY A 160 -29.98 -37.17 12.94
N UNK A 161 -29.99 -38.36 12.33
CA UNK A 161 -30.10 -39.60 13.07
C UNK A 161 -29.10 -40.62 12.52
N GLU A 162 -28.68 -41.56 13.37
CA GLU A 162 -27.74 -42.58 12.95
C GLU A 162 -28.35 -43.96 13.00
N VAL A 163 -28.13 -44.74 11.94
CA VAL A 163 -28.63 -46.11 11.83
C VAL A 163 -27.44 -47.02 11.58
N GLN A 164 -27.39 -48.13 12.30
CA GLN A 164 -26.33 -49.12 12.16
C GLN A 164 -26.87 -50.33 11.40
N LEU A 165 -26.38 -50.50 10.18
CA LEU A 165 -26.77 -51.64 9.36
C LEU A 165 -25.60 -52.60 9.21
N THR A 166 -25.85 -53.89 9.49
CA THR A 166 -24.84 -54.93 9.36
C THR A 166 -25.37 -55.99 8.41
N VAL A 167 -25.12 -55.79 7.11
CA VAL A 167 -25.56 -56.75 6.11
C VAL A 167 -24.66 -57.97 6.17
N THR A 168 -25.21 -59.10 6.60
CA THR A 168 -24.45 -60.33 6.71
C THR A 168 -24.96 -61.34 5.69
N THR A 169 -24.04 -61.86 4.88
CA THR A 169 -24.41 -62.90 3.94
C THR A 169 -24.69 -64.20 4.69
N GLN A 170 -25.10 -65.22 3.94
CA GLN A 170 -25.47 -66.49 4.55
C GLN A 170 -24.28 -67.13 5.25
N TYR A 171 -23.09 -67.04 4.64
CA TYR A 171 -21.94 -67.75 5.19
C TYR A 171 -21.39 -67.09 6.44
N GLY A 172 -21.55 -65.78 6.58
CA GLY A 172 -21.15 -65.14 7.82
C GLY A 172 -20.47 -63.79 7.68
N SER A 173 -19.99 -63.46 6.49
CA SER A 173 -19.27 -62.20 6.28
C SER A 173 -20.16 -61.00 6.57
N LYS A 174 -19.81 -60.22 7.59
CA LYS A 174 -20.60 -59.09 8.03
C LYS A 174 -20.04 -57.80 7.44
N THR A 175 -20.88 -57.08 6.70
CA THR A 175 -20.57 -55.74 6.23
C THR A 175 -21.36 -54.73 7.03
N THR A 176 -20.68 -53.77 7.63
CA THR A 176 -21.30 -52.82 8.54
C THR A 176 -21.29 -51.42 7.93
N TYR A 177 -22.46 -50.79 7.90
CA TYR A 177 -22.61 -49.43 7.41
C TYR A 177 -23.36 -48.61 8.45
N TRP A 178 -22.92 -47.37 8.67
CA TRP A 178 -23.56 -46.46 9.60
C TRP A 178 -24.22 -45.35 8.77
N ALA A 179 -25.49 -45.53 8.47
CA ALA A 179 -26.24 -44.49 7.78
C ALA A 179 -26.41 -43.28 8.69
N GLN A 180 -26.21 -42.10 8.14
CA GLN A 180 -26.32 -40.84 8.89
C GLN A 180 -27.18 -39.89 8.09
N VAL A 181 -28.40 -39.66 8.56
CA VAL A 181 -29.33 -38.73 7.93
C VAL A 181 -28.70 -37.34 7.95
N PRO A 182 -28.77 -36.57 6.87
CA PRO A 182 -28.21 -35.22 6.88
C PRO A 182 -28.90 -34.36 7.94
N GLU A 183 -28.13 -33.39 8.46
CA GLU A 183 -28.62 -32.57 9.56
C GLU A 183 -29.90 -31.83 9.20
N SER A 184 -29.97 -31.23 8.02
CA SER A 184 -31.14 -30.46 7.59
C SER A 184 -31.73 -31.12 6.35
N LEU A 185 -33.03 -31.38 6.40
CA LEU A 185 -33.77 -31.92 5.25
C LEU A 185 -34.62 -30.87 4.57
N LYS A 186 -34.37 -29.59 4.83
CA LYS A 186 -35.19 -28.54 4.24
C LYS A 186 -34.95 -28.46 2.75
N ASP A 187 -36.02 -28.54 1.97
CA ASP A 187 -35.97 -28.47 0.51
C ASP A 187 -34.99 -29.49 -0.06
N LYS A 188 -35.30 -30.76 0.20
CA LYS A 188 -34.49 -31.86 -0.33
C LYS A 188 -35.45 -32.97 -0.75
N ASN A 189 -35.56 -33.20 -2.05
CA ASN A 189 -36.45 -34.25 -2.54
C ASN A 189 -35.91 -35.63 -2.23
N ALA A 190 -34.59 -35.79 -2.20
CA ALA A 190 -33.98 -37.07 -1.85
C ALA A 190 -32.55 -36.80 -1.40
N VAL A 191 -32.20 -37.32 -0.24
CA VAL A 191 -30.89 -37.05 0.35
C VAL A 191 -29.94 -38.23 0.16
N UNK A 192 -28.67 -37.99 0.49
CA UNK A 192 -27.65 -39.03 0.39
C UNK A 192 -27.22 -39.45 1.79
N LEU A 193 -27.77 -40.56 2.27
CA LEU A 193 -27.47 -41.05 3.61
C LEU A 193 -26.00 -41.43 3.72
N GLN B 13 -0.37 -15.81 7.78
CA GLN B 13 -0.62 -15.91 6.35
C GLN B 13 -0.76 -14.53 5.73
N VAL B 14 -1.03 -14.49 4.42
CA VAL B 14 -1.21 -13.21 3.75
C VAL B 14 -2.45 -12.50 4.27
N GLY B 15 -3.49 -13.28 4.62
CA GLY B 15 -4.65 -12.68 5.25
C GLY B 15 -4.34 -12.09 6.61
N ILE B 16 -3.57 -12.84 7.42
CA ILE B 16 -3.16 -12.34 8.72
C ILE B 16 -2.14 -11.22 8.56
N GLY B 17 -1.20 -11.38 7.64
CA GLY B 17 -0.18 -10.36 7.44
C GLY B 17 -0.75 -9.04 6.96
N THR B 18 -1.73 -9.10 6.05
CA THR B 18 -2.31 -7.88 5.52
C THR B 18 -3.02 -7.07 6.59
N LEU B 19 -3.76 -7.73 7.48
CA LEU B 19 -4.56 -7.02 8.47
C LEU B 19 -3.68 -6.26 9.46
N ILE B 20 -2.58 -6.85 9.90
CA ILE B 20 -1.70 -6.15 10.84
C ILE B 20 -1.08 -4.92 10.19
N VAL B 21 -0.61 -5.06 8.95
CA VAL B 21 0.01 -3.94 8.25
C VAL B 21 -1.03 -2.86 7.98
N PHE B 22 -2.25 -3.25 7.60
CA PHE B 22 -3.31 -2.29 7.37
C PHE B 22 -3.60 -1.48 8.62
N ILE B 23 -3.51 -2.11 9.79
CA ILE B 23 -3.69 -1.41 11.06
C ILE B 23 -2.61 -0.35 11.23
N ALA B 24 -1.38 -0.66 10.81
CA ALA B 24 -0.29 0.30 10.93
C ALA B 24 -0.47 1.47 9.98
N MET B 25 -0.96 1.21 8.77
CA MET B 25 -1.00 2.26 7.75
C MET B 25 -2.00 3.34 8.10
N VAL B 26 -3.14 2.98 8.70
CA VAL B 26 -4.11 3.99 9.11
C VAL B 26 -3.53 4.83 10.24
N LEU B 27 -2.74 4.22 11.12
CA LEU B 27 -2.09 4.98 12.19
C LEU B 27 -1.06 5.95 11.63
N VAL B 28 -0.28 5.50 10.64
CA VAL B 28 0.70 6.39 10.01
C VAL B 28 0.00 7.55 9.32
N ALA B 29 -1.07 7.26 8.58
CA ALA B 29 -1.83 8.33 7.92
C ALA B 29 -2.45 9.25 8.95
N ALA B 30 -2.85 8.72 10.11
CA ALA B 30 -3.39 9.56 11.17
C ALA B 30 -2.35 10.54 11.68
N ILE B 31 -1.11 10.05 11.85
CA ILE B 31 -0.02 10.93 12.29
C ILE B 31 0.27 11.98 11.22
N ALA B 32 0.32 11.54 9.96
CA ALA B 32 0.60 12.48 8.87
C ALA B 32 -0.48 13.54 8.77
N ALA B 33 -1.74 13.15 8.92
CA ALA B 33 -2.81 14.13 8.93
C ALA B 33 -2.76 15.00 10.18
N GLY B 34 -2.24 14.45 11.28
CA GLY B 34 -2.14 15.20 12.51
C GLY B 34 -1.21 16.38 12.45
N VAL B 35 -0.01 16.18 11.88
CA VAL B 35 0.97 17.26 11.85
C VAL B 35 0.52 18.37 10.91
N LEU B 36 -0.09 17.98 9.78
CA LEU B 36 -0.47 18.97 8.77
C LEU B 36 -1.49 19.96 9.32
N ILE B 37 -2.53 19.46 10.00
CA ILE B 37 -3.59 20.34 10.47
C ILE B 37 -3.10 21.19 11.64
N ASN B 38 -2.37 20.58 12.58
CA ASN B 38 -1.89 21.32 13.74
C ASN B 38 -0.90 22.41 13.33
N THR B 39 -0.01 22.11 12.38
CA THR B 39 0.90 23.12 11.89
C THR B 39 0.14 24.27 11.24
N ALA B 40 -0.92 23.95 10.50
CA ALA B 40 -1.79 25.00 9.97
C ALA B 40 -2.47 25.77 11.09
N GLY B 41 -2.69 25.10 12.22
CA GLY B 41 -3.32 25.78 13.35
C GLY B 41 -2.45 26.88 13.92
N TYR B 42 -1.16 26.61 14.09
CA TYR B 42 -0.25 27.63 14.58
C TYR B 42 -0.12 28.77 13.58
N LEU B 43 0.00 28.43 12.29
CA LEU B 43 0.14 29.47 11.28
C LEU B 43 -1.12 30.31 11.17
N GLN B 44 -2.29 29.73 11.48
CA GLN B 44 -3.52 30.52 11.52
C GLN B 44 -3.45 31.60 12.59
N SER B 45 -3.09 31.23 13.82
CA SER B 45 -3.06 32.20 14.91
C SER B 45 -1.97 33.24 14.68
N LYS B 46 -0.80 32.81 14.21
CA LYS B 46 0.27 33.76 13.93
C LYS B 46 -0.10 34.69 12.78
N GLY B 47 -0.74 34.15 11.75
CA GLY B 47 -1.09 34.98 10.61
C GLY B 47 -2.13 36.04 10.94
N SER B 48 -3.15 35.66 11.71
CA SER B 48 -4.20 36.61 12.07
C SER B 48 -3.66 37.73 12.93
N ALA B 49 -2.79 37.40 13.88
CA ALA B 49 -2.21 38.44 14.74
C ALA B 49 -1.34 39.40 13.94
N THR B 50 -0.58 38.88 12.97
CA THR B 50 0.27 39.74 12.16
C THR B 50 -0.57 40.72 11.34
N GLY B 51 -1.69 40.25 10.78
CA GLY B 51 -2.54 41.12 9.99
C GLY B 51 -3.11 42.26 10.81
N GLU B 52 -3.52 41.97 12.05
CA GLU B 52 -4.14 43.00 12.89
C GLU B 52 -3.11 44.03 13.33
N GLU B 53 -1.96 43.58 13.80
CA GLU B 53 -0.95 44.50 14.31
C GLU B 53 -0.36 45.36 13.20
N ALA B 54 -0.10 44.76 12.03
CA ALA B 54 0.43 45.52 10.91
C ALA B 54 -0.57 46.59 10.46
N SER B 55 -1.85 46.25 10.44
CA SER B 55 -2.88 47.24 10.12
C SER B 55 -2.91 48.35 11.18
N ALA B 56 -2.73 47.98 12.45
CA ALA B 56 -2.75 48.97 13.51
C ALA B 56 -1.54 49.90 13.44
N GLN B 57 -0.41 49.38 12.94
CA GLN B 57 0.79 50.20 12.83
C GLN B 57 0.58 51.36 11.87
N VAL B 58 -0.02 51.08 10.70
CA VAL B 58 -0.19 52.11 9.69
C VAL B 58 -1.25 53.12 10.11
N SER B 59 -2.36 52.65 10.68
CA SER B 59 -3.53 53.48 10.92
C SER B 59 -3.40 54.32 12.19
N ASN B 60 -3.15 53.67 13.33
CA ASN B 60 -3.15 54.37 14.61
C ASN B 60 -1.99 55.35 14.69
N ARG B 61 -2.31 56.65 14.60
CA ARG B 61 -1.29 57.69 14.50
C ARG B 61 -1.77 58.91 15.28
N ILE B 62 -0.87 59.86 15.49
CA ILE B 62 -1.16 61.07 16.23
C ILE B 62 -0.95 62.27 15.30
N ASN B 63 -1.89 63.20 15.33
CA ASN B 63 -1.77 64.46 14.61
C ASN B 63 -1.64 65.60 15.61
N ILE B 64 -0.63 66.44 15.43
CA ILE B 64 -0.43 67.60 16.28
C ILE B 64 -1.21 68.77 15.69
N VAL B 65 -2.12 69.33 16.48
CA VAL B 65 -2.95 70.42 15.97
C VAL B 65 -2.19 71.74 16.02
N SER B 66 -1.65 72.09 17.18
CA SER B 66 -0.94 73.35 17.35
C SER B 66 -0.02 73.24 18.55
N ALA B 67 0.93 74.16 18.63
CA ALA B 67 1.91 74.20 19.71
C ALA B 67 2.07 75.63 20.21
N TYR B 68 2.24 75.78 21.51
CA TYR B 68 2.42 77.08 22.14
C TYR B 68 3.20 76.90 23.43
N GLY B 69 3.73 78.01 23.95
CA GLY B 69 4.53 77.96 25.15
C GLY B 69 4.57 79.26 25.94
N ASN B 70 4.80 79.13 27.25
CA ASN B 70 4.90 80.30 28.11
C ASN B 70 6.19 81.07 27.84
N VAL B 71 6.16 82.37 28.15
CA VAL B 71 7.34 83.20 28.00
C VAL B 71 7.65 83.92 29.32
N UNK B 72 8.80 83.61 29.90
CA UNK B 72 9.25 84.28 31.11
C UNK B 72 10.56 85.03 30.83
N UNK B 73 10.68 86.23 31.40
CA UNK B 73 11.83 87.10 31.16
C UNK B 73 12.01 87.36 29.66
N UNK B 74 12.63 86.39 28.98
CA UNK B 74 12.81 86.46 27.54
C UNK B 74 13.16 85.09 26.98
N UNK B 75 12.64 84.05 27.61
CA UNK B 75 12.93 82.68 27.19
C UNK B 75 11.71 81.77 27.33
N VAL B 76 11.37 81.09 26.24
CA VAL B 76 10.26 80.14 26.22
C VAL B 76 10.60 78.94 27.09
N ASP B 77 10.00 78.88 28.28
CA ASP B 77 10.33 77.84 29.26
C ASP B 77 9.24 76.77 29.38
N TYR B 78 8.29 76.72 28.45
CA TYR B 78 7.40 75.57 28.30
C TYR B 78 7.13 75.33 26.81
N VAL B 79 6.90 74.08 26.45
CA VAL B 79 6.47 73.69 25.12
C VAL B 79 5.24 72.81 25.29
N ASN B 80 4.09 73.28 24.83
CA ASN B 80 2.83 72.56 24.96
C ASN B 80 2.32 72.15 23.58
N LEU B 81 1.92 70.89 23.46
CA LEU B 81 1.44 70.33 22.20
C LEU B 81 -0.02 69.94 22.34
N THR B 82 -0.81 70.22 21.30
CA THR B 82 -2.22 69.83 21.26
C THR B 82 -2.37 68.71 20.24
N VAL B 83 -2.42 67.48 20.73
CA VAL B 83 -2.49 66.32 19.84
C VAL B 83 -3.93 65.89 19.67
N ARG B 84 -4.20 65.11 18.62
CA ARG B 84 -5.52 64.61 18.34
C ARG B 84 -5.40 63.29 17.57
N GLN B 85 -6.50 62.54 17.55
CA GLN B 85 -6.50 61.25 16.88
C GLN B 85 -6.33 61.43 15.38
N ALA B 86 -5.63 60.47 14.76
CA ALA B 86 -5.48 60.48 13.32
C ALA B 86 -6.76 59.99 12.64
N ALA B 87 -6.77 60.05 11.31
CA ALA B 87 -7.94 59.62 10.55
C ALA B 87 -8.08 58.11 10.61
N GLY B 88 -9.15 57.64 11.26
CA GLY B 88 -9.45 56.22 11.33
C GLY B 88 -8.73 55.47 12.43
N ALA B 89 -7.95 56.14 13.27
CA ALA B 89 -7.20 55.45 14.30
C ALA B 89 -8.11 54.94 15.41
N ASP B 90 -7.65 53.92 16.12
CA ASP B 90 -8.32 53.45 17.32
C ASP B 90 -7.73 54.14 18.54
N ASN B 91 -8.05 53.63 19.74
CA ASN B 91 -7.63 54.28 20.98
C ASN B 91 -6.13 54.49 21.01
N ILE B 92 -5.71 55.68 21.44
CA ILE B 92 -4.31 56.08 21.43
C ILE B 92 -3.96 56.44 22.88
N ASN B 93 -3.39 55.49 23.60
CA ASN B 93 -2.94 55.75 24.96
C ASN B 93 -1.69 56.61 24.92
N LEU B 94 -1.63 57.64 25.74
CA LEU B 94 -0.51 58.57 25.72
C LEU B 94 0.50 58.31 26.85
N UNK B 95 0.39 57.15 27.48
CA UNK B 95 1.35 56.77 28.50
C UNK B 95 2.33 55.75 27.94
N LYS B 96 1.83 54.87 27.09
CA LYS B 96 2.66 53.87 26.45
C LYS B 96 3.35 54.46 25.23
N SER B 97 3.03 55.72 24.94
CA SER B 97 3.65 56.46 23.86
C SER B 97 4.88 57.19 24.34
N THR B 98 5.76 57.50 23.40
CA THR B 98 7.01 58.19 23.70
C THR B 98 7.24 59.29 22.67
N ILE B 99 8.02 60.29 23.08
CA ILE B 99 8.30 61.45 22.24
C ILE B 99 9.79 61.74 22.28
N GLN B 100 10.38 61.93 21.10
CA GLN B 100 11.79 62.27 21.00
C GLN B 100 11.98 63.78 21.02
N TRP B 101 13.07 64.22 21.65
CA TRP B 101 13.40 65.64 21.81
C TRP B 101 14.81 65.85 21.27
N ILE B 102 14.90 66.30 20.02
CA ILE B 102 16.18 66.75 19.47
C ILE B 102 16.20 68.28 19.55
N GLY B 103 16.67 68.80 20.68
CA GLY B 103 16.70 70.23 20.88
C GLY B 103 18.02 70.84 20.42
N PRO B 104 18.27 72.08 20.79
CA PRO B 104 19.57 72.72 20.50
C PRO B 104 20.70 72.27 21.41
N ASP B 105 20.41 71.62 22.53
CA ASP B 105 21.44 71.07 23.39
C ASP B 105 21.29 69.56 23.51
N UNK B 106 20.41 69.12 24.40
CA UNK B 106 20.20 67.70 24.64
C UNK B 106 19.50 67.02 23.46
N ALA B 107 19.47 65.71 23.49
CA ALA B 107 18.80 64.92 22.45
C ALA B 107 18.29 63.61 23.03
N THR B 108 17.38 63.70 23.98
CA THR B 108 16.91 62.54 24.71
C THR B 108 15.52 62.13 24.24
N THR B 109 14.95 61.15 24.94
CA THR B 109 13.64 60.56 24.62
C THR B 109 12.77 60.63 25.85
N LEU B 110 11.77 61.50 25.83
CA LEU B 110 10.91 61.71 26.98
C LEU B 110 9.86 60.61 27.10
N THR B 111 9.34 60.44 28.32
CA THR B 111 8.30 59.47 28.63
C THR B 111 7.29 60.13 29.55
N TYR B 112 6.24 59.40 29.92
CA TYR B 112 5.20 59.95 30.78
C TYR B 112 5.63 59.96 32.25
N UNK B 113 5.54 61.12 32.88
CA UNK B 113 5.63 61.22 34.33
C UNK B 113 4.25 61.54 34.90
N UNK B 114 3.65 60.56 35.57
CA UNK B 114 2.32 60.73 36.15
C UNK B 114 2.33 61.85 37.18
N UNK B 115 1.71 62.98 36.82
CA UNK B 115 1.64 64.18 37.66
C UNK B 115 3.02 64.80 37.90
N UNK B 116 3.14 66.08 37.56
CA UNK B 116 4.40 66.79 37.72
C UNK B 116 4.16 68.29 37.87
N UNK B 117 5.15 69.08 37.49
CA UNK B 117 5.04 70.54 37.58
C UNK B 117 4.06 71.08 36.54
N UNK B 120 9.00 68.55 35.01
CA UNK B 120 8.85 67.10 34.94
C UNK B 120 10.18 66.44 34.60
N UNK B 121 11.27 67.13 34.89
CA UNK B 121 12.62 66.64 34.64
C UNK B 121 12.82 66.29 33.16
N GLU B 122 12.88 65.00 32.87
CA GLU B 122 13.07 64.55 31.50
C GLU B 122 11.88 63.71 31.04
N ASN B 123 10.68 64.20 31.34
CA ASN B 123 9.46 63.48 31.03
C ASN B 123 8.40 64.48 30.58
N PHE B 124 7.36 63.97 29.92
CA PHE B 124 6.26 64.79 29.46
C PHE B 124 4.99 64.44 30.22
N THR B 125 4.03 65.36 30.19
CA THR B 125 2.78 65.23 30.93
C THR B 125 1.61 65.56 30.03
N THR B 126 0.43 65.05 30.41
CA THR B 126 -0.80 65.35 29.68
C THR B 126 -1.73 66.19 30.55
N UNK B 127 -2.80 66.70 29.96
CA UNK B 127 -3.71 67.58 30.69
C UNK B 127 -5.15 67.53 30.20
N SER B 128 -5.36 66.93 29.03
CA SER B 128 -6.70 66.75 28.45
C SER B 128 -7.45 68.05 28.22
N ILE B 129 -7.35 68.58 27.00
CA ILE B 129 -8.11 69.78 26.65
C ILE B 129 -9.60 69.46 26.58
N LYS B 130 -9.95 68.36 25.92
CA LYS B 130 -11.34 67.94 25.79
C LYS B 130 -11.42 66.43 25.72
N GLY B 131 -12.47 65.88 26.32
CA GLY B 131 -12.67 64.43 26.32
C GLY B 131 -12.94 63.87 27.70
N UNK B 132 -13.20 62.57 27.76
CA UNK B 132 -13.50 61.90 29.02
C UNK B 132 -12.29 61.11 29.52
N UNK B 133 -11.10 61.55 29.13
CA UNK B 133 -9.87 60.89 29.56
C UNK B 133 -8.69 61.86 29.44
N UNK B 134 -7.70 61.69 30.30
CA UNK B 134 -6.54 62.58 30.31
C UNK B 134 -5.28 61.86 29.85
N UNK B 135 -5.45 60.73 29.18
CA UNK B 135 -4.30 59.95 28.72
C UNK B 135 -4.65 59.10 27.49
N VAL B 136 -5.94 59.01 27.18
CA VAL B 136 -6.37 58.20 26.04
C VAL B 136 -7.18 59.03 25.05
N LEU B 137 -6.92 58.83 23.76
CA LEU B 137 -7.67 59.49 22.69
C LEU B 137 -8.78 58.55 22.23
N VAL B 138 -9.78 58.40 23.10
CA VAL B 138 -10.85 57.44 22.85
C VAL B 138 -11.71 57.88 21.67
N ASP B 139 -12.12 59.15 21.65
CA ASP B 139 -13.03 59.64 20.64
C ASP B 139 -12.23 60.22 19.47
N GLN B 140 -12.93 60.77 18.48
CA GLN B 140 -12.30 61.47 17.38
C GLN B 140 -12.22 62.97 17.59
N SER B 141 -13.06 63.53 18.46
CA SER B 141 -13.13 64.97 18.68
C SER B 141 -12.41 65.41 19.94
N ASP B 142 -11.70 64.51 20.61
CA ASP B 142 -11.06 64.82 21.87
C ASP B 142 -9.60 65.23 21.67
N ARG B 143 -9.21 66.32 22.32
CA ARG B 143 -7.87 66.87 22.21
C ARG B 143 -7.18 66.75 23.57
N ILE B 144 -5.94 66.26 23.55
CA ILE B 144 -5.13 66.15 24.76
C ILE B 144 -3.91 67.03 24.60
N LYS B 145 -3.56 67.74 25.66
CA LYS B 145 -2.42 68.65 25.67
C LYS B 145 -1.20 67.91 26.24
N VAL B 146 -0.17 67.76 25.42
CA VAL B 146 1.09 67.15 25.85
C VAL B 146 1.93 68.25 26.46
N ILE B 147 2.38 68.05 27.69
CA ILE B 147 3.08 69.10 28.44
C ILE B 147 4.55 68.75 28.53
N MET B 148 5.41 69.70 28.18
CA MET B 148 6.86 69.50 28.17
C MET B 148 7.53 70.68 28.84
N TYR B 149 8.37 70.41 29.83
CA TYR B 149 9.10 71.44 30.56
C TYR B 149 10.42 71.70 29.84
N ALA B 150 10.66 72.96 29.48
CA ALA B 150 11.85 73.32 28.72
C ALA B 150 13.10 73.37 29.59
N UNK B 151 13.02 74.08 30.71
CA UNK B 151 14.16 74.26 31.59
C UNK B 151 14.48 72.99 32.39
N UNK B 152 13.71 71.93 32.15
CA UNK B 152 13.92 70.67 32.84
C UNK B 152 14.59 69.64 31.93
N VAL B 153 14.15 69.59 30.68
CA VAL B 153 14.73 68.66 29.72
C VAL B 153 16.06 69.20 29.22
N UNK B 154 16.21 70.52 29.30
CA UNK B 154 17.42 71.19 28.85
C UNK B 154 17.47 72.60 29.40
N UNK B 155 18.08 73.52 28.66
CA UNK B 155 18.11 74.92 29.05
C UNK B 155 16.88 75.63 28.49
N UNK B 156 16.51 76.75 29.10
CA UNK B 156 15.36 77.52 28.63
C UNK B 156 15.57 77.99 27.20
N LEU B 157 14.63 77.64 26.33
CA LEU B 157 14.72 77.96 24.90
C LEU B 157 14.86 79.45 24.66
N UNK B 158 15.66 79.80 23.65
CA UNK B 158 15.86 81.20 23.28
C UNK B 158 15.25 81.47 21.91
N UNK B 159 15.15 82.75 21.55
CA UNK B 159 14.54 83.14 20.29
C UNK B 159 15.34 82.61 19.10
N GLY B 160 14.77 81.62 18.42
CA GLY B 160 15.40 81.04 17.25
C GLY B 160 15.70 79.56 17.39
N UNK B 161 15.90 79.12 18.63
CA UNK B 161 16.24 77.73 18.92
C UNK B 161 15.10 76.79 18.53
N GLU B 162 15.28 76.07 17.43
CA GLU B 162 14.27 75.14 16.96
C GLU B 162 14.42 73.77 17.61
N VAL B 163 13.31 73.07 17.79
CA VAL B 163 13.29 71.74 18.39
C VAL B 163 12.54 70.80 17.45
N GLN B 164 13.08 69.60 17.28
CA GLN B 164 12.47 68.57 16.45
C GLN B 164 11.85 67.51 17.35
N LEU B 165 10.57 67.25 17.18
CA LEU B 165 9.83 66.33 18.02
C LEU B 165 9.14 65.27 17.17
N THR B 166 9.34 64.00 17.53
CA THR B 166 8.67 62.87 16.89
C THR B 166 7.89 62.11 17.96
N VAL B 167 6.57 62.20 17.91
CA VAL B 167 5.72 61.54 18.90
C VAL B 167 5.45 60.13 18.39
N THR B 168 6.15 59.15 18.96
CA THR B 168 6.03 57.76 18.54
C THR B 168 4.93 57.08 19.34
N THR B 169 3.94 56.53 18.65
CA THR B 169 2.87 55.79 19.28
C THR B 169 3.37 54.39 19.67
N GLN B 170 2.57 53.70 20.48
CA GLN B 170 2.94 52.36 20.91
C GLN B 170 3.10 51.41 19.74
N TYR B 171 2.16 51.48 18.78
CA TYR B 171 2.19 50.55 17.66
C TYR B 171 3.39 50.78 16.75
N GLY B 172 3.93 51.99 16.74
CA GLY B 172 5.11 52.26 15.95
C GLY B 172 5.01 53.48 15.06
N SER B 173 3.79 53.94 14.81
CA SER B 173 3.58 55.09 13.94
C SER B 173 4.21 56.33 14.55
N LYS B 174 4.88 57.11 13.71
CA LYS B 174 5.60 58.31 14.15
C LYS B 174 5.02 59.54 13.49
N THR B 175 4.99 60.64 14.24
CA THR B 175 4.59 61.94 13.71
C THR B 175 5.64 62.96 14.09
N THR B 176 6.18 63.66 13.10
CA THR B 176 7.26 64.63 13.31
C THR B 176 6.72 66.04 13.26
N TYR B 177 7.09 66.85 14.24
CA TYR B 177 6.72 68.26 14.31
C TYR B 177 7.94 69.07 14.66
N TRP B 178 8.22 70.11 13.89
CA TRP B 178 9.37 70.99 14.12
C TRP B 178 8.88 72.24 14.84
N ALA B 179 9.30 72.40 16.09
CA ALA B 179 8.89 73.54 16.91
C ALA B 179 9.93 74.63 16.75
N GLN B 180 9.53 75.76 16.15
CA GLN B 180 10.43 76.88 15.89
C GLN B 180 10.00 78.07 16.74
N VAL B 181 10.87 78.45 17.68
CA VAL B 181 10.64 79.63 18.51
C VAL B 181 10.67 80.85 17.59
N PRO B 182 9.79 81.83 17.80
CA PRO B 182 9.78 83.01 16.91
C PRO B 182 11.12 83.74 16.92
N GLU B 183 11.32 84.56 15.88
CA GLU B 183 12.61 85.24 15.72
C GLU B 183 12.90 86.18 16.88
N SER B 184 11.89 86.94 17.32
CA SER B 184 12.04 87.87 18.42
C SER B 184 11.00 87.57 19.49
N LEU B 185 11.42 87.64 20.75
CA LEU B 185 10.56 87.37 21.89
C LEU B 185 10.32 88.64 22.72
N LYS B 186 10.18 89.78 22.06
CA LYS B 186 9.98 91.04 22.75
C LYS B 186 8.50 91.33 22.93
N ASP B 187 8.11 91.66 24.16
CA ASP B 187 6.76 92.12 24.48
C ASP B 187 5.70 91.10 24.06
N LYS B 188 5.78 89.91 24.68
CA LYS B 188 4.79 88.88 24.45
C LYS B 188 4.84 87.87 25.59
N ASN B 189 3.67 87.49 26.10
CA ASN B 189 3.60 86.55 27.20
C ASN B 189 3.57 85.11 26.71
N ALA B 190 3.03 84.88 25.51
CA ALA B 190 2.99 83.54 24.93
C ALA B 190 3.12 83.64 23.42
N VAL B 191 3.69 82.60 22.82
CA VAL B 191 3.91 82.56 21.39
C VAL B 191 3.37 81.27 20.79
N UNK B 192 3.35 81.21 19.47
CA UNK B 192 2.91 80.00 18.76
C UNK B 192 4.10 79.34 18.06
N LEU B 193 4.66 78.32 18.71
CA LEU B 193 5.81 77.61 18.16
C LEU B 193 5.49 76.92 16.84
N GLN C 13 -0.64 -33.89 9.33
CA GLN C 13 0.51 -33.23 9.95
C GLN C 13 0.78 -31.89 9.29
N VAL C 14 0.13 -31.65 8.14
CA VAL C 14 0.33 -30.39 7.42
C VAL C 14 -0.12 -29.22 8.28
N GLY C 15 -1.07 -29.45 9.19
CA GLY C 15 -1.48 -28.40 10.09
C GLY C 15 -0.37 -27.93 10.99
N ILE C 16 0.48 -28.85 11.45
CA ILE C 16 1.59 -28.48 12.31
C ILE C 16 2.56 -27.56 11.59
N GLY C 17 2.87 -27.88 10.33
CA GLY C 17 3.73 -27.00 9.55
C GLY C 17 3.09 -25.64 9.30
N THR C 18 1.78 -25.62 9.12
CA THR C 18 1.08 -24.35 8.92
C THR C 18 1.14 -23.47 10.17
N LEU C 19 0.99 -24.08 11.35
CA LEU C 19 0.94 -23.31 12.59
C LEU C 19 2.24 -22.57 12.85
N ILE C 20 3.38 -23.23 12.64
CA ILE C 20 4.68 -22.60 12.90
C ILE C 20 4.91 -21.45 11.93
N VAL C 21 4.58 -21.65 10.65
CA VAL C 21 4.72 -20.58 9.68
C VAL C 21 3.81 -19.42 10.02
N PHE C 22 2.63 -19.70 10.56
CA PHE C 22 1.70 -18.66 10.94
C PHE C 22 2.28 -17.75 12.02
N ILE C 23 2.99 -18.36 12.99
CA ILE C 23 3.62 -17.57 14.04
C ILE C 23 4.66 -16.62 13.45
N ALA C 24 5.49 -17.13 12.54
CA ALA C 24 6.50 -16.30 11.90
C ALA C 24 5.85 -15.21 11.06
N MET C 25 4.79 -15.55 10.34
CA MET C 25 4.12 -14.58 9.49
C MET C 25 3.54 -13.43 10.32
N VAL C 26 3.04 -13.73 11.52
CA VAL C 26 2.51 -12.69 12.39
C VAL C 26 3.65 -11.81 12.90
N LEU C 27 4.74 -12.42 13.34
CA LEU C 27 5.86 -11.65 13.88
C LEU C 27 6.47 -10.73 12.84
N VAL C 28 6.61 -11.22 11.60
CA VAL C 28 7.20 -10.42 10.53
C VAL C 28 6.33 -9.20 10.24
N ALA C 29 5.02 -9.41 10.17
CA ALA C 29 4.11 -8.29 9.94
C ALA C 29 4.17 -7.27 11.07
N ALA C 30 4.40 -7.74 12.31
CA ALA C 30 4.55 -6.82 13.43
C ALA C 30 5.80 -5.96 13.26
N ILE C 31 6.90 -6.56 12.77
CA ILE C 31 8.13 -5.82 12.58
C ILE C 31 7.94 -4.72 11.54
N ALA C 32 7.29 -5.05 10.43
CA ALA C 32 7.07 -4.06 9.38
C ALA C 32 6.20 -2.91 9.88
N ALA C 33 5.24 -3.21 10.75
CA ALA C 33 4.43 -2.16 11.35
C ALA C 33 5.30 -1.26 12.23
N GLY C 34 6.25 -1.84 12.95
CA GLY C 34 7.07 -1.06 13.86
C GLY C 34 7.90 0.00 13.15
N VAL C 35 8.57 -0.38 12.06
CA VAL C 35 9.39 0.58 11.34
C VAL C 35 8.52 1.63 10.66
N LEU C 36 7.33 1.22 10.20
CA LEU C 36 6.47 2.15 9.50
C LEU C 36 5.89 3.20 10.45
N ILE C 37 5.71 2.85 11.72
CA ILE C 37 5.20 3.80 12.69
C ILE C 37 6.30 4.71 13.20
N ASN C 38 7.41 4.11 13.65
CA ASN C 38 8.47 4.88 14.30
C ASN C 38 9.09 5.89 13.35
N THR C 39 9.32 5.50 12.09
CA THR C 39 9.84 6.45 11.11
C THR C 39 8.83 7.57 10.87
N ALA C 40 7.54 7.24 10.85
CA ALA C 40 6.52 8.28 10.78
C ALA C 40 6.53 9.12 12.05
N GLY C 41 6.87 8.53 13.18
CA GLY C 41 6.99 9.26 14.42
C GLY C 41 8.07 10.31 14.40
N TYR C 42 9.26 9.93 13.92
CA TYR C 42 10.37 10.86 13.85
C TYR C 42 10.05 12.01 12.90
N LEU C 43 9.48 11.69 11.74
CA LEU C 43 9.20 12.72 10.75
C LEU C 43 8.22 13.75 11.28
N GLN C 44 7.25 13.31 12.09
CA GLN C 44 6.31 14.25 12.69
C GLN C 44 7.04 15.23 13.60
N SER C 45 7.96 14.73 14.43
CA SER C 45 8.70 15.61 15.33
C SER C 45 9.58 16.58 14.56
N LYS C 46 10.24 16.09 13.52
CA LYS C 46 11.03 16.99 12.67
C LYS C 46 10.14 17.99 11.95
N GLY C 47 8.96 17.56 11.51
CA GLY C 47 8.03 18.43 10.85
C GLY C 47 7.50 19.53 11.73
N SER C 48 7.15 19.19 12.98
CA SER C 48 6.61 20.18 13.89
C SER C 48 7.62 21.29 14.19
N ALA C 49 8.87 20.89 14.43
CA ALA C 49 9.92 21.87 14.73
C ALA C 49 10.16 22.80 13.55
N THR C 50 10.19 22.24 12.34
CA THR C 50 10.45 23.05 11.15
C THR C 50 9.35 24.08 10.93
N GLY C 51 8.09 23.67 11.12
CA GLY C 51 6.99 24.59 10.91
C GLY C 51 7.01 25.76 11.87
N GLU C 52 7.29 25.49 13.14
CA GLU C 52 7.33 26.56 14.13
C GLU C 52 8.54 27.47 13.91
N GLU C 53 9.67 26.90 13.51
CA GLU C 53 10.87 27.70 13.32
C GLU C 53 10.80 28.52 12.03
N ALA C 54 10.17 27.97 10.99
CA ALA C 54 10.07 28.68 9.72
C ALA C 54 9.28 29.98 9.88
N SER C 55 8.17 29.92 10.61
CA SER C 55 7.41 31.14 10.88
C SER C 55 8.19 32.08 11.77
N ALA C 56 8.95 31.52 12.72
CA ALA C 56 9.77 32.36 13.59
C ALA C 56 10.82 33.12 12.81
N GLN C 57 11.38 32.49 11.78
CA GLN C 57 12.34 33.17 10.91
C GLN C 57 11.70 34.37 10.22
N VAL C 58 10.47 34.22 9.75
CA VAL C 58 9.81 35.27 8.99
C VAL C 58 9.15 36.32 9.89
N SER C 59 8.52 35.88 10.99
CA SER C 59 7.69 36.78 11.80
C SER C 59 8.54 37.69 12.69
N ASN C 60 9.34 37.10 13.56
CA ASN C 60 10.14 37.88 14.51
C ASN C 60 11.11 38.79 13.78
N ARG C 61 10.95 40.10 13.95
CA ARG C 61 11.74 41.07 13.21
C ARG C 61 11.85 42.34 14.03
N ILE C 62 12.82 43.18 13.68
CA ILE C 62 13.11 44.41 14.39
C ILE C 62 12.89 45.59 13.46
N ASN C 63 12.27 46.64 13.98
CA ASN C 63 12.06 47.88 13.23
C ASN C 63 12.84 49.00 13.90
N ILE C 64 13.59 49.75 13.10
CA ILE C 64 14.38 50.88 13.60
C ILE C 64 13.49 52.11 13.67
N VAL C 65 13.17 52.55 14.89
CA VAL C 65 12.32 53.73 15.04
C VAL C 65 13.04 54.97 14.52
N SER C 66 14.28 55.18 14.96
CA SER C 66 15.05 56.36 14.59
C SER C 66 16.47 56.17 15.07
N ALA C 67 17.37 57.01 14.56
CA ALA C 67 18.79 56.94 14.90
C ALA C 67 19.36 58.36 14.94
N TYR C 68 19.79 58.79 16.11
CA TYR C 68 20.45 60.07 16.29
C TYR C 68 21.91 59.86 16.67
N GLY C 69 22.61 60.96 16.90
CA GLY C 69 24.02 60.88 17.25
C GLY C 69 24.59 62.13 17.89
N ASN C 70 25.46 61.93 18.87
CA ASN C 70 26.16 63.04 19.52
C ASN C 70 27.19 63.65 18.58
N VAL C 71 27.52 64.92 18.84
CA VAL C 71 28.53 65.60 18.04
C VAL C 71 29.55 66.29 18.94
N UNK C 72 30.79 65.81 18.89
CA UNK C 72 31.89 66.45 19.61
C UNK C 72 32.81 67.12 18.61
N UNK C 73 33.27 68.33 18.94
CA UNK C 73 34.09 69.13 18.03
C UNK C 73 33.36 69.35 16.70
N UNK C 74 33.44 68.37 15.81
CA UNK C 74 32.76 68.43 14.53
C UNK C 74 32.64 67.05 13.90
N UNK C 75 32.55 66.02 14.73
CA UNK C 75 32.46 64.65 14.24
C UNK C 75 31.54 63.81 15.13
N VAL C 76 30.67 63.03 14.49
CA VAL C 76 29.72 62.19 15.20
C VAL C 76 30.45 61.02 15.85
N ASP C 77 30.42 60.97 17.18
CA ASP C 77 31.11 59.92 17.92
C ASP C 77 30.17 58.86 18.50
N TYR C 78 28.87 58.95 18.24
CA TYR C 78 27.92 57.97 18.74
C TYR C 78 26.82 57.78 17.72
N VAL C 79 26.41 56.52 17.53
CA VAL C 79 25.29 56.17 16.65
C VAL C 79 24.32 55.36 17.49
N ASN C 80 23.34 56.03 18.08
CA ASN C 80 22.34 55.37 18.91
C ASN C 80 21.10 55.08 18.07
N LEU C 81 20.62 53.84 18.17
CA LEU C 81 19.44 53.40 17.43
C LEU C 81 18.33 53.06 18.42
N THR C 82 17.11 53.43 18.09
CA THR C 82 15.96 53.06 18.90
C THR C 82 15.17 51.97 18.18
N VAL C 83 15.10 50.79 18.78
CA VAL C 83 14.53 49.62 18.11
C VAL C 83 13.23 49.23 18.79
N ARG C 84 12.38 48.52 18.04
CA ARG C 84 11.12 48.02 18.56
C ARG C 84 10.78 46.72 17.86
N GLN C 85 9.82 45.99 18.43
CA GLN C 85 9.34 44.77 17.81
C GLN C 85 8.57 45.08 16.54
N ALA C 86 8.54 44.10 15.64
CA ALA C 86 7.80 44.21 14.40
C ALA C 86 6.35 43.79 14.64
N ALA C 87 5.59 43.62 13.55
CA ALA C 87 4.19 43.21 13.66
C ALA C 87 4.13 41.72 13.96
N GLY C 88 3.66 41.36 15.15
CA GLY C 88 3.50 39.98 15.54
C GLY C 88 4.76 39.31 16.04
N ALA C 89 5.86 40.06 16.19
CA ALA C 89 7.10 39.46 16.65
C ALA C 89 7.00 39.05 18.12
N ASP C 90 7.63 37.93 18.45
CA ASP C 90 7.71 37.44 19.81
C ASP C 90 8.92 38.08 20.50
N ASN C 91 9.31 37.52 21.64
CA ASN C 91 10.47 38.02 22.38
C ASN C 91 11.69 38.11 21.48
N ILE C 92 12.42 39.22 21.59
CA ILE C 92 13.61 39.48 20.78
C ILE C 92 14.74 39.84 21.73
N ASN C 93 15.67 38.92 21.93
CA ASN C 93 16.83 39.16 22.78
C ASN C 93 17.93 39.81 21.95
N LEU C 94 18.32 41.03 22.33
CA LEU C 94 19.33 41.76 21.58
C LEU C 94 20.74 41.25 21.87
N UNK C 95 20.87 40.52 22.97
CA UNK C 95 22.17 39.96 23.34
C UNK C 95 22.55 38.82 22.41
N LYS C 96 21.54 38.23 21.78
CA LYS C 96 21.76 37.14 20.84
C LYS C 96 21.71 37.66 19.40
N SER C 97 21.59 38.97 19.26
CA SER C 97 21.52 39.62 17.96
C SER C 97 22.86 40.23 17.59
N THR C 98 23.09 40.36 16.29
CA THR C 98 24.35 40.87 15.77
C THR C 98 24.06 41.98 14.77
N ILE C 99 24.99 42.93 14.68
CA ILE C 99 24.86 44.09 13.81
C ILE C 99 26.05 44.10 12.85
N GLN C 100 25.75 44.25 11.57
CA GLN C 100 26.77 44.31 10.53
C GLN C 100 27.04 45.77 10.19
N TRP C 101 28.19 46.27 10.60
CA TRP C 101 28.55 47.67 10.37
C TRP C 101 29.43 47.78 9.12
N ILE C 102 28.80 48.14 8.01
CA ILE C 102 29.54 48.49 6.81
C ILE C 102 29.64 50.01 6.75
N GLY C 103 30.72 50.55 7.29
CA GLY C 103 30.92 51.98 7.34
C GLY C 103 31.76 52.48 6.19
N PRO C 104 32.38 53.64 6.36
CA PRO C 104 33.25 54.18 5.32
C PRO C 104 34.64 53.58 5.36
N ASP C 105 35.05 53.09 6.53
CA ASP C 105 36.40 52.57 6.71
C ASP C 105 36.43 51.10 7.10
N UNK C 106 35.40 50.63 7.80
CA UNK C 106 35.37 49.27 8.30
C UNK C 106 34.28 48.42 7.65
N ALA C 107 34.12 47.20 8.14
CA ALA C 107 33.12 46.28 7.62
C ALA C 107 32.86 45.16 8.63
N THR C 108 33.07 45.45 9.91
CA THR C 108 33.00 44.43 10.93
C THR C 108 31.56 44.04 11.23
N THR C 109 31.41 43.09 12.15
CA THR C 109 30.11 42.62 12.63
C THR C 109 30.11 42.76 14.15
N LEU C 110 29.34 43.74 14.64
CA LEU C 110 29.34 44.03 16.07
C LEU C 110 28.49 43.02 16.84
N THR C 111 28.92 42.72 18.06
CA THR C 111 28.19 41.88 19.00
C THR C 111 27.95 42.67 20.29
N TYR C 112 27.44 41.99 21.31
CA TYR C 112 27.11 42.65 22.57
C TYR C 112 28.28 42.57 23.55
N UNK C 113 28.72 43.73 24.02
CA UNK C 113 29.63 43.81 25.15
C UNK C 113 28.89 44.40 26.34
N UNK C 114 28.48 43.55 27.27
CA UNK C 114 27.68 43.97 28.42
C UNK C 114 28.39 45.05 29.23
N UNK C 115 27.80 46.25 29.24
CA UNK C 115 28.30 47.39 29.98
C UNK C 115 29.68 47.85 29.50
N UNK C 116 29.73 49.07 28.97
CA UNK C 116 30.97 49.63 28.47
C UNK C 116 30.93 51.16 28.48
N UNK C 117 31.18 51.77 27.33
CA UNK C 117 31.18 53.22 27.21
C UNK C 117 30.01 53.69 26.35
N UNK C 120 32.54 50.81 24.42
CA UNK C 120 31.86 49.90 23.52
C UNK C 120 32.85 49.20 22.61
N UNK C 121 33.97 49.87 22.32
CA UNK C 121 35.03 49.33 21.49
C UNK C 121 34.53 48.93 20.10
N GLU C 122 34.48 47.63 19.85
CA GLU C 122 34.04 47.14 18.54
C GLU C 122 32.82 46.25 18.79
N ASN C 123 31.90 46.76 19.61
CA ASN C 123 30.67 46.07 19.98
C ASN C 123 29.56 47.09 20.13
N PHE C 124 28.37 46.62 20.50
CA PHE C 124 27.25 47.50 20.79
C PHE C 124 26.69 47.20 22.17
N THR C 125 26.25 48.26 22.86
CA THR C 125 25.66 48.15 24.18
C THR C 125 24.23 48.66 24.10
N THR C 126 23.35 48.09 24.91
CA THR C 126 21.94 48.48 24.89
C THR C 126 21.47 49.01 26.23
N UNK C 127 20.95 50.23 26.24
CA UNK C 127 20.32 50.78 27.43
C UNK C 127 18.86 50.36 27.46
N SER C 128 17.98 51.29 27.83
CA SER C 128 16.55 51.01 27.84
C SER C 128 15.75 52.30 27.87
N ILE C 129 14.83 52.45 26.92
CA ILE C 129 14.02 53.65 26.81
C ILE C 129 12.65 53.47 27.44
N LYS C 130 11.96 52.37 27.12
CA LYS C 130 10.60 52.15 27.62
C LYS C 130 10.45 50.64 27.86
N GLY C 131 10.42 50.26 29.13
CA GLY C 131 10.21 48.87 29.49
C GLY C 131 11.00 48.43 30.71
N UNK C 132 10.78 47.18 31.11
CA UNK C 132 11.46 46.62 32.27
C UNK C 132 12.83 46.06 31.88
N UNK C 133 12.87 45.30 30.80
CA UNK C 133 14.11 44.70 30.33
C UNK C 133 14.99 45.72 29.64
N UNK C 134 16.30 45.51 29.72
CA UNK C 134 17.26 46.41 29.07
C UNK C 134 18.09 45.65 28.05
N UNK C 135 17.58 44.50 27.62
CA UNK C 135 18.28 43.68 26.63
C UNK C 135 17.29 42.80 25.86
N VAL C 136 16.03 42.80 26.29
CA VAL C 136 15.01 41.98 25.65
C VAL C 136 13.79 42.84 25.32
N LEU C 137 13.17 42.58 24.18
CA LEU C 137 11.95 43.27 23.76
C LEU C 137 10.78 42.34 23.99
N VAL C 138 10.00 42.60 25.03
CA VAL C 138 8.90 41.71 25.43
C VAL C 138 7.55 42.23 24.97
N ASP C 139 7.18 43.44 25.37
CA ASP C 139 5.91 44.03 25.00
C ASP C 139 6.03 44.81 23.70
N GLN C 140 4.89 44.97 23.02
CA GLN C 140 4.86 45.72 21.77
C GLN C 140 5.25 47.18 21.97
N SER C 141 5.11 47.69 23.20
CA SER C 141 5.45 49.07 23.49
C SER C 141 6.89 49.26 23.92
N ASP C 142 7.69 48.21 23.92
CA ASP C 142 9.07 48.32 24.39
C ASP C 142 9.94 49.08 23.39
N ARG C 143 10.75 49.99 23.91
CA ARG C 143 11.73 50.72 23.10
C ARG C 143 13.09 50.58 23.77
N ILE C 144 14.08 50.10 23.00
CA ILE C 144 15.43 49.89 23.50
C ILE C 144 16.40 50.67 22.64
N LYS C 145 17.35 51.33 23.28
CA LYS C 145 18.38 52.11 22.60
C LYS C 145 19.68 51.32 22.59
N VAL C 146 20.21 51.07 21.40
CA VAL C 146 21.49 50.38 21.25
C VAL C 146 22.57 51.45 21.06
N ILE C 147 23.70 51.26 21.73
CA ILE C 147 24.77 52.26 21.70
C ILE C 147 25.93 51.70 20.88
N MET C 148 26.39 52.48 19.91
CA MET C 148 27.55 52.10 19.09
C MET C 148 28.53 53.26 19.10
N TYR C 149 29.77 52.97 19.49
CA TYR C 149 30.82 53.98 19.58
C TYR C 149 31.45 54.13 18.20
N ALA C 150 31.10 55.20 17.49
CA ALA C 150 31.61 55.42 16.16
C ALA C 150 33.11 55.67 16.16
N UNK C 151 33.61 56.26 17.25
CA UNK C 151 35.02 56.56 17.38
C UNK C 151 35.79 55.38 17.99
N UNK C 152 35.37 54.17 17.64
CA UNK C 152 36.02 52.98 18.16
C UNK C 152 35.79 51.79 17.22
N VAL C 153 34.61 51.73 16.62
CA VAL C 153 34.32 50.68 15.64
C VAL C 153 35.02 51.02 14.33
N UNK C 154 35.38 52.28 14.18
CA UNK C 154 36.09 52.75 12.99
C UNK C 154 36.78 54.06 13.30
N UNK C 155 36.10 55.15 13.00
CA UNK C 155 36.60 56.48 13.32
C UNK C 155 35.41 57.42 13.51
N UNK C 156 35.65 58.55 14.17
CA UNK C 156 34.60 59.55 14.39
C UNK C 156 34.00 59.96 13.05
N LEU C 157 32.71 59.67 12.87
CA LEU C 157 32.02 59.89 11.61
C LEU C 157 32.15 61.34 11.13
N UNK C 158 32.35 61.49 9.83
CA UNK C 158 32.60 62.81 9.25
C UNK C 158 31.31 63.59 9.04
N UNK C 159 31.22 64.30 7.92
CA UNK C 159 30.06 65.12 7.62
C UNK C 159 29.45 64.73 6.28
N GLY C 160 29.09 63.46 6.14
CA GLY C 160 28.50 62.96 4.91
C GLY C 160 28.70 61.48 4.73
N UNK C 161 29.38 60.86 5.69
CA UNK C 161 29.65 59.43 5.65
C UNK C 161 28.37 58.62 5.82
N GLU C 162 28.31 57.47 5.18
CA GLU C 162 27.15 56.59 5.27
C GLU C 162 27.55 55.21 5.77
N VAL C 163 26.72 54.63 6.63
CA VAL C 163 26.93 53.28 7.14
C VAL C 163 25.72 52.45 6.76
N GLN C 164 25.94 51.14 6.60
CA GLN C 164 24.87 50.22 6.23
C GLN C 164 24.67 49.23 7.38
N LEU C 165 23.75 49.55 8.27
CA LEU C 165 23.48 48.75 9.46
C LEU C 165 22.41 47.72 9.15
N THR C 166 22.73 46.45 9.40
CA THR C 166 21.79 45.34 9.20
C THR C 166 21.69 44.58 10.53
N VAL C 167 20.74 44.98 11.36
CA VAL C 167 20.54 44.31 12.64
C VAL C 167 19.85 42.97 12.40
N THR C 168 20.54 41.89 12.73
CA THR C 168 20.05 40.53 12.47
C THR C 168 19.68 39.88 13.78
N THR C 169 18.41 39.51 13.93
CA THR C 169 17.98 38.80 15.11
C THR C 169 18.46 37.35 15.07
N GLN C 170 18.32 36.66 16.20
CA GLN C 170 18.82 35.30 16.30
C GLN C 170 18.07 34.36 15.35
N TYR C 171 16.77 34.57 15.18
CA TYR C 171 15.99 33.67 14.33
C TYR C 171 16.36 33.80 12.87
N GLY C 172 16.94 34.93 12.46
CA GLY C 172 17.43 35.05 11.10
C GLY C 172 16.97 36.28 10.35
N SER C 173 15.88 36.90 10.79
CA SER C 173 15.35 38.06 10.10
C SER C 173 16.32 39.24 10.20
N LYS C 174 16.43 39.98 9.11
CA LYS C 174 17.38 41.09 9.00
C LYS C 174 16.63 42.38 8.77
N THR C 175 17.07 43.44 9.42
CA THR C 175 16.54 44.79 9.20
C THR C 175 17.69 45.70 8.82
N THR C 176 17.58 46.35 7.67
CA THR C 176 18.65 47.20 7.15
C THR C 176 18.30 48.67 7.33
N TYR C 177 19.26 49.44 7.84
CA TYR C 177 19.09 50.86 8.02
C TYR C 177 20.34 51.58 7.53
N TRP C 178 20.14 52.64 6.75
CA TRP C 178 21.24 53.45 6.22
C TRP C 178 21.29 54.76 6.97
N ALA C 179 22.28 54.91 7.85
CA ALA C 179 22.43 56.11 8.65
C ALA C 179 23.31 57.10 7.91
N GLN C 180 22.75 58.24 7.53
CA GLN C 180 23.46 59.27 6.77
C GLN C 180 23.70 60.46 7.68
N VAL C 181 24.97 60.78 7.90
CA VAL C 181 25.31 61.97 8.69
C VAL C 181 24.86 63.21 7.94
N PRO C 182 24.35 64.24 8.60
CA PRO C 182 24.00 65.47 7.89
C PRO C 182 25.23 66.08 7.20
N GLU C 183 24.99 66.69 6.03
CA GLU C 183 26.09 67.20 5.23
C GLU C 183 26.90 68.25 5.97
N SER C 184 26.26 69.05 6.83
CA SER C 184 26.93 70.06 7.61
C SER C 184 26.66 69.84 9.09
N LEU C 185 27.70 69.99 9.92
CA LEU C 185 27.58 69.88 11.36
C LEU C 185 27.99 71.18 12.06
N LYS C 186 27.92 72.31 11.35
CA LYS C 186 28.34 73.58 11.92
C LYS C 186 27.39 73.98 13.04
N ASP C 187 27.89 73.97 14.27
CA ASP C 187 27.16 74.45 15.45
C ASP C 187 25.86 73.67 15.66
N LYS C 188 26.00 72.34 15.75
CA LYS C 188 24.87 71.46 16.05
C LYS C 188 25.36 70.45 17.09
N ASN C 189 24.83 70.57 18.31
CA ASN C 189 25.29 69.69 19.38
C ASN C 189 24.93 68.23 19.10
N ALA C 190 23.73 67.99 18.61
CA ALA C 190 23.29 66.65 18.26
C ALA C 190 22.54 66.68 16.94
N VAL C 191 22.67 65.59 16.18
CA VAL C 191 22.05 65.50 14.87
C VAL C 191 21.16 64.27 14.76
N UNK C 192 20.39 64.21 13.68
CA UNK C 192 19.52 63.06 13.44
C UNK C 192 20.00 62.29 12.21
N LEU C 193 20.67 61.17 12.45
CA LEU C 193 21.22 60.36 11.38
C LEU C 193 20.13 59.76 10.50
N GLN D 13 4.33 -11.51 5.84
CA GLN D 13 4.98 -11.48 4.54
C GLN D 13 4.64 -10.22 3.76
N VAL D 14 3.36 -9.85 3.78
CA VAL D 14 2.92 -8.64 3.10
C VAL D 14 3.58 -7.41 3.71
N GLY D 15 3.98 -7.49 4.99
CA GLY D 15 4.67 -6.37 5.60
C GLY D 15 6.03 -6.12 4.97
N ILE D 16 6.73 -7.19 4.60
CA ILE D 16 8.04 -7.09 3.97
C ILE D 16 7.89 -6.32 2.66
N GLY D 17 6.82 -6.60 1.92
CA GLY D 17 6.50 -5.83 0.74
C GLY D 17 6.33 -4.36 1.05
N THR D 18 5.66 -4.05 2.15
CA THR D 18 5.46 -2.67 2.58
C THR D 18 6.80 -1.99 2.82
N LEU D 19 7.75 -2.72 3.40
CA LEU D 19 9.05 -2.16 3.72
C LEU D 19 9.73 -1.54 2.50
N ILE D 20 9.82 -2.30 1.42
CA ILE D 20 10.55 -1.83 0.24
C ILE D 20 9.81 -0.65 -0.39
N VAL D 21 8.48 -0.74 -0.50
CA VAL D 21 7.70 0.39 -0.98
C VAL D 21 7.85 1.58 -0.05
N PHE D 22 7.99 1.32 1.25
CA PHE D 22 8.24 2.40 2.19
C PHE D 22 9.56 3.09 1.87
N ILE D 23 10.60 2.31 1.56
CA ILE D 23 11.87 2.90 1.14
C ILE D 23 11.70 3.66 -0.17
N ALA D 24 10.79 3.21 -1.02
CA ALA D 24 10.53 3.90 -2.27
C ALA D 24 9.92 5.28 -2.02
N MET D 25 8.89 5.35 -1.18
CA MET D 25 8.14 6.59 -1.02
C MET D 25 8.99 7.68 -0.38
N VAL D 26 9.83 7.33 0.59
CA VAL D 26 10.67 8.34 1.23
C VAL D 26 11.67 8.89 0.21
N LEU D 27 12.26 8.00 -0.60
CA LEU D 27 13.19 8.45 -1.63
C LEU D 27 12.50 9.34 -2.65
N VAL D 28 11.32 8.94 -3.12
CA VAL D 28 10.61 9.73 -4.13
C VAL D 28 10.19 11.07 -3.56
N ALA D 29 9.68 11.09 -2.33
CA ALA D 29 9.31 12.35 -1.71
C ALA D 29 10.52 13.24 -1.51
N ALA D 30 11.67 12.65 -1.14
CA ALA D 30 12.90 13.43 -1.03
C ALA D 30 13.30 14.02 -2.37
N ILE D 31 13.19 13.22 -3.43
CA ILE D 31 13.43 13.74 -4.78
C ILE D 31 12.40 14.79 -5.14
N ALA D 32 11.14 14.53 -4.79
CA ALA D 32 10.09 15.54 -4.98
C ALA D 32 10.38 16.79 -4.15
N ALA D 33 10.86 16.59 -2.92
CA ALA D 33 11.30 17.73 -2.11
C ALA D 33 12.48 18.43 -2.74
N GLY D 34 13.38 17.67 -3.37
CA GLY D 34 14.56 18.22 -3.99
C GLY D 34 14.29 19.25 -5.06
N VAL D 35 13.36 18.97 -5.96
CA VAL D 35 13.09 19.88 -7.07
C VAL D 35 12.54 21.21 -6.57
N LEU D 36 11.74 21.18 -5.50
CA LEU D 36 11.05 22.40 -5.09
C LEU D 36 12.02 23.39 -4.46
N ILE D 37 12.97 22.89 -3.67
CA ILE D 37 13.89 23.78 -2.97
C ILE D 37 14.86 24.44 -3.94
N ASN D 38 15.49 23.65 -4.80
CA ASN D 38 16.49 24.19 -5.72
C ASN D 38 15.84 25.12 -6.74
N THR D 39 14.66 24.76 -7.25
CA THR D 39 13.96 25.63 -8.18
C THR D 39 13.60 26.96 -7.54
N ALA D 40 13.17 26.92 -6.28
CA ALA D 40 12.94 28.15 -5.54
C ALA D 40 14.25 28.90 -5.31
N GLY D 41 15.36 28.16 -5.28
CA GLY D 41 16.65 28.80 -5.04
C GLY D 41 17.05 29.75 -6.16
N TYR D 42 16.89 29.31 -7.41
CA TYR D 42 17.28 30.16 -8.54
C TYR D 42 16.39 31.39 -8.63
N LEU D 43 15.08 31.18 -8.57
CA LEU D 43 14.15 32.30 -8.67
C LEU D 43 14.32 33.27 -7.51
N GLN D 44 14.83 32.78 -6.37
CA GLN D 44 15.10 33.65 -5.24
C GLN D 44 16.19 34.65 -5.60
N SER D 45 17.30 34.16 -6.15
CA SER D 45 18.40 35.05 -6.48
C SER D 45 18.12 35.85 -7.74
N LYS D 46 17.42 35.25 -8.71
CA LYS D 46 17.00 36.02 -9.89
C LYS D 46 16.08 37.16 -9.49
N GLY D 47 15.11 36.87 -8.62
CA GLY D 47 14.24 37.92 -8.12
C GLY D 47 14.99 38.90 -7.24
N SER D 48 15.90 38.39 -6.41
CA SER D 48 16.67 39.25 -5.50
C SER D 48 17.49 40.25 -6.28
N ALA D 49 18.14 39.80 -7.36
CA ALA D 49 18.99 40.65 -8.17
C ALA D 49 18.21 41.72 -8.94
N THR D 50 17.00 41.40 -9.39
CA THR D 50 16.27 42.28 -10.30
C THR D 50 15.95 43.63 -9.67
N GLY D 51 15.75 43.65 -8.35
CA GLY D 51 15.30 44.87 -7.70
C GLY D 51 16.30 46.00 -7.80
N GLU D 52 17.59 45.67 -7.69
CA GLU D 52 18.61 46.72 -7.62
C GLU D 52 18.69 47.53 -8.90
N GLU D 53 18.83 46.87 -10.06
CA GLU D 53 18.97 47.63 -11.29
C GLU D 53 17.67 48.34 -11.65
N ALA D 54 16.53 47.72 -11.38
CA ALA D 54 15.24 48.36 -11.63
C ALA D 54 15.11 49.63 -10.81
N SER D 55 15.49 49.57 -9.53
CA SER D 55 15.59 50.78 -8.73
C SER D 55 16.71 51.68 -9.24
N ALA D 56 17.83 51.07 -9.65
CA ALA D 56 18.94 51.85 -10.19
C ALA D 56 18.54 52.54 -11.50
N GLN D 57 17.75 51.85 -12.33
CA GLN D 57 17.30 52.44 -13.59
C GLN D 57 16.52 53.72 -13.35
N VAL D 58 15.81 53.81 -12.23
CA VAL D 58 15.01 54.99 -11.91
C VAL D 58 15.76 55.99 -11.04
N SER D 59 16.73 55.54 -10.24
CA SER D 59 17.36 56.41 -9.26
C SER D 59 18.52 57.20 -9.82
N ASN D 60 19.54 56.51 -10.32
CA ASN D 60 20.74 57.19 -10.80
C ASN D 60 20.47 57.88 -12.12
N ARG D 61 20.71 59.19 -12.15
CA ARG D 61 20.38 60.02 -13.29
C ARG D 61 21.30 61.23 -13.29
N ILE D 62 21.38 61.90 -14.44
CA ILE D 62 22.24 63.06 -14.60
C ILE D 62 21.38 64.30 -14.76
N ASN D 63 21.78 65.38 -14.08
CA ASN D 63 21.15 66.68 -14.25
C ASN D 63 22.17 67.64 -14.84
N ILE D 64 21.81 68.29 -15.95
CA ILE D 64 22.69 69.23 -16.62
C ILE D 64 22.65 70.56 -15.88
N VAL D 65 23.74 70.90 -15.20
CA VAL D 65 23.79 72.12 -14.41
C VAL D 65 23.68 73.35 -15.31
N SER D 66 24.52 73.42 -16.32
CA SER D 66 24.58 74.60 -17.18
C SER D 66 25.26 74.23 -18.49
N ALA D 67 25.06 75.09 -19.48
CA ALA D 67 25.65 74.88 -20.80
C ALA D 67 26.21 76.20 -21.31
N TYR D 68 27.47 76.18 -21.70
CA TYR D 68 28.12 77.35 -22.30
C TYR D 68 29.05 76.89 -23.41
N GLY D 69 29.35 77.81 -24.32
CA GLY D 69 30.15 77.45 -25.48
C GLY D 69 31.06 78.56 -25.99
N ASN D 70 32.28 78.19 -26.38
CA ASN D 70 33.21 79.15 -26.93
C ASN D 70 32.70 79.62 -28.29
N VAL D 71 32.97 80.88 -28.60
CA VAL D 71 32.55 81.47 -29.86
C VAL D 71 33.76 81.96 -30.66
N UNK D 72 34.09 81.23 -31.73
CA UNK D 72 35.17 81.62 -32.61
C UNK D 72 34.61 82.18 -33.91
N UNK D 73 35.29 83.20 -34.44
CA UNK D 73 34.87 83.87 -35.67
C UNK D 73 33.43 84.38 -35.54
N UNK D 74 32.47 83.54 -35.87
CA UNK D 74 31.06 83.89 -35.78
C UNK D 74 30.20 82.65 -35.62
N UNK D 75 30.77 81.61 -35.02
CA UNK D 75 30.06 80.35 -34.81
C UNK D 75 30.50 79.68 -33.53
N VAL D 76 29.75 78.68 -33.10
CA VAL D 76 30.07 77.93 -31.88
C VAL D 76 30.88 76.69 -32.24
N ASP D 77 31.99 76.48 -31.54
CA ASP D 77 32.84 75.33 -31.77
C ASP D 77 32.80 74.30 -30.65
N TYR D 78 32.53 74.74 -29.42
CA TYR D 78 32.50 73.86 -28.26
C TYR D 78 31.17 73.99 -27.54
N VAL D 79 30.68 72.86 -27.03
CA VAL D 79 29.47 72.84 -26.21
C VAL D 79 29.78 72.10 -24.91
N ASN D 80 30.10 72.86 -23.87
CA ASN D 80 30.48 72.25 -22.60
C ASN D 80 29.27 72.20 -21.67
N LEU D 81 28.99 71.02 -21.12
CA LEU D 81 27.87 70.79 -20.23
C LEU D 81 28.38 70.38 -18.86
N THR D 82 28.26 71.26 -17.88
CA THR D 82 28.58 70.89 -16.50
C THR D 82 27.44 70.04 -15.94
N VAL D 83 27.80 68.89 -15.35
CA VAL D 83 26.82 67.92 -14.92
C VAL D 83 27.04 67.58 -13.45
N ARG D 84 26.00 67.01 -12.83
CA ARG D 84 26.04 66.59 -11.45
C ARG D 84 25.13 65.38 -11.28
N GLN D 85 25.27 64.72 -10.12
CA GLN D 85 24.39 63.61 -9.80
C GLN D 85 22.97 64.11 -9.54
N ALA D 86 22.02 63.21 -9.71
CA ALA D 86 20.63 63.50 -9.38
C ALA D 86 20.38 63.21 -7.90
N ALA D 87 19.11 63.16 -7.52
CA ALA D 87 18.76 62.88 -6.13
C ALA D 87 19.14 61.46 -5.76
N GLY D 88 20.18 61.33 -4.94
CA GLY D 88 20.58 60.03 -4.45
C GLY D 88 21.16 59.10 -5.50
N ALA D 89 21.90 59.62 -6.46
CA ALA D 89 22.62 58.77 -7.40
C ALA D 89 23.77 58.06 -6.70
N ASP D 90 24.03 56.82 -7.10
CA ASP D 90 25.05 56.03 -6.42
C ASP D 90 26.45 56.37 -6.91
N ASN D 91 26.74 56.08 -8.18
CA ASN D 91 28.03 56.36 -8.80
C ASN D 91 27.85 56.46 -10.31
N ILE D 92 27.80 57.69 -10.82
CA ILE D 92 27.66 57.90 -12.25
C ILE D 92 29.03 57.87 -12.90
N ASN D 93 29.19 57.02 -13.90
CA ASN D 93 30.44 56.89 -14.66
C ASN D 93 30.17 57.43 -16.06
N LEU D 94 30.81 58.55 -16.39
CA LEU D 94 30.59 59.21 -17.67
C LEU D 94 31.28 58.48 -18.82
N UNK D 95 32.14 57.52 -18.48
CA UNK D 95 32.86 56.77 -19.49
C UNK D 95 32.03 55.61 -20.00
N LYS D 96 30.91 55.35 -19.33
CA LYS D 96 29.99 54.29 -19.74
C LYS D 96 28.66 54.88 -20.16
N SER D 97 28.65 56.17 -20.49
CA SER D 97 27.45 56.87 -20.90
C SER D 97 27.62 57.40 -22.31
N THR D 98 26.52 57.42 -23.05
CA THR D 98 26.51 57.87 -24.44
C THR D 98 25.58 59.05 -24.59
N ILE D 99 26.05 60.09 -25.27
CA ILE D 99 25.26 61.28 -25.56
C ILE D 99 24.83 61.20 -27.03
N GLN D 100 23.53 61.28 -27.26
CA GLN D 100 22.97 61.20 -28.60
C GLN D 100 22.70 62.61 -29.12
N TRP D 101 23.30 62.95 -30.26
CA TRP D 101 23.29 64.30 -30.81
C TRP D 101 22.35 64.30 -32.01
N ILE D 102 21.32 65.15 -31.94
CA ILE D 102 20.44 65.42 -33.08
C ILE D 102 20.53 66.92 -33.33
N GLY D 103 21.17 67.29 -34.42
CA GLY D 103 21.33 68.68 -34.77
C GLY D 103 20.65 69.02 -36.08
N PRO D 104 20.93 70.22 -36.60
CA PRO D 104 20.36 70.59 -37.91
C PRO D 104 20.91 69.78 -39.06
N ASP D 105 22.01 69.06 -38.87
CA ASP D 105 22.60 68.27 -39.94
C ASP D 105 22.65 66.78 -39.59
N UNK D 106 23.72 66.37 -38.92
CA UNK D 106 23.94 64.97 -38.60
C UNK D 106 23.07 64.50 -37.45
N ALA D 107 23.17 63.21 -37.13
CA ALA D 107 22.42 62.62 -36.02
C ALA D 107 23.11 61.34 -35.55
N THR D 108 24.19 61.50 -34.79
CA THR D 108 24.99 60.39 -34.32
C THR D 108 24.78 60.17 -32.83
N THR D 109 25.54 59.22 -32.27
CA THR D 109 25.51 58.90 -30.85
C THR D 109 26.96 58.90 -30.36
N LEU D 110 27.34 59.97 -29.67
CA LEU D 110 28.73 60.14 -29.26
C LEU D 110 29.10 59.14 -28.17
N THR D 111 30.40 58.91 -28.01
CA THR D 111 30.95 57.97 -27.04
C THR D 111 32.19 58.60 -26.41
N TYR D 112 32.49 58.20 -25.18
CA TYR D 112 33.62 58.75 -24.44
C TYR D 112 34.95 58.56 -25.15
N UNK D 113 35.88 59.49 -24.91
CA UNK D 113 37.22 59.40 -25.47
C UNK D 113 38.25 59.89 -24.46
N UNK D 114 39.52 59.86 -24.84
CA UNK D 114 40.59 60.30 -23.95
C UNK D 114 41.32 61.49 -24.57
N UNK D 115 40.59 62.58 -24.78
CA UNK D 115 41.11 63.82 -25.37
C UNK D 115 41.53 63.64 -26.83
N UNK D 116 41.29 64.68 -27.63
CA UNK D 116 41.65 64.65 -29.04
C UNK D 116 41.80 66.07 -29.58
N UNK D 117 40.98 66.99 -29.08
CA UNK D 117 41.05 68.38 -29.49
C UNK D 117 40.43 69.29 -28.43
N UNK D 120 35.75 66.50 -29.51
CA UNK D 120 36.79 65.54 -29.88
C UNK D 120 36.28 64.61 -30.97
N UNK D 121 36.45 65.01 -32.23
CA UNK D 121 36.00 64.24 -33.39
C UNK D 121 34.50 63.93 -33.29
N GLU D 122 34.15 62.66 -33.27
CA GLU D 122 32.75 62.27 -33.12
C GLU D 122 32.49 61.78 -31.69
N ASN D 123 33.42 62.09 -30.80
CA ASN D 123 33.39 61.62 -29.42
C ASN D 123 33.18 62.81 -28.49
N PHE D 124 33.16 62.54 -27.19
CA PHE D 124 33.06 63.57 -26.17
C PHE D 124 34.08 63.29 -25.08
N THR D 125 34.57 64.37 -24.46
CA THR D 125 35.61 64.30 -23.44
C THR D 125 35.08 64.88 -22.14
N THR D 126 35.57 64.37 -21.02
CA THR D 126 35.14 64.84 -19.71
C THR D 126 36.33 65.35 -18.89
N UNK D 127 36.46 66.67 -18.81
CA UNK D 127 37.48 67.29 -17.98
C UNK D 127 36.89 67.70 -16.64
N SER D 128 37.59 67.42 -15.56
CA SER D 128 37.06 67.68 -14.23
C SER D 128 37.00 69.17 -13.90
N ILE D 129 36.05 69.52 -13.03
CA ILE D 129 35.89 70.89 -12.55
C ILE D 129 35.96 70.95 -11.03
N LYS D 130 35.16 70.12 -10.35
CA LYS D 130 35.19 70.01 -8.90
C LYS D 130 35.06 68.54 -8.53
N GLY D 131 35.96 68.06 -7.68
CA GLY D 131 35.94 66.68 -7.24
C GLY D 131 37.25 65.96 -7.48
N UNK D 132 37.30 64.69 -7.08
CA UNK D 132 38.51 63.88 -7.23
C UNK D 132 38.63 63.32 -8.64
N UNK D 133 37.79 62.34 -8.96
CA UNK D 133 37.82 61.70 -10.27
C UNK D 133 37.41 62.67 -11.38
N UNK D 134 37.82 62.37 -12.60
CA UNK D 134 37.52 63.24 -13.74
C UNK D 134 36.57 62.56 -14.71
N UNK D 135 36.18 61.32 -14.41
CA UNK D 135 35.29 60.58 -15.27
C UNK D 135 34.09 60.05 -14.50
N VAL D 136 34.23 59.93 -13.18
CA VAL D 136 33.19 59.37 -12.34
C VAL D 136 32.71 60.39 -11.32
N LEU D 137 31.39 60.52 -11.20
CA LEU D 137 30.80 61.35 -10.16
C LEU D 137 30.66 60.51 -8.89
N VAL D 138 31.40 60.88 -7.85
CA VAL D 138 31.44 60.10 -6.61
C VAL D 138 30.48 60.65 -5.57
N ASP D 139 30.69 61.89 -5.15
CA ASP D 139 29.83 62.52 -4.15
C ASP D 139 28.74 63.34 -4.82
N GLN D 140 27.97 64.05 -4.00
CA GLN D 140 26.90 64.90 -4.49
C GLN D 140 27.39 66.29 -4.90
N SER D 141 28.62 66.66 -4.50
CA SER D 141 29.12 68.01 -4.74
C SER D 141 30.06 68.12 -5.93
N ASP D 142 30.36 67.02 -6.62
CA ASP D 142 31.29 67.07 -7.75
C ASP D 142 30.60 67.63 -8.98
N ARG D 143 31.42 68.22 -9.85
CA ARG D 143 30.95 68.79 -11.12
C ARG D 143 31.96 68.42 -12.20
N ILE D 144 31.51 67.67 -13.19
CA ILE D 144 32.35 67.24 -14.30
C ILE D 144 31.85 67.91 -15.57
N LYS D 145 32.79 68.41 -16.38
CA LYS D 145 32.46 69.14 -17.59
C LYS D 145 32.50 68.19 -18.78
N VAL D 146 31.40 68.09 -19.50
CA VAL D 146 31.31 67.25 -20.69
C VAL D 146 31.68 68.11 -21.90
N ILE D 147 32.68 67.68 -22.66
CA ILE D 147 33.24 68.48 -23.75
C ILE D 147 32.85 67.86 -25.08
N MET D 148 32.25 68.66 -25.96
CA MET D 148 31.88 68.20 -27.29
C MET D 148 32.31 69.24 -28.31
N TYR D 149 32.91 68.79 -29.41
CA TYR D 149 33.35 69.67 -30.48
C TYR D 149 32.22 69.79 -31.50
N ALA D 150 31.86 71.02 -31.83
CA ALA D 150 30.73 71.27 -32.74
C ALA D 150 31.03 70.85 -34.17
N UNK D 151 32.03 71.48 -34.78
CA UNK D 151 32.33 71.25 -36.18
C UNK D 151 32.92 69.86 -36.43
N UNK D 152 33.24 69.15 -35.36
CA UNK D 152 33.85 67.83 -35.49
C UNK D 152 32.78 66.73 -35.51
N VAL D 153 31.71 66.91 -34.76
CA VAL D 153 30.62 65.94 -34.75
C VAL D 153 29.69 66.20 -35.92
N UNK D 154 29.74 67.42 -36.45
CA UNK D 154 28.91 67.81 -37.57
C UNK D 154 29.45 69.08 -38.20
N UNK D 155 28.82 70.21 -37.87
CA UNK D 155 29.27 71.51 -38.35
C UNK D 155 29.18 72.52 -37.21
N UNK D 156 30.03 73.55 -37.26
CA UNK D 156 30.02 74.60 -36.24
C UNK D 156 28.67 75.30 -36.25
N LEU D 157 27.97 75.23 -35.12
CA LEU D 157 26.63 75.81 -35.00
C LEU D 157 26.63 77.30 -35.32
N UNK D 158 25.63 77.73 -36.09
CA UNK D 158 25.55 79.11 -36.54
C UNK D 158 24.84 79.99 -35.52
N UNK D 159 23.80 80.69 -35.98
CA UNK D 159 23.06 81.62 -35.14
C UNK D 159 21.63 81.16 -34.91
N GLY D 160 21.39 80.47 -33.81
CA GLY D 160 20.05 80.02 -33.48
C GLY D 160 19.81 78.56 -33.77
N UNK D 161 20.84 77.86 -34.23
CA UNK D 161 20.75 76.45 -34.53
C UNK D 161 20.46 75.66 -33.26
N GLU D 162 19.50 74.73 -33.36
CA GLU D 162 19.08 73.96 -32.19
C GLU D 162 19.62 72.53 -32.25
N VAL D 163 20.15 72.07 -31.12
CA VAL D 163 20.71 70.73 -31.00
C VAL D 163 20.08 70.05 -29.79
N GLN D 164 19.70 68.79 -29.96
CA GLN D 164 19.09 68.01 -28.89
C GLN D 164 20.08 66.96 -28.41
N LEU D 165 20.34 66.94 -27.11
CA LEU D 165 21.28 66.01 -26.50
C LEU D 165 20.55 65.17 -25.44
N THR D 166 20.83 63.87 -25.43
CA THR D 166 20.22 62.94 -24.48
C THR D 166 21.34 62.15 -23.81
N VAL D 167 21.82 62.64 -22.67
CA VAL D 167 22.82 61.90 -21.92
C VAL D 167 22.17 60.67 -21.30
N THR D 168 22.72 59.50 -21.61
CA THR D 168 22.14 58.23 -21.19
C THR D 168 23.16 57.49 -20.36
N THR D 169 22.89 57.36 -19.07
CA THR D 169 23.82 56.69 -18.17
C THR D 169 23.88 55.20 -18.46
N GLN D 170 24.78 54.52 -17.75
CA GLN D 170 24.96 53.08 -17.95
C GLN D 170 23.71 52.31 -17.57
N TYR D 171 23.07 52.69 -16.47
CA TYR D 171 21.89 51.96 -15.99
C TYR D 171 20.72 52.10 -16.94
N GLY D 172 20.54 53.28 -17.54
CA GLY D 172 19.49 53.46 -18.52
C GLY D 172 18.78 54.78 -18.47
N SER D 173 18.96 55.53 -17.39
CA SER D 173 18.28 56.81 -17.24
C SER D 173 18.79 57.81 -18.28
N LYS D 174 17.90 58.68 -18.72
CA LYS D 174 18.18 59.64 -19.79
C LYS D 174 17.88 61.05 -19.32
N THR D 175 18.64 62.00 -19.85
CA THR D 175 18.44 63.42 -19.56
C THR D 175 18.58 64.20 -20.85
N THR D 176 17.56 64.99 -21.19
CA THR D 176 17.51 65.73 -22.44
C THR D 176 17.72 67.21 -22.17
N TYR D 177 18.61 67.84 -22.94
CA TYR D 177 18.88 69.27 -22.86
C TYR D 177 18.86 69.83 -24.27
N TRP D 178 17.85 70.66 -24.56
CA TRP D 178 17.70 71.26 -25.88
C TRP D 178 18.53 72.54 -25.94
N ALA D 179 19.82 72.37 -26.23
CA ALA D 179 20.72 73.51 -26.30
C ALA D 179 20.39 74.34 -27.53
N GLN D 180 20.09 75.62 -27.32
CA GLN D 180 19.76 76.55 -28.39
C GLN D 180 20.80 77.66 -28.41
N VAL D 181 21.47 77.82 -29.54
CA VAL D 181 22.46 78.89 -29.67
C VAL D 181 21.74 80.23 -29.63
N PRO D 182 22.29 81.26 -28.98
CA PRO D 182 21.67 82.58 -29.05
C PRO D 182 21.54 83.07 -30.49
N GLU D 183 20.44 83.76 -30.77
CA GLU D 183 20.15 84.20 -32.13
C GLU D 183 21.23 85.14 -32.65
N SER D 184 21.87 85.90 -31.77
CA SER D 184 22.93 86.83 -32.16
C SER D 184 24.19 86.49 -31.38
N LEU D 185 25.30 86.36 -32.10
CA LEU D 185 26.61 86.09 -31.51
C LEU D 185 27.60 87.21 -31.78
N LYS D 186 27.13 88.39 -32.17
CA LYS D 186 28.02 89.49 -32.50
C LYS D 186 28.77 89.97 -31.26
N ASP D 187 30.10 90.05 -31.37
CA ASP D 187 30.96 90.56 -30.31
C ASP D 187 30.72 89.84 -28.99
N LYS D 188 30.76 88.51 -29.04
CA LYS D 188 30.59 87.68 -27.85
C LYS D 188 31.70 86.65 -27.81
N ASN D 189 32.51 86.69 -26.76
CA ASN D 189 33.57 85.70 -26.60
C ASN D 189 32.98 84.34 -26.27
N ALA D 190 32.05 84.30 -25.31
CA ALA D 190 31.39 83.06 -24.92
C ALA D 190 29.90 83.31 -24.78
N VAL D 191 29.11 82.26 -24.98
CA VAL D 191 27.66 82.36 -24.89
C VAL D 191 27.11 81.34 -23.90
N UNK D 192 25.89 81.59 -23.42
CA UNK D 192 25.22 80.66 -22.52
C UNK D 192 24.12 79.92 -23.28
N LEU D 193 24.44 78.72 -23.75
CA LEU D 193 23.51 77.92 -24.54
C LEU D 193 22.30 77.50 -23.72
N GLN E 13 5.86 -28.62 4.72
CA GLN E 13 5.80 -28.39 3.28
C GLN E 13 5.18 -27.03 2.98
N VAL E 14 4.43 -26.49 3.94
CA VAL E 14 3.73 -25.23 3.76
C VAL E 14 4.68 -24.04 3.74
N GLY E 15 5.80 -24.10 4.46
CA GLY E 15 6.71 -22.97 4.53
C GLY E 15 7.38 -22.65 3.21
N ILE E 16 7.70 -23.67 2.42
CA ILE E 16 8.39 -23.50 1.14
C ILE E 16 7.57 -22.61 0.22
N GLY E 17 6.24 -22.79 0.24
CA GLY E 17 5.39 -21.96 -0.59
C GLY E 17 5.54 -20.48 -0.30
N THR E 18 5.74 -20.13 0.96
CA THR E 18 5.92 -18.73 1.34
C THR E 18 7.17 -18.14 0.68
N LEU E 19 8.24 -18.93 0.60
CA LEU E 19 9.53 -18.41 0.15
C LEU E 19 9.45 -17.85 -1.26
N ILE E 20 8.84 -18.60 -2.18
CA ILE E 20 8.78 -18.13 -3.57
C ILE E 20 7.87 -16.92 -3.69
N VAL E 21 6.73 -16.95 -3.01
CA VAL E 21 5.84 -15.79 -3.01
C VAL E 21 6.53 -14.59 -2.37
N PHE E 22 7.37 -14.84 -1.36
CA PHE E 22 8.19 -13.81 -0.76
C PHE E 22 9.07 -13.11 -1.78
N ILE E 23 9.75 -13.88 -2.64
CA ILE E 23 10.63 -13.30 -3.65
C ILE E 23 9.86 -12.38 -4.57
N ALA E 24 8.63 -12.77 -4.92
CA ALA E 24 7.81 -11.95 -5.81
C ALA E 24 7.56 -10.58 -5.22
N MET E 25 7.21 -10.51 -3.93
CA MET E 25 6.89 -9.24 -3.31
C MET E 25 8.09 -8.31 -3.29
N VAL E 26 9.29 -8.89 -3.09
CA VAL E 26 10.51 -8.08 -3.16
C VAL E 26 10.69 -7.50 -4.55
N LEU E 27 10.51 -8.34 -5.58
CA LEU E 27 10.66 -7.87 -6.96
C LEU E 27 9.55 -6.90 -7.34
N VAL E 28 8.31 -7.22 -6.96
CA VAL E 28 7.18 -6.38 -7.34
C VAL E 28 7.32 -4.99 -6.73
N ALA E 29 7.72 -4.92 -5.46
CA ALA E 29 7.95 -3.63 -4.83
C ALA E 29 9.05 -2.86 -5.55
N ALA E 30 10.12 -3.53 -5.93
CA ALA E 30 11.20 -2.86 -6.66
C ALA E 30 10.70 -2.32 -8.00
N ILE E 31 9.85 -3.08 -8.69
CA ILE E 31 9.25 -2.61 -9.93
C ILE E 31 8.41 -1.37 -9.66
N ALA E 32 7.61 -1.41 -8.60
CA ALA E 32 6.79 -0.26 -8.24
C ALA E 32 7.65 0.85 -7.63
N ALA E 33 8.78 0.48 -7.05
CA ALA E 33 9.67 1.48 -6.48
C ALA E 33 10.27 2.36 -7.58
N GLY E 34 10.85 1.72 -8.60
CA GLY E 34 11.54 2.44 -9.66
C GLY E 34 10.67 3.39 -10.45
N VAL E 35 9.46 2.94 -10.80
CA VAL E 35 8.60 3.73 -11.69
C VAL E 35 8.32 5.10 -11.10
N LEU E 36 8.11 5.15 -9.77
CA LEU E 36 7.88 6.43 -9.12
C LEU E 36 9.08 7.36 -9.27
N ILE E 37 10.28 6.79 -9.15
CA ILE E 37 11.50 7.61 -9.15
C ILE E 37 11.76 8.22 -10.53
N ASN E 38 11.67 7.41 -11.58
CA ASN E 38 12.07 7.88 -12.91
C ASN E 38 11.18 9.01 -13.40
N THR E 39 9.87 8.90 -13.19
CA THR E 39 8.97 10.00 -13.55
C THR E 39 9.28 11.25 -12.72
N ALA E 40 9.54 11.08 -11.43
CA ALA E 40 9.91 12.21 -10.60
C ALA E 40 11.17 12.88 -11.13
N GLY E 41 12.11 12.08 -11.65
CA GLY E 41 13.27 12.67 -12.30
C GLY E 41 12.90 13.44 -13.55
N TYR E 42 11.93 12.92 -14.31
CA TYR E 42 11.46 13.64 -15.49
C TYR E 42 10.82 14.95 -15.10
N LEU E 43 9.90 14.92 -14.13
CA LEU E 43 9.30 16.16 -13.65
C LEU E 43 10.34 17.07 -13.02
N GLN E 44 11.39 16.48 -12.43
CA GLN E 44 12.51 17.28 -11.93
C GLN E 44 13.13 18.11 -13.05
N SER E 45 13.48 17.46 -14.16
CA SER E 45 14.10 18.18 -15.26
C SER E 45 13.08 19.03 -16.01
N LYS E 46 11.87 18.51 -16.16
CA LYS E 46 10.82 19.28 -16.83
C LYS E 46 10.43 20.50 -16.00
N GLY E 47 10.15 20.29 -14.71
CA GLY E 47 9.74 21.40 -13.87
C GLY E 47 10.80 22.47 -13.72
N SER E 48 12.06 22.05 -13.57
CA SER E 48 13.15 23.02 -13.44
C SER E 48 13.32 23.82 -14.72
N ALA E 49 13.17 23.17 -15.88
CA ALA E 49 13.41 23.84 -17.15
C ALA E 49 12.43 24.99 -17.36
N THR E 50 11.17 24.81 -17.01
CA THR E 50 10.20 25.90 -17.16
C THR E 50 10.56 27.08 -16.28
N GLY E 51 10.99 26.81 -15.05
CA GLY E 51 11.29 27.89 -14.12
C GLY E 51 12.37 28.82 -14.62
N GLU E 52 13.40 28.26 -15.26
CA GLU E 52 14.47 29.09 -15.81
C GLU E 52 13.94 30.03 -16.89
N GLU E 53 13.10 29.52 -17.79
CA GLU E 53 12.66 30.34 -18.92
C GLU E 53 11.45 31.19 -18.54
N ALA E 54 10.58 30.69 -17.66
CA ALA E 54 9.42 31.46 -17.25
C ALA E 54 9.85 32.80 -16.66
N SER E 55 10.87 32.78 -15.80
CA SER E 55 11.48 34.03 -15.38
C SER E 55 12.19 34.71 -16.56
N ALA E 56 12.85 33.92 -17.40
CA ALA E 56 13.55 34.49 -18.56
C ALA E 56 12.58 35.10 -19.55
N GLN E 57 11.38 34.52 -19.67
CA GLN E 57 10.36 35.11 -20.52
C GLN E 57 9.96 36.50 -20.03
N VAL E 58 9.91 36.68 -18.71
CA VAL E 58 9.51 37.97 -18.14
C VAL E 58 10.68 38.92 -17.97
N SER E 59 11.90 38.42 -17.75
CA SER E 59 13.03 39.27 -17.41
C SER E 59 13.73 39.87 -18.63
N ASN E 60 14.25 39.03 -19.53
CA ASN E 60 15.02 39.55 -20.66
C ASN E 60 14.13 40.30 -21.63
N ARG E 61 14.21 41.63 -21.61
CA ARG E 61 13.40 42.49 -22.44
C ARG E 61 14.31 43.51 -23.12
N ILE E 62 13.87 43.99 -24.28
CA ILE E 62 14.57 45.03 -25.01
C ILE E 62 13.88 46.36 -24.71
N ASN E 63 14.67 47.37 -24.35
CA ASN E 63 14.16 48.71 -24.13
C ASN E 63 14.71 49.63 -25.20
N ILE E 64 13.81 50.35 -25.88
CA ILE E 64 14.20 51.24 -26.96
C ILE E 64 14.62 52.57 -26.34
N VAL E 65 15.92 52.85 -26.37
CA VAL E 65 16.43 54.10 -25.81
C VAL E 65 15.90 55.30 -26.59
N SER E 66 16.04 55.25 -27.91
CA SER E 66 15.61 56.36 -28.76
C SER E 66 15.48 55.84 -30.19
N ALA E 67 14.78 56.62 -31.01
CA ALA E 67 14.59 56.28 -32.41
C ALA E 67 14.76 57.53 -33.25
N TYR E 68 15.48 57.40 -34.36
CA TYR E 68 15.69 58.52 -35.27
C TYR E 68 15.76 57.98 -36.69
N GLY E 69 15.52 58.86 -37.65
CA GLY E 69 15.52 58.47 -39.04
C GLY E 69 16.00 59.55 -39.98
N ASN E 70 16.79 59.17 -40.98
CA ASN E 70 17.26 60.14 -41.96
C ASN E 70 16.09 60.64 -42.80
N VAL E 71 16.21 61.87 -43.29
CA VAL E 71 15.15 62.48 -44.09
C VAL E 71 15.66 62.85 -45.46
N UNK E 72 15.43 61.98 -46.44
CA UNK E 72 15.79 62.26 -47.82
C UNK E 72 14.64 63.01 -48.50
N UNK E 73 14.97 64.03 -49.27
CA UNK E 73 13.99 64.88 -49.94
C UNK E 73 13.01 65.47 -48.94
N UNK E 74 11.95 64.72 -48.62
CA UNK E 74 10.96 65.16 -47.65
C UNK E 74 10.21 63.97 -47.08
N UNK E 75 10.88 62.83 -46.99
CA UNK E 75 10.27 61.62 -46.46
C UNK E 75 11.30 60.76 -45.75
N VAL E 76 10.90 60.14 -44.66
CA VAL E 76 11.80 59.32 -43.84
C VAL E 76 12.13 58.02 -44.55
N ASP E 77 13.40 57.82 -44.89
CA ASP E 77 13.84 56.64 -45.61
C ASP E 77 14.33 55.52 -44.69
N TYR E 78 14.98 55.86 -43.58
CA TYR E 78 15.46 54.89 -42.61
C TYR E 78 14.76 55.12 -41.28
N VAL E 79 14.57 54.04 -40.52
CA VAL E 79 14.05 54.11 -39.16
C VAL E 79 15.02 53.34 -38.28
N ASN E 80 15.84 54.05 -37.53
CA ASN E 80 16.88 53.46 -36.71
C ASN E 80 16.51 53.54 -35.24
N LEU E 81 16.73 52.45 -34.52
CA LEU E 81 16.41 52.34 -33.10
C LEU E 81 17.69 52.07 -32.32
N THR E 82 17.79 52.65 -31.11
CA THR E 82 18.89 52.35 -30.20
C THR E 82 18.33 51.53 -29.05
N VAL E 83 18.79 50.30 -28.91
CA VAL E 83 18.21 49.35 -27.97
C VAL E 83 19.20 49.08 -26.84
N ARG E 84 18.66 48.60 -25.73
CA ARG E 84 19.46 48.28 -24.55
C ARG E 84 18.71 47.24 -23.73
N GLN E 85 19.44 46.56 -22.85
CA GLN E 85 18.84 45.56 -22.00
C GLN E 85 17.90 46.21 -20.97
N ALA E 86 17.00 45.40 -20.44
CA ALA E 86 16.11 45.85 -19.38
C ALA E 86 16.74 45.57 -18.02
N ALA E 87 15.96 45.71 -16.96
CA ALA E 87 16.47 45.45 -15.62
C ALA E 87 16.73 43.97 -15.43
N GLY E 88 17.98 43.60 -15.18
CA GLY E 88 18.32 42.22 -14.96
C GLY E 88 18.14 41.31 -16.15
N ALA E 89 18.57 41.75 -17.33
CA ALA E 89 18.45 40.97 -18.54
C ALA E 89 19.75 40.25 -18.86
N ASP E 90 19.61 39.02 -19.34
CA ASP E 90 20.75 38.20 -19.74
C ASP E 90 21.12 38.52 -21.19
N ASN E 91 21.94 37.67 -21.81
CA ASN E 91 22.45 37.94 -23.15
C ASN E 91 21.35 37.86 -24.19
N ILE E 92 20.83 39.01 -24.61
CA ILE E 92 19.81 39.05 -25.63
C ILE E 92 20.46 38.98 -27.01
N ASN E 93 20.04 38.02 -27.82
CA ASN E 93 20.52 37.90 -29.19
C ASN E 93 19.50 38.54 -30.11
N LEU E 94 19.94 39.52 -30.90
CA LEU E 94 19.04 40.26 -31.77
C LEU E 94 18.91 39.62 -33.15
N UNK E 95 19.62 38.52 -33.36
CA UNK E 95 19.52 37.81 -34.63
C UNK E 95 18.41 36.76 -34.55
N LYS E 96 18.06 36.38 -33.33
CA LYS E 96 16.94 35.46 -33.11
C LYS E 96 15.70 36.25 -32.74
N SER E 97 15.70 37.52 -33.09
CA SER E 97 14.61 38.43 -32.78
C SER E 97 13.91 38.87 -34.06
N THR E 98 12.59 39.05 -33.96
CA THR E 98 11.77 39.47 -35.08
C THR E 98 11.00 40.72 -34.70
N ILE E 99 11.09 41.73 -35.54
CA ILE E 99 10.33 42.97 -35.36
C ILE E 99 9.14 42.95 -36.29
N GLN E 100 7.95 43.10 -35.73
CA GLN E 100 6.73 43.14 -36.52
C GLN E 100 6.38 44.59 -36.83
N TRP E 101 6.23 44.88 -38.12
CA TRP E 101 6.01 46.25 -38.60
C TRP E 101 4.54 46.37 -38.99
N ILE E 102 3.87 47.38 -38.43
CA ILE E 102 2.52 47.73 -38.85
C ILE E 102 2.51 49.20 -39.23
N GLY E 103 2.52 49.48 -40.52
CA GLY E 103 2.61 50.83 -41.02
C GLY E 103 1.34 51.28 -41.71
N PRO E 104 1.38 52.48 -42.31
CA PRO E 104 0.21 52.97 -43.03
C PRO E 104 -0.20 52.09 -44.19
N ASP E 105 0.77 51.43 -44.84
CA ASP E 105 0.47 50.57 -45.97
C ASP E 105 0.56 49.10 -45.59
N UNK E 106 1.76 48.52 -45.71
CA UNK E 106 1.96 47.11 -45.44
C UNK E 106 1.96 46.80 -43.95
N ALA E 107 2.03 45.51 -43.63
CA ALA E 107 2.08 45.05 -42.24
C ALA E 107 2.70 43.66 -42.18
N THR E 108 4.02 43.60 -42.10
CA THR E 108 4.77 42.35 -42.16
C THR E 108 5.54 42.13 -40.87
N THR E 109 6.35 41.09 -40.86
CA THR E 109 7.21 40.74 -39.73
C THR E 109 8.65 40.64 -40.25
N LEU E 110 9.54 41.47 -39.72
CA LEU E 110 10.89 41.55 -40.22
C LEU E 110 11.78 40.51 -39.53
N THR E 111 12.97 40.31 -40.09
CA THR E 111 13.94 39.36 -39.56
C THR E 111 15.35 39.90 -39.85
N TYR E 112 16.34 39.39 -39.11
CA TYR E 112 17.71 39.87 -39.22
C TYR E 112 18.33 39.37 -40.52
N UNK E 113 18.91 40.31 -41.29
CA UNK E 113 19.57 39.97 -42.55
C UNK E 113 21.09 40.00 -42.42
N UNK E 114 21.72 40.90 -43.17
CA UNK E 114 23.17 41.07 -43.16
C UNK E 114 23.55 42.27 -44.01
N UNK E 115 22.99 43.43 -43.68
CA UNK E 115 23.22 44.66 -44.43
C UNK E 115 22.85 44.50 -45.91
N UNK E 120 17.39 47.53 -44.70
CA UNK E 120 17.90 46.47 -45.57
C UNK E 120 16.75 45.60 -46.09
N UNK E 121 16.28 45.92 -47.30
CA UNK E 121 15.17 45.19 -47.94
C UNK E 121 13.92 45.17 -47.06
N GLU E 122 13.35 43.98 -46.88
CA GLU E 122 12.21 43.79 -46.01
C GLU E 122 12.65 43.27 -44.65
N ASN E 123 13.96 43.23 -44.46
CA ASN E 123 14.60 42.75 -43.23
C ASN E 123 15.10 43.92 -42.41
N PHE E 124 15.75 43.60 -41.29
CA PHE E 124 16.38 44.60 -40.43
C PHE E 124 17.80 44.18 -40.10
N THR E 125 18.65 45.17 -39.84
CA THR E 125 20.07 44.93 -39.59
C THR E 125 20.49 45.65 -38.32
N THR E 126 21.37 45.03 -37.55
CA THR E 126 21.85 45.63 -36.31
C THR E 126 23.32 46.01 -36.39
N UNK E 127 23.59 47.31 -36.29
CA UNK E 127 24.97 47.80 -36.31
C UNK E 127 25.60 47.67 -34.92
N SER E 128 26.18 48.75 -34.42
CA SER E 128 26.77 48.77 -33.08
C SER E 128 27.07 50.20 -32.65
N ILE E 129 26.89 50.47 -31.36
CA ILE E 129 27.16 51.79 -30.80
C ILE E 129 28.20 51.68 -29.69
N LYS E 130 27.88 50.91 -28.65
CA LYS E 130 28.76 50.75 -27.50
C LYS E 130 28.78 49.28 -27.12
N GLY E 131 29.90 48.61 -27.41
CA GLY E 131 30.05 47.20 -27.07
C GLY E 131 30.81 46.41 -28.12
N UNK E 132 31.29 45.24 -27.70
CA UNK E 132 32.05 44.36 -28.60
C UNK E 132 31.13 43.71 -29.62
N UNK E 133 30.15 42.95 -29.13
CA UNK E 133 29.21 42.25 -30.01
C UNK E 133 28.31 43.23 -30.74
N UNK E 134 28.04 42.95 -32.01
CA UNK E 134 27.21 43.84 -32.82
C UNK E 134 25.84 43.22 -33.08
N UNK E 135 25.45 42.26 -32.25
CA UNK E 135 24.17 41.59 -32.40
C UNK E 135 23.65 41.05 -31.08
N VAL E 136 24.56 40.84 -30.14
CA VAL E 136 24.18 40.27 -28.84
C VAL E 136 24.48 41.26 -27.71
N LEU E 137 23.45 41.65 -26.98
CA LEU E 137 23.64 42.54 -25.83
C LEU E 137 24.20 41.75 -24.67
N VAL E 138 25.34 42.18 -24.15
CA VAL E 138 26.03 41.47 -23.08
C VAL E 138 25.97 42.25 -21.76
N ASP E 139 26.50 43.47 -21.74
CA ASP E 139 26.54 44.29 -20.54
C ASP E 139 25.37 45.27 -20.51
N GLN E 140 25.12 45.81 -19.32
CA GLN E 140 24.01 46.75 -19.16
C GLN E 140 24.25 48.03 -19.96
N SER E 141 25.52 48.35 -20.23
CA SER E 141 25.84 49.54 -21.00
C SER E 141 25.81 49.30 -22.51
N ASP E 142 25.52 48.07 -22.95
CA ASP E 142 25.53 47.77 -24.37
C ASP E 142 24.43 48.54 -25.10
N ARG E 143 24.77 49.06 -26.28
CA ARG E 143 23.83 49.78 -27.13
C ARG E 143 24.07 49.36 -28.57
N ILE E 144 23.03 48.84 -29.23
CA ILE E 144 23.11 48.40 -30.61
C ILE E 144 21.99 49.07 -31.40
N LYS E 145 22.33 49.52 -32.61
CA LYS E 145 21.43 50.27 -33.47
C LYS E 145 20.75 49.31 -34.44
N VAL E 146 19.42 49.34 -34.47
CA VAL E 146 18.64 48.48 -35.36
C VAL E 146 18.28 49.30 -36.60
N ILE E 147 18.60 48.77 -37.78
CA ILE E 147 18.43 49.49 -39.03
C ILE E 147 17.27 48.90 -39.81
N MET E 148 16.39 49.77 -40.29
CA MET E 148 15.23 49.36 -41.08
C MET E 148 15.06 50.32 -42.24
N TYR E 149 14.93 49.78 -43.45
CA TYR E 149 14.73 50.60 -44.65
C TYR E 149 13.22 50.80 -44.82
N ALA E 150 12.76 52.02 -44.59
CA ALA E 150 11.33 52.32 -44.64
C ALA E 150 10.78 52.14 -46.05
N UNK E 151 11.60 52.39 -47.06
CA UNK E 151 11.17 52.31 -48.45
C UNK E 151 10.93 50.87 -48.88
N UNK E 152 11.90 50.00 -48.62
CA UNK E 152 11.82 48.62 -49.07
C UNK E 152 11.01 47.74 -48.12
N VAL E 153 10.29 48.37 -47.20
CA VAL E 153 9.39 47.64 -46.31
C VAL E 153 7.95 47.98 -46.69
N UNK E 154 7.67 49.27 -46.81
CA UNK E 154 6.35 49.72 -47.23
C UNK E 154 6.53 50.81 -48.28
N UNK E 155 6.87 52.00 -47.82
CA UNK E 155 7.13 53.14 -48.71
C UNK E 155 7.84 54.23 -47.93
N UNK E 156 8.16 55.33 -48.62
CA UNK E 156 8.77 56.47 -47.96
C UNK E 156 7.80 57.07 -46.96
N LEU E 157 8.15 56.98 -45.68
CA LEU E 157 7.28 57.46 -44.60
C LEU E 157 6.98 58.94 -44.73
N UNK E 158 5.76 59.24 -45.17
CA UNK E 158 5.32 60.62 -45.30
C UNK E 158 5.12 61.24 -43.93
N UNK E 159 5.09 62.57 -43.88
CA UNK E 159 4.94 63.29 -42.62
C UNK E 159 3.59 62.99 -41.97
N GLY E 160 3.61 62.69 -40.68
CA GLY E 160 2.40 62.43 -39.93
C GLY E 160 2.05 60.96 -39.83
N UNK E 161 2.61 60.15 -40.73
CA UNK E 161 2.33 58.71 -40.74
C UNK E 161 2.85 58.04 -39.47
N GLU E 162 2.16 57.00 -39.03
CA GLU E 162 2.52 56.31 -37.80
C GLU E 162 2.88 54.84 -38.07
N VAL E 163 3.85 54.33 -37.33
CA VAL E 163 4.26 52.94 -37.40
C VAL E 163 4.21 52.35 -36.00
N GLN E 164 3.61 51.18 -35.88
CA GLN E 164 3.53 50.45 -34.61
C GLN E 164 4.48 49.27 -34.70
N LEU E 165 5.61 49.38 -34.01
CA LEU E 165 6.59 48.31 -33.97
C LEU E 165 6.49 47.54 -32.67
N THR E 166 6.74 46.23 -32.73
CA THR E 166 6.81 45.39 -31.54
C THR E 166 8.04 44.50 -31.65
N VAL E 167 9.17 45.01 -31.13
CA VAL E 167 10.39 44.22 -31.12
C VAL E 167 10.22 43.04 -30.18
N THR E 168 10.33 41.84 -30.72
CA THR E 168 10.07 40.62 -29.96
C THR E 168 11.36 39.85 -29.79
N THR E 169 11.84 39.76 -28.56
CA THR E 169 13.01 38.95 -28.27
C THR E 169 12.68 37.48 -28.51
N GLN E 170 13.70 36.64 -28.38
CA GLN E 170 13.52 35.23 -28.64
C GLN E 170 12.58 34.58 -27.62
N TYR E 171 12.82 34.87 -26.33
CA TYR E 171 12.13 34.13 -25.28
C TYR E 171 10.64 34.43 -25.26
N GLY E 172 10.23 35.57 -25.81
CA GLY E 172 8.83 35.91 -25.87
C GLY E 172 8.52 37.32 -25.43
N SER E 173 9.40 37.89 -24.62
CA SER E 173 9.21 39.26 -24.18
C SER E 173 9.22 40.21 -25.37
N LYS E 174 8.24 41.12 -25.40
CA LYS E 174 8.05 42.00 -26.54
C LYS E 174 7.91 43.44 -26.07
N THR E 175 8.53 44.36 -26.81
CA THR E 175 8.47 45.78 -26.52
C THR E 175 7.89 46.51 -27.72
N THR E 176 6.95 47.40 -27.46
CA THR E 176 6.25 48.13 -28.51
C THR E 176 6.61 49.60 -28.46
N TYR E 177 6.76 50.21 -29.63
CA TYR E 177 7.12 51.61 -29.76
C TYR E 177 6.32 52.22 -30.91
N TRP E 178 5.46 53.19 -30.58
CA TRP E 178 4.68 53.92 -31.59
C TRP E 178 5.58 54.98 -32.22
N ALA E 179 6.25 54.59 -33.30
CA ALA E 179 7.02 55.55 -34.07
C ALA E 179 6.08 56.52 -34.77
N GLN E 180 6.21 57.80 -34.43
CA GLN E 180 5.29 58.84 -34.90
C GLN E 180 6.11 59.91 -35.61
N VAL E 181 6.02 59.94 -36.93
CA VAL E 181 6.68 60.96 -37.75
C VAL E 181 6.06 62.31 -37.40
N PRO E 182 6.85 63.37 -37.23
CA PRO E 182 6.27 64.67 -36.88
C PRO E 182 5.38 65.21 -37.98
N GLU E 183 4.63 66.25 -37.64
CA GLU E 183 3.66 66.82 -38.57
C GLU E 183 4.32 67.37 -39.83
N SER E 184 5.43 68.09 -39.67
CA SER E 184 6.13 68.68 -40.80
C SER E 184 7.59 68.23 -40.81
N LEU E 185 8.11 68.01 -42.02
CA LEU E 185 9.49 67.58 -42.22
C LEU E 185 10.31 68.59 -42.99
N LYS E 186 9.86 69.85 -43.04
CA LYS E 186 10.55 70.87 -43.82
C LYS E 186 11.90 71.21 -43.19
N ASP E 187 12.95 71.15 -44.00
CA ASP E 187 14.30 71.58 -43.60
C ASP E 187 14.77 70.88 -42.33
N LYS E 188 14.63 69.55 -42.31
CA LYS E 188 15.11 68.71 -41.21
C LYS E 188 15.94 67.59 -41.84
N ASN E 189 17.26 67.70 -41.73
CA ASN E 189 18.15 66.69 -42.27
C ASN E 189 17.92 65.33 -41.61
N ALA E 190 17.77 65.33 -40.30
CA ALA E 190 17.43 64.12 -39.55
C ALA E 190 16.41 64.48 -38.48
N VAL E 191 15.54 63.53 -38.18
CA VAL E 191 14.46 63.78 -37.24
C VAL E 191 14.45 62.75 -36.12
N UNK E 192 13.81 63.10 -35.00
CA UNK E 192 13.71 62.21 -33.86
C UNK E 192 12.28 61.72 -33.66
N LEU E 193 11.86 60.79 -34.51
CA LEU E 193 10.50 60.24 -34.43
C LEU E 193 10.34 59.38 -33.19
N GLN F 13 4.57 -44.91 4.62
CA GLN F 13 4.56 -44.40 3.27
C GLN F 13 4.00 -42.98 3.23
N VAL F 14 3.75 -42.43 4.41
CA VAL F 14 3.16 -41.11 4.51
C VAL F 14 4.04 -40.02 3.91
N GLY F 15 5.37 -40.21 3.93
CA GLY F 15 6.24 -39.21 3.36
C GLY F 15 6.20 -39.20 1.83
N ILE F 16 5.75 -40.30 1.22
CA ILE F 16 5.70 -40.38 -0.24
C ILE F 16 4.73 -39.34 -0.79
N GLY F 17 3.56 -39.21 -0.15
CA GLY F 17 2.59 -38.22 -0.59
C GLY F 17 3.11 -36.81 -0.44
N THR F 18 3.94 -36.57 0.57
CA THR F 18 4.46 -35.22 0.83
C THR F 18 5.20 -34.68 -0.38
N LEU F 19 5.96 -35.54 -1.06
CA LEU F 19 6.74 -35.11 -2.21
C LEU F 19 5.84 -34.61 -3.34
N ILE F 20 4.74 -35.31 -3.59
CA ILE F 20 3.83 -34.91 -4.67
C ILE F 20 3.18 -33.57 -4.36
N VAL F 21 2.67 -33.42 -3.14
CA VAL F 21 2.04 -32.16 -2.74
C VAL F 21 3.07 -31.03 -2.76
N PHE F 22 4.33 -31.36 -2.51
CA PHE F 22 5.38 -30.35 -2.55
C PHE F 22 5.51 -29.73 -3.93
N ILE F 23 5.43 -30.56 -4.97
CA ILE F 23 5.54 -30.06 -6.35
C ILE F 23 4.41 -29.09 -6.66
N ALA F 24 3.21 -29.37 -6.15
CA ALA F 24 2.07 -28.49 -6.38
C ALA F 24 2.30 -27.14 -5.73
N MET F 25 2.80 -27.13 -4.49
CA MET F 25 2.93 -25.89 -3.74
C MET F 25 3.93 -24.94 -4.39
N VAL F 26 5.06 -25.44 -4.87
CA VAL F 26 6.02 -24.58 -5.55
C VAL F 26 5.44 -24.10 -6.87
N LEU F 27 4.69 -24.97 -7.56
CA LEU F 27 4.03 -24.56 -8.80
C LEU F 27 2.99 -23.47 -8.54
N VAL F 28 2.23 -23.61 -7.46
CA VAL F 28 1.20 -22.61 -7.13
C VAL F 28 1.85 -21.26 -6.86
N ALA F 29 2.97 -21.27 -6.13
CA ALA F 29 3.66 -20.02 -5.84
C ALA F 29 4.14 -19.32 -7.12
N ALA F 30 4.66 -20.09 -8.07
CA ALA F 30 5.10 -19.51 -9.33
C ALA F 30 3.94 -18.86 -10.08
N ILE F 31 2.78 -19.54 -10.08
CA ILE F 31 1.59 -18.96 -10.70
C ILE F 31 1.19 -17.68 -9.99
N ALA F 32 1.16 -17.72 -8.66
CA ALA F 32 0.82 -16.54 -7.87
C ALA F 32 1.87 -15.45 -8.04
N ALA F 33 3.15 -15.84 -8.07
CA ALA F 33 4.22 -14.85 -8.24
C ALA F 33 4.15 -14.19 -9.61
N GLY F 34 3.81 -14.97 -10.64
CA GLY F 34 3.81 -14.42 -11.99
C GLY F 34 2.80 -13.31 -12.18
N VAL F 35 1.57 -13.52 -11.70
CA VAL F 35 0.49 -12.58 -11.99
C VAL F 35 0.80 -11.21 -11.40
N LEU F 36 1.55 -11.17 -10.29
CA LEU F 36 1.93 -9.89 -9.71
C LEU F 36 2.94 -9.16 -10.59
N ILE F 37 3.91 -9.88 -11.13
CA ILE F 37 4.99 -9.24 -11.87
C ILE F 37 4.49 -8.69 -13.20
N ASN F 38 3.71 -9.49 -13.94
CA ASN F 38 3.20 -9.02 -15.22
C ASN F 38 2.20 -7.88 -15.03
N THR F 39 1.46 -7.90 -13.92
CA THR F 39 0.54 -6.80 -13.63
C THR F 39 1.31 -5.49 -13.44
N ALA F 40 2.39 -5.54 -12.66
CA ALA F 40 3.19 -4.34 -12.44
C ALA F 40 3.80 -3.84 -13.76
N GLY F 41 4.21 -4.77 -14.62
CA GLY F 41 4.75 -4.39 -15.91
C GLY F 41 3.75 -3.60 -16.73
N TYR F 42 2.49 -4.04 -16.73
CA TYR F 42 1.44 -3.26 -17.37
C TYR F 42 1.27 -1.92 -16.65
N LEU F 43 1.12 -1.95 -15.33
CA LEU F 43 0.87 -0.72 -14.58
C LEU F 43 2.05 0.24 -14.68
N GLN F 44 3.28 -0.28 -14.67
CA GLN F 44 4.43 0.60 -14.85
C GLN F 44 4.41 1.24 -16.23
N SER F 45 4.00 0.48 -17.26
CA SER F 45 3.93 1.04 -18.59
C SER F 45 2.82 2.05 -18.71
N LYS F 46 1.66 1.75 -18.12
CA LYS F 46 0.58 2.72 -18.07
C LYS F 46 0.97 3.93 -17.22
N GLY F 47 1.59 3.67 -16.06
CA GLY F 47 1.96 4.77 -15.17
C GLY F 47 3.06 5.63 -15.73
N SER F 48 4.11 5.02 -16.29
CA SER F 48 5.23 5.78 -16.83
C SER F 48 4.78 6.66 -17.99
N ALA F 49 3.98 6.09 -18.89
CA ALA F 49 3.48 6.88 -20.02
C ALA F 49 2.59 8.01 -19.54
N THR F 50 1.73 7.75 -18.56
CA THR F 50 0.72 8.70 -18.11
C THR F 50 1.33 10.03 -17.70
N GLY F 51 2.43 9.99 -16.97
CA GLY F 51 3.10 11.20 -16.55
C GLY F 51 3.55 12.08 -17.70
N GLU F 52 3.97 11.45 -18.80
CA GLU F 52 4.55 12.20 -19.90
C GLU F 52 3.51 13.08 -20.59
N GLU F 53 2.37 12.52 -20.99
CA GLU F 53 1.39 13.34 -21.68
C GLU F 53 0.68 14.28 -20.73
N ALA F 54 0.46 13.86 -19.47
CA ALA F 54 -0.13 14.76 -18.50
C ALA F 54 0.76 15.96 -18.22
N SER F 55 2.07 15.74 -18.10
CA SER F 55 3.00 16.87 -18.10
C SER F 55 2.99 17.58 -19.44
N ALA F 56 2.89 16.84 -20.54
CA ALA F 56 2.75 17.45 -21.85
C ALA F 56 1.44 18.21 -21.96
N GLN F 57 0.39 17.72 -21.32
CA GLN F 57 -0.88 18.42 -21.31
C GLN F 57 -0.74 19.79 -20.66
N VAL F 58 0.04 19.89 -19.60
CA VAL F 58 0.23 21.16 -18.91
C VAL F 58 1.30 22.02 -19.56
N SER F 59 2.37 21.41 -20.07
CA SER F 59 3.55 22.17 -20.48
C SER F 59 3.47 22.69 -21.91
N ASN F 60 3.36 21.79 -22.88
CA ASN F 60 3.37 22.24 -24.28
C ASN F 60 2.12 23.03 -24.60
N ARG F 61 2.30 24.34 -24.80
CA ARG F 61 1.21 25.28 -24.99
C ARG F 61 1.62 26.28 -26.05
N ILE F 62 0.65 26.93 -26.63
CA ILE F 62 0.90 27.91 -27.68
C ILE F 62 0.63 29.30 -27.15
N ASN F 63 1.59 30.20 -27.34
CA ASN F 63 1.44 31.60 -26.97
C ASN F 63 1.34 32.42 -28.23
N ILE F 64 0.28 33.22 -28.33
CA ILE F 64 0.00 34.00 -29.53
C ILE F 64 0.72 35.35 -29.39
N VAL F 65 1.68 35.59 -30.29
CA VAL F 65 2.47 36.82 -30.21
C VAL F 65 1.63 38.03 -30.56
N SER F 66 0.91 37.97 -31.68
CA SER F 66 0.15 39.11 -32.16
C SER F 66 -0.88 38.64 -33.17
N ALA F 67 -1.78 39.56 -33.53
CA ALA F 67 -2.83 39.27 -34.50
C ALA F 67 -3.01 40.47 -35.41
N TYR F 68 -2.93 40.25 -36.72
CA TYR F 68 -3.14 41.30 -37.70
C TYR F 68 -4.00 40.74 -38.82
N GLY F 69 -4.56 41.65 -39.63
CA GLY F 69 -5.43 41.24 -40.72
C GLY F 69 -5.52 42.24 -41.84
N ASN F 70 -5.57 41.76 -43.08
CA ASN F 70 -5.72 42.63 -44.23
C ASN F 70 -7.09 43.28 -44.22
N VAL F 71 -7.17 44.49 -44.75
CA VAL F 71 -8.43 45.22 -44.85
C VAL F 71 -8.70 45.62 -46.29
N UNK F 72 -9.65 44.95 -46.92
CA UNK F 72 -10.07 45.30 -48.26
C UNK F 72 -11.42 46.02 -48.21
N UNK F 73 -11.64 46.94 -49.13
CA UNK F 73 -12.84 47.76 -49.17
C UNK F 73 -13.03 48.49 -47.84
N UNK F 74 -13.61 47.81 -46.86
CA UNK F 74 -13.83 48.39 -45.55
C UNK F 74 -14.10 47.31 -44.50
N UNK F 75 -13.83 46.06 -44.87
CA UNK F 75 -14.06 44.94 -43.97
C UNK F 75 -12.86 44.02 -43.92
N VAL F 76 -12.55 43.52 -42.73
CA VAL F 76 -11.42 42.61 -42.53
C VAL F 76 -11.71 41.28 -43.22
N ASP F 77 -10.84 40.89 -44.14
CA ASP F 77 -11.01 39.65 -44.90
C ASP F 77 -9.92 38.61 -44.63
N TYR F 78 -9.09 38.83 -43.61
CA TYR F 78 -8.10 37.84 -43.19
C TYR F 78 -7.79 38.09 -41.72
N VAL F 79 -7.53 37.01 -40.99
CA VAL F 79 -7.14 37.09 -39.58
C VAL F 79 -5.93 36.18 -39.39
N ASN F 80 -4.75 36.77 -39.33
CA ASN F 80 -3.49 36.03 -39.26
C ASN F 80 -2.96 36.07 -37.84
N LEU F 81 -2.51 34.92 -37.34
CA LEU F 81 -1.97 34.77 -36.00
C LEU F 81 -0.51 34.36 -36.08
N THR F 82 0.33 34.98 -35.26
CA THR F 82 1.72 34.58 -35.11
C THR F 82 1.88 33.88 -33.76
N VAL F 83 2.32 32.63 -33.80
CA VAL F 83 2.35 31.80 -32.60
C VAL F 83 3.79 31.42 -32.27
N ARG F 84 3.99 31.04 -31.01
CA ARG F 84 5.30 30.65 -30.51
C ARG F 84 5.12 29.62 -29.41
N GLN F 85 6.18 28.87 -29.14
CA GLN F 85 6.17 27.92 -28.05
C GLN F 85 6.04 28.64 -26.71
N ALA F 86 5.38 27.97 -25.75
CA ALA F 86 5.22 28.52 -24.42
C ALA F 86 6.49 28.28 -23.61
N ALA F 87 6.42 28.51 -22.31
CA ALA F 87 7.58 28.33 -21.45
C ALA F 87 7.93 26.85 -21.33
N GLY F 88 9.09 26.48 -21.86
CA GLY F 88 9.58 25.12 -21.76
C GLY F 88 8.70 24.09 -22.45
N ALA F 89 8.29 24.37 -23.68
CA ALA F 89 7.48 23.45 -24.47
C ALA F 89 8.36 22.57 -25.34
N ASP F 90 7.74 21.53 -25.90
CA ASP F 90 8.39 20.62 -26.82
C ASP F 90 7.79 20.84 -28.21
N ASN F 91 8.17 19.99 -29.17
CA ASN F 91 7.70 20.12 -30.54
C ASN F 91 6.18 20.20 -30.61
N ILE F 92 5.67 21.18 -31.34
CA ILE F 92 4.24 21.42 -31.47
C ILE F 92 3.89 21.29 -32.94
N ASN F 93 3.02 20.34 -33.28
CA ASN F 93 2.60 20.15 -34.67
C ASN F 93 1.31 20.92 -34.91
N LEU F 94 1.38 21.92 -35.78
CA LEU F 94 0.23 22.77 -36.04
C LEU F 94 -0.75 22.12 -37.01
N UNK F 95 -0.41 20.94 -37.50
CA UNK F 95 -1.29 20.20 -38.40
C UNK F 95 -2.25 19.34 -37.58
N LYS F 96 -1.80 18.92 -36.41
CA LYS F 96 -2.62 18.12 -35.51
C LYS F 96 -3.36 19.00 -34.53
N SER F 97 -3.31 20.31 -34.75
CA SER F 97 -3.96 21.28 -33.90
C SER F 97 -5.25 21.75 -34.53
N THR F 98 -6.14 22.29 -33.69
CA THR F 98 -7.43 22.79 -34.16
C THR F 98 -7.72 24.12 -33.49
N ILE F 99 -8.42 24.99 -34.21
CA ILE F 99 -8.77 26.32 -33.71
C ILE F 99 -10.29 26.45 -33.71
N GLN F 100 -10.83 26.85 -32.57
CA GLN F 100 -12.27 27.05 -32.44
C GLN F 100 -12.61 28.52 -32.69
N TRP F 101 -13.53 28.75 -33.62
CA TRP F 101 -13.93 30.09 -34.03
C TRP F 101 -15.36 30.31 -33.57
N ILE F 102 -15.53 31.02 -32.46
CA ILE F 102 -16.85 31.47 -32.04
C ILE F 102 -16.97 32.94 -32.42
N GLY F 103 -17.51 33.20 -33.61
CA GLY F 103 -17.61 34.55 -34.12
C GLY F 103 -19.00 35.12 -33.94
N PRO F 104 -19.21 36.34 -34.45
CA PRO F 104 -20.55 36.93 -34.37
C PRO F 104 -21.61 36.12 -35.11
N ASP F 105 -21.24 35.42 -36.17
CA ASP F 105 -22.19 34.63 -36.94
C ASP F 105 -22.02 33.14 -36.65
N UNK F 106 -21.16 32.49 -37.42
CA UNK F 106 -20.95 31.05 -37.28
C UNK F 106 -20.18 30.70 -36.01
N ALA F 107 -20.01 29.40 -35.78
CA ALA F 107 -19.28 28.93 -34.60
C ALA F 107 -18.72 27.54 -34.86
N THR F 108 -17.85 27.43 -35.86
CA THR F 108 -17.29 26.16 -36.24
C THR F 108 -15.92 25.94 -35.58
N THR F 109 -15.35 24.77 -35.83
CA THR F 109 -14.04 24.39 -35.31
C THR F 109 -13.14 24.12 -36.51
N LEU F 110 -12.14 24.99 -36.71
CA LEU F 110 -11.29 24.90 -37.89
C LEU F 110 -10.23 23.83 -37.70
N THR F 111 -9.80 23.23 -38.82
CA THR F 111 -8.75 22.23 -38.83
C THR F 111 -7.69 22.63 -39.85
N TYR F 112 -6.62 21.84 -39.91
CA TYR F 112 -5.50 22.14 -40.79
C TYR F 112 -5.84 21.91 -42.26
N UNK F 113 -5.11 22.59 -43.13
CA UNK F 113 -5.25 22.41 -44.58
C UNK F 113 -3.88 22.35 -45.25
N UNK F 114 -3.82 21.72 -46.41
CA UNK F 114 -2.57 21.62 -47.16
C UNK F 114 -2.44 22.83 -48.10
N UNK F 115 -2.55 24.02 -47.51
CA UNK F 115 -2.44 25.29 -48.24
C UNK F 115 -3.56 25.50 -49.25
N UNK F 116 -3.84 26.77 -49.53
CA UNK F 116 -4.88 27.14 -50.49
C UNK F 116 -4.73 28.60 -50.91
N UNK F 117 -5.67 29.43 -50.50
CA UNK F 117 -5.63 30.85 -50.83
C UNK F 117 -4.61 31.58 -49.97
N UNK F 120 -8.16 29.87 -45.69
CA UNK F 120 -8.31 28.76 -46.62
C UNK F 120 -9.66 28.07 -46.44
N UNK F 121 -10.69 28.60 -47.10
CA UNK F 121 -12.03 28.04 -47.06
C UNK F 121 -12.61 27.93 -45.65
N GLU F 122 -12.51 26.74 -45.07
CA GLU F 122 -13.14 26.46 -43.78
C GLU F 122 -11.98 26.14 -42.83
N ASN F 123 -10.85 25.77 -43.41
CA ASN F 123 -9.69 25.32 -42.66
C ASN F 123 -8.71 26.48 -42.52
N PHE F 124 -7.56 26.19 -41.91
CA PHE F 124 -6.52 27.19 -41.70
C PHE F 124 -5.20 26.69 -42.25
N THR F 125 -4.34 27.62 -42.64
CA THR F 125 -3.04 27.32 -43.22
C THR F 125 -1.94 27.92 -42.35
N THR F 126 -0.78 27.27 -42.32
CA THR F 126 0.34 27.76 -41.54
C THR F 126 1.55 28.07 -42.40
N UNK F 127 1.75 29.34 -42.74
CA UNK F 127 2.93 29.76 -43.48
C UNK F 127 4.04 30.12 -42.48
N SER F 128 5.28 29.85 -42.85
CA SER F 128 6.40 30.07 -41.95
C SER F 128 6.84 31.53 -41.93
N ILE F 129 7.29 31.99 -40.76
CA ILE F 129 7.81 33.34 -40.59
C ILE F 129 9.28 33.25 -40.25
N LYS F 130 9.62 32.43 -39.27
CA LYS F 130 11.00 32.21 -38.85
C LYS F 130 11.15 30.75 -38.46
N GLY F 131 12.00 30.01 -39.16
CA GLY F 131 12.22 28.61 -38.86
C GLY F 131 12.38 27.74 -40.09
N UNK F 132 12.71 26.47 -39.87
CA UNK F 132 12.91 25.53 -40.98
C UNK F 132 11.62 24.80 -41.33
N UNK F 133 10.81 24.50 -40.32
CA UNK F 133 9.55 23.82 -40.54
C UNK F 133 8.39 24.82 -40.62
N UNK F 134 7.41 24.53 -41.46
CA UNK F 134 6.29 25.44 -41.66
C UNK F 134 5.03 24.97 -40.94
N UNK F 135 5.15 23.88 -40.20
CA UNK F 135 4.00 23.31 -39.50
C UNK F 135 4.37 22.84 -38.09
N VAL F 136 5.65 22.84 -37.78
CA VAL F 136 6.13 22.38 -36.48
C VAL F 136 6.97 23.46 -35.81
N LEU F 137 6.78 23.62 -34.49
CA LEU F 137 7.60 24.54 -33.70
C LEU F 137 8.65 23.72 -32.96
N VAL F 138 9.87 23.67 -33.51
CA VAL F 138 10.91 22.79 -32.98
C VAL F 138 11.85 23.48 -32.00
N ASP F 139 12.15 24.76 -32.17
CA ASP F 139 12.94 25.53 -31.22
C ASP F 139 12.05 26.58 -30.59
N GLN F 140 12.56 27.22 -29.53
CA GLN F 140 11.78 28.25 -28.88
C GLN F 140 11.74 29.53 -29.72
N SER F 141 12.58 29.63 -30.75
CA SER F 141 12.74 30.85 -31.51
C SER F 141 12.00 30.84 -32.84
N ASP F 142 11.20 29.81 -33.13
CA ASP F 142 10.43 29.78 -34.37
C ASP F 142 9.09 30.47 -34.21
N ARG F 143 8.69 31.21 -35.24
CA ARG F 143 7.40 31.86 -35.31
C ARG F 143 6.72 31.41 -36.59
N ILE F 144 5.51 30.88 -36.47
CA ILE F 144 4.74 30.40 -37.61
C ILE F 144 3.40 31.14 -37.65
N LYS F 145 3.04 31.59 -38.85
CA LYS F 145 1.85 32.40 -39.04
C LYS F 145 0.66 31.49 -39.34
N VAL F 146 -0.37 31.56 -38.51
CA VAL F 146 -1.60 30.81 -38.71
C VAL F 146 -2.52 31.65 -39.59
N ILE F 147 -2.92 31.11 -40.73
CA ILE F 147 -3.67 31.86 -41.73
C ILE F 147 -5.12 31.43 -41.68
N MET F 148 -6.02 32.40 -41.61
CA MET F 148 -7.46 32.15 -41.56
C MET F 148 -8.18 33.10 -42.49
N TYR F 149 -9.13 32.58 -43.26
CA TYR F 149 -9.92 33.38 -44.17
C TYR F 149 -11.19 33.82 -43.44
N ALA F 150 -11.42 35.13 -43.41
CA ALA F 150 -12.59 35.69 -42.73
C ALA F 150 -13.85 35.41 -43.53
N UNK F 151 -13.90 35.97 -44.74
CA UNK F 151 -15.06 35.80 -45.61
C UNK F 151 -15.06 34.43 -46.28
N UNK F 152 -15.03 33.38 -45.45
CA UNK F 152 -15.04 32.01 -45.95
C UNK F 152 -15.44 31.05 -44.84
N VAL F 153 -15.24 31.49 -43.60
CA VAL F 153 -15.71 30.74 -42.45
C VAL F 153 -16.98 31.41 -41.94
N UNK F 154 -17.16 32.66 -42.35
CA UNK F 154 -18.34 33.44 -42.00
C UNK F 154 -18.38 34.68 -42.88
N UNK F 155 -19.17 35.67 -42.47
CA UNK F 155 -19.19 36.95 -43.18
C UNK F 155 -17.92 37.72 -42.85
N UNK F 156 -17.56 38.68 -43.70
CA UNK F 156 -16.36 39.48 -43.48
C UNK F 156 -16.50 40.27 -42.18
N LEU F 157 -15.42 40.31 -41.40
CA LEU F 157 -15.42 40.97 -40.10
C LEU F 157 -15.77 42.45 -40.23
N UNK F 158 -16.72 42.90 -39.42
CA UNK F 158 -17.20 44.28 -39.50
C UNK F 158 -16.36 45.20 -38.63
N UNK F 159 -16.88 46.40 -38.39
CA UNK F 159 -16.17 47.41 -37.60
C UNK F 159 -16.58 47.35 -36.14
N GLY F 160 -16.15 46.30 -35.44
CA GLY F 160 -16.45 46.15 -34.03
C GLY F 160 -16.70 44.73 -33.59
N UNK F 161 -16.80 43.83 -34.56
CA UNK F 161 -17.02 42.41 -34.26
C UNK F 161 -15.81 41.81 -33.55
N GLU F 162 -16.04 40.72 -32.83
CA GLU F 162 -14.96 40.06 -32.11
C GLU F 162 -15.08 38.54 -32.21
N VAL F 163 -13.94 37.86 -32.17
CA VAL F 163 -13.89 36.41 -32.33
C VAL F 163 -13.19 35.81 -31.11
N GLN F 164 -13.78 34.77 -30.53
CA GLN F 164 -13.22 34.10 -29.37
C GLN F 164 -12.47 32.85 -29.83
N LEU F 165 -11.33 33.09 -30.47
CA LEU F 165 -10.49 31.99 -30.90
C LEU F 165 -9.86 31.28 -29.71
N THR F 166 -9.84 29.94 -29.75
CA THR F 166 -9.19 29.11 -28.74
C THR F 166 -8.33 28.08 -29.46
N VAL F 167 -7.07 28.44 -29.74
CA VAL F 167 -6.15 27.50 -30.35
C VAL F 167 -5.88 26.35 -29.40
N THR F 168 -5.94 25.12 -29.92
CA THR F 168 -5.76 23.92 -29.10
C THR F 168 -4.79 22.99 -29.79
N THR F 169 -3.72 22.63 -29.10
CA THR F 169 -2.78 21.66 -29.64
C THR F 169 -3.31 20.26 -29.47
N GLN F 170 -2.52 19.28 -29.94
CA GLN F 170 -2.97 17.90 -29.91
C GLN F 170 -3.07 17.36 -28.49
N TYR F 171 -2.18 17.82 -27.61
CA TYR F 171 -2.13 17.27 -26.26
C TYR F 171 -3.29 17.74 -25.41
N GLY F 172 -3.79 18.95 -25.64
CA GLY F 172 -4.94 19.42 -24.90
C GLY F 172 -4.85 20.86 -24.44
N SER F 173 -3.67 21.46 -24.53
CA SER F 173 -3.49 22.84 -24.09
C SER F 173 -4.31 23.78 -24.97
N LYS F 174 -4.96 24.76 -24.34
CA LYS F 174 -5.81 25.70 -25.04
C LYS F 174 -5.38 27.12 -24.73
N THR F 175 -5.32 27.95 -25.77
CA THR F 175 -4.98 29.35 -25.64
C THR F 175 -6.08 30.19 -26.31
N THR F 176 -6.65 31.12 -25.56
CA THR F 176 -7.78 31.91 -26.03
C THR F 176 -7.31 33.33 -26.34
N TYR F 177 -7.70 33.83 -27.50
CA TYR F 177 -7.36 35.19 -27.93
C TYR F 177 -8.63 35.84 -28.49
N TRP F 178 -9.08 36.91 -27.84
CA TRP F 178 -10.28 37.63 -28.26
C TRP F 178 -9.88 38.71 -29.26
N ALA F 179 -9.80 38.32 -30.54
CA ALA F 179 -9.50 39.29 -31.58
C ALA F 179 -10.65 40.28 -31.72
N GLN F 180 -10.34 41.56 -31.54
CA GLN F 180 -11.34 42.62 -31.57
C GLN F 180 -10.96 43.60 -32.68
N VAL F 181 -11.79 43.66 -33.72
CA VAL F 181 -11.53 44.60 -34.82
C VAL F 181 -11.62 46.02 -34.29
N PRO F 182 -10.79 46.95 -34.75
CA PRO F 182 -10.93 48.35 -34.33
C PRO F 182 -12.30 48.88 -34.68
N GLU F 183 -12.82 49.77 -33.81
CA GLU F 183 -14.15 50.32 -33.99
C GLU F 183 -14.30 51.00 -35.35
N SER F 184 -13.23 51.62 -35.84
CA SER F 184 -13.22 52.26 -37.16
C SER F 184 -12.02 51.75 -37.94
N LEU F 185 -12.23 51.45 -39.22
CA LEU F 185 -11.16 51.09 -40.14
C LEU F 185 -11.05 52.09 -41.29
N LYS F 186 -11.29 53.36 -41.00
CA LYS F 186 -11.24 54.39 -42.03
C LYS F 186 -9.81 54.58 -42.53
N ASP F 187 -9.58 54.19 -43.77
CA ASP F 187 -8.28 54.31 -44.43
C ASP F 187 -7.19 53.62 -43.62
N LYS F 188 -7.36 52.31 -43.48
CA LYS F 188 -6.37 51.44 -42.84
C LYS F 188 -6.19 50.21 -43.73
N ASN F 189 -5.02 50.11 -44.38
CA ASN F 189 -4.77 48.95 -45.24
C ASN F 189 -4.73 47.67 -44.41
N ALA F 190 -4.10 47.72 -43.24
CA ALA F 190 -4.05 46.60 -42.33
C ALA F 190 -4.19 47.10 -40.90
N VAL F 191 -4.75 46.26 -40.04
CA VAL F 191 -4.97 46.65 -38.65
C VAL F 191 -4.29 45.68 -37.69
N UNK F 192 -4.58 45.85 -36.40
CA UNK F 192 -4.03 44.96 -35.38
C UNK F 192 -5.11 44.58 -34.38
N LEU F 193 -5.83 43.51 -34.69
CA LEU F 193 -6.93 43.04 -33.86
C LEU F 193 -6.42 42.59 -32.48
N GLN G 13 2.45 -6.68 -3.27
CA GLN G 13 1.05 -6.26 -3.30
C GLN G 13 0.90 -4.79 -2.93
N VAL G 14 1.72 -4.34 -1.98
CA VAL G 14 1.67 -2.95 -1.57
C VAL G 14 2.14 -2.04 -2.69
N GLY G 15 3.12 -2.50 -3.48
CA GLY G 15 3.58 -1.72 -4.61
C GLY G 15 2.57 -1.68 -5.73
N ILE G 16 1.67 -2.65 -5.78
CA ILE G 16 0.62 -2.66 -6.79
C ILE G 16 -0.29 -1.45 -6.61
N GLY G 17 -0.67 -1.18 -5.36
CA GLY G 17 -1.56 -0.08 -5.07
C GLY G 17 -1.01 1.29 -5.40
N THR G 18 0.26 1.54 -5.06
CA THR G 18 0.82 2.87 -5.27
C THR G 18 0.95 3.20 -6.75
N LEU G 19 0.93 2.18 -7.61
CA LEU G 19 0.98 2.43 -9.04
C LEU G 19 -0.30 3.08 -9.54
N ILE G 20 -1.46 2.53 -9.14
CA ILE G 20 -2.74 3.09 -9.58
C ILE G 20 -2.95 4.47 -8.98
N VAL G 21 -2.61 4.63 -7.70
CA VAL G 21 -2.80 5.92 -7.03
C VAL G 21 -1.92 6.99 -7.67
N PHE G 22 -0.73 6.60 -8.12
CA PHE G 22 0.15 7.54 -8.79
C PHE G 22 -0.51 8.14 -10.04
N ILE G 23 -1.22 7.31 -10.79
CA ILE G 23 -1.93 7.80 -11.97
C ILE G 23 -2.98 8.84 -11.57
N ALA G 24 -3.63 8.62 -10.42
CA ALA G 24 -4.66 9.56 -9.99
C ALA G 24 -4.08 10.94 -9.70
N MET G 25 -3.01 10.99 -8.91
CA MET G 25 -2.43 12.28 -8.53
C MET G 25 -1.83 12.99 -9.74
N VAL G 26 -1.30 12.23 -10.69
CA VAL G 26 -0.78 12.83 -11.93
C VAL G 26 -1.92 13.50 -12.70
N LEU G 27 -3.06 12.81 -12.80
CA LEU G 27 -4.21 13.40 -13.47
C LEU G 27 -4.81 14.55 -12.68
N VAL G 28 -4.86 14.40 -11.35
CA VAL G 28 -5.47 15.43 -10.51
C VAL G 28 -4.71 16.74 -10.65
N ALA G 29 -3.39 16.70 -10.63
CA ALA G 29 -2.59 17.91 -10.78
C ALA G 29 -2.84 18.56 -12.14
N ALA G 30 -2.93 17.74 -13.20
CA ALA G 30 -3.20 18.28 -14.52
C ALA G 30 -4.55 18.97 -14.57
N ILE G 31 -5.54 18.45 -13.84
CA ILE G 31 -6.83 19.12 -13.73
C ILE G 31 -6.68 20.45 -13.01
N ALA G 32 -5.95 20.45 -11.90
CA ALA G 32 -5.74 21.68 -11.15
C ALA G 32 -4.86 22.65 -11.92
N ALA G 33 -3.87 22.14 -12.64
CA ALA G 33 -3.02 23.01 -13.45
C ALA G 33 -3.81 23.63 -14.59
N GLY G 34 -4.74 22.87 -15.15
CA GLY G 34 -5.55 23.35 -16.26
C GLY G 34 -6.43 24.54 -15.92
N VAL G 35 -7.09 24.50 -14.76
CA VAL G 35 -8.06 25.54 -14.42
C VAL G 35 -7.36 26.88 -14.20
N LEU G 36 -6.19 26.85 -13.56
CA LEU G 36 -5.45 28.09 -13.31
C LEU G 36 -5.04 28.75 -14.62
N ILE G 37 -4.48 27.98 -15.55
CA ILE G 37 -3.97 28.55 -16.79
C ILE G 37 -5.10 29.14 -17.62
N ASN G 38 -6.21 28.40 -17.75
CA ASN G 38 -7.34 28.90 -18.51
C ASN G 38 -7.97 30.13 -17.84
N THR G 39 -8.04 30.14 -16.51
CA THR G 39 -8.59 31.28 -15.80
C THR G 39 -7.73 32.52 -16.02
N ALA G 40 -6.41 32.36 -15.99
CA ALA G 40 -5.52 33.47 -16.28
C ALA G 40 -5.70 33.96 -17.71
N GLY G 41 -5.90 33.03 -18.65
CA GLY G 41 -6.11 33.42 -20.03
C GLY G 41 -7.36 34.27 -20.21
N TYR G 42 -8.42 33.95 -19.46
CA TYR G 42 -9.63 34.76 -19.51
C TYR G 42 -9.36 36.15 -18.94
N LEU G 43 -8.73 36.22 -17.77
CA LEU G 43 -8.47 37.51 -17.14
C LEU G 43 -7.51 38.34 -17.96
N GLN G 44 -6.52 37.70 -18.59
CA GLN G 44 -5.56 38.43 -19.42
C GLN G 44 -6.25 39.14 -20.57
N SER G 45 -7.19 38.45 -21.22
CA SER G 45 -7.94 39.07 -22.30
C SER G 45 -8.94 40.09 -21.75
N LYS G 46 -9.58 39.78 -20.63
CA LYS G 46 -10.46 40.77 -19.99
C LYS G 46 -9.68 41.97 -19.48
N GLY G 47 -8.51 41.72 -18.89
CA GLY G 47 -7.71 42.83 -18.40
C GLY G 47 -7.17 43.71 -19.52
N SER G 48 -6.78 43.08 -20.63
CA SER G 48 -6.26 43.84 -21.77
C SER G 48 -7.34 44.76 -22.33
N ALA G 49 -8.51 44.21 -22.63
CA ALA G 49 -9.59 45.02 -23.21
C ALA G 49 -9.95 46.17 -22.29
N THR G 50 -9.82 45.97 -20.98
CA THR G 50 -10.02 47.07 -20.03
C THR G 50 -8.96 48.15 -20.22
N GLY G 51 -7.72 47.75 -20.52
CA GLY G 51 -6.65 48.72 -20.63
C GLY G 51 -6.84 49.68 -21.80
N GLU G 52 -7.17 49.14 -22.98
CA GLU G 52 -7.35 49.99 -24.15
C GLU G 52 -8.60 50.85 -24.04
N GLU G 53 -9.70 50.26 -23.57
CA GLU G 53 -10.96 51.01 -23.53
C GLU G 53 -10.93 52.11 -22.48
N ALA G 54 -10.40 51.81 -21.29
CA ALA G 54 -10.29 52.84 -20.27
C ALA G 54 -9.33 53.95 -20.69
N SER G 55 -8.23 53.58 -21.34
CA SER G 55 -7.33 54.58 -21.89
C SER G 55 -8.01 55.41 -22.97
N ALA G 56 -8.78 54.75 -23.84
CA ALA G 56 -9.49 55.46 -24.90
C ALA G 56 -10.59 56.35 -24.31
N GLN G 57 -11.12 56.00 -23.14
CA GLN G 57 -12.15 56.82 -22.53
C GLN G 57 -11.63 58.22 -22.20
N VAL G 58 -10.42 58.31 -21.68
CA VAL G 58 -9.86 59.60 -21.31
C VAL G 58 -9.22 60.30 -22.50
N SER G 59 -8.55 59.54 -23.37
CA SER G 59 -7.80 60.14 -24.46
C SER G 59 -8.72 60.58 -25.60
N ASN G 60 -9.51 59.65 -26.14
CA ASN G 60 -10.37 59.96 -27.28
C ASN G 60 -11.44 60.97 -26.87
N ARG G 61 -11.29 62.21 -27.33
CA ARG G 61 -12.16 63.29 -26.92
C ARG G 61 -12.32 64.27 -28.07
N ILE G 62 -13.47 64.93 -28.09
CA ILE G 62 -13.83 65.87 -29.15
C ILE G 62 -13.73 67.29 -28.59
N ASN G 63 -13.14 68.18 -29.37
CA ASN G 63 -12.94 69.56 -28.97
C ASN G 63 -13.64 70.49 -29.94
N ILE G 64 -14.37 71.47 -29.41
CA ILE G 64 -15.15 72.40 -30.23
C ILE G 64 -14.27 73.61 -30.54
N VAL G 65 -13.95 73.79 -31.82
CA VAL G 65 -13.14 74.93 -32.22
C VAL G 65 -13.94 76.22 -32.11
N SER G 66 -15.15 76.23 -32.66
CA SER G 66 -15.97 77.45 -32.70
C SER G 66 -17.43 77.06 -32.89
N ALA G 67 -18.29 78.05 -32.66
CA ALA G 67 -19.74 77.86 -32.79
C ALA G 67 -20.34 79.12 -33.39
N TYR G 68 -21.05 78.98 -34.50
CA TYR G 68 -21.71 80.09 -35.16
C TYR G 68 -23.09 79.64 -35.66
N GLY G 69 -23.96 80.61 -35.90
CA GLY G 69 -25.31 80.32 -36.34
C GLY G 69 -25.89 81.34 -37.28
N ASN G 70 -26.63 80.87 -38.28
CA ASN G 70 -27.25 81.77 -39.25
C ASN G 70 -28.47 82.45 -38.63
N VAL G 71 -28.76 83.66 -39.10
CA VAL G 71 -29.85 84.46 -38.56
C VAL G 71 -31.03 84.58 -39.53
N UNK G 72 -32.24 84.39 -39.01
CA UNK G 72 -33.46 84.64 -39.76
C UNK G 72 -34.35 85.60 -38.99
N UNK G 73 -34.76 86.68 -39.64
CA UNK G 73 -35.58 87.72 -39.03
C UNK G 73 -34.92 88.28 -37.77
N UNK G 74 -35.20 87.68 -36.63
CA UNK G 74 -34.63 88.10 -35.36
C UNK G 74 -34.42 86.91 -34.43
N UNK G 75 -34.15 85.75 -35.02
CA UNK G 75 -33.92 84.54 -34.25
C UNK G 75 -32.93 83.62 -34.96
N VAL G 76 -32.36 82.69 -34.21
CA VAL G 76 -31.38 81.76 -34.76
C VAL G 76 -32.05 80.43 -35.11
N ASP G 77 -32.01 80.07 -36.40
CA ASP G 77 -32.62 78.84 -36.87
C ASP G 77 -31.64 77.67 -36.83
N TYR G 78 -30.39 77.91 -37.18
CA TYR G 78 -29.37 76.87 -37.22
C TYR G 78 -28.26 77.18 -36.23
N VAL G 79 -27.86 76.17 -35.46
CA VAL G 79 -26.66 76.23 -34.63
C VAL G 79 -25.65 75.28 -35.25
N ASN G 80 -24.42 75.76 -35.45
CA ASN G 80 -23.37 75.00 -36.11
C ASN G 80 -22.14 74.94 -35.21
N LEU G 81 -21.58 73.74 -35.07
CA LEU G 81 -20.42 73.50 -34.24
C LEU G 81 -19.29 72.98 -35.10
N THR G 82 -18.12 73.61 -35.00
CA THR G 82 -16.92 73.10 -35.66
C THR G 82 -16.06 72.36 -34.65
N VAL G 83 -15.74 71.11 -34.94
CA VAL G 83 -15.12 70.23 -33.95
C VAL G 83 -13.81 69.68 -34.49
N ARG G 84 -12.97 69.24 -33.56
CA ARG G 84 -11.67 68.67 -33.88
C ARG G 84 -11.27 67.69 -32.78
N GLN G 85 -10.27 66.86 -33.08
CA GLN G 85 -9.78 65.90 -32.11
C GLN G 85 -9.11 66.60 -30.94
N ALA G 86 -9.03 65.91 -29.81
CA ALA G 86 -8.31 66.39 -28.65
C ALA G 86 -6.84 66.03 -28.78
N ALA G 87 -6.08 66.21 -27.71
CA ALA G 87 -4.65 65.91 -27.75
C ALA G 87 -4.42 64.41 -27.78
N GLY G 88 -3.80 63.94 -28.86
CA GLY G 88 -3.44 62.54 -29.00
C GLY G 88 -4.63 61.60 -28.98
N ALA G 89 -5.68 61.93 -29.72
CA ALA G 89 -6.88 61.11 -29.78
C ALA G 89 -6.84 60.24 -31.04
N ASP G 90 -7.47 59.07 -30.97
CA ASP G 90 -7.58 58.21 -32.12
C ASP G 90 -8.77 58.65 -32.99
N ASN G 91 -9.14 57.78 -33.94
CA ASN G 91 -10.26 58.07 -34.82
C ASN G 91 -11.55 58.27 -34.04
N ILE G 92 -12.27 59.33 -34.36
CA ILE G 92 -13.50 59.70 -33.66
C ILE G 92 -14.63 59.66 -34.67
N ASN G 93 -15.49 58.64 -34.57
CA ASN G 93 -16.65 58.53 -35.43
C ASN G 93 -17.77 59.41 -34.87
N LEU G 94 -18.14 60.44 -35.60
CA LEU G 94 -19.17 61.36 -35.16
C LEU G 94 -20.57 60.85 -35.46
N UNK G 95 -20.68 59.56 -35.78
CA UNK G 95 -21.96 58.95 -36.05
C UNK G 95 -22.41 58.13 -34.85
N LYS G 96 -21.45 57.61 -34.10
CA LYS G 96 -21.73 56.80 -32.93
C LYS G 96 -21.69 57.64 -31.67
N SER G 97 -21.73 58.95 -31.83
CA SER G 97 -21.64 59.89 -30.72
C SER G 97 -22.97 60.61 -30.54
N THR G 98 -23.35 60.80 -29.28
CA THR G 98 -24.60 61.45 -28.92
C THR G 98 -24.29 62.81 -28.31
N ILE G 99 -25.08 63.81 -28.69
CA ILE G 99 -24.94 65.17 -28.18
C ILE G 99 -26.21 65.52 -27.42
N GLN G 100 -26.05 66.02 -26.20
CA GLN G 100 -27.17 66.32 -25.32
C GLN G 100 -27.50 67.80 -25.40
N TRP G 101 -28.78 68.10 -25.58
CA TRP G 101 -29.26 69.48 -25.68
C TRP G 101 -30.06 69.81 -24.43
N ILE G 102 -29.74 70.93 -23.79
CA ILE G 102 -30.55 71.45 -22.70
C ILE G 102 -30.78 72.94 -22.95
N GLY G 103 -31.92 73.26 -23.57
CA GLY G 103 -32.22 74.62 -23.92
C GLY G 103 -33.07 75.32 -22.87
N PRO G 104 -33.48 76.55 -23.16
CA PRO G 104 -34.39 77.25 -22.24
C PRO G 104 -35.75 76.58 -22.12
N ASP G 105 -36.12 75.75 -23.09
CA ASP G 105 -37.39 75.04 -23.05
C ASP G 105 -37.19 73.53 -23.05
N UNK G 106 -36.95 72.96 -24.22
CA UNK G 106 -36.78 71.52 -24.35
C UNK G 106 -35.43 71.05 -23.81
N ALA G 107 -35.29 69.75 -23.63
CA ALA G 107 -34.05 69.16 -23.15
C ALA G 107 -33.97 67.68 -23.51
N THR G 108 -33.38 67.39 -24.67
CA THR G 108 -33.31 66.03 -25.16
C THR G 108 -31.88 65.63 -25.50
N THR G 109 -31.70 64.46 -26.10
CA THR G 109 -30.40 63.95 -26.51
C THR G 109 -30.45 63.66 -28.00
N LEU G 110 -29.71 64.43 -28.78
CA LEU G 110 -29.74 64.31 -30.23
C LEU G 110 -28.91 63.11 -30.69
N THR G 111 -29.19 62.64 -31.90
CA THR G 111 -28.50 61.51 -32.50
C THR G 111 -28.25 61.81 -33.97
N TYR G 112 -27.31 61.07 -34.56
CA TYR G 112 -26.95 61.28 -35.96
C TYR G 112 -28.11 60.96 -36.90
N UNK G 113 -28.24 61.76 -37.96
CA UNK G 113 -29.18 61.47 -39.03
C UNK G 113 -28.50 61.65 -40.38
N UNK G 114 -28.63 60.65 -41.25
CA UNK G 114 -28.01 60.71 -42.56
C UNK G 114 -28.67 61.78 -43.43
N UNK G 115 -28.15 63.00 -43.36
CA UNK G 115 -28.62 64.15 -44.12
C UNK G 115 -30.04 64.57 -43.74
N UNK G 116 -30.29 65.87 -43.79
CA UNK G 116 -31.59 66.43 -43.43
C UNK G 116 -31.77 67.82 -44.02
N UNK G 117 -32.60 68.63 -43.38
CA UNK G 117 -32.87 69.99 -43.83
C UNK G 117 -31.68 70.90 -43.55
N UNK G 120 -33.92 69.17 -38.58
CA UNK G 120 -33.63 67.74 -38.50
C UNK G 120 -34.30 67.13 -37.28
N UNK G 121 -35.48 67.64 -36.93
CA UNK G 121 -36.23 67.18 -35.77
C UNK G 121 -35.39 67.27 -34.50
N GLU G 122 -35.00 66.12 -33.97
CA GLU G 122 -34.15 66.08 -32.79
C GLU G 122 -32.86 65.34 -33.11
N ASN G 123 -32.34 65.55 -34.31
CA ASN G 123 -31.13 64.90 -34.78
C ASN G 123 -30.12 65.96 -35.22
N PHE G 124 -28.90 65.50 -35.50
CA PHE G 124 -27.83 66.38 -35.96
C PHE G 124 -27.15 65.77 -37.17
N THR G 125 -26.55 66.62 -38.00
CA THR G 125 -25.90 66.22 -39.24
C THR G 125 -24.48 66.77 -39.26
N THR G 126 -23.56 66.01 -39.85
CA THR G 126 -22.17 66.43 -39.93
C THR G 126 -21.68 66.58 -41.37
N UNK G 127 -21.24 67.79 -41.71
CA UNK G 127 -20.67 68.06 -43.02
C UNK G 127 -19.17 68.33 -42.88
N SER G 128 -18.37 67.73 -43.74
CA SER G 128 -16.92 67.85 -43.65
C SER G 128 -16.41 69.22 -44.08
N ILE G 129 -15.98 70.02 -43.12
CA ILE G 129 -15.35 71.30 -43.45
C ILE G 129 -13.98 71.07 -44.10
N LYS G 130 -13.19 70.17 -43.52
CA LYS G 130 -11.86 69.88 -44.03
C LYS G 130 -11.49 68.44 -43.68
N GLY G 131 -11.13 67.67 -44.70
CA GLY G 131 -10.73 66.29 -44.50
C GLY G 131 -11.36 65.31 -45.48
N UNK G 132 -10.98 64.05 -45.36
CA UNK G 132 -11.48 63.00 -46.24
C UNK G 132 -12.93 62.65 -45.90
N UNK G 133 -13.10 61.77 -44.92
CA UNK G 133 -14.44 61.33 -44.51
C UNK G 133 -15.23 62.47 -43.90
N UNK G 134 -16.56 62.39 -44.01
CA UNK G 134 -17.44 63.45 -43.52
C UNK G 134 -18.19 63.01 -42.27
N UNK G 135 -17.62 62.08 -41.53
CA UNK G 135 -18.24 61.58 -40.31
C UNK G 135 -17.22 61.01 -39.35
N VAL G 136 -15.99 60.82 -39.82
CA VAL G 136 -14.94 60.26 -38.99
C VAL G 136 -13.69 61.14 -38.97
N LEU G 137 -13.38 61.69 -37.81
CA LEU G 137 -12.13 62.41 -37.64
C LEU G 137 -10.96 61.43 -37.64
N VAL G 138 -9.96 61.69 -38.47
CA VAL G 138 -8.83 60.78 -38.64
C VAL G 138 -7.53 61.37 -38.11
N ASP G 139 -7.12 62.52 -38.63
CA ASP G 139 -5.92 63.21 -38.18
C ASP G 139 -6.31 64.45 -37.39
N GLN G 140 -5.31 65.06 -36.75
CA GLN G 140 -5.56 66.27 -35.99
C GLN G 140 -5.93 67.43 -36.89
N SER G 141 -5.62 67.33 -38.18
CA SER G 141 -5.92 68.41 -39.12
C SER G 141 -7.37 68.46 -39.54
N ASP G 142 -8.05 67.32 -39.63
CA ASP G 142 -9.41 67.29 -40.15
C ASP G 142 -10.36 68.06 -39.23
N ARG G 143 -11.35 68.70 -39.84
CA ARG G 143 -12.30 69.56 -39.13
C ARG G 143 -13.68 69.31 -39.72
N ILE G 144 -14.57 68.76 -38.92
CA ILE G 144 -15.94 68.47 -39.34
C ILE G 144 -16.89 69.37 -38.58
N LYS G 145 -17.91 69.86 -39.28
CA LYS G 145 -18.92 70.73 -38.67
C LYS G 145 -20.12 69.90 -38.24
N VAL G 146 -20.78 70.37 -37.18
CA VAL G 146 -21.96 69.70 -36.63
C VAL G 146 -23.16 70.60 -36.89
N ILE G 147 -24.19 70.05 -37.53
CA ILE G 147 -25.33 70.84 -37.97
C ILE G 147 -26.56 70.42 -37.18
N MET G 148 -27.19 71.37 -36.50
CA MET G 148 -28.38 71.13 -35.71
C MET G 148 -29.39 72.23 -35.98
N TYR G 149 -30.67 71.86 -36.05
CA TYR G 149 -31.75 72.79 -36.40
C TYR G 149 -32.39 73.26 -35.10
N ALA G 150 -32.28 74.55 -34.82
CA ALA G 150 -32.85 75.11 -33.59
C ALA G 150 -34.37 75.15 -33.67
N UNK G 151 -34.89 75.39 -34.86
CA UNK G 151 -36.34 75.45 -35.07
C UNK G 151 -36.88 74.05 -35.38
N UNK G 152 -36.33 73.05 -34.70
CA UNK G 152 -36.76 71.67 -34.84
C UNK G 152 -36.58 70.94 -33.52
N VAL G 153 -35.45 71.20 -32.87
CA VAL G 153 -35.18 70.62 -31.55
C VAL G 153 -36.00 71.36 -30.51
N UNK G 154 -36.37 72.59 -30.83
CA UNK G 154 -37.16 73.44 -29.95
C UNK G 154 -37.65 74.65 -30.72
N UNK G 155 -37.87 75.75 -30.02
CA UNK G 155 -38.25 77.00 -30.65
C UNK G 155 -37.00 77.69 -31.19
N UNK G 156 -37.19 78.66 -32.08
CA UNK G 156 -36.07 79.42 -32.63
C UNK G 156 -35.40 80.21 -31.52
N LEU G 157 -34.08 80.09 -31.42
CA LEU G 157 -33.32 80.74 -30.37
C LEU G 157 -33.43 82.25 -30.44
N UNK G 158 -33.89 82.86 -29.35
CA UNK G 158 -34.05 84.30 -29.29
C UNK G 158 -32.84 84.97 -28.65
N UNK G 159 -32.72 86.28 -28.83
CA UNK G 159 -31.60 87.03 -28.29
C UNK G 159 -31.60 86.99 -26.77
N GLY G 160 -30.60 86.31 -26.20
CA GLY G 160 -30.50 86.18 -24.76
C GLY G 160 -30.83 84.78 -24.28
N UNK G 161 -30.45 83.78 -25.08
CA UNK G 161 -30.70 82.39 -24.75
C UNK G 161 -29.40 81.65 -24.46
N GLU G 162 -29.49 80.58 -23.70
CA GLU G 162 -28.32 79.78 -23.35
C GLU G 162 -28.64 78.29 -23.35
N VAL G 163 -27.95 77.54 -24.21
CA VAL G 163 -28.13 76.10 -24.32
C VAL G 163 -26.81 75.42 -23.97
N GLN G 164 -26.90 74.32 -23.23
CA GLN G 164 -25.71 73.59 -22.77
C GLN G 164 -25.57 72.33 -23.60
N LEU G 165 -24.52 72.28 -24.42
CA LEU G 165 -24.26 71.15 -25.29
C LEU G 165 -23.11 70.33 -24.72
N THR G 166 -23.35 69.04 -24.50
CA THR G 166 -22.33 68.11 -24.02
C THR G 166 -22.17 67.00 -25.05
N VAL G 167 -21.21 67.17 -25.96
CA VAL G 167 -20.98 66.20 -27.02
C VAL G 167 -20.25 65.00 -26.42
N THR G 168 -20.89 63.83 -26.46
CA THR G 168 -20.36 62.62 -25.85
C THR G 168 -19.92 61.64 -26.93
N THR G 169 -18.62 61.36 -26.98
CA THR G 169 -18.10 60.34 -27.86
C THR G 169 -18.56 58.96 -27.39
N GLN G 170 -18.47 57.98 -28.28
CA GLN G 170 -19.00 56.65 -27.97
C GLN G 170 -18.30 56.04 -26.77
N TYR G 171 -17.07 56.44 -26.49
CA TYR G 171 -16.32 55.85 -25.38
C TYR G 171 -16.72 56.46 -24.04
N GLY G 172 -17.10 57.74 -24.04
CA GLY G 172 -17.60 58.33 -22.82
C GLY G 172 -17.14 59.76 -22.55
N SER G 173 -16.15 60.23 -23.31
CA SER G 173 -15.62 61.57 -23.07
C SER G 173 -16.69 62.62 -23.38
N LYS G 174 -16.91 63.51 -22.43
CA LYS G 174 -17.93 64.55 -22.53
C LYS G 174 -17.24 65.90 -22.63
N THR G 175 -17.58 66.66 -23.67
CA THR G 175 -17.06 68.02 -23.87
C THR G 175 -18.22 68.99 -23.77
N THR G 176 -18.31 69.71 -22.66
CA THR G 176 -19.37 70.66 -22.43
C THR G 176 -19.11 71.95 -23.19
N TYR G 177 -20.18 72.57 -23.66
CA TYR G 177 -20.09 73.87 -24.33
C TYR G 177 -21.40 74.62 -24.11
N TRP G 178 -21.29 75.87 -23.65
CA TRP G 178 -22.45 76.70 -23.34
C TRP G 178 -22.60 77.74 -24.44
N ALA G 179 -23.41 77.42 -25.45
CA ALA G 179 -23.74 78.42 -26.47
C ALA G 179 -24.63 79.50 -25.85
N GLN G 180 -24.35 80.74 -26.20
CA GLN G 180 -25.03 81.89 -25.60
C GLN G 180 -25.31 82.92 -26.68
N VAL G 181 -26.58 83.07 -27.06
CA VAL G 181 -26.95 84.07 -28.05
C VAL G 181 -26.70 85.46 -27.49
N PRO G 182 -26.20 86.41 -28.29
CA PRO G 182 -26.02 87.77 -27.77
C PRO G 182 -27.34 88.38 -27.35
N GLU G 183 -27.27 89.23 -26.33
CA GLU G 183 -28.48 89.85 -25.77
C GLU G 183 -29.13 90.85 -26.71
N SER G 184 -28.44 91.28 -27.77
CA SER G 184 -28.98 92.23 -28.74
C SER G 184 -28.69 91.69 -30.14
N LEU G 185 -29.61 90.89 -30.66
CA LEU G 185 -29.46 90.28 -31.97
C LEU G 185 -30.27 91.07 -32.99
N LYS G 186 -29.58 92.00 -33.66
CA LYS G 186 -30.20 92.83 -34.67
C LYS G 186 -29.17 93.20 -35.74
N ASP G 187 -29.62 93.17 -36.99
CA ASP G 187 -28.79 93.54 -38.14
C ASP G 187 -27.54 92.68 -38.24
N LYS G 188 -27.72 91.36 -38.16
CA LYS G 188 -26.63 90.41 -38.33
C LYS G 188 -27.11 89.32 -39.28
N ASN G 189 -26.40 89.14 -40.39
CA ASN G 189 -26.67 88.00 -41.27
C ASN G 189 -26.34 86.69 -40.56
N ALA G 190 -25.21 86.66 -39.86
CA ALA G 190 -24.81 85.53 -39.03
C ALA G 190 -24.24 86.05 -37.73
N VAL G 191 -24.25 85.20 -36.71
CA VAL G 191 -23.83 85.63 -35.39
C VAL G 191 -22.77 84.69 -34.81
N UNK G 192 -21.89 85.23 -33.98
CA UNK G 192 -20.87 84.44 -33.31
C UNK G 192 -21.42 83.88 -32.00
N LEU G 193 -21.91 82.64 -32.06
CA LEU G 193 -22.57 82.03 -30.92
C LEU G 193 -21.57 81.55 -29.87
N GLN H 13 0.13 -23.44 0.26
CA GLN H 13 -1.08 -22.80 -0.23
C GLN H 13 -1.03 -21.29 -0.04
N VAL H 14 0.15 -20.78 0.30
CA VAL H 14 0.32 -19.34 0.48
C VAL H 14 0.11 -18.62 -0.85
N GLY H 15 0.43 -19.29 -1.96
CA GLY H 15 0.19 -18.69 -3.26
C GLY H 15 -1.29 -18.47 -3.53
N ILE H 16 -2.14 -19.35 -3.01
CA ILE H 16 -3.58 -19.19 -3.18
C ILE H 16 -4.07 -17.92 -2.52
N GLY H 17 -3.62 -17.66 -1.29
CA GLY H 17 -4.07 -16.50 -0.54
C GLY H 17 -3.68 -15.17 -1.16
N THR H 18 -2.42 -15.06 -1.61
CA THR H 18 -1.91 -13.79 -2.11
C THR H 18 -2.64 -13.34 -3.37
N LEU H 19 -3.18 -14.29 -4.13
CA LEU H 19 -3.96 -13.92 -5.30
C LEU H 19 -5.22 -13.16 -4.90
N ILE H 20 -5.96 -13.69 -3.92
CA ILE H 20 -7.24 -13.09 -3.53
C ILE H 20 -7.01 -11.70 -2.94
N VAL H 21 -6.00 -11.57 -2.08
CA VAL H 21 -5.71 -10.28 -1.46
C VAL H 21 -5.25 -9.27 -2.50
N PHE H 22 -4.50 -9.73 -3.51
CA PHE H 22 -4.02 -8.83 -4.55
C PHE H 22 -5.18 -8.17 -5.27
N ILE H 23 -6.27 -8.90 -5.48
CA ILE H 23 -7.45 -8.32 -6.11
C ILE H 23 -8.02 -7.21 -5.25
N ALA H 24 -8.03 -7.41 -3.92
CA ALA H 24 -8.57 -6.40 -3.02
C ALA H 24 -7.78 -5.11 -3.09
N MET H 25 -6.45 -5.20 -3.16
CA MET H 25 -5.62 -4.01 -3.22
C MET H 25 -5.91 -3.21 -4.50
N VAL H 26 -6.11 -3.90 -5.62
CA VAL H 26 -6.37 -3.22 -6.88
C VAL H 26 -7.71 -2.47 -6.81
N LEU H 27 -8.74 -3.12 -6.27
CA LEU H 27 -10.03 -2.47 -6.16
C LEU H 27 -9.98 -1.27 -5.22
N VAL H 28 -9.28 -1.40 -4.09
CA VAL H 28 -9.16 -0.31 -3.14
C VAL H 28 -8.47 0.88 -3.77
N ALA H 29 -7.39 0.63 -4.52
CA ALA H 29 -6.68 1.73 -5.18
C ALA H 29 -7.58 2.43 -6.19
N ALA H 30 -8.41 1.66 -6.91
CA ALA H 30 -9.36 2.29 -7.84
C ALA H 30 -10.40 3.12 -7.09
N ILE H 31 -10.76 2.68 -5.89
CA ILE H 31 -11.71 3.44 -5.07
C ILE H 31 -11.10 4.77 -4.66
N ALA H 32 -9.87 4.73 -4.14
CA ALA H 32 -9.20 5.95 -3.73
C ALA H 32 -8.93 6.87 -4.92
N ALA H 33 -8.56 6.28 -6.07
CA ALA H 33 -8.36 7.09 -7.27
C ALA H 33 -9.67 7.73 -7.72
N GLY H 34 -10.78 7.02 -7.55
CA GLY H 34 -12.08 7.56 -7.90
C GLY H 34 -12.44 8.80 -7.10
N VAL H 35 -12.17 8.77 -5.79
CA VAL H 35 -12.48 9.91 -4.92
C VAL H 35 -11.67 11.13 -5.35
N LEU H 36 -10.38 10.91 -5.64
CA LEU H 36 -9.51 12.03 -5.97
C LEU H 36 -9.96 12.72 -7.26
N ILE H 37 -10.18 11.94 -8.31
CA ILE H 37 -10.54 12.53 -9.61
C ILE H 37 -11.89 13.22 -9.52
N ASN H 38 -12.87 12.56 -8.88
CA ASN H 38 -14.21 13.14 -8.79
C ASN H 38 -14.21 14.44 -8.00
N THR H 39 -13.46 14.49 -6.90
CA THR H 39 -13.41 15.71 -6.10
C THR H 39 -12.69 16.82 -6.85
N ALA H 40 -11.65 16.48 -7.61
CA ALA H 40 -10.98 17.48 -8.44
C ALA H 40 -11.91 17.99 -9.53
N GLY H 41 -12.71 17.10 -10.11
CA GLY H 41 -13.67 17.53 -11.12
C GLY H 41 -14.71 18.47 -10.56
N TYR H 42 -15.16 18.22 -9.33
CA TYR H 42 -16.11 19.11 -8.68
C TYR H 42 -15.50 20.50 -8.46
N LEU H 43 -14.28 20.54 -7.92
CA LEU H 43 -13.65 21.82 -7.62
C LEU H 43 -13.29 22.58 -8.89
N GLN H 44 -12.95 21.87 -9.96
CA GLN H 44 -12.62 22.54 -11.22
C GLN H 44 -13.81 23.33 -11.74
N SER H 45 -15.00 22.72 -11.74
CA SER H 45 -16.20 23.43 -12.16
C SER H 45 -16.54 24.55 -11.19
N LYS H 46 -16.39 24.30 -9.89
CA LYS H 46 -16.61 25.35 -8.90
C LYS H 46 -15.60 26.47 -9.05
N GLY H 47 -14.33 26.13 -9.26
CA GLY H 47 -13.29 27.11 -9.42
C GLY H 47 -13.40 27.92 -10.70
N SER H 48 -13.76 27.26 -11.80
CA SER H 48 -13.89 27.96 -13.07
C SER H 48 -15.02 28.97 -13.03
N ALA H 49 -16.15 28.60 -12.41
CA ALA H 49 -17.27 29.51 -12.30
C ALA H 49 -16.91 30.73 -11.44
N THR H 50 -16.21 30.50 -10.33
CA THR H 50 -15.86 31.58 -9.43
C THR H 50 -14.98 32.62 -10.11
N GLY H 51 -14.05 32.18 -10.95
CA GLY H 51 -13.19 33.12 -11.65
C GLY H 51 -13.97 34.05 -12.57
N GLU H 52 -14.97 33.51 -13.25
CA GLU H 52 -15.75 34.32 -14.17
C GLU H 52 -16.65 35.30 -13.43
N GLU H 53 -17.31 34.86 -12.36
CA GLU H 53 -18.19 35.75 -11.62
C GLU H 53 -17.41 36.88 -10.97
N ALA H 54 -16.24 36.57 -10.39
CA ALA H 54 -15.45 37.60 -9.73
C ALA H 54 -15.01 38.68 -10.69
N SER H 55 -14.53 38.28 -11.87
CA SER H 55 -14.18 39.27 -12.90
C SER H 55 -15.42 40.00 -13.39
N ALA H 56 -16.53 39.29 -13.55
CA ALA H 56 -17.78 39.94 -13.97
C ALA H 56 -18.25 40.92 -12.91
N GLN H 57 -17.93 40.67 -11.65
CA GLN H 57 -18.33 41.57 -10.58
C GLN H 57 -17.66 42.93 -10.71
N VAL H 58 -16.41 42.96 -11.17
CA VAL H 58 -15.64 44.19 -11.23
C VAL H 58 -15.89 44.90 -12.56
N SER H 59 -15.79 44.16 -13.66
CA SER H 59 -15.82 44.77 -14.99
C SER H 59 -17.21 45.31 -15.32
N ASN H 60 -18.25 44.51 -15.11
CA ASN H 60 -19.60 44.91 -15.51
C ASN H 60 -20.14 45.98 -14.58
N ARG H 61 -19.98 47.24 -14.97
CA ARG H 61 -20.35 48.38 -14.14
C ARG H 61 -21.08 49.39 -15.01
N ILE H 62 -21.90 50.21 -14.36
CA ILE H 62 -22.64 51.27 -15.03
C ILE H 62 -21.89 52.58 -14.81
N ASN H 63 -21.86 53.42 -15.85
CA ASN H 63 -21.35 54.78 -15.74
C ASN H 63 -22.48 55.75 -16.05
N ILE H 64 -22.77 56.66 -15.11
CA ILE H 64 -23.81 57.66 -15.30
C ILE H 64 -23.17 58.81 -16.09
N VAL H 65 -23.56 58.95 -17.35
CA VAL H 65 -23.02 60.03 -18.18
C VAL H 65 -23.50 61.38 -17.68
N SER H 66 -24.80 61.51 -17.44
CA SER H 66 -25.37 62.76 -16.97
C SER H 66 -26.78 62.51 -16.47
N ALA H 67 -27.27 63.42 -15.65
CA ALA H 67 -28.63 63.34 -15.11
C ALA H 67 -29.31 64.69 -15.30
N TYR H 68 -30.53 64.68 -15.83
CA TYR H 68 -31.32 65.89 -15.98
C TYR H 68 -32.76 65.58 -15.60
N GLY H 69 -33.48 66.62 -15.22
CA GLY H 69 -34.84 66.45 -14.73
C GLY H 69 -35.79 67.43 -15.39
N ASN H 70 -37.07 67.07 -15.35
CA ASN H 70 -38.14 67.90 -15.90
C ASN H 70 -38.81 68.68 -14.77
N VAL H 71 -39.16 69.93 -15.06
CA VAL H 71 -39.75 70.80 -14.05
C VAL H 71 -41.20 71.12 -14.37
N UNK H 72 -42.08 70.96 -13.38
CA UNK H 72 -43.49 71.33 -13.52
C UNK H 72 -43.71 72.73 -12.96
N UNK H 73 -44.28 72.78 -11.76
CA UNK H 73 -44.52 74.06 -11.09
C UNK H 73 -43.21 74.62 -10.56
N UNK H 74 -42.87 74.26 -9.33
CA UNK H 74 -41.62 74.68 -8.71
C UNK H 74 -40.89 73.49 -8.12
N UNK H 75 -41.07 72.33 -8.74
CA UNK H 75 -40.44 71.11 -8.27
C UNK H 75 -40.15 70.17 -9.43
N VAL H 76 -39.13 69.34 -9.28
CA VAL H 76 -38.72 68.43 -10.35
C VAL H 76 -39.57 67.16 -10.33
N ASP H 77 -40.09 66.80 -11.50
CA ASP H 77 -40.96 65.62 -11.58
C ASP H 77 -40.15 64.34 -11.78
N TYR H 78 -39.35 64.29 -12.84
CA TYR H 78 -38.60 63.09 -13.19
C TYR H 78 -37.11 63.32 -12.94
N VAL H 79 -36.40 62.23 -12.69
CA VAL H 79 -34.95 62.23 -12.57
C VAL H 79 -34.43 61.21 -13.57
N ASN H 80 -34.00 61.68 -14.73
CA ASN H 80 -33.55 60.81 -15.81
C ASN H 80 -32.03 60.75 -15.82
N LEU H 81 -31.48 59.54 -15.83
CA LEU H 81 -30.04 59.32 -15.85
C LEU H 81 -29.69 58.63 -17.17
N THR H 82 -28.66 59.14 -17.84
CA THR H 82 -28.17 58.54 -19.07
C THR H 82 -27.01 57.60 -18.73
N VAL H 83 -27.30 56.31 -18.60
CA VAL H 83 -26.31 55.34 -18.21
C VAL H 83 -25.59 54.84 -19.46
N ARG H 84 -24.38 54.32 -19.26
CA ARG H 84 -23.54 53.87 -20.36
C ARG H 84 -22.68 52.70 -19.89
N GLN H 85 -22.41 51.78 -20.82
CA GLN H 85 -21.57 50.63 -20.51
C GLN H 85 -20.17 51.08 -20.13
N ALA H 86 -19.61 50.44 -19.10
CA ALA H 86 -18.32 50.86 -18.56
C ALA H 86 -17.19 50.41 -19.47
N ALA H 87 -15.96 50.64 -19.02
CA ALA H 87 -14.78 50.25 -19.79
C ALA H 87 -14.58 48.75 -19.69
N GLY H 88 -14.63 48.08 -20.85
CA GLY H 88 -14.41 46.65 -20.90
C GLY H 88 -15.55 45.80 -20.39
N ALA H 89 -16.72 46.39 -20.15
CA ALA H 89 -17.83 45.62 -19.60
C ALA H 89 -18.46 44.73 -20.68
N ASP H 90 -19.06 43.63 -20.21
CA ASP H 90 -19.76 42.69 -21.08
C ASP H 90 -21.21 43.16 -21.09
N ASN H 91 -22.11 42.43 -21.75
CA ASN H 91 -23.52 42.83 -21.83
C ASN H 91 -24.10 43.06 -20.44
N ILE H 92 -24.65 44.24 -20.21
CA ILE H 92 -25.20 44.61 -18.91
C ILE H 92 -26.72 44.67 -19.07
N ASN H 93 -27.40 43.68 -18.50
CA ASN H 93 -28.86 43.63 -18.55
C ASN H 93 -29.43 44.56 -17.48
N LEU H 94 -29.93 45.71 -17.91
CA LEU H 94 -30.44 46.71 -16.98
C LEU H 94 -31.75 46.29 -16.33
N UNK H 95 -32.26 45.12 -16.70
CA UNK H 95 -33.52 44.65 -16.16
C UNK H 95 -33.34 43.99 -14.80
N LYS H 96 -32.22 43.31 -14.62
CA LYS H 96 -31.92 42.66 -13.36
C LYS H 96 -31.01 43.53 -12.50
N SER H 97 -31.43 44.77 -12.28
CA SER H 97 -30.62 45.70 -11.49
C SER H 97 -31.54 46.53 -10.62
N THR H 98 -30.98 47.02 -9.51
CA THR H 98 -31.72 47.82 -8.55
C THR H 98 -31.08 49.19 -8.43
N ILE H 99 -31.86 50.15 -7.94
CA ILE H 99 -31.41 51.52 -7.72
C ILE H 99 -31.82 51.91 -6.32
N GLN H 100 -30.86 52.01 -5.40
CA GLN H 100 -31.16 52.46 -4.05
C GLN H 100 -31.33 53.98 -4.03
N TRP H 101 -32.39 54.42 -3.37
CA TRP H 101 -32.73 55.85 -3.27
C TRP H 101 -32.65 56.25 -1.81
N ILE H 102 -31.83 57.24 -1.50
CA ILE H 102 -31.81 57.86 -0.18
C ILE H 102 -31.84 59.37 -0.36
N GLY H 103 -33.04 59.95 -0.28
CA GLY H 103 -33.21 61.36 -0.46
C GLY H 103 -33.55 62.08 0.83
N PRO H 104 -34.19 63.24 0.73
CA PRO H 104 -34.58 63.97 1.93
C PRO H 104 -35.87 63.46 2.53
N ASP H 105 -36.47 62.45 1.91
CA ASP H 105 -37.74 61.91 2.38
C ASP H 105 -37.67 60.40 2.57
N UNK H 106 -37.82 59.66 1.47
CA UNK H 106 -37.88 58.21 1.55
C UNK H 106 -36.50 57.56 1.47
N ALA H 107 -36.48 56.24 1.60
CA ALA H 107 -35.24 55.47 1.54
C ALA H 107 -35.54 54.03 1.12
N THR H 108 -35.76 53.83 -0.18
CA THR H 108 -36.19 52.55 -0.71
C THR H 108 -35.19 52.06 -1.74
N THR H 109 -35.52 50.92 -2.35
CA THR H 109 -34.69 50.30 -3.38
C THR H 109 -35.55 50.12 -4.62
N LEU H 110 -35.37 51.03 -5.59
CA LEU H 110 -36.18 51.00 -6.80
C LEU H 110 -35.81 49.81 -7.66
N THR H 111 -36.83 49.06 -8.09
CA THR H 111 -36.66 47.95 -9.00
C THR H 111 -37.29 48.28 -10.36
N TYR H 112 -37.28 47.29 -11.25
CA TYR H 112 -37.76 47.51 -12.61
C TYR H 112 -39.26 47.23 -12.72
N UNK H 113 -40.01 48.21 -13.19
CA UNK H 113 -41.39 48.02 -13.60
C UNK H 113 -41.50 48.37 -15.08
N UNK H 114 -42.34 47.64 -15.81
CA UNK H 114 -42.53 47.88 -17.23
C UNK H 114 -43.00 49.32 -17.50
N UNK H 115 -42.97 49.73 -18.77
CA UNK H 115 -43.28 51.10 -19.17
C UNK H 115 -44.55 51.64 -18.52
N UNK H 116 -44.39 52.14 -17.29
CA UNK H 116 -45.51 52.68 -16.53
C UNK H 116 -45.22 54.13 -16.12
N UNK H 117 -44.65 54.90 -17.03
CA UNK H 117 -44.33 56.29 -16.76
C UNK H 117 -45.59 57.15 -16.71
N UNK H 120 -42.63 55.80 -12.25
CA UNK H 120 -43.46 54.60 -12.18
C UNK H 120 -43.47 54.04 -10.76
N UNK H 121 -44.32 54.59 -9.91
CA UNK H 121 -44.43 54.18 -8.52
C UNK H 121 -43.09 54.26 -7.80
N GLU H 122 -42.75 53.21 -7.06
CA GLU H 122 -41.45 53.13 -6.39
C GLU H 122 -40.49 52.28 -7.20
N ASN H 123 -40.58 52.40 -8.53
CA ASN H 123 -39.78 51.61 -9.46
C ASN H 123 -39.16 52.54 -10.49
N PHE H 124 -38.38 51.97 -11.41
CA PHE H 124 -37.72 52.75 -12.45
C PHE H 124 -37.91 52.07 -13.80
N THR H 125 -37.84 52.87 -14.86
CA THR H 125 -38.08 52.43 -16.22
C THR H 125 -36.90 52.83 -17.10
N THR H 126 -36.64 52.06 -18.15
CA THR H 126 -35.52 52.34 -19.05
C THR H 126 -35.96 52.54 -20.48
N UNK H 127 -35.90 53.78 -20.96
CA UNK H 127 -36.18 54.10 -22.35
C UNK H 127 -34.87 54.28 -23.09
N SER H 128 -34.70 53.57 -24.20
CA SER H 128 -33.44 53.57 -24.93
C SER H 128 -33.12 54.92 -25.55
N ILE H 129 -31.84 55.16 -25.81
CA ILE H 129 -31.37 56.36 -26.48
C ILE H 129 -30.59 56.03 -27.75
N LYS H 130 -29.66 55.09 -27.67
CA LYS H 130 -28.89 54.67 -28.83
C LYS H 130 -28.66 53.17 -28.75
N GLY H 131 -28.77 52.49 -29.90
CA GLY H 131 -28.56 51.07 -29.96
C GLY H 131 -29.79 50.29 -30.41
N UNK H 132 -29.74 48.98 -30.27
CA UNK H 132 -30.84 48.12 -30.68
C UNK H 132 -31.82 47.87 -29.54
N UNK H 133 -31.36 47.14 -28.52
CA UNK H 133 -32.20 46.81 -27.38
C UNK H 133 -32.50 48.04 -26.54
N UNK H 134 -33.54 47.95 -25.71
CA UNK H 134 -33.97 49.08 -24.90
C UNK H 134 -33.85 48.78 -23.41
N UNK H 135 -33.05 47.78 -23.07
CA UNK H 135 -32.87 47.40 -21.68
C UNK H 135 -31.56 46.65 -21.48
N VAL H 136 -30.87 46.37 -22.57
CA VAL H 136 -29.61 45.64 -22.50
C VAL H 136 -28.51 46.35 -23.27
N LEU H 137 -27.44 46.72 -22.56
CA LEU H 137 -26.28 47.31 -23.21
C LEU H 137 -25.44 46.22 -23.85
N VAL H 138 -25.06 46.42 -25.11
CA VAL H 138 -24.35 45.39 -25.85
C VAL H 138 -22.96 45.90 -26.25
N ASP H 139 -22.91 47.11 -26.81
CA ASP H 139 -21.66 47.69 -27.27
C ASP H 139 -21.34 48.94 -26.44
N GLN H 140 -20.14 49.47 -26.64
CA GLN H 140 -19.74 50.67 -25.92
C GLN H 140 -20.53 51.89 -26.38
N SER H 141 -21.12 51.84 -27.57
CA SER H 141 -21.82 52.99 -28.12
C SER H 141 -23.19 53.21 -27.51
N ASP H 142 -23.88 52.13 -27.10
CA ASP H 142 -25.27 52.26 -26.68
C ASP H 142 -25.41 53.10 -25.42
N ARG H 143 -26.50 53.86 -25.35
CA ARG H 143 -26.84 54.68 -24.20
C ARG H 143 -28.29 54.41 -23.84
N ILE H 144 -28.56 54.25 -22.55
CA ILE H 144 -29.91 54.01 -22.06
C ILE H 144 -30.25 55.08 -21.02
N LYS H 145 -31.49 55.56 -21.08
CA LYS H 145 -31.99 56.58 -20.17
C LYS H 145 -32.83 55.92 -19.09
N VAL H 146 -32.32 55.92 -17.86
CA VAL H 146 -33.08 55.39 -16.73
C VAL H 146 -34.11 56.43 -16.32
N ILE H 147 -35.37 56.01 -16.20
CA ILE H 147 -36.48 56.89 -15.90
C ILE H 147 -36.89 56.68 -14.46
N MET H 148 -36.83 57.74 -13.66
CA MET H 148 -37.19 57.68 -12.25
C MET H 148 -38.09 58.86 -11.92
N TYR H 149 -39.24 58.59 -11.31
CA TYR H 149 -40.26 59.59 -11.10
C TYR H 149 -40.26 59.94 -9.62
N ALA H 150 -40.11 61.23 -9.31
CA ALA H 150 -39.89 61.68 -7.95
C ALA H 150 -41.12 61.57 -7.05
N UNK H 151 -42.25 62.08 -7.52
CA UNK H 151 -43.44 62.18 -6.66
C UNK H 151 -44.13 60.84 -6.42
N UNK H 152 -43.51 59.75 -6.88
CA UNK H 152 -44.08 58.42 -6.68
C UNK H 152 -43.17 57.56 -5.82
N VAL H 153 -41.93 57.97 -5.68
CA VAL H 153 -40.99 57.31 -4.78
C VAL H 153 -40.94 58.09 -3.48
N UNK H 154 -41.40 59.33 -3.54
CA UNK H 154 -41.45 60.21 -2.38
C UNK H 154 -42.27 61.44 -2.74
N UNK H 155 -41.66 62.62 -2.59
CA UNK H 155 -42.30 63.86 -3.00
C UNK H 155 -41.50 64.50 -4.12
N UNK H 156 -42.12 65.40 -4.87
CA UNK H 156 -41.44 66.12 -5.93
C UNK H 156 -40.29 66.94 -5.36
N LEU H 157 -39.09 66.72 -5.88
CA LEU H 157 -37.88 67.36 -5.35
C LEU H 157 -37.97 68.87 -5.40
N UNK H 158 -37.68 69.52 -4.27
CA UNK H 158 -37.72 70.96 -4.17
C UNK H 158 -36.38 71.57 -4.60
N UNK H 159 -36.38 72.88 -4.82
CA UNK H 159 -35.17 73.58 -5.25
C UNK H 159 -34.11 73.55 -4.16
N GLY H 160 -33.18 72.60 -4.28
CA GLY H 160 -32.10 72.48 -3.30
C GLY H 160 -32.24 71.25 -2.42
N UNK H 161 -32.33 70.09 -3.04
CA UNK H 161 -32.43 68.83 -2.31
C UNK H 161 -31.45 67.81 -2.87
N GLU H 162 -31.08 66.83 -2.06
CA GLU H 162 -30.05 65.88 -2.43
C GLU H 162 -30.56 64.45 -2.45
N VAL H 163 -30.20 63.72 -3.50
CA VAL H 163 -30.63 62.34 -3.70
C VAL H 163 -29.39 61.49 -3.95
N GLN H 164 -29.30 60.36 -3.24
CA GLN H 164 -28.17 59.45 -3.36
C GLN H 164 -28.62 58.19 -4.09
N LEU H 165 -28.13 58.02 -5.32
CA LEU H 165 -28.47 56.88 -6.15
C LEU H 165 -27.27 55.94 -6.26
N THR H 166 -27.50 54.65 -6.00
CA THR H 166 -26.47 53.62 -6.11
C THR H 166 -26.99 52.51 -7.03
N VAL H 167 -26.77 52.68 -8.33
CA VAL H 167 -27.22 51.69 -9.31
C VAL H 167 -26.34 50.45 -9.19
N THR H 168 -26.96 49.32 -8.87
CA THR H 168 -26.25 48.06 -8.63
C THR H 168 -26.63 47.08 -9.73
N THR H 169 -25.65 46.66 -10.52
CA THR H 169 -25.91 45.65 -11.55
C THR H 169 -26.13 44.29 -10.90
N GLN H 170 -26.54 43.32 -11.73
CA GLN H 170 -26.89 42.01 -11.22
C GLN H 170 -25.68 41.31 -10.60
N TYR H 171 -24.49 41.59 -11.12
CA TYR H 171 -23.30 40.90 -10.63
C TYR H 171 -22.86 41.43 -9.27
N GLY H 172 -23.03 42.73 -9.04
CA GLY H 172 -22.70 43.29 -7.75
C GLY H 172 -22.03 44.65 -7.79
N SER H 173 -21.52 45.05 -8.95
CA SER H 173 -20.83 46.33 -9.06
C SER H 173 -21.78 47.47 -8.77
N LYS H 174 -21.33 48.40 -7.92
CA LYS H 174 -22.15 49.54 -7.49
C LYS H 174 -21.59 50.82 -8.08
N THR H 175 -22.44 51.59 -8.74
CA THR H 175 -22.11 52.93 -9.18
C THR H 175 -22.96 53.92 -8.39
N THR H 176 -22.31 54.89 -7.76
CA THR H 176 -22.98 55.83 -6.89
C THR H 176 -22.99 57.22 -7.51
N TYR H 177 -24.17 57.85 -7.52
CA TYR H 177 -24.35 59.17 -8.08
C TYR H 177 -25.15 60.02 -7.11
N TRP H 178 -24.70 61.25 -6.89
CA TRP H 178 -25.37 62.18 -5.97
C TRP H 178 -26.00 63.28 -6.81
N ALA H 179 -27.31 63.16 -7.06
CA ALA H 179 -28.03 64.21 -7.76
C ALA H 179 -28.20 65.43 -6.85
N GLN H 180 -28.23 66.62 -7.46
CA GLN H 180 -28.35 67.87 -6.71
C GLN H 180 -29.24 68.82 -7.49
N VAL H 181 -30.47 69.00 -7.01
CA VAL H 181 -31.37 69.99 -7.60
C VAL H 181 -30.80 71.38 -7.32
N PRO H 182 -30.84 72.31 -8.27
CA PRO H 182 -30.26 73.63 -8.04
C PRO H 182 -30.92 74.35 -6.87
N GLU H 183 -30.15 75.19 -6.18
CA GLU H 183 -30.69 75.95 -5.06
C GLU H 183 -31.80 76.89 -5.51
N SER H 184 -31.70 77.44 -6.72
CA SER H 184 -32.73 78.28 -7.29
C SER H 184 -33.27 77.62 -8.54
N LEU H 185 -34.58 77.46 -8.63
CA LEU H 185 -35.23 76.76 -9.72
C LEU H 185 -36.08 77.71 -10.58
N LYS H 186 -36.19 78.97 -10.17
CA LYS H 186 -37.05 79.92 -10.86
C LYS H 186 -36.69 80.05 -12.33
N ASP H 187 -37.71 79.99 -13.19
CA ASP H 187 -37.57 80.18 -14.64
C ASP H 187 -36.61 79.16 -15.25
N LYS H 188 -36.92 77.88 -15.02
CA LYS H 188 -36.13 76.79 -15.61
C LYS H 188 -37.11 75.66 -15.95
N ASN H 189 -37.39 75.48 -17.23
CA ASN H 189 -38.28 74.41 -17.65
C ASN H 189 -37.64 73.05 -17.42
N ALA H 190 -36.33 72.94 -17.65
CA ALA H 190 -35.57 71.73 -17.41
C ALA H 190 -34.21 72.09 -16.82
N VAL H 191 -33.71 71.23 -15.95
CA VAL H 191 -32.47 71.50 -15.26
C VAL H 191 -31.48 70.34 -15.41
N UNK H 192 -30.22 70.60 -15.08
CA UNK H 192 -29.19 69.57 -15.11
C UNK H 192 -28.83 69.17 -13.69
N LEU H 193 -29.32 68.00 -13.28
CA LEU H 193 -29.08 67.51 -11.92
C LEU H 193 -27.61 67.21 -11.68
N GLN I 13 -2.04 -39.84 3.22
CA GLN I 13 -2.86 -39.14 4.20
C GLN I 13 -2.53 -37.66 4.20
N VAL I 14 -1.31 -37.34 3.78
CA VAL I 14 -0.85 -35.94 3.80
C VAL I 14 -1.69 -35.11 2.84
N GLY I 15 -2.13 -35.71 1.73
CA GLY I 15 -2.97 -34.98 0.80
C GLY I 15 -4.27 -34.52 1.43
N ILE I 16 -4.81 -35.31 2.36
CA ILE I 16 -6.05 -34.93 3.04
C ILE I 16 -5.85 -33.66 3.86
N GLY I 17 -4.75 -33.57 4.58
CA GLY I 17 -4.50 -32.41 5.40
C GLY I 17 -4.35 -31.13 4.59
N THR I 18 -3.77 -31.25 3.39
CA THR I 18 -3.57 -30.08 2.54
C THR I 18 -4.90 -29.43 2.15
N LEU I 19 -5.91 -30.24 1.86
CA LEU I 19 -7.18 -29.69 1.39
C LEU I 19 -7.90 -28.92 2.49
N ILE I 20 -7.90 -29.44 3.71
CA ILE I 20 -8.60 -28.75 4.81
C ILE I 20 -7.93 -27.41 5.10
N VAL I 21 -6.60 -27.38 5.11
CA VAL I 21 -5.89 -26.12 5.33
C VAL I 21 -6.13 -25.17 4.15
N PHE I 22 -6.25 -25.72 2.94
CA PHE I 22 -6.49 -24.90 1.76
C PHE I 22 -7.80 -24.14 1.87
N ILE I 23 -8.83 -24.80 2.39
CA ILE I 23 -10.12 -24.12 2.58
C ILE I 23 -9.97 -22.97 3.56
N ALA I 24 -9.25 -23.20 4.66
CA ALA I 24 -9.06 -22.15 5.65
C ALA I 24 -8.26 -20.99 5.08
N MET I 25 -7.25 -21.28 4.26
CA MET I 25 -6.44 -20.22 3.67
C MET I 25 -7.26 -19.32 2.77
N VAL I 26 -8.18 -19.92 2.00
CA VAL I 26 -9.04 -19.12 1.12
C VAL I 26 -9.98 -18.25 1.95
N LEU I 27 -10.54 -18.82 3.02
CA LEU I 27 -11.48 -18.07 3.86
C LEU I 27 -10.81 -16.88 4.50
N VAL I 28 -9.59 -17.06 5.02
CA VAL I 28 -8.89 -15.96 5.67
C VAL I 28 -8.60 -14.84 4.68
N ALA I 29 -8.17 -15.19 3.47
CA ALA I 29 -7.91 -14.18 2.46
C ALA I 29 -9.19 -13.42 2.10
N ALA I 30 -10.33 -14.11 2.08
CA ALA I 30 -11.60 -13.43 1.86
C ALA I 30 -11.92 -12.49 3.01
N ILE I 31 -11.62 -12.90 4.24
CA ILE I 31 -11.86 -12.04 5.40
C ILE I 31 -10.97 -10.80 5.32
N ALA I 32 -9.69 -11.00 4.98
CA ALA I 32 -8.77 -9.87 4.87
C ALA I 32 -9.18 -8.94 3.74
N ALA I 33 -9.63 -9.51 2.63
CA ALA I 33 -10.08 -8.69 1.50
C ALA I 33 -11.29 -7.85 1.88
N GLY I 34 -12.14 -8.37 2.77
CA GLY I 34 -13.31 -7.64 3.20
C GLY I 34 -12.98 -6.36 3.95
N VAL I 35 -12.03 -6.45 4.89
CA VAL I 35 -11.70 -5.30 5.72
C VAL I 35 -11.14 -4.16 4.87
N LEU I 36 -10.26 -4.51 3.92
CA LEU I 36 -9.64 -3.50 3.08
C LEU I 36 -10.68 -2.75 2.25
N ILE I 37 -11.62 -3.48 1.66
CA ILE I 37 -12.60 -2.84 0.78
C ILE I 37 -13.63 -2.07 1.58
N ASN I 38 -14.17 -2.66 2.65
CA ASN I 38 -15.21 -1.99 3.42
C ASN I 38 -14.69 -0.70 4.04
N THR I 39 -13.46 -0.73 4.58
CA THR I 39 -12.88 0.48 5.12
C THR I 39 -12.66 1.53 4.04
N ALA I 40 -12.21 1.10 2.86
CA ALA I 40 -12.06 2.02 1.74
C ALA I 40 -13.41 2.60 1.33
N GLY I 41 -14.45 1.76 1.32
CA GLY I 41 -15.77 2.25 0.99
C GLY I 41 -16.30 3.26 1.99
N TYR I 42 -15.98 3.05 3.28
CA TYR I 42 -16.40 4.00 4.30
C TYR I 42 -15.66 5.32 4.15
N LEU I 43 -14.35 5.27 3.94
CA LEU I 43 -13.58 6.49 3.78
C LEU I 43 -13.96 7.25 2.52
N GLN I 44 -14.36 6.54 1.47
CA GLN I 44 -14.77 7.20 0.24
C GLN I 44 -15.96 8.11 0.48
N SER I 45 -16.96 7.62 1.22
CA SER I 45 -18.11 8.44 1.55
C SER I 45 -17.72 9.62 2.43
N LYS I 46 -16.87 9.36 3.43
CA LYS I 46 -16.40 10.45 4.29
C LYS I 46 -15.52 11.42 3.51
N GLY I 47 -14.65 10.90 2.64
CA GLY I 47 -13.75 11.78 1.90
C GLY I 47 -14.48 12.69 0.94
N SER I 48 -15.44 12.14 0.20
CA SER I 48 -16.19 12.96 -0.77
C SER I 48 -17.07 13.96 -0.04
N ALA I 49 -17.58 13.59 1.14
CA ALA I 49 -18.39 14.52 1.92
C ALA I 49 -17.59 15.74 2.35
N THR I 50 -16.35 15.51 2.78
CA THR I 50 -15.50 16.61 3.23
C THR I 50 -15.22 17.59 2.10
N GLY I 51 -14.98 17.06 0.90
CA GLY I 51 -14.66 17.89 -0.25
C GLY I 51 -15.74 18.89 -0.59
N GLU I 52 -17.00 18.47 -0.50
CA GLU I 52 -18.10 19.37 -0.84
C GLU I 52 -18.32 20.42 0.24
N GLU I 53 -18.27 20.01 1.51
CA GLU I 53 -18.52 20.96 2.59
C GLU I 53 -17.37 21.94 2.77
N ALA I 54 -16.13 21.44 2.63
CA ALA I 54 -14.98 22.33 2.74
C ALA I 54 -15.01 23.38 1.63
N SER I 55 -15.37 22.96 0.41
CA SER I 55 -15.58 23.93 -0.66
C SER I 55 -16.75 24.84 -0.35
N ALA I 56 -17.82 24.29 0.25
CA ALA I 56 -18.99 25.09 0.57
C ALA I 56 -18.66 26.15 1.61
N GLN I 57 -17.82 25.80 2.59
CA GLN I 57 -17.43 26.75 3.61
C GLN I 57 -16.67 27.93 3.02
N VAL I 58 -15.77 27.66 2.09
CA VAL I 58 -14.99 28.72 1.45
C VAL I 58 -15.84 29.53 0.47
N SER I 59 -16.71 28.87 -0.30
CA SER I 59 -17.36 29.48 -1.45
C SER I 59 -18.66 30.21 -1.08
N ASN I 60 -19.58 29.53 -0.40
CA ASN I 60 -20.87 30.14 -0.11
C ASN I 60 -20.71 31.27 0.89
N ARG I 61 -20.75 32.51 0.41
CA ARG I 61 -20.41 33.67 1.22
C ARG I 61 -21.40 34.79 0.92
N ILE I 62 -21.62 35.65 1.92
CA ILE I 62 -22.56 36.76 1.82
C ILE I 62 -21.77 38.06 1.70
N ASN I 63 -22.13 38.87 0.71
CA ASN I 63 -21.54 40.20 0.53
C ASN I 63 -22.59 41.25 0.83
N ILE I 64 -22.28 42.15 1.75
CA ILE I 64 -23.21 43.21 2.18
C ILE I 64 -23.13 44.33 1.14
N VAL I 65 -24.21 44.52 0.37
CA VAL I 65 -24.20 45.53 -0.67
C VAL I 65 -24.13 46.92 -0.07
N SER I 66 -24.99 47.21 0.91
CA SER I 66 -25.05 48.52 1.52
C SER I 66 -25.62 48.38 2.92
N ALA I 67 -25.80 49.51 3.59
CA ALA I 67 -26.36 49.53 4.94
C ALA I 67 -26.88 50.92 5.23
N TYR I 68 -28.19 51.04 5.42
CA TYR I 68 -28.83 52.28 5.81
C TYR I 68 -29.64 52.07 7.09
N GLY I 69 -30.21 53.17 7.59
CA GLY I 69 -30.97 53.10 8.82
C GLY I 69 -32.00 54.19 8.98
N ASN I 70 -33.19 53.82 9.44
CA ASN I 70 -34.23 54.81 9.70
C ASN I 70 -33.87 55.66 10.91
N VAL I 71 -34.34 56.90 10.91
CA VAL I 71 -34.02 57.84 11.97
C VAL I 71 -35.27 58.30 12.70
N UNK I 72 -35.39 57.88 13.96
CA UNK I 72 -36.50 58.30 14.80
C UNK I 72 -36.02 59.40 15.75
N UNK I 73 -36.73 60.53 15.75
CA UNK I 73 -36.38 61.69 16.57
C UNK I 73 -34.93 62.12 16.32
N UNK I 74 -34.00 61.40 16.95
CA UNK I 74 -32.58 61.67 16.77
C UNK I 74 -31.77 60.44 17.11
N UNK I 75 -32.30 59.26 16.79
CA UNK I 75 -31.63 58.01 17.07
C UNK I 75 -32.01 56.95 16.05
N VAL I 76 -31.00 56.21 15.57
CA VAL I 76 -31.22 55.15 14.59
C VAL I 76 -31.94 53.98 15.23
N ASP I 77 -33.10 53.63 14.70
CA ASP I 77 -33.88 52.55 15.29
C ASP I 77 -33.71 51.23 14.55
N TYR I 78 -33.67 51.28 13.22
CA TYR I 78 -33.46 50.09 12.41
C TYR I 78 -32.09 50.14 11.74
N VAL I 79 -31.49 48.96 11.57
CA VAL I 79 -30.26 48.81 10.80
C VAL I 79 -30.54 47.77 9.73
N ASN I 80 -30.52 48.20 8.47
CA ASN I 80 -30.88 47.35 7.33
C ASN I 80 -29.64 47.04 6.51
N LEU I 81 -29.42 45.76 6.24
CA LEU I 81 -28.28 45.30 5.46
C LEU I 81 -28.79 44.59 4.22
N THR I 82 -28.59 45.21 3.05
CA THR I 82 -28.94 44.55 1.80
C THR I 82 -27.84 43.58 1.41
N VAL I 83 -28.14 42.28 1.49
CA VAL I 83 -27.13 41.25 1.29
C VAL I 83 -27.26 40.68 -0.12
N ARG I 84 -26.18 40.06 -0.58
CA ARG I 84 -26.12 39.52 -1.93
C ARG I 84 -25.20 38.31 -1.93
N GLN I 85 -25.48 37.38 -2.85
CA GLN I 85 -24.61 36.22 -3.03
C GLN I 85 -23.22 36.66 -3.49
N ALA I 86 -22.21 35.96 -2.99
CA ALA I 86 -20.83 36.26 -3.38
C ALA I 86 -20.53 35.65 -4.74
N ALA I 87 -19.26 35.72 -5.14
CA ALA I 87 -18.85 35.22 -6.44
C ALA I 87 -18.96 33.71 -6.49
N GLY I 88 -19.81 33.21 -7.40
CA GLY I 88 -19.91 31.79 -7.66
C GLY I 88 -20.30 30.93 -6.48
N ALA I 89 -21.33 31.34 -5.74
CA ALA I 89 -21.84 30.58 -4.62
C ALA I 89 -23.14 29.87 -4.99
N ASP I 90 -23.44 28.82 -4.26
CA ASP I 90 -24.68 28.08 -4.41
C ASP I 90 -25.77 28.74 -3.56
N ASN I 91 -26.88 28.03 -3.37
CA ASN I 91 -27.98 28.56 -2.59
C ASN I 91 -27.53 28.83 -1.16
N ILE I 92 -27.72 30.06 -0.70
CA ILE I 92 -27.35 30.47 0.65
C ILE I 92 -28.65 30.73 1.41
N ASN I 93 -28.84 30.02 2.50
CA ASN I 93 -30.06 30.16 3.30
C ASN I 93 -29.79 31.11 4.46
N LEU I 94 -30.52 32.22 4.49
CA LEU I 94 -30.34 33.21 5.54
C LEU I 94 -31.10 32.85 6.79
N UNK I 95 -31.80 31.72 6.76
CA UNK I 95 -32.57 31.26 7.90
C UNK I 95 -31.66 30.56 8.89
N LYS I 96 -30.63 29.91 8.38
CA LYS I 96 -29.69 29.19 9.21
C LYS I 96 -28.42 30.01 9.41
N SER I 97 -28.56 31.33 9.40
CA SER I 97 -27.44 32.24 9.57
C SER I 97 -27.65 33.07 10.83
N THR I 98 -26.55 33.39 11.50
CA THR I 98 -26.57 34.13 12.73
C THR I 98 -25.68 35.37 12.61
N ILE I 99 -26.14 36.47 13.21
CA ILE I 99 -25.44 37.75 13.15
C ILE I 99 -24.99 38.10 14.56
N GLN I 100 -23.70 38.39 14.71
CA GLN I 100 -23.12 38.77 15.99
C GLN I 100 -23.00 40.29 16.08
N TRP I 101 -23.56 40.85 17.14
CA TRP I 101 -23.71 42.29 17.32
C TRP I 101 -22.80 42.72 18.47
N ILE I 102 -21.69 43.39 18.14
CA ILE I 102 -20.81 43.97 19.15
C ILE I 102 -20.96 45.48 19.01
N GLY I 103 -21.73 46.08 19.91
CA GLY I 103 -22.01 47.49 19.86
C GLY I 103 -21.55 48.23 21.10
N PRO I 104 -21.99 49.49 21.23
CA PRO I 104 -21.59 50.27 22.42
C PRO I 104 -22.03 49.67 23.73
N ASP I 105 -23.18 49.01 23.76
CA ASP I 105 -23.70 48.43 25.00
C ASP I 105 -23.73 46.91 24.93
N UNK I 106 -24.76 46.36 24.30
CA UNK I 106 -24.94 44.92 24.23
C UNK I 106 -23.84 44.26 23.41
N ALA I 107 -23.78 42.94 23.48
CA ALA I 107 -22.79 42.15 22.75
C ALA I 107 -23.24 40.71 22.60
N THR I 108 -24.38 40.52 21.95
CA THR I 108 -24.99 39.20 21.79
C THR I 108 -24.93 38.78 20.32
N THR I 109 -25.54 37.63 20.04
CA THR I 109 -25.68 37.11 18.68
C THR I 109 -27.16 37.02 18.37
N LEU I 110 -27.52 37.23 17.11
CA LEU I 110 -28.93 37.28 16.72
C LEU I 110 -29.29 36.08 15.85
N THR I 111 -30.57 35.73 15.87
CA THR I 111 -31.08 34.57 15.16
C THR I 111 -32.31 34.97 14.34
N TYR I 112 -32.55 34.20 13.28
CA TYR I 112 -33.65 34.48 12.35
C TYR I 112 -35.00 34.46 13.07
N UNK I 113 -35.88 35.39 12.72
CA UNK I 113 -37.24 35.39 13.26
C UNK I 113 -38.25 35.24 12.13
N UNK I 114 -39.42 35.85 12.31
CA UNK I 114 -40.46 35.83 11.28
C UNK I 114 -41.53 36.88 11.60
N UNK I 115 -41.59 37.93 10.79
CA UNK I 115 -42.57 39.00 10.92
C UNK I 115 -42.48 39.70 12.27
N UNK I 116 -41.81 40.84 12.31
CA UNK I 116 -41.68 41.63 13.52
C UNK I 116 -41.27 43.07 13.22
N UNK I 117 -41.36 43.93 14.22
CA UNK I 117 -41.00 45.33 14.07
C UNK I 117 -40.63 45.96 15.41
N UNK I 120 -39.19 42.59 16.97
CA UNK I 120 -37.92 41.91 16.79
C UNK I 120 -36.92 42.31 17.86
N UNK I 121 -36.88 41.55 18.95
CA UNK I 121 -35.97 41.82 20.05
C UNK I 121 -34.53 41.46 19.65
N GLU I 122 -34.02 40.35 20.17
CA GLU I 122 -32.72 39.85 19.75
C GLU I 122 -32.86 38.93 18.54
N ASN I 123 -33.44 39.44 17.46
CA ASN I 123 -33.63 38.67 16.25
C ASN I 123 -33.50 39.60 15.05
N PHE I 124 -33.30 38.99 13.89
CA PHE I 124 -33.27 39.71 12.62
C PHE I 124 -34.26 39.09 11.64
N THR I 125 -34.92 39.94 10.88
CA THR I 125 -35.96 39.53 9.94
C THR I 125 -35.55 39.90 8.53
N THR I 126 -35.84 39.01 7.58
CA THR I 126 -35.42 39.21 6.20
C THR I 126 -36.61 39.45 5.27
N UNK I 127 -36.70 40.68 4.76
CA UNK I 127 -37.71 41.03 3.77
C UNK I 127 -37.04 41.15 2.41
N SER I 128 -37.51 40.35 1.44
CA SER I 128 -36.87 40.29 0.13
C SER I 128 -36.92 41.61 -0.62
N ILE I 129 -36.00 41.78 -1.56
CA ILE I 129 -35.93 42.97 -2.41
C ILE I 129 -36.07 42.61 -3.89
N LYS I 130 -35.33 41.60 -4.35
CA LYS I 130 -35.41 41.16 -5.73
C LYS I 130 -35.30 39.64 -5.74
N GLY I 131 -36.22 38.97 -6.42
CA GLY I 131 -36.18 37.52 -6.52
C GLY I 131 -37.40 36.82 -5.97
N UNK I 132 -37.35 35.50 -5.95
CA UNK I 132 -38.49 34.68 -5.51
C UNK I 132 -38.60 34.62 -3.99
N UNK I 133 -37.90 33.68 -3.37
CA UNK I 133 -37.97 33.46 -1.94
C UNK I 133 -37.48 34.67 -1.14
N UNK I 134 -37.90 34.76 0.11
CA UNK I 134 -37.55 35.90 0.96
C UNK I 134 -36.67 35.50 2.13
N UNK I 135 -35.85 34.48 1.93
CA UNK I 135 -34.94 34.01 2.97
C UNK I 135 -33.80 33.20 2.37
N VAL I 136 -33.93 32.87 1.09
CA VAL I 136 -32.92 32.07 0.41
C VAL I 136 -32.44 32.78 -0.85
N LEU I 137 -31.13 33.00 -0.93
CA LEU I 137 -30.53 33.55 -2.15
C LEU I 137 -30.30 32.41 -3.14
N VAL I 138 -30.83 32.54 -4.34
CA VAL I 138 -30.78 31.48 -5.33
C VAL I 138 -29.87 31.85 -6.50
N ASP I 139 -30.18 32.91 -7.22
CA ASP I 139 -29.41 33.35 -8.37
C ASP I 139 -28.50 34.50 -7.99
N GLN I 140 -27.65 34.90 -8.94
CA GLN I 140 -26.72 35.99 -8.71
C GLN I 140 -27.46 37.32 -8.56
N SER I 141 -28.69 37.40 -9.10
CA SER I 141 -29.38 38.67 -9.18
C SER I 141 -30.29 38.94 -7.99
N ASP I 142 -30.48 38.00 -7.08
CA ASP I 142 -31.39 38.21 -5.96
C ASP I 142 -30.72 39.03 -4.87
N ARG I 143 -31.50 39.93 -4.26
CA ARG I 143 -31.05 40.77 -3.16
C ARG I 143 -32.05 40.64 -2.02
N ILE I 144 -31.55 40.52 -0.80
CA ILE I 144 -32.40 40.41 0.38
C ILE I 144 -31.98 41.48 1.38
N LYS I 145 -32.95 41.98 2.14
CA LYS I 145 -32.73 42.95 3.20
C LYS I 145 -32.80 42.26 4.55
N VAL I 146 -31.90 42.65 5.45
CA VAL I 146 -31.83 42.11 6.79
C VAL I 146 -32.24 43.21 7.75
N ILE I 147 -33.27 42.96 8.54
CA ILE I 147 -33.86 43.96 9.42
C ILE I 147 -33.54 43.59 10.86
N MET I 148 -32.78 44.44 11.54
CA MET I 148 -32.46 44.27 12.95
C MET I 148 -32.75 45.57 13.68
N TYR I 149 -33.68 45.50 14.64
CA TYR I 149 -34.10 46.68 15.39
C TYR I 149 -33.00 47.03 16.38
N ALA I 150 -32.56 48.29 16.37
CA ALA I 150 -31.45 48.73 17.21
C ALA I 150 -31.90 49.03 18.64
N UNK I 151 -33.11 49.56 18.78
CA UNK I 151 -33.62 49.93 20.09
C UNK I 151 -34.08 48.70 20.88
N UNK I 152 -34.01 47.53 20.25
CA UNK I 152 -34.41 46.30 20.91
C UNK I 152 -33.20 45.53 21.43
N VAL I 153 -32.20 45.36 20.58
CA VAL I 153 -31.01 44.61 20.95
C VAL I 153 -30.23 45.36 22.03
N UNK I 154 -30.43 46.67 22.09
CA UNK I 154 -29.78 47.51 23.08
C UNK I 154 -30.49 48.85 23.14
N UNK I 155 -29.82 49.85 23.72
CA UNK I 155 -30.37 51.21 23.74
C UNK I 155 -30.37 51.76 22.32
N UNK I 156 -31.15 52.82 22.10
CA UNK I 156 -31.26 53.43 20.77
C UNK I 156 -29.90 53.94 20.30
N LEU I 157 -29.56 53.62 19.06
CA LEU I 157 -28.27 54.00 18.49
C LEU I 157 -28.15 55.50 18.33
N UNK I 158 -27.01 56.05 18.76
CA UNK I 158 -26.80 57.49 18.72
C UNK I 158 -25.80 57.89 17.64
N UNK I 159 -25.65 59.19 17.44
CA UNK I 159 -24.72 59.73 16.45
C UNK I 159 -23.28 59.45 16.85
N GLY I 160 -22.50 58.95 15.89
CA GLY I 160 -21.10 58.68 16.13
C GLY I 160 -20.82 57.27 16.61
N UNK I 161 -21.85 56.61 17.12
CA UNK I 161 -21.72 55.24 17.61
C UNK I 161 -21.36 54.29 16.48
N GLU I 162 -20.74 53.17 16.82
CA GLU I 162 -20.30 52.19 15.82
C GLU I 162 -20.73 50.79 16.22
N VAL I 163 -21.14 50.00 15.23
CA VAL I 163 -21.63 48.64 15.45
C VAL I 163 -20.82 47.69 14.58
N GLN I 164 -20.40 46.57 15.16
CA GLN I 164 -19.67 45.53 14.44
C GLN I 164 -20.58 44.34 14.23
N LEU I 165 -20.80 43.99 12.96
CA LEU I 165 -21.69 42.90 12.58
C LEU I 165 -20.89 41.84 11.83
N THR I 166 -21.19 40.57 12.12
CA THR I 166 -20.56 39.44 11.44
C THR I 166 -21.66 38.47 11.02
N VAL I 167 -22.18 38.64 9.81
CA VAL I 167 -23.14 37.70 9.27
C VAL I 167 -22.45 36.37 9.00
N THR I 168 -22.97 35.30 9.60
CA THR I 168 -22.33 33.99 9.55
C THR I 168 -23.32 33.00 8.96
N THR I 169 -23.09 32.61 7.70
CA THR I 169 -23.94 31.62 7.06
C THR I 169 -23.83 30.28 7.78
N GLN I 170 -24.68 29.34 7.36
CA GLN I 170 -24.71 28.04 8.03
C GLN I 170 -23.39 27.29 7.87
N TYR I 171 -22.79 27.35 6.68
CA TYR I 171 -21.62 26.53 6.40
C TYR I 171 -20.35 27.07 7.01
N GLY I 172 -20.35 28.31 7.51
CA GLY I 172 -19.18 28.81 8.22
C GLY I 172 -18.64 30.13 7.73
N SER I 173 -19.14 30.60 6.58
CA SER I 173 -18.68 31.86 6.02
C SER I 173 -18.95 33.01 6.96
N LYS I 174 -18.05 33.98 6.98
CA LYS I 174 -18.16 35.14 7.85
C LYS I 174 -18.02 36.41 7.01
N THR I 175 -18.93 37.35 7.20
CA THR I 175 -18.86 38.66 6.57
C THR I 175 -18.94 39.73 7.65
N THR I 176 -17.91 40.55 7.74
CA THR I 176 -17.80 41.57 8.78
C THR I 176 -18.12 42.94 8.21
N TYR I 177 -19.03 43.65 8.86
CA TYR I 177 -19.39 45.00 8.46
C TYR I 177 -19.35 45.90 9.69
N TRP I 178 -18.79 47.09 9.54
CA TRP I 178 -18.69 48.06 10.62
C TRP I 178 -19.65 49.21 10.30
N ALA I 179 -20.88 49.09 10.77
CA ALA I 179 -21.88 50.14 10.56
C ALA I 179 -21.66 51.25 11.58
N GLN I 180 -21.20 52.40 11.10
CA GLN I 180 -20.93 53.55 11.96
C GLN I 180 -21.98 54.62 11.65
N VAL I 181 -22.62 55.10 12.70
CA VAL I 181 -23.67 56.12 12.59
C VAL I 181 -23.02 57.44 12.19
N PRO I 182 -23.67 58.26 11.36
CA PRO I 182 -23.15 59.60 11.10
C PRO I 182 -23.03 60.40 12.38
N GLU I 183 -22.00 61.24 12.46
CA GLU I 183 -21.75 62.02 13.67
C GLU I 183 -22.86 63.03 13.92
N SER I 184 -23.65 63.36 12.88
CA SER I 184 -24.78 64.27 13.02
C SER I 184 -26.00 63.65 12.36
N LEU I 185 -27.13 63.69 13.06
CA LEU I 185 -28.40 63.20 12.54
C LEU I 185 -29.42 64.32 12.39
N LYS I 186 -28.99 65.58 12.47
CA LYS I 186 -29.93 66.69 12.43
C LYS I 186 -30.58 66.78 11.05
N ASP I 187 -31.91 66.74 11.03
CA ASP I 187 -32.71 66.87 9.82
C ASP I 187 -32.30 65.86 8.76
N LYS I 188 -32.44 64.58 9.11
CA LYS I 188 -32.18 63.47 8.19
C LYS I 188 -33.22 62.38 8.49
N ASN I 189 -34.15 62.18 7.56
CA ASN I 189 -35.16 61.14 7.75
C ASN I 189 -34.52 59.76 7.78
N ALA I 190 -33.54 59.53 6.91
CA ALA I 190 -32.83 58.26 6.86
C ALA I 190 -31.38 58.50 6.47
N VAL I 191 -30.46 57.81 7.14
CA VAL I 191 -29.05 57.93 6.86
C VAL I 191 -28.49 56.63 6.30
N UNK I 192 -27.23 56.68 5.85
CA UNK I 192 -26.57 55.51 5.31
C UNK I 192 -25.29 55.21 6.08
N LEU I 193 -25.33 54.17 6.91
CA LEU I 193 -24.17 53.77 7.69
C LEU I 193 -23.09 53.15 6.80
N GLN J 13 -3.19 -55.73 8.04
CA GLN J 13 -2.86 -55.03 9.27
C GLN J 13 -2.42 -53.60 8.99
N VAL J 14 -1.81 -53.37 7.83
CA VAL J 14 -1.41 -52.03 7.44
C VAL J 14 -2.64 -51.16 7.23
N GLY J 15 -3.73 -51.75 6.73
CA GLY J 15 -4.96 -50.99 6.56
C GLY J 15 -5.48 -50.42 7.86
N ILE J 16 -5.35 -51.17 8.95
CA ILE J 16 -5.77 -50.68 10.25
C ILE J 16 -4.94 -49.46 10.65
N GLY J 17 -3.62 -49.55 10.46
CA GLY J 17 -2.75 -48.46 10.87
C GLY J 17 -3.05 -47.16 10.15
N THR J 18 -3.31 -47.24 8.84
CA THR J 18 -3.58 -46.04 8.07
C THR J 18 -4.85 -45.34 8.55
N LEU J 19 -5.88 -46.11 8.87
CA LEU J 19 -7.17 -45.51 9.22
C LEU J 19 -7.07 -44.70 10.51
N ILE J 20 -6.37 -45.21 11.52
CA ILE J 20 -6.27 -44.48 12.79
C ILE J 20 -5.48 -43.20 12.61
N VAL J 21 -4.36 -43.26 11.89
CA VAL J 21 -3.59 -42.04 11.64
C VAL J 21 -4.35 -41.08 10.74
N PHE J 22 -5.18 -41.61 9.84
CA PHE J 22 -6.02 -40.75 9.00
C PHE J 22 -6.99 -39.94 9.85
N ILE J 23 -7.48 -40.53 10.94
CA ILE J 23 -8.35 -39.81 11.86
C ILE J 23 -7.59 -38.65 12.50
N ALA J 24 -6.35 -38.89 12.88
CA ALA J 24 -5.56 -37.85 13.54
C ALA J 24 -5.22 -36.73 12.56
N MET J 25 -4.95 -37.08 11.30
CA MET J 25 -4.52 -36.08 10.33
C MET J 25 -5.62 -35.06 10.06
N VAL J 26 -6.87 -35.51 9.94
CA VAL J 26 -7.96 -34.58 9.73
C VAL J 26 -8.26 -33.75 10.97
N LEU J 27 -8.03 -34.31 12.16
CA LEU J 27 -8.22 -33.54 13.38
C LEU J 27 -7.17 -32.45 13.51
N VAL J 28 -5.91 -32.77 13.20
CA VAL J 28 -4.84 -31.79 13.29
C VAL J 28 -5.08 -30.65 12.31
N ALA J 29 -5.50 -30.99 11.08
CA ALA J 29 -5.79 -29.96 10.09
C ALA J 29 -6.94 -29.06 10.54
N ALA J 30 -7.92 -29.65 11.22
CA ALA J 30 -9.03 -28.86 11.75
C ALA J 30 -8.55 -27.88 12.82
N ILE J 31 -7.61 -28.30 13.66
CA ILE J 31 -7.09 -27.43 14.71
C ILE J 31 -6.34 -26.25 14.07
N ALA J 32 -5.52 -26.53 13.06
CA ALA J 32 -4.79 -25.46 12.38
C ALA J 32 -5.75 -24.52 11.65
N ALA J 33 -6.79 -25.08 11.04
CA ALA J 33 -7.77 -24.25 10.34
C ALA J 33 -8.51 -23.35 11.32
N GLY J 34 -8.68 -23.81 12.56
CA GLY J 34 -9.32 -23.00 13.58
C GLY J 34 -8.55 -21.76 13.95
N VAL J 35 -7.24 -21.90 14.15
CA VAL J 35 -6.42 -20.77 14.58
C VAL J 35 -6.38 -19.70 13.51
N LEU J 36 -6.19 -20.10 12.26
CA LEU J 36 -6.08 -19.12 11.17
C LEU J 36 -7.35 -18.30 11.03
N ILE J 37 -8.51 -18.96 11.09
CA ILE J 37 -9.78 -18.25 10.93
C ILE J 37 -10.07 -17.40 12.16
N ASN J 38 -9.87 -17.96 13.35
CA ASN J 38 -10.17 -17.23 14.58
C ASN J 38 -9.29 -16.00 14.72
N THR J 39 -8.00 -16.14 14.41
CA THR J 39 -7.09 -14.99 14.49
C THR J 39 -7.51 -13.92 13.49
N ALA J 40 -7.86 -14.33 12.27
CA ALA J 40 -8.34 -13.36 11.29
C ALA J 40 -9.61 -12.66 11.77
N GLY J 41 -10.47 -13.39 12.48
CA GLY J 41 -11.66 -12.75 13.03
C GLY J 41 -11.33 -11.69 14.05
N TYR J 42 -10.37 -11.98 14.95
CA TYR J 42 -9.94 -10.98 15.91
C TYR J 42 -9.31 -9.78 15.22
N LEU J 43 -8.43 -10.02 14.26
CA LEU J 43 -7.75 -8.94 13.55
C LEU J 43 -8.73 -8.12 12.73
N GLN J 44 -9.70 -8.77 12.09
CA GLN J 44 -10.71 -8.04 11.31
C GLN J 44 -11.51 -7.09 12.19
N SER J 45 -11.93 -7.53 13.37
CA SER J 45 -12.65 -6.65 14.29
C SER J 45 -11.76 -5.50 14.75
N LYS J 46 -10.52 -5.81 15.12
CA LYS J 46 -9.58 -4.75 15.50
C LYS J 46 -9.27 -3.84 14.32
N GLY J 47 -9.08 -4.43 13.14
CA GLY J 47 -8.78 -3.62 11.96
C GLY J 47 -9.95 -2.76 11.55
N SER J 48 -11.17 -3.29 11.69
CA SER J 48 -12.36 -2.49 11.40
C SER J 48 -12.54 -1.39 12.44
N ALA J 49 -12.18 -1.67 13.69
CA ALA J 49 -12.37 -0.68 14.75
C ALA J 49 -11.47 0.53 14.54
N THR J 50 -10.19 0.30 14.24
CA THR J 50 -9.25 1.40 14.14
C THR J 50 -9.55 2.31 12.95
N GLY J 51 -10.27 1.78 11.96
CA GLY J 51 -10.62 2.59 10.81
C GLY J 51 -11.47 3.79 11.17
N GLU J 52 -12.50 3.58 11.99
CA GLU J 52 -13.36 4.68 12.41
C GLU J 52 -12.63 5.63 13.35
N GLU J 53 -11.87 5.08 14.31
CA GLU J 53 -11.19 5.92 15.28
C GLU J 53 -10.16 6.82 14.60
N ALA J 54 -9.36 6.26 13.71
CA ALA J 54 -8.37 7.06 12.98
C ALA J 54 -9.05 8.09 12.09
N SER J 55 -10.11 7.69 11.40
CA SER J 55 -10.82 8.62 10.52
C SER J 55 -11.50 9.72 11.32
N ALA J 56 -12.12 9.36 12.46
CA ALA J 56 -12.80 10.36 13.27
C ALA J 56 -11.80 11.34 13.89
N GLN J 57 -10.63 10.83 14.29
CA GLN J 57 -9.62 11.70 14.89
C GLN J 57 -9.18 12.78 13.92
N VAL J 58 -8.98 12.42 12.66
CA VAL J 58 -8.60 13.41 11.65
C VAL J 58 -9.75 14.36 11.36
N SER J 59 -10.97 13.85 11.29
CA SER J 59 -12.10 14.63 10.77
C SER J 59 -12.82 15.40 11.88
N ASN J 60 -13.26 14.69 12.92
CA ASN J 60 -14.06 15.32 13.98
C ASN J 60 -13.27 16.43 14.66
N ARG J 61 -13.67 17.68 14.42
CA ARG J 61 -12.86 18.82 14.81
C ARG J 61 -13.77 20.00 15.10
N ILE J 62 -13.26 20.94 15.90
CA ILE J 62 -14.00 22.13 16.29
C ILE J 62 -13.39 23.33 15.59
N ASN J 63 -14.25 24.18 15.03
CA ASN J 63 -13.82 25.43 14.41
C ASN J 63 -14.45 26.58 15.17
N ILE J 64 -13.61 27.50 15.67
CA ILE J 64 -14.07 28.61 16.47
C ILE J 64 -14.50 29.74 15.54
N VAL J 65 -15.78 30.13 15.63
CA VAL J 65 -16.27 31.21 14.78
C VAL J 65 -15.71 32.55 15.23
N SER J 66 -15.83 32.86 16.52
CA SER J 66 -15.38 34.14 17.05
C SER J 66 -15.35 34.06 18.56
N ALA J 67 -14.69 35.03 19.18
CA ALA J 67 -14.57 35.10 20.62
C ALA J 67 -14.69 36.54 21.07
N TYR J 68 -15.14 36.73 22.31
CA TYR J 68 -15.28 38.05 22.90
C TYR J 68 -15.15 37.91 24.42
N GLY J 69 -15.41 39.00 25.13
CA GLY J 69 -15.31 38.98 26.57
C GLY J 69 -15.86 40.22 27.25
N ASN J 70 -16.67 40.03 28.30
CA ASN J 70 -17.22 41.14 29.04
C ASN J 70 -16.12 41.92 29.74
N VAL J 71 -16.31 43.23 29.83
CA VAL J 71 -15.31 44.09 30.44
C VAL J 71 -15.91 44.87 31.61
N UNK J 72 -15.58 44.44 32.82
CA UNK J 72 -16.01 45.14 34.02
C UNK J 72 -14.91 46.09 34.47
N UNK J 73 -15.29 47.31 34.83
CA UNK J 73 -14.34 48.35 35.21
C UNK J 73 -13.31 48.58 34.10
N UNK J 74 -12.25 47.78 34.11
CA UNK J 74 -11.22 47.87 33.09
C UNK J 74 -10.49 46.54 32.96
N UNK J 75 -11.17 45.46 33.31
CA UNK J 75 -10.57 44.12 33.25
C UNK J 75 -11.54 43.12 32.63
N VAL J 76 -11.01 42.27 31.75
CA VAL J 76 -11.81 41.23 31.11
C VAL J 76 -12.22 40.20 32.15
N ASP J 77 -13.52 39.98 32.27
CA ASP J 77 -14.05 39.09 33.31
C ASP J 77 -14.44 37.72 32.80
N TYR J 78 -14.83 37.60 31.53
CA TYR J 78 -15.17 36.31 30.94
C TYR J 78 -14.53 36.21 29.57
N VAL J 79 -14.32 34.98 29.10
CA VAL J 79 -13.85 34.71 27.75
C VAL J 79 -14.84 33.75 27.13
N ASN J 80 -15.64 34.23 26.19
CA ASN J 80 -16.68 33.44 25.55
C ASN J 80 -16.27 33.10 24.12
N LEU J 81 -16.54 31.85 23.74
CA LEU J 81 -16.18 31.34 22.41
C LEU J 81 -17.44 30.84 21.73
N THR J 82 -17.51 30.99 20.41
CA THR J 82 -18.59 30.42 19.61
C THR J 82 -18.00 29.37 18.68
N VAL J 83 -18.37 28.10 18.89
CA VAL J 83 -17.77 26.99 18.17
C VAL J 83 -18.77 26.42 17.19
N ARG J 84 -18.24 25.78 16.15
CA ARG J 84 -19.06 25.14 15.12
C ARG J 84 -18.34 23.90 14.62
N GLN J 85 -19.12 23.01 13.99
CA GLN J 85 -18.57 21.78 13.45
C GLN J 85 -17.57 22.08 12.33
N ALA J 86 -16.52 21.27 12.25
CA ALA J 86 -15.60 21.37 11.14
C ALA J 86 -16.19 20.72 9.90
N ALA J 87 -15.50 20.86 8.78
CA ALA J 87 -15.97 20.29 7.53
C ALA J 87 -15.93 18.76 7.60
N GLY J 88 -17.10 18.14 7.42
CA GLY J 88 -17.18 16.70 7.41
C GLY J 88 -17.05 16.02 8.75
N ALA J 89 -17.34 16.74 9.84
CA ALA J 89 -17.30 16.13 11.16
C ALA J 89 -18.63 15.44 11.46
N ASP J 90 -18.62 14.62 12.50
CA ASP J 90 -19.83 13.99 13.02
C ASP J 90 -20.19 14.66 14.34
N ASN J 91 -21.14 14.05 15.06
CA ASN J 91 -21.62 14.59 16.32
C ASN J 91 -20.46 14.77 17.29
N ILE J 92 -20.37 15.95 17.91
CA ILE J 92 -19.28 16.29 18.82
C ILE J 92 -19.88 16.63 20.17
N ASN J 93 -19.45 15.91 21.21
CA ASN J 93 -19.86 16.22 22.56
C ASN J 93 -18.89 17.27 23.13
N LEU J 94 -19.44 18.37 23.63
CA LEU J 94 -18.62 19.44 24.18
C LEU J 94 -18.44 19.28 25.68
N UNK J 95 -18.78 18.09 26.18
CA UNK J 95 -18.64 17.80 27.59
C UNK J 95 -17.53 16.79 27.80
N LYS J 96 -17.17 16.10 26.73
CA LYS J 96 -16.07 15.14 26.76
C LYS J 96 -14.85 15.73 26.05
N SER J 97 -14.68 17.04 26.17
CA SER J 97 -13.58 17.75 25.56
C SER J 97 -12.94 18.68 26.59
N THR J 98 -11.63 18.86 26.48
CA THR J 98 -10.86 19.66 27.41
C THR J 98 -10.25 20.85 26.69
N ILE J 99 -10.34 22.02 27.32
CA ILE J 99 -9.78 23.25 26.78
C ILE J 99 -8.55 23.60 27.60
N GLN J 100 -7.39 23.60 26.96
CA GLN J 100 -6.15 23.95 27.64
C GLN J 100 -6.00 25.46 27.69
N TRP J 101 -5.76 25.98 28.89
CA TRP J 101 -5.68 27.43 29.12
C TRP J 101 -4.24 27.77 29.49
N ILE J 102 -3.54 28.45 28.59
CA ILE J 102 -2.21 28.99 28.86
C ILE J 102 -2.39 30.49 29.00
N GLY J 103 -2.24 30.99 30.22
CA GLY J 103 -2.53 32.38 30.51
C GLY J 103 -1.32 33.16 30.98
N PRO J 104 -1.51 34.45 31.26
CA PRO J 104 -0.40 35.26 31.76
C PRO J 104 0.06 34.87 33.14
N ASP J 105 -0.77 34.14 33.90
CA ASP J 105 -0.41 33.75 35.25
C ASP J 105 -0.44 32.24 35.43
N UNK J 106 -1.64 31.67 35.41
CA UNK J 106 -1.80 30.24 35.62
C UNK J 106 -1.66 29.47 34.31
N ALA J 107 -1.82 28.16 34.38
CA ALA J 107 -1.73 27.30 33.20
C ALA J 107 -2.39 25.95 33.47
N THR J 108 -3.72 25.93 33.46
CA THR J 108 -4.48 24.75 33.79
C THR J 108 -5.23 24.25 32.57
N THR J 109 -5.74 23.02 32.67
CA THR J 109 -6.55 22.40 31.63
C THR J 109 -7.99 22.35 32.12
N LEU J 110 -8.87 23.09 31.46
CA LEU J 110 -10.25 23.20 31.91
C LEU J 110 -11.05 21.97 31.51
N THR J 111 -12.14 21.75 32.24
CA THR J 111 -13.08 20.65 31.98
C THR J 111 -14.51 21.16 32.13
N TYR J 112 -15.47 20.30 31.81
CA TYR J 112 -16.88 20.69 31.79
C TYR J 112 -17.41 21.03 33.18
N UNK J 113 -18.55 21.71 33.21
CA UNK J 113 -19.28 21.97 34.45
C UNK J 113 -20.75 22.20 34.13
N UNK J 114 -21.44 22.92 35.01
CA UNK J 114 -22.85 23.23 34.80
C UNK J 114 -23.26 24.42 35.66
N UNK J 115 -23.36 25.58 35.03
CA UNK J 115 -23.75 26.82 35.69
C UNK J 115 -22.85 27.13 36.89
N UNK J 119 -19.74 32.31 38.20
CA UNK J 119 -18.86 31.55 39.07
C UNK J 119 -18.75 30.09 38.60
N UNK J 120 -17.85 29.84 37.66
CA UNK J 120 -17.67 28.51 37.11
C UNK J 120 -16.30 27.95 37.51
N UNK J 121 -15.57 28.70 38.33
CA UNK J 121 -14.25 28.31 38.80
C UNK J 121 -13.29 28.00 37.66
N GLU J 122 -12.54 26.91 37.81
CA GLU J 122 -11.55 26.51 36.80
C GLU J 122 -12.15 25.47 35.83
N ASN J 123 -13.47 25.54 35.65
CA ASN J 123 -14.17 24.73 34.67
C ASN J 123 -14.77 25.65 33.62
N PHE J 124 -15.28 25.06 32.54
CA PHE J 124 -15.93 25.80 31.48
C PHE J 124 -17.36 25.30 31.29
N THR J 125 -18.25 26.21 30.92
CA THR J 125 -19.67 25.92 30.75
C THR J 125 -20.06 26.22 29.31
N THR J 126 -21.03 25.47 28.78
CA THR J 126 -21.47 25.69 27.41
C THR J 126 -22.96 26.01 27.34
N UNK J 127 -23.28 27.23 26.91
CA UNK J 127 -24.66 27.61 26.63
C UNK J 127 -24.92 27.50 25.14
N SER J 128 -26.17 27.32 24.75
CA SER J 128 -26.51 27.14 23.33
C SER J 128 -26.74 28.47 22.64
N ILE J 129 -26.55 28.47 21.33
CA ILE J 129 -26.75 29.64 20.49
C ILE J 129 -27.76 29.35 19.38
N LYS J 130 -27.55 28.28 18.63
CA LYS J 130 -28.45 27.86 17.57
C LYS J 130 -28.44 26.35 17.51
N GLY J 131 -29.63 25.74 17.62
CA GLY J 131 -29.74 24.30 17.60
C GLY J 131 -30.43 23.72 18.81
N UNK J 132 -30.67 22.42 18.79
CA UNK J 132 -31.40 21.74 19.86
C UNK J 132 -30.55 21.60 21.12
N UNK J 133 -29.64 20.63 21.12
CA UNK J 133 -28.81 20.34 22.28
C UNK J 133 -27.91 21.52 22.64
N UNK J 134 -27.64 21.68 23.93
CA UNK J 134 -26.84 22.80 24.41
C UNK J 134 -25.44 22.34 24.86
N UNK J 135 -25.04 21.16 24.42
CA UNK J 135 -23.73 20.62 24.78
C UNK J 135 -23.19 19.71 23.70
N VAL J 136 -23.97 19.53 22.63
CA VAL J 136 -23.57 18.65 21.53
C VAL J 136 -23.78 19.36 20.19
N LEU J 137 -22.77 19.26 19.32
CA LEU J 137 -22.86 19.79 17.96
C LEU J 137 -23.35 18.66 17.06
N VAL J 138 -24.55 18.82 16.49
CA VAL J 138 -25.19 17.77 15.73
C VAL J 138 -25.05 17.99 14.23
N ASP J 139 -25.58 19.09 13.72
CA ASP J 139 -25.55 19.39 12.29
C ASP J 139 -24.52 20.48 12.00
N GLN J 140 -24.45 20.86 10.72
CA GLN J 140 -23.46 21.86 10.31
C GLN J 140 -23.85 23.25 10.75
N SER J 141 -25.14 23.48 11.02
CA SER J 141 -25.64 24.83 11.26
C SER J 141 -25.79 25.18 12.73
N ASP J 142 -25.36 24.34 13.66
CA ASP J 142 -25.50 24.63 15.08
C ASP J 142 -24.28 25.35 15.62
N ARG J 143 -24.51 26.24 16.58
CA ARG J 143 -23.44 26.96 17.27
C ARG J 143 -23.67 26.85 18.77
N ILE J 144 -22.60 26.61 19.52
CA ILE J 144 -22.67 26.51 20.97
C ILE J 144 -21.61 27.42 21.56
N LYS J 145 -21.98 28.15 22.60
CA LYS J 145 -21.14 29.20 23.15
C LYS J 145 -20.51 28.72 24.46
N VAL J 146 -19.19 28.87 24.56
CA VAL J 146 -18.40 28.29 25.63
C VAL J 146 -18.05 29.40 26.63
N ILE J 147 -18.28 29.15 27.91
CA ILE J 147 -18.08 30.16 28.94
C ILE J 147 -16.83 29.81 29.74
N MET J 148 -16.00 30.82 30.01
CA MET J 148 -14.79 30.65 30.82
C MET J 148 -14.60 31.90 31.66
N TYR J 149 -14.76 31.76 32.98
CA TYR J 149 -14.50 32.88 33.87
C TYR J 149 -13.02 33.25 33.84
N ALA J 150 -12.74 34.54 33.91
CA ALA J 150 -11.37 35.03 33.84
C ALA J 150 -10.79 35.28 35.23
N UNK J 151 -11.59 35.86 36.11
CA UNK J 151 -11.13 36.16 37.46
C UNK J 151 -11.32 34.98 38.40
N UNK J 152 -11.29 33.78 37.82
CA UNK J 152 -11.47 32.56 38.61
C UNK J 152 -10.42 31.52 38.23
N VAL J 153 -10.10 31.44 36.95
CA VAL J 153 -9.12 30.48 36.47
C VAL J 153 -7.71 31.00 36.74
N UNK J 154 -7.60 32.31 36.95
CA UNK J 154 -6.33 32.94 37.21
C UNK J 154 -6.53 34.30 37.84
N UNK J 155 -6.51 35.33 37.01
CA UNK J 155 -6.76 36.69 37.46
C UNK J 155 -7.50 37.45 36.37
N UNK J 156 -8.13 38.57 36.74
CA UNK J 156 -8.84 39.39 35.77
C UNK J 156 -7.88 39.88 34.70
N LEU J 157 -8.08 39.41 33.47
CA LEU J 157 -7.21 39.74 32.35
C LEU J 157 -7.01 41.25 32.18
N UNK J 158 -5.77 41.66 32.02
CA UNK J 158 -5.41 43.07 31.95
C UNK J 158 -5.75 43.67 30.61
N UNK J 159 -4.94 44.62 30.17
CA UNK J 159 -5.18 45.33 28.92
C UNK J 159 -4.17 44.97 27.86
N GLY J 160 -3.64 43.75 27.92
CA GLY J 160 -2.66 43.29 26.94
C GLY J 160 -2.29 41.83 27.11
N UNK J 161 -2.86 41.20 28.13
CA UNK J 161 -2.57 39.80 28.42
C UNK J 161 -3.09 38.90 27.30
N GLU J 162 -2.22 38.05 26.76
CA GLU J 162 -2.60 37.13 25.70
C GLU J 162 -2.75 35.72 26.24
N VAL J 163 -3.89 35.09 25.95
CA VAL J 163 -4.16 33.75 26.43
C VAL J 163 -4.29 32.81 25.23
N GLN J 164 -3.66 31.65 25.33
CA GLN J 164 -3.67 30.64 24.26
C GLN J 164 -4.60 29.51 24.68
N LEU J 165 -5.59 29.20 23.85
CA LEU J 165 -6.56 28.17 24.13
C LEU J 165 -6.50 27.10 23.05
N THR J 166 -6.50 25.84 23.46
CA THR J 166 -6.60 24.70 22.56
C THR J 166 -7.80 23.87 22.98
N VAL J 167 -8.73 23.64 22.06
CA VAL J 167 -9.97 22.94 22.35
C VAL J 167 -9.84 21.55 21.73
N THR J 168 -9.42 20.59 22.55
CA THR J 168 -9.25 19.22 22.09
C THR J 168 -10.49 18.40 22.40
N THR J 169 -11.10 17.82 21.37
CA THR J 169 -12.29 17.01 21.56
C THR J 169 -11.91 15.64 22.11
N GLN J 170 -12.89 14.74 22.17
CA GLN J 170 -12.65 13.42 22.75
C GLN J 170 -11.76 12.57 21.87
N TYR J 171 -11.87 12.74 20.55
CA TYR J 171 -11.10 11.90 19.64
C TYR J 171 -9.62 12.31 19.60
N GLY J 172 -9.32 13.53 20.01
CA GLY J 172 -7.94 14.00 20.05
C GLY J 172 -7.64 15.16 19.11
N SER J 173 -8.54 15.55 18.23
CA SER J 173 -8.29 16.69 17.36
C SER J 173 -8.30 17.97 18.18
N LYS J 174 -7.29 18.81 17.95
CA LYS J 174 -7.08 20.02 18.73
C LYS J 174 -7.23 21.24 17.85
N THR J 175 -8.01 22.21 18.31
CA THR J 175 -8.13 23.51 17.66
C THR J 175 -7.58 24.58 18.60
N THR J 176 -6.63 25.37 18.12
CA THR J 176 -5.94 26.36 18.93
C THR J 176 -6.41 27.76 18.57
N TYR J 177 -6.50 28.61 19.59
CA TYR J 177 -6.93 29.99 19.42
C TYR J 177 -6.16 30.88 20.38
N TRP J 178 -5.65 32.00 19.87
CA TRP J 178 -4.88 32.96 20.66
C TRP J 178 -5.76 34.18 20.95
N ALA J 179 -6.17 34.32 22.20
CA ALA J 179 -7.04 35.42 22.61
C ALA J 179 -6.16 36.57 23.11
N GLN J 180 -6.10 37.65 22.32
CA GLN J 180 -5.31 38.83 22.67
C GLN J 180 -6.27 39.94 23.07
N VAL J 181 -6.21 40.35 24.34
CA VAL J 181 -7.01 41.45 24.84
C VAL J 181 -6.58 42.72 24.12
N PRO J 182 -7.51 43.61 23.74
CA PRO J 182 -7.11 44.85 23.08
C PRO J 182 -6.20 45.69 23.98
N GLU J 183 -5.27 46.40 23.34
CA GLU J 183 -4.27 47.15 24.07
C GLU J 183 -4.87 48.30 24.87
N SER J 184 -6.12 48.68 24.60
CA SER J 184 -6.81 49.71 25.36
C SER J 184 -8.21 49.21 25.69
N LEU J 185 -8.61 49.40 26.95
CA LEU J 185 -9.93 48.98 27.42
C LEU J 185 -10.71 50.16 27.99
N LYS J 186 -10.65 51.30 27.32
CA LYS J 186 -11.29 52.51 27.83
C LYS J 186 -12.72 52.61 27.32
N ASP J 187 -13.68 52.55 28.25
CA ASP J 187 -15.09 52.81 27.99
C ASP J 187 -15.75 51.70 27.18
N LYS J 188 -14.97 50.71 26.74
CA LYS J 188 -15.56 49.56 26.05
C LYS J 188 -16.31 48.69 27.05
N ASN J 189 -17.54 48.31 26.71
CA ASN J 189 -18.28 47.40 27.58
C ASN J 189 -17.92 45.96 27.27
N ALA J 190 -17.88 45.61 25.99
CA ALA J 190 -17.42 44.30 25.55
C ALA J 190 -16.50 44.46 24.35
N VAL J 191 -15.47 43.62 24.30
CA VAL J 191 -14.47 43.71 23.24
C VAL J 191 -14.38 42.38 22.49
N UNK J 192 -13.69 42.41 21.35
CA UNK J 192 -13.48 41.20 20.56
C UNK J 192 -12.04 40.72 20.70
N LEU J 193 -11.85 39.64 21.45
CA LEU J 193 -10.53 39.10 21.72
C LEU J 193 -9.89 38.55 20.44
N GLN K 13 -1.79 -71.92 13.06
CA GLN K 13 -1.21 -71.06 14.08
C GLN K 13 -0.81 -69.71 13.50
N VAL K 14 -0.91 -69.59 12.18
CA VAL K 14 -0.61 -68.31 11.53
C VAL K 14 -1.63 -67.26 11.95
N GLY K 15 -2.88 -67.67 12.13
CA GLY K 15 -3.89 -66.73 12.59
C GLY K 15 -3.61 -66.21 13.99
N ILE K 16 -3.06 -67.07 14.86
CA ILE K 16 -2.73 -66.65 16.22
C ILE K 16 -1.67 -65.57 16.21
N GLY K 17 -0.63 -65.76 15.40
CA GLY K 17 0.41 -64.76 15.26
C GLY K 17 -0.11 -63.47 14.66
N THR K 18 -1.09 -63.60 13.75
CA THR K 18 -1.69 -62.44 13.10
C THR K 18 -2.38 -61.54 14.12
N LEU K 19 -3.02 -62.15 15.12
CA LEU K 19 -3.80 -61.38 16.07
C LEU K 19 -2.92 -60.56 17.00
N ILE K 20 -1.83 -61.17 17.50
CA ILE K 20 -0.97 -60.47 18.45
C ILE K 20 -0.29 -59.27 17.78
N VAL K 21 0.21 -59.46 16.56
CA VAL K 21 0.82 -58.35 15.83
C VAL K 21 -0.22 -57.28 15.53
N PHE K 22 -1.45 -57.69 15.27
CA PHE K 22 -2.53 -56.72 15.04
C PHE K 22 -2.76 -55.86 16.28
N ILE K 23 -2.69 -56.47 17.47
CA ILE K 23 -2.87 -55.71 18.71
C ILE K 23 -1.79 -54.64 18.84
N ALA K 24 -0.54 -54.99 18.57
CA ALA K 24 0.54 -54.03 18.66
C ALA K 24 0.39 -52.92 17.63
N MET K 25 -0.05 -53.25 16.42
CA MET K 25 -0.14 -52.25 15.37
C MET K 25 -1.16 -51.17 15.73
N VAL K 26 -2.28 -51.56 16.33
CA VAL K 26 -3.28 -50.58 16.76
C VAL K 26 -2.70 -49.68 17.84
N LEU K 27 -1.97 -50.28 18.80
CA LEU K 27 -1.36 -49.49 19.86
C LEU K 27 -0.30 -48.54 19.30
N VAL K 28 0.52 -49.01 18.36
CA VAL K 28 1.56 -48.17 17.79
C VAL K 28 0.94 -46.98 17.05
N ALA K 29 -0.12 -47.24 16.28
CA ALA K 29 -0.79 -46.14 15.57
C ALA K 29 -1.40 -45.15 16.54
N ALA K 30 -1.88 -45.64 17.69
CA ALA K 30 -2.45 -44.74 18.69
C ALA K 30 -1.39 -43.79 19.25
N ILE K 31 -0.16 -44.26 19.36
CA ILE K 31 0.93 -43.41 19.85
C ILE K 31 1.18 -42.27 18.88
N ALA K 32 1.27 -42.57 17.58
CA ALA K 32 1.54 -41.55 16.59
C ALA K 32 0.39 -40.55 16.51
N ALA K 33 -0.85 -41.04 16.60
CA ALA K 33 -2.00 -40.17 16.59
C ALA K 33 -1.99 -39.22 17.80
N GLY K 34 -1.59 -39.74 18.96
CA GLY K 34 -1.50 -38.93 20.15
C GLY K 34 -0.47 -37.82 20.05
N VAL K 35 0.72 -38.16 19.53
CA VAL K 35 1.80 -37.18 19.43
C VAL K 35 1.40 -36.05 18.50
N LEU K 36 0.77 -36.39 17.37
CA LEU K 36 0.41 -35.39 16.38
C LEU K 36 -0.55 -34.35 16.94
N ILE K 37 -1.61 -34.81 17.62
CA ILE K 37 -2.62 -33.88 18.11
C ILE K 37 -2.10 -33.06 19.28
N ASN K 38 -1.40 -33.69 20.23
CA ASN K 38 -0.89 -32.96 21.38
C ASN K 38 0.13 -31.91 20.96
N THR K 39 1.01 -32.23 20.01
CA THR K 39 1.91 -31.22 19.47
C THR K 39 1.14 -30.11 18.78
N ALA K 40 0.10 -30.47 18.04
CA ALA K 40 -0.75 -29.44 17.43
C ALA K 40 -1.48 -28.64 18.50
N GLY K 41 -1.75 -29.25 19.65
CA GLY K 41 -2.39 -28.52 20.74
C GLY K 41 -1.51 -27.41 21.28
N TYR K 42 -0.21 -27.68 21.40
CA TYR K 42 0.71 -26.68 21.92
C TYR K 42 0.79 -25.49 20.96
N LEU K 43 1.03 -25.76 19.67
CA LEU K 43 1.18 -24.68 18.70
C LEU K 43 -0.10 -23.86 18.59
N GLN K 44 -1.26 -24.50 18.80
CA GLN K 44 -2.52 -23.75 18.80
C GLN K 44 -2.54 -22.71 19.91
N SER K 45 -2.16 -23.11 21.12
CA SER K 45 -2.10 -22.16 22.23
C SER K 45 -1.01 -21.13 22.01
N LYS K 46 0.14 -21.56 21.47
CA LYS K 46 1.22 -20.63 21.19
C LYS K 46 0.84 -19.67 20.07
N GLY K 47 0.20 -20.20 19.02
CA GLY K 47 -0.18 -19.36 17.90
C GLY K 47 -1.21 -18.30 18.28
N SER K 48 -2.19 -18.68 19.10
CA SER K 48 -3.22 -17.74 19.52
C SER K 48 -2.62 -16.61 20.36
N ALA K 49 -1.71 -16.96 21.27
CA ALA K 49 -1.09 -15.96 22.13
C ALA K 49 -0.27 -14.96 21.31
N THR K 50 0.48 -15.47 20.33
CA THR K 50 1.32 -14.60 19.51
C THR K 50 0.47 -13.65 18.68
N GLY K 51 -0.66 -14.14 18.16
CA GLY K 51 -1.51 -13.27 17.36
C GLY K 51 -2.13 -12.14 18.16
N GLU K 52 -2.51 -12.43 19.41
CA GLU K 52 -3.12 -11.40 20.25
C GLU K 52 -2.09 -10.36 20.67
N GLU K 53 -0.90 -10.82 21.09
CA GLU K 53 0.10 -9.89 21.60
C GLU K 53 0.65 -8.98 20.51
N ALA K 54 0.84 -9.52 19.31
CA ALA K 54 1.37 -8.72 18.21
C ALA K 54 0.43 -7.57 17.85
N SER K 55 -0.87 -7.86 17.79
CA SER K 55 -1.84 -6.81 17.52
C SER K 55 -1.87 -5.78 18.64
N ALA K 56 -1.72 -6.24 19.89
CA ALA K 56 -1.66 -5.31 21.02
C ALA K 56 -0.42 -4.42 20.93
N GLN K 57 0.70 -4.98 20.49
CA GLN K 57 1.93 -4.19 20.36
C GLN K 57 1.75 -3.07 19.34
N VAL K 58 1.09 -3.37 18.22
CA VAL K 58 0.97 -2.38 17.15
C VAL K 58 -0.10 -1.35 17.47
N SER K 59 -1.23 -1.78 18.04
CA SER K 59 -2.38 -0.92 18.21
C SER K 59 -2.33 -0.08 19.48
N ASN K 60 -2.02 -0.71 20.62
CA ASN K 60 -2.03 -0.01 21.89
C ASN K 60 -0.88 0.98 21.97
N ARG K 61 -1.18 2.27 21.77
CA ARG K 61 -0.16 3.30 21.69
C ARG K 61 -0.65 4.53 22.43
N ILE K 62 0.28 5.32 22.92
CA ILE K 62 -0.03 6.56 23.64
C ILE K 62 0.16 7.73 22.70
N ASN K 63 -0.82 8.64 22.71
CA ASN K 63 -0.74 9.88 21.95
C ASN K 63 -0.53 11.02 22.91
N ILE K 64 0.42 11.90 22.60
CA ILE K 64 0.74 13.04 23.46
C ILE K 64 0.04 14.27 22.90
N VAL K 65 -0.82 14.88 23.71
CA VAL K 65 -1.62 16.01 23.23
C VAL K 65 -0.82 17.30 23.28
N SER K 66 -0.25 17.63 24.45
CA SER K 66 0.49 18.87 24.59
C SER K 66 1.44 18.74 25.77
N ALA K 67 2.39 19.67 25.82
CA ALA K 67 3.40 19.69 26.89
C ALA K 67 3.57 21.11 27.38
N TYR K 68 3.66 21.26 28.71
CA TYR K 68 3.87 22.55 29.33
C TYR K 68 4.61 22.34 30.65
N GLY K 69 5.22 23.41 31.15
CA GLY K 69 5.99 23.32 32.38
C GLY K 69 6.05 24.65 33.10
N ASN K 70 6.12 24.57 34.43
CA ASN K 70 6.26 25.75 35.25
C ASN K 70 7.65 26.37 35.08
N VAL K 71 7.73 27.68 35.24
CA VAL K 71 9.01 28.37 35.17
C VAL K 71 9.17 29.33 36.35
N UNK K 72 10.23 29.13 37.12
CA UNK K 72 10.53 29.98 38.26
C UNK K 72 11.88 30.65 38.06
N UNK K 73 12.03 31.85 38.63
CA UNK K 73 13.25 32.66 38.48
C UNK K 73 13.56 32.88 37.01
N UNK K 74 14.16 31.89 36.36
CA UNK K 74 14.46 31.96 34.94
C UNK K 74 14.78 30.58 34.39
N UNK K 75 14.16 29.54 34.96
CA UNK K 75 14.41 28.18 34.52
C UNK K 75 13.20 27.29 34.73
N VAL K 76 12.88 26.50 33.70
CA VAL K 76 11.78 25.54 33.77
C VAL K 76 12.11 24.44 34.75
N ASP K 77 11.30 24.30 35.80
CA ASP K 77 11.57 23.31 36.84
C ASP K 77 10.68 22.08 36.77
N TYR K 78 9.65 22.09 35.93
CA TYR K 78 8.82 20.91 35.69
C TYR K 78 8.57 20.77 34.20
N VAL K 79 8.31 19.53 33.78
CA VAL K 79 7.96 19.21 32.40
C VAL K 79 6.75 18.28 32.47
N ASN K 80 5.57 18.81 32.15
CA ASN K 80 4.34 18.04 32.22
C ASN K 80 3.81 17.77 30.82
N LEU K 81 3.28 16.55 30.62
CA LEU K 81 2.69 16.16 29.36
C LEU K 81 1.27 15.68 29.60
N THR K 82 0.40 15.95 28.63
CA THR K 82 -0.97 15.43 28.64
C THR K 82 -1.10 14.36 27.58
N VAL K 83 -1.40 13.14 28.00
CA VAL K 83 -1.38 11.99 27.11
C VAL K 83 -2.78 11.41 26.96
N ARG K 84 -3.00 10.74 25.84
CA ARG K 84 -4.25 10.05 25.55
C ARG K 84 -3.93 8.80 24.75
N GLN K 85 -4.82 7.81 24.83
CA GLN K 85 -4.59 6.57 24.10
C GLN K 85 -4.88 6.77 22.62
N ALA K 86 -4.15 6.04 21.78
CA ALA K 86 -4.24 6.20 20.34
C ALA K 86 -5.52 5.56 19.82
N ALA K 87 -5.66 5.50 18.50
CA ALA K 87 -6.88 4.99 17.89
C ALA K 87 -7.01 3.49 18.12
N GLY K 88 -8.15 3.07 18.67
CA GLY K 88 -8.42 1.66 18.86
C GLY K 88 -7.61 0.98 19.94
N ALA K 89 -6.99 1.75 20.83
CA ALA K 89 -6.17 1.15 21.87
C ALA K 89 -7.04 0.64 23.02
N ASP K 90 -6.46 -0.26 23.82
CA ASP K 90 -7.09 -0.80 25.01
C ASP K 90 -6.51 -0.10 26.24
N ASN K 91 -6.84 -0.62 27.42
CA ASN K 91 -6.41 -0.02 28.69
C ASN K 91 -4.89 0.09 28.69
N ILE K 92 -4.39 1.28 28.96
CA ILE K 92 -2.95 1.54 28.98
C ILE K 92 -2.60 1.96 30.40
N ASN K 93 -1.98 1.04 31.14
CA ASN K 93 -1.53 1.36 32.49
C ASN K 93 -0.28 2.23 32.42
N LEU K 94 -0.28 3.32 33.18
CA LEU K 94 0.84 4.26 33.15
C LEU K 94 1.80 4.04 34.31
N UNK K 95 1.90 2.80 34.76
CA UNK K 95 2.87 2.45 35.80
C UNK K 95 3.88 1.46 35.24
N LYS K 96 3.40 0.57 34.37
CA LYS K 96 4.26 -0.38 33.70
C LYS K 96 4.95 0.26 32.51
N SER K 97 4.58 1.51 32.23
CA SER K 97 5.18 2.27 31.13
C SER K 97 6.44 2.98 31.60
N THR K 98 7.36 3.17 30.66
CA THR K 98 8.64 3.80 30.94
C THR K 98 8.85 4.98 30.01
N ILE K 99 9.46 6.04 30.52
CA ILE K 99 9.77 7.23 29.73
C ILE K 99 11.28 7.39 29.68
N GLN K 100 11.82 7.56 28.47
CA GLN K 100 13.24 7.78 28.26
C GLN K 100 13.51 9.27 28.15
N TRP K 101 14.47 9.75 28.93
CA TRP K 101 14.83 11.16 28.99
C TRP K 101 16.23 11.34 28.40
N ILE K 102 16.29 11.88 27.19
CA ILE K 102 17.56 12.27 26.60
C ILE K 102 17.62 13.79 26.65
N GLY K 103 18.21 14.33 27.71
CA GLY K 103 18.26 15.75 27.91
C GLY K 103 19.61 16.35 27.59
N PRO K 104 19.78 17.64 27.90
CA PRO K 104 21.10 18.27 27.70
C PRO K 104 22.18 17.64 28.56
N ASP K 105 21.83 17.10 29.72
CA ASP K 105 22.82 16.48 30.60
C ASP K 105 22.56 14.98 30.77
N UNK K 106 21.69 14.63 31.72
CA UNK K 106 21.43 13.23 32.03
C UNK K 106 20.80 12.49 30.84
N ALA K 107 20.70 11.17 30.94
CA ALA K 107 20.17 10.37 29.85
C ALA K 107 19.48 9.11 30.36
N THR K 108 18.96 9.16 31.58
CA THR K 108 18.34 7.98 32.16
C THR K 108 16.91 7.82 31.66
N THR K 109 16.30 6.69 32.04
CA THR K 109 14.92 6.37 31.72
C THR K 109 14.10 6.40 33.00
N LEU K 110 12.98 7.11 32.98
CA LEU K 110 12.20 7.32 34.19
C LEU K 110 11.20 6.20 34.40
N THR K 111 10.81 6.02 35.66
CA THR K 111 9.79 5.04 36.06
C THR K 111 8.81 5.71 37.01
N TYR K 112 7.61 5.14 37.12
CA TYR K 112 6.55 5.75 37.90
C TYR K 112 6.90 5.64 39.38
N UNK K 113 6.99 6.80 40.05
CA UNK K 113 7.19 6.84 41.50
C UNK K 113 5.91 6.54 42.24
N UNK K 114 5.53 7.44 43.14
CA UNK K 114 4.31 7.30 43.92
C UNK K 114 3.96 8.63 44.59
N UNK K 115 3.80 9.66 43.79
CA UNK K 115 3.47 11.01 44.25
C UNK K 115 4.58 11.61 45.12
N UNK K 116 5.16 12.71 44.63
CA UNK K 116 6.20 13.41 45.37
C UNK K 116 6.18 14.91 45.03
N UNK K 117 6.63 15.23 43.82
CA UNK K 117 6.65 16.61 43.33
C UNK K 117 7.40 17.54 44.28
N UNK K 120 10.08 14.52 41.72
CA UNK K 120 10.04 13.12 42.13
C UNK K 120 11.35 12.41 41.83
N UNK K 121 12.46 13.11 42.12
CA UNK K 121 13.81 12.56 41.92
C UNK K 121 14.03 12.10 40.47
N GLU K 122 14.34 10.82 40.31
CA GLU K 122 14.58 10.26 38.99
C GLU K 122 13.38 9.42 38.55
N ASN K 123 12.18 9.94 38.79
CA ASN K 123 10.95 9.24 38.50
C ASN K 123 9.94 10.21 37.91
N PHE K 124 8.85 9.67 37.39
CA PHE K 124 7.76 10.47 36.85
C PHE K 124 6.46 10.10 37.55
N THR K 125 5.60 11.09 37.75
CA THR K 125 4.32 10.92 38.44
C THR K 125 3.19 11.23 37.48
N THR K 126 2.02 10.66 37.74
CA THR K 126 0.85 10.94 36.90
C THR K 126 -0.31 11.48 37.73
N UNK K 127 -1.01 12.45 37.17
CA UNK K 127 -2.21 13.00 37.81
C UNK K 127 -3.31 13.11 36.76
N SER K 128 -4.48 12.56 37.06
CA SER K 128 -5.57 12.51 36.09
C SER K 128 -6.14 13.88 35.81
N ILE K 129 -6.20 14.23 34.53
CA ILE K 129 -6.83 15.45 34.07
C ILE K 129 -8.33 15.25 33.82
N LYS K 130 -8.68 14.15 33.16
CA LYS K 130 -10.07 13.80 32.91
C LYS K 130 -10.19 12.29 32.97
N GLY K 131 -11.18 11.80 33.72
CA GLY K 131 -11.39 10.37 33.84
C GLY K 131 -11.41 9.88 35.28
N UNK K 132 -11.76 8.60 35.45
CA UNK K 132 -11.85 8.01 36.77
C UNK K 132 -10.46 7.68 37.32
N UNK K 133 -9.82 6.67 36.73
CA UNK K 133 -8.50 6.22 37.18
C UNK K 133 -7.44 7.28 36.90
N UNK K 134 -6.46 7.39 37.80
CA UNK K 134 -5.39 8.37 37.65
C UNK K 134 -4.08 7.72 37.23
N UNK K 135 -4.18 6.59 36.54
CA UNK K 135 -2.99 5.86 36.11
C UNK K 135 -3.29 4.97 34.91
N VAL K 136 -4.56 4.83 34.56
CA VAL K 136 -4.95 3.99 33.43
C VAL K 136 -5.81 4.78 32.45
N LEU K 137 -5.71 4.45 31.17
CA LEU K 137 -6.53 5.07 30.12
C LEU K 137 -7.57 4.04 29.67
N VAL K 138 -8.69 4.00 30.38
CA VAL K 138 -9.72 3.01 30.06
C VAL K 138 -10.60 3.43 28.88
N ASP K 139 -10.93 4.72 28.78
CA ASP K 139 -11.81 5.21 27.73
C ASP K 139 -10.98 5.90 26.65
N GLN K 140 -11.66 6.49 25.68
CA GLN K 140 -11.01 7.29 24.64
C GLN K 140 -11.00 8.77 24.98
N SER K 141 -11.87 9.21 25.89
CA SER K 141 -12.01 10.62 26.23
C SER K 141 -11.41 10.97 27.59
N ASP K 142 -10.43 10.20 28.05
CA ASP K 142 -9.78 10.44 29.34
C ASP K 142 -8.33 10.84 29.13
N ARG K 143 -7.88 11.85 29.85
CA ARG K 143 -6.55 12.42 29.71
C ARG K 143 -5.82 12.35 31.05
N ILE K 144 -4.56 11.91 31.01
CA ILE K 144 -3.72 11.83 32.19
C ILE K 144 -2.50 12.71 31.98
N LYS K 145 -2.11 13.44 33.02
CA LYS K 145 -1.00 14.39 32.96
C LYS K 145 0.24 13.72 33.55
N VAL K 146 1.21 13.44 32.69
CA VAL K 146 2.48 12.86 33.14
C VAL K 146 3.33 13.97 33.73
N ILE K 147 3.76 13.79 34.97
CA ILE K 147 4.47 14.81 35.73
C ILE K 147 5.93 14.41 35.83
N MET K 148 6.82 15.31 35.44
CA MET K 148 8.25 15.05 35.44
C MET K 148 8.97 16.24 36.05
N TYR K 149 9.71 16.01 37.14
CA TYR K 149 10.47 17.05 37.82
C TYR K 149 11.75 17.29 37.01
N ALA K 150 12.01 18.55 36.67
CA ALA K 150 13.18 18.88 35.87
C ALA K 150 14.42 19.03 36.73
N UNK K 151 14.29 19.72 37.85
CA UNK K 151 15.42 19.93 38.75
C UNK K 151 15.61 18.74 39.69
N UNK K 152 15.59 17.55 39.11
CA UNK K 152 15.75 16.32 39.88
C UNK K 152 16.20 15.18 38.97
N VAL K 153 15.80 15.25 37.71
CA VAL K 153 16.23 14.26 36.73
C VAL K 153 17.54 14.74 36.10
N UNK K 154 17.81 16.04 36.24
CA UNK K 154 19.01 16.64 35.69
C UNK K 154 19.23 18.01 36.32
N UNK K 155 19.23 19.04 35.49
CA UNK K 155 19.32 20.40 35.98
C UNK K 155 18.10 21.18 35.50
N UNK K 156 17.81 22.30 36.16
CA UNK K 156 16.68 23.14 35.77
C UNK K 156 16.84 23.61 34.34
N LEU K 157 15.94 23.20 33.47
CA LEU K 157 16.01 23.51 32.04
C LEU K 157 16.09 25.01 31.79
N UNK K 158 17.10 25.42 31.02
CA UNK K 158 17.34 26.83 30.75
C UNK K 158 16.39 27.35 29.68
N UNK K 159 16.96 27.94 28.63
CA UNK K 159 16.16 28.50 27.55
C UNK K 159 16.70 28.04 26.19
N GLY K 160 15.98 27.12 25.56
CA GLY K 160 16.39 26.60 24.27
C GLY K 160 16.81 25.15 24.34
N UNK K 161 16.92 24.62 25.55
CA UNK K 161 17.31 23.23 25.76
C UNK K 161 16.26 22.29 25.21
N GLU K 162 16.69 21.24 24.53
CA GLU K 162 15.78 20.27 23.95
C GLU K 162 15.92 18.92 24.63
N VAL K 163 14.81 18.37 25.10
CA VAL K 163 14.77 17.05 25.71
C VAL K 163 13.94 16.12 24.84
N GLN K 164 14.43 14.91 24.64
CA GLN K 164 13.77 13.93 23.79
C GLN K 164 13.14 12.87 24.67
N LEU K 165 11.82 12.70 24.55
CA LEU K 165 11.06 11.77 25.38
C LEU K 165 10.40 10.72 24.50
N THR K 166 10.57 9.46 24.87
CA THR K 166 9.98 8.33 24.15
C THR K 166 9.14 7.52 25.15
N VAL K 167 7.87 7.89 25.29
CA VAL K 167 6.99 7.17 26.20
C VAL K 167 6.69 5.81 25.61
N THR K 168 7.20 4.76 26.27
CA THR K 168 7.06 3.39 25.79
C THR K 168 6.09 2.65 26.69
N THR K 169 5.01 2.12 26.11
CA THR K 169 4.06 1.33 26.86
C THR K 169 4.61 -0.07 27.10
N GLN K 170 3.83 -0.88 27.84
CA GLN K 170 4.32 -2.19 28.22
C GLN K 170 4.44 -3.12 27.02
N TYR K 171 3.57 -2.95 26.03
CA TYR K 171 3.55 -3.88 24.90
C TYR K 171 4.71 -3.63 23.96
N GLY K 172 5.35 -2.47 24.05
CA GLY K 172 6.50 -2.20 23.22
C GLY K 172 6.32 -0.99 22.33
N SER K 173 5.10 -0.47 22.27
CA SER K 173 4.81 0.70 21.45
C SER K 173 5.56 1.91 21.98
N LYS K 174 6.13 2.68 21.05
CA LYS K 174 6.93 3.86 21.40
C LYS K 174 6.32 5.10 20.77
N THR K 175 6.12 6.13 21.58
CA THR K 175 5.71 7.44 21.10
C THR K 175 6.78 8.45 21.50
N THR K 176 7.27 9.21 20.53
CA THR K 176 8.36 10.15 20.74
C THR K 176 7.84 11.58 20.68
N TYR K 177 8.31 12.41 21.60
CA TYR K 177 7.95 13.82 21.63
C TYR K 177 9.22 14.64 21.82
N TRP K 178 9.42 15.63 20.96
CA TRP K 178 10.56 16.54 21.06
C TRP K 178 10.12 17.77 21.84
N ALA K 179 10.43 17.80 23.13
CA ALA K 179 10.06 18.92 23.99
C ALA K 179 11.20 19.93 23.96
N GLN K 180 10.93 21.12 23.44
CA GLN K 180 11.92 22.17 23.31
C GLN K 180 11.42 23.38 24.09
N VAL K 181 12.26 23.89 24.99
CA VAL K 181 11.91 25.07 25.77
C VAL K 181 11.85 26.28 24.83
N PRO K 182 10.96 27.24 25.06
CA PRO K 182 11.03 28.49 24.29
C PRO K 182 12.40 29.14 24.46
N GLU K 183 12.91 29.71 23.37
CA GLU K 183 14.29 30.16 23.36
C GLU K 183 14.47 31.39 24.25
N SER K 184 13.39 32.11 24.54
CA SER K 184 13.41 33.24 25.47
C SER K 184 12.39 33.00 26.56
N LEU K 185 12.80 33.19 27.82
CA LEU K 185 11.95 32.93 28.98
C LEU K 185 11.76 34.18 29.83
N LYS K 186 11.83 35.36 29.25
CA LYS K 186 11.76 36.58 30.04
C LYS K 186 10.31 36.94 30.35
N ASP K 187 10.02 37.13 31.63
CA ASP K 187 8.70 37.54 32.10
C ASP K 187 7.61 36.56 31.67
N LYS K 188 7.75 35.32 32.15
CA LYS K 188 6.76 34.29 31.91
C LYS K 188 6.52 33.52 33.20
N ASN K 189 5.33 32.91 33.30
CA ASN K 189 4.99 32.05 34.42
C ASN K 189 4.69 30.63 34.01
N ALA K 190 4.59 30.38 32.70
CA ALA K 190 4.40 29.04 32.16
C ALA K 190 4.76 29.05 30.69
N VAL K 191 5.31 27.96 30.21
CA VAL K 191 5.71 27.85 28.81
C VAL K 191 4.87 26.81 28.09
N UNK K 192 5.29 26.46 26.89
CA UNK K 192 4.60 25.45 26.10
C UNK K 192 5.60 24.69 25.24
N LEU K 193 6.35 23.80 25.88
CA LEU K 193 7.37 23.01 25.21
C LEU K 193 6.78 22.14 24.11
N GLN L 13 0.95 -87.90 17.95
CA GLN L 13 2.22 -87.54 17.35
C GLN L 13 2.16 -86.16 16.71
N VAL L 14 1.25 -86.00 15.73
CA VAL L 14 1.08 -84.71 15.06
C VAL L 14 0.54 -83.65 16.00
N GLY L 15 -0.38 -84.00 16.90
CA GLY L 15 -0.91 -83.05 17.84
C GLY L 15 0.13 -82.50 18.80
N ILE L 16 1.01 -83.38 19.28
CA ILE L 16 2.07 -82.95 20.19
C ILE L 16 3.01 -81.97 19.50
N GLY L 17 3.39 -82.26 18.26
CA GLY L 17 4.26 -81.36 17.53
C GLY L 17 3.63 -80.00 17.32
N THR L 18 2.33 -79.97 17.03
CA THR L 18 1.64 -78.71 16.78
C THR L 18 1.71 -77.79 17.99
N LEU L 19 1.65 -78.37 19.19
CA LEU L 19 1.62 -77.55 20.40
C LEU L 19 2.93 -76.80 20.59
N ILE L 20 4.06 -77.49 20.42
CA ILE L 20 5.35 -76.85 20.64
C ILE L 20 5.58 -75.71 19.65
N VAL L 21 5.22 -75.93 18.39
CA VAL L 21 5.33 -74.85 17.41
C VAL L 21 4.38 -73.72 17.76
N PHE L 22 3.22 -74.04 18.32
CA PHE L 22 2.28 -73.01 18.74
C PHE L 22 2.87 -72.13 19.84
N ILE L 23 3.58 -72.75 20.80
CA ILE L 23 4.22 -71.99 21.86
C ILE L 23 5.29 -71.06 21.32
N ALA L 24 6.11 -71.54 20.38
CA ALA L 24 7.15 -70.69 19.80
C ALA L 24 6.54 -69.55 18.98
N MET L 25 5.42 -69.81 18.33
CA MET L 25 4.85 -68.82 17.43
C MET L 25 4.28 -67.61 18.18
N VAL L 26 3.69 -67.85 19.34
CA VAL L 26 3.18 -66.74 20.14
C VAL L 26 4.34 -65.91 20.69
N LEU L 27 5.44 -66.58 21.06
CA LEU L 27 6.61 -65.85 21.53
C LEU L 27 7.24 -65.02 20.43
N VAL L 28 7.32 -65.58 19.22
CA VAL L 28 7.89 -64.85 18.10
C VAL L 28 7.06 -63.62 17.79
N ALA L 29 5.74 -63.76 17.76
CA ALA L 29 4.87 -62.61 17.54
C ALA L 29 4.95 -61.63 18.70
N ALA L 30 5.18 -62.11 19.92
CA ALA L 30 5.32 -61.22 21.06
C ALA L 30 6.54 -60.32 20.92
N ILE L 31 7.65 -60.87 20.44
CA ILE L 31 8.86 -60.07 20.24
C ILE L 31 8.61 -59.00 19.18
N ALA L 32 7.95 -59.39 18.07
CA ALA L 32 7.64 -58.43 17.02
C ALA L 32 6.72 -57.33 17.54
N ALA L 33 5.82 -57.68 18.46
CA ALA L 33 4.97 -56.67 19.08
C ALA L 33 5.80 -55.67 19.87
N GLY L 34 6.75 -56.16 20.66
CA GLY L 34 7.55 -55.31 21.52
C GLY L 34 8.41 -54.31 20.77
N VAL L 35 9.00 -54.72 19.65
CA VAL L 35 9.95 -53.87 18.95
C VAL L 35 9.23 -52.70 18.30
N LEU L 36 7.96 -52.90 17.91
CA LEU L 36 7.23 -51.82 17.27
C LEU L 36 6.91 -50.71 18.25
N ILE L 37 6.39 -51.06 19.43
CA ILE L 37 5.93 -50.05 20.39
C ILE L 37 7.12 -49.33 21.01
N ASN L 38 8.17 -50.08 21.38
CA ASN L 38 9.34 -49.44 21.98
C ASN L 38 10.01 -48.49 21.00
N THR L 39 10.10 -48.89 19.73
CA THR L 39 10.61 -47.96 18.71
C THR L 39 9.67 -46.78 18.57
N ALA L 40 8.36 -47.02 18.55
CA ALA L 40 7.40 -45.92 18.52
C ALA L 40 7.45 -45.14 19.84
N GLY L 41 7.80 -45.82 20.93
CA GLY L 41 7.94 -45.12 22.20
C GLY L 41 9.06 -44.11 22.19
N TYR L 42 10.22 -44.51 21.66
CA TYR L 42 11.34 -43.59 21.55
C TYR L 42 11.00 -42.43 20.62
N LEU L 43 10.38 -42.74 19.48
CA LEU L 43 10.09 -41.69 18.51
C LEU L 43 9.07 -40.69 19.03
N GLN L 44 8.22 -41.09 19.98
CA GLN L 44 7.28 -40.15 20.56
C GLN L 44 8.02 -39.07 21.36
N SER L 45 9.08 -39.46 22.07
CA SER L 45 9.80 -38.51 22.90
C SER L 45 10.66 -37.58 22.05
N LYS L 46 11.30 -38.14 21.02
CA LYS L 46 12.05 -37.30 20.08
C LYS L 46 11.12 -36.36 19.33
N GLY L 47 9.94 -36.83 18.95
CA GLY L 47 8.98 -35.96 18.28
C GLY L 47 8.46 -34.86 19.18
N SER L 48 8.18 -35.20 20.44
CA SER L 48 7.63 -34.20 21.37
C SER L 48 8.64 -33.09 21.63
N ALA L 49 9.90 -33.44 21.85
CA ALA L 49 10.93 -32.45 22.12
C ALA L 49 11.15 -31.53 20.93
N THR L 50 11.13 -32.10 19.72
CA THR L 50 11.35 -31.31 18.52
C THR L 50 10.24 -30.29 18.32
N GLY L 51 8.99 -30.69 18.56
CA GLY L 51 7.89 -29.77 18.39
C GLY L 51 7.93 -28.59 19.34
N GLU L 52 8.30 -28.84 20.60
CA GLU L 52 8.38 -27.78 21.59
C GLU L 52 9.54 -26.84 21.28
N GLU L 53 10.71 -27.42 20.98
CA GLU L 53 11.91 -26.62 20.76
C GLU L 53 11.77 -25.75 19.52
N ALA L 54 11.24 -26.32 18.44
CA ALA L 54 11.16 -25.60 17.18
C ALA L 54 10.30 -24.34 17.31
N SER L 55 9.19 -24.45 18.03
CA SER L 55 8.38 -23.26 18.30
C SER L 55 9.14 -22.26 19.18
N ALA L 56 9.93 -22.77 20.13
CA ALA L 56 10.72 -21.88 20.99
C ALA L 56 11.75 -21.12 20.18
N GLN L 57 12.38 -21.78 19.21
CA GLN L 57 13.36 -21.10 18.36
C GLN L 57 12.71 -19.98 17.57
N VAL L 58 11.52 -20.22 17.03
CA VAL L 58 10.85 -19.21 16.22
C VAL L 58 10.28 -18.08 17.07
N SER L 59 9.71 -18.41 18.22
CA SER L 59 8.92 -17.47 19.00
C SER L 59 9.70 -16.71 20.06
N ASN L 60 10.60 -17.39 20.79
CA ASN L 60 11.31 -16.73 21.88
C ASN L 60 12.35 -15.77 21.34
N ARG L 61 11.92 -14.56 21.01
CA ARG L 61 12.75 -13.59 20.31
C ARG L 61 12.80 -12.30 21.13
N ILE L 62 13.91 -11.58 20.98
CA ILE L 62 14.17 -10.38 21.77
C ILE L 62 14.06 -9.16 20.86
N ASN L 63 13.41 -8.10 21.37
CA ASN L 63 13.21 -6.87 20.62
C ASN L 63 13.99 -5.75 21.31
N ILE L 64 14.65 -4.92 20.50
CA ILE L 64 15.46 -3.82 21.02
C ILE L 64 14.59 -2.56 20.99
N VAL L 65 14.33 -2.00 22.18
CA VAL L 65 13.47 -0.83 22.28
C VAL L 65 14.17 0.39 21.67
N SER L 66 15.41 0.62 22.06
CA SER L 66 16.16 1.79 21.60
C SER L 66 17.61 1.61 22.02
N ALA L 67 18.42 2.62 21.70
CA ALA L 67 19.83 2.62 22.08
C ALA L 67 20.30 4.05 22.31
N TYR L 68 21.33 4.19 23.14
CA TYR L 68 21.92 5.49 23.40
C TYR L 68 23.32 5.27 23.96
N GLY L 69 24.11 6.33 23.97
CA GLY L 69 25.49 6.23 24.44
C GLY L 69 26.04 7.50 25.05
N ASN L 70 26.77 7.35 26.16
CA ASN L 70 27.41 8.49 26.79
C ASN L 70 28.51 9.06 25.90
N VAL L 71 28.73 10.36 26.00
CA VAL L 71 29.74 11.03 25.19
C VAL L 71 30.74 11.78 26.05
N UNK L 72 32.02 11.42 25.92
CA UNK L 72 33.10 12.13 26.58
C UNK L 72 34.01 12.72 25.52
N UNK L 73 34.47 13.96 25.73
CA UNK L 73 35.28 14.68 24.76
C UNK L 73 34.57 14.76 23.40
N UNK L 74 34.66 13.69 22.62
CA UNK L 74 33.98 13.61 21.33
C UNK L 74 33.87 12.16 20.87
N UNK L 75 33.83 11.24 21.84
CA UNK L 75 33.76 9.83 21.53
C UNK L 75 32.71 9.11 22.39
N VAL L 76 31.92 8.26 21.75
CA VAL L 76 30.88 7.51 22.45
C VAL L 76 31.49 6.30 23.13
N ASP L 77 31.76 6.42 24.43
CA ASP L 77 32.49 5.36 25.13
C ASP L 77 31.59 4.16 25.43
N TYR L 78 30.33 4.39 25.75
CA TYR L 78 29.40 3.32 26.08
C TYR L 78 28.33 3.18 25.01
N VAL L 79 27.79 1.97 24.88
CA VAL L 79 26.66 1.71 24.00
C VAL L 79 25.59 0.99 24.79
N ASN L 80 24.62 1.74 25.32
CA ASN L 80 23.56 1.17 26.13
C ASN L 80 22.28 1.08 25.32
N LEU L 81 21.73 -0.13 25.22
CA LEU L 81 20.50 -0.36 24.50
C LEU L 81 19.50 -1.09 25.39
N THR L 82 18.24 -0.73 25.28
CA THR L 82 17.18 -1.32 26.10
C THR L 82 16.46 -2.41 25.32
N VAL L 83 16.32 -3.58 25.92
CA VAL L 83 15.76 -4.73 25.23
C VAL L 83 14.51 -5.19 25.97
N ARG L 84 13.61 -5.84 25.22
CA ARG L 84 12.36 -6.33 25.75
C ARG L 84 11.96 -7.60 25.02
N GLN L 85 11.06 -8.36 25.64
CA GLN L 85 10.54 -9.56 25.01
C GLN L 85 9.68 -9.21 23.80
N ALA L 86 9.71 -10.07 22.78
CA ALA L 86 8.87 -9.90 21.61
C ALA L 86 7.48 -10.47 21.92
N ALA L 87 6.64 -10.57 20.89
CA ALA L 87 5.29 -11.07 21.08
C ALA L 87 5.31 -12.56 21.42
N GLY L 88 4.71 -12.92 22.54
CA GLY L 88 4.58 -14.31 22.92
C GLY L 88 5.85 -14.96 23.43
N ALA L 89 6.90 -14.19 23.70
CA ALA L 89 8.15 -14.76 24.16
C ALA L 89 8.02 -15.29 25.59
N ASP L 90 8.68 -16.40 25.85
CA ASP L 90 8.76 -17.01 27.17
C ASP L 90 9.95 -16.36 27.88
N ASN L 91 10.33 -16.88 29.05
CA ASN L 91 11.47 -16.35 29.79
C ASN L 91 12.72 -16.34 28.91
N ILE L 92 13.43 -15.21 28.94
CA ILE L 92 14.64 -15.03 28.15
C ILE L 92 15.75 -14.65 29.10
N ASN L 93 16.76 -15.51 29.21
CA ASN L 93 17.91 -15.24 30.06
C ASN L 93 18.99 -14.54 29.27
N LEU L 94 19.38 -13.34 29.70
CA LEU L 94 20.35 -12.54 28.96
C LEU L 94 21.78 -12.87 29.37
N UNK L 95 21.95 -13.91 30.17
CA UNK L 95 23.28 -14.35 30.55
C UNK L 95 23.71 -15.49 29.63
N LYS L 96 22.72 -16.10 28.98
CA LYS L 96 22.99 -17.17 28.03
C LYS L 96 22.86 -16.66 26.60
N SER L 97 22.98 -15.35 26.44
CA SER L 97 22.83 -14.70 25.15
C SER L 97 24.15 -14.06 24.72
N THR L 98 24.40 -14.09 23.42
CA THR L 98 25.63 -13.56 22.85
C THR L 98 25.31 -12.45 21.88
N ILE L 99 26.18 -11.44 21.84
CA ILE L 99 26.03 -10.28 20.97
C ILE L 99 27.21 -10.23 20.01
N GLN L 100 26.93 -10.05 18.73
CA GLN L 100 27.95 -9.96 17.70
C GLN L 100 28.23 -8.51 17.39
N TRP L 101 29.48 -8.08 17.59
CA TRP L 101 29.87 -6.69 17.36
C TRP L 101 30.66 -6.59 16.06
N ILE L 102 29.93 -6.31 14.98
CA ILE L 102 30.57 -6.00 13.71
C ILE L 102 30.77 -4.49 13.65
N GLY L 103 31.85 -4.01 14.25
CA GLY L 103 32.10 -2.59 14.36
C GLY L 103 32.96 -2.08 13.23
N PRO L 104 33.41 -0.83 13.34
CA PRO L 104 34.27 -0.27 12.29
C PRO L 104 35.69 -0.83 12.32
N ASP L 105 36.13 -1.36 13.45
CA ASP L 105 37.49 -1.88 13.56
C ASP L 105 37.51 -3.38 13.85
N UNK L 106 36.78 -3.80 14.89
CA UNK L 106 36.81 -5.19 15.32
C UNK L 106 35.57 -5.95 14.87
N ALA L 107 35.57 -7.25 15.13
CA ALA L 107 34.45 -8.11 14.80
C ALA L 107 34.45 -9.35 15.69
N THR L 108 33.87 -9.24 16.88
CA THR L 108 33.90 -10.29 17.87
C THR L 108 32.47 -10.65 18.28
N THR L 109 32.38 -11.63 19.19
CA THR L 109 31.11 -12.08 19.75
C THR L 109 31.18 -11.88 21.26
N LEU L 110 30.40 -10.92 21.76
CA LEU L 110 30.50 -10.54 23.17
C LEU L 110 29.66 -11.47 24.02
N THR L 111 30.24 -11.95 25.12
CA THR L 111 29.55 -12.79 26.08
C THR L 111 29.31 -12.01 27.38
N TYR L 112 28.42 -12.53 28.21
CA TYR L 112 28.04 -11.84 29.44
C TYR L 112 29.14 -11.95 30.49
N UNK L 113 29.32 -10.87 31.25
CA UNK L 113 30.26 -10.86 32.36
C UNK L 113 29.55 -10.46 33.64
N UNK L 114 30.13 -10.82 34.78
CA UNK L 114 29.56 -10.44 36.06
C UNK L 114 29.58 -8.93 36.21
N UNK L 115 28.84 -8.42 37.19
CA UNK L 115 28.67 -6.99 37.40
C UNK L 115 30.01 -6.27 37.47
N UNK L 116 30.57 -5.96 36.30
CA UNK L 116 31.86 -5.29 36.21
C UNK L 116 31.82 -4.20 35.15
N UNK L 117 31.35 -3.02 35.53
CA UNK L 117 31.30 -1.88 34.62
C UNK L 117 32.66 -1.19 34.60
N UNK L 118 32.89 -0.39 33.56
CA UNK L 118 34.15 0.35 33.38
C UNK L 118 35.37 -0.55 33.20
N UNK L 119 35.15 -1.86 33.28
CA UNK L 119 36.23 -2.83 33.10
C UNK L 119 35.79 -3.92 32.11
N UNK L 120 34.56 -3.79 31.64
CA UNK L 120 34.01 -4.73 30.68
C UNK L 120 34.77 -4.64 29.36
N UNK L 121 35.69 -5.58 29.15
CA UNK L 121 36.51 -5.60 27.94
C UNK L 121 35.69 -5.93 26.71
N GLU L 122 35.72 -7.20 26.32
CA GLU L 122 34.97 -7.68 25.16
C GLU L 122 33.68 -8.37 25.60
N ASN L 123 33.24 -8.06 26.81
CA ASN L 123 32.01 -8.59 27.38
C ASN L 123 30.94 -7.50 27.45
N PHE L 124 29.73 -7.92 27.81
CA PHE L 124 28.61 -7.01 27.99
C PHE L 124 27.94 -7.30 29.34
N THR L 125 27.43 -6.25 29.97
CA THR L 125 26.79 -6.35 31.27
C THR L 125 25.36 -5.83 31.17
N THR L 126 24.48 -6.39 31.99
CA THR L 126 23.08 -5.99 31.98
C THR L 126 22.62 -5.43 33.31
N UNK L 127 22.16 -4.18 33.30
CA UNK L 127 21.59 -3.56 34.49
C UNK L 127 20.09 -3.38 34.28
N SER L 128 19.30 -3.84 35.24
CA SER L 128 17.85 -3.85 35.11
C SER L 128 17.25 -2.45 35.12
N ILE L 129 16.21 -2.25 34.31
CA ILE L 129 15.45 -1.01 34.31
C ILE L 129 14.06 -1.21 34.89
N LYS L 130 13.36 -2.26 34.46
CA LYS L 130 12.02 -2.56 34.94
C LYS L 130 11.97 -4.05 35.29
N GLY L 131 11.71 -4.35 36.55
CA GLY L 131 11.58 -5.73 36.98
C GLY L 131 12.39 -6.06 38.21
N UNK L 132 12.22 -7.29 38.72
CA UNK L 132 12.93 -7.73 39.90
C UNK L 132 14.25 -8.40 39.53
N UNK L 133 14.29 -9.01 38.36
CA UNK L 133 15.49 -9.70 37.89
C UNK L 133 16.34 -8.78 37.01
N UNK L 134 17.66 -8.91 37.13
CA UNK L 134 18.57 -8.04 36.40
C UNK L 134 19.41 -8.80 35.39
N UNK L 135 18.86 -9.88 34.84
CA UNK L 135 19.59 -10.69 33.88
C UNK L 135 18.66 -11.56 33.05
N VAL L 136 17.37 -11.56 33.38
CA VAL L 136 16.41 -12.38 32.68
C VAL L 136 15.06 -11.68 32.55
N LEU L 137 14.50 -11.73 31.34
CA LEU L 137 13.22 -11.07 31.05
C LEU L 137 12.10 -12.03 31.41
N VAL L 138 11.31 -11.68 32.43
CA VAL L 138 10.26 -12.56 32.93
C VAL L 138 8.96 -12.32 32.19
N ASP L 139 8.41 -11.11 32.31
CA ASP L 139 7.13 -10.76 31.72
C ASP L 139 7.30 -9.65 30.70
N GLN L 140 6.18 -9.32 30.04
CA GLN L 140 6.21 -8.39 28.91
C GLN L 140 6.66 -7.00 29.35
N SER L 141 6.44 -6.66 30.62
CA SER L 141 6.74 -5.31 31.08
C SER L 141 8.22 -5.12 31.43
N ASP L 142 9.01 -6.18 31.47
CA ASP L 142 10.41 -6.04 31.87
C ASP L 142 11.20 -5.30 30.81
N ARG L 143 12.09 -4.41 31.26
CA ARG L 143 13.03 -3.71 30.39
C ARG L 143 14.41 -3.83 31.03
N ILE L 144 15.40 -4.22 30.23
CA ILE L 144 16.77 -4.41 30.71
C ILE L 144 17.70 -3.62 29.80
N LYS L 145 18.64 -2.90 30.41
CA LYS L 145 19.64 -2.14 29.69
C LYS L 145 20.92 -2.96 29.56
N VAL L 146 21.43 -3.06 28.34
CA VAL L 146 22.64 -3.81 28.04
C VAL L 146 23.81 -2.82 27.98
N ILE L 147 24.84 -3.07 28.78
CA ILE L 147 26.00 -2.19 28.88
C ILE L 147 27.11 -2.75 28.02
N MET L 148 27.64 -1.93 27.11
CA MET L 148 28.71 -2.32 26.22
C MET L 148 29.74 -1.21 26.18
N TYR L 149 30.96 -1.49 26.67
CA TYR L 149 32.02 -0.50 26.74
C TYR L 149 32.71 -0.45 25.38
N ALA L 150 32.37 0.57 24.59
CA ALA L 150 32.89 0.67 23.23
C ALA L 150 34.36 1.02 23.19
N UNK L 151 34.88 1.56 24.29
CA UNK L 151 36.29 1.93 24.37
C UNK L 151 37.13 0.75 24.86
N UNK L 152 36.49 -0.39 25.05
CA UNK L 152 37.18 -1.59 25.48
C UNK L 152 36.95 -2.73 24.49
N VAL L 153 35.75 -2.76 23.91
CA VAL L 153 35.43 -3.73 22.88
C VAL L 153 36.31 -3.48 21.66
N UNK L 154 36.37 -2.22 21.25
CA UNK L 154 37.24 -1.82 20.15
C UNK L 154 37.87 -0.47 20.49
N UNK L 155 37.59 0.52 19.65
CA UNK L 155 38.02 1.89 19.94
C UNK L 155 36.79 2.73 20.24
N UNK L 156 36.99 3.83 20.99
CA UNK L 156 35.89 4.72 21.33
C UNK L 156 35.27 5.28 20.06
N LEU L 157 33.99 5.00 19.84
CA LEU L 157 33.30 5.37 18.61
C LEU L 157 33.32 6.88 18.37
N UNK L 158 33.79 7.27 17.19
CA UNK L 158 33.85 8.68 16.83
C UNK L 158 32.51 9.14 16.28
N UNK L 159 32.53 9.82 15.14
CA UNK L 159 31.31 10.31 14.51
C UNK L 159 31.06 9.62 13.19
N GLY L 160 29.80 9.32 12.91
CA GLY L 160 29.42 8.68 11.66
C GLY L 160 29.70 7.18 11.63
N UNK L 161 30.40 6.69 12.64
CA UNK L 161 30.74 5.28 12.73
C UNK L 161 29.49 4.45 13.00
N GLU L 162 29.35 3.35 12.26
CA GLU L 162 28.19 2.47 12.41
C GLU L 162 28.63 1.07 12.84
N VAL L 163 27.98 0.52 13.85
CA VAL L 163 28.24 -0.83 14.29
C VAL L 163 27.00 -1.68 14.02
N GLN L 164 27.19 -2.98 13.85
CA GLN L 164 26.09 -3.91 13.59
C GLN L 164 26.04 -4.93 14.73
N LEU L 165 24.90 -4.98 15.41
CA LEU L 165 24.74 -5.82 16.60
C LEU L 165 23.65 -6.84 16.35
N THR L 166 23.95 -8.11 16.64
CA THR L 166 22.98 -9.20 16.52
C THR L 166 22.92 -9.91 17.86
N VAL L 167 21.86 -9.65 18.63
CA VAL L 167 21.67 -10.30 19.93
C VAL L 167 20.87 -11.57 19.71
N THR L 168 21.50 -12.71 19.99
CA THR L 168 20.89 -14.01 19.76
C THR L 168 20.65 -14.69 21.11
N THR L 169 19.40 -15.07 21.36
CA THR L 169 19.08 -15.81 22.56
C THR L 169 19.60 -17.25 22.47
N GLN L 170 19.48 -17.97 23.58
CA GLN L 170 19.98 -19.34 23.62
C GLN L 170 19.22 -20.25 22.65
N TYR L 171 17.91 -20.00 22.49
CA TYR L 171 17.11 -20.84 21.60
C TYR L 171 17.53 -20.68 20.15
N GLY L 172 17.97 -19.49 19.75
CA GLY L 172 18.47 -19.30 18.41
C GLY L 172 17.92 -18.09 17.68
N SER L 173 16.84 -17.51 18.22
CA SER L 173 16.26 -16.33 17.59
C SER L 173 17.25 -15.17 17.59
N LYS L 174 17.29 -14.43 16.50
CA LYS L 174 18.26 -13.37 16.31
C LYS L 174 17.56 -12.04 16.08
N THR L 175 18.12 -10.99 16.67
CA THR L 175 17.65 -9.63 16.47
C THR L 175 18.85 -8.75 16.09
N THR L 176 18.73 -8.05 14.97
CA THR L 176 19.81 -7.23 14.46
C THR L 176 19.46 -5.75 14.59
N TYR L 177 20.41 -4.97 15.10
CA TYR L 177 20.24 -3.53 15.27
C TYR L 177 21.49 -2.83 14.78
N TRP L 178 21.32 -1.84 13.92
CA TRP L 178 22.42 -1.06 13.38
C TRP L 178 22.50 0.25 14.15
N ALA L 179 23.46 0.35 15.06
CA ALA L 179 23.66 1.56 15.85
C ALA L 179 24.51 2.53 15.04
N GLN L 180 23.91 3.66 14.67
CA GLN L 180 24.57 4.66 13.83
C GLN L 180 24.84 5.91 14.65
N VAL L 181 26.12 6.20 14.90
CA VAL L 181 26.45 7.42 15.64
C VAL L 181 26.14 8.63 14.77
N PRO L 182 25.56 9.69 15.31
CA PRO L 182 25.30 10.89 14.49
C PRO L 182 26.59 11.49 13.97
N GLU L 183 26.48 12.16 12.82
CA GLU L 183 27.65 12.71 12.14
C GLU L 183 28.34 13.82 12.93
N SER L 184 27.70 14.37 13.95
CA SER L 184 28.30 15.41 14.77
C SER L 184 28.01 15.14 16.24
N LEU L 185 29.02 15.33 17.09
CA LEU L 185 28.88 15.14 18.53
C LEU L 185 29.32 16.37 19.31
N LYS L 186 29.21 17.55 18.73
CA LYS L 186 29.67 18.78 19.38
C LYS L 186 28.69 19.18 20.47
N ASP L 187 29.20 19.33 21.69
CA ASP L 187 28.43 19.82 22.84
C ASP L 187 27.19 18.96 23.09
N LYS L 188 27.35 17.65 23.01
CA LYS L 188 26.32 16.70 23.39
C LYS L 188 26.89 15.81 24.50
N ASN L 189 26.29 15.88 25.69
CA ASN L 189 26.75 15.04 26.78
C ASN L 189 26.33 13.59 26.57
N ALA L 190 25.12 13.37 26.04
CA ALA L 190 24.63 12.04 25.75
C ALA L 190 23.99 12.03 24.37
N VAL L 191 24.06 10.88 23.71
CA VAL L 191 23.60 10.77 22.33
C VAL L 191 22.76 9.52 22.10
N UNK L 192 21.62 9.69 21.45
CA UNK L 192 20.77 8.55 21.08
C UNK L 192 21.26 7.94 19.78
N LEU L 193 21.84 6.75 19.88
CA LEU L 193 22.36 6.05 18.70
C LEU L 193 21.24 5.57 17.79
N GLN M 13 2.38 -50.05 11.91
CA GLN M 13 3.72 -49.55 11.64
C GLN M 13 3.67 -48.25 10.85
N VAL M 14 2.50 -47.95 10.27
CA VAL M 14 2.32 -46.70 9.56
C VAL M 14 2.42 -45.49 10.48
N GLY M 15 2.18 -45.68 11.77
CA GLY M 15 2.36 -44.62 12.73
C GLY M 15 3.82 -44.23 12.90
N ILE M 16 4.71 -45.23 12.87
CA ILE M 16 6.14 -44.97 12.99
C ILE M 16 6.62 -44.11 11.82
N GLY M 17 6.17 -44.44 10.62
CA GLY M 17 6.53 -43.64 9.46
C GLY M 17 6.06 -42.21 9.58
N THR M 18 4.86 -42.01 10.14
CA THR M 18 4.33 -40.66 10.30
C THR M 18 5.19 -39.84 11.25
N LEU M 19 5.70 -40.46 12.31
CA LEU M 19 6.46 -39.73 13.32
C LEU M 19 7.71 -39.11 12.72
N ILE M 20 8.46 -39.86 11.92
CA ILE M 20 9.66 -39.31 11.29
C ILE M 20 9.28 -38.19 10.32
N VAL M 21 8.24 -38.42 9.52
CA VAL M 21 7.76 -37.37 8.62
C VAL M 21 7.21 -36.19 9.43
N PHE M 22 6.59 -36.48 10.58
CA PHE M 22 6.12 -35.40 11.45
C PHE M 22 7.27 -34.50 11.86
N ILE M 23 8.37 -35.09 12.33
CA ILE M 23 9.54 -34.32 12.77
C ILE M 23 10.09 -33.48 11.63
N ALA M 24 9.95 -33.96 10.40
CA ALA M 24 10.54 -33.29 9.24
C ALA M 24 10.00 -31.87 9.08
N MET M 25 8.68 -31.74 9.02
CA MET M 25 8.10 -30.44 8.66
C MET M 25 8.02 -29.49 9.86
N VAL M 26 8.24 -29.99 11.07
CA VAL M 26 8.50 -29.08 12.19
C VAL M 26 9.81 -28.36 11.97
N LEU M 27 10.85 -29.10 11.58
CA LEU M 27 12.12 -28.46 11.25
C LEU M 27 11.98 -27.63 9.98
N VAL M 28 11.32 -28.17 8.96
CA VAL M 28 11.21 -27.47 7.68
C VAL M 28 10.46 -26.16 7.85
N ALA M 29 9.35 -26.17 8.59
CA ALA M 29 8.64 -24.93 8.87
C ALA M 29 9.49 -23.99 9.70
N ALA M 30 10.23 -24.52 10.68
CA ALA M 30 11.13 -23.69 11.46
C ALA M 30 12.23 -23.12 10.59
N ILE M 31 12.77 -23.92 9.67
CA ILE M 31 13.73 -23.42 8.70
C ILE M 31 13.08 -22.34 7.84
N ALA M 32 11.85 -22.58 7.39
CA ALA M 32 11.14 -21.59 6.59
C ALA M 32 10.74 -20.38 7.43
N ALA M 33 10.43 -20.62 8.71
CA ALA M 33 10.09 -19.50 9.59
C ALA M 33 11.30 -18.61 9.82
N GLY M 34 12.46 -19.21 10.06
CA GLY M 34 13.67 -18.46 10.37
C GLY M 34 14.12 -17.53 9.27
N VAL M 35 14.12 -18.02 8.03
CA VAL M 35 14.58 -17.20 6.91
C VAL M 35 13.64 -16.01 6.70
N LEU M 36 12.33 -16.24 6.87
CA LEU M 36 11.37 -15.17 6.67
C LEU M 36 11.58 -14.04 7.66
N ILE M 37 11.84 -14.38 8.93
CA ILE M 37 12.00 -13.36 9.96
C ILE M 37 13.30 -12.61 9.77
N ASN M 38 14.39 -13.32 9.51
CA ASN M 38 15.69 -12.68 9.38
C ASN M 38 15.74 -11.76 8.17
N THR M 39 15.17 -12.20 7.04
CA THR M 39 15.13 -11.34 5.86
C THR M 39 14.29 -10.10 6.11
N ALA M 40 13.33 -10.19 7.03
CA ALA M 40 12.65 -8.98 7.50
C ALA M 40 13.55 -8.17 8.42
N GLY M 41 14.47 -8.84 9.10
CA GLY M 41 15.37 -8.13 10.01
C GLY M 41 16.28 -7.17 9.29
N TYR M 42 16.85 -7.59 8.16
CA TYR M 42 17.71 -6.69 7.40
C TYR M 42 16.90 -5.51 6.86
N LEU M 43 15.71 -5.80 6.31
CA LEU M 43 14.87 -4.72 5.80
C LEU M 43 14.40 -3.80 6.93
N GLN M 44 14.39 -4.32 8.16
CA GLN M 44 14.03 -3.49 9.31
C GLN M 44 15.00 -2.33 9.49
N SER M 45 16.30 -2.63 9.53
CA SER M 45 17.28 -1.59 9.81
C SER M 45 17.49 -0.67 8.62
N LYS M 46 17.47 -1.23 7.41
CA LYS M 46 17.72 -0.43 6.22
C LYS M 46 16.65 0.64 6.04
N GLY M 47 15.38 0.28 6.25
CA GLY M 47 14.31 1.24 6.09
C GLY M 47 14.36 2.34 7.12
N SER M 48 14.62 1.98 8.38
CA SER M 48 14.65 2.98 9.45
C SER M 48 15.75 3.99 9.23
N ALA M 49 16.93 3.53 8.85
CA ALA M 49 18.05 4.44 8.60
C ALA M 49 17.76 5.36 7.43
N THR M 50 17.12 4.82 6.38
CA THR M 50 16.85 5.60 5.18
C THR M 50 15.96 6.80 5.48
N GLY M 51 14.95 6.60 6.33
CA GLY M 51 14.08 7.71 6.69
C GLY M 51 14.81 8.82 7.42
N GLU M 52 15.82 8.46 8.22
CA GLU M 52 16.62 9.46 8.91
C GLU M 52 17.42 10.30 7.93
N GLU M 53 18.13 9.65 7.01
CA GLU M 53 18.99 10.39 6.09
C GLU M 53 18.18 11.16 5.06
N ALA M 54 17.06 10.58 4.59
CA ALA M 54 16.23 11.28 3.62
C ALA M 54 15.66 12.55 4.22
N SER M 55 15.19 12.48 5.46
CA SER M 55 14.74 13.69 6.16
C SER M 55 15.91 14.63 6.40
N ALA M 56 17.08 14.08 6.73
CA ALA M 56 18.25 14.91 6.98
C ALA M 56 18.70 15.64 5.72
N GLN M 57 18.53 14.99 4.55
CA GLN M 57 18.92 15.61 3.30
C GLN M 57 18.11 16.88 3.03
N VAL M 58 16.81 16.84 3.33
CA VAL M 58 15.95 17.97 3.01
C VAL M 58 16.03 19.07 4.07
N SER M 59 16.23 18.70 5.34
CA SER M 59 16.10 19.65 6.43
C SER M 59 17.36 20.46 6.66
N ASN M 60 18.47 19.79 6.97
CA ASN M 60 19.70 20.49 7.31
C ASN M 60 20.28 21.21 6.10
N ARG M 61 20.20 22.55 6.11
CA ARG M 61 20.59 23.36 4.98
C ARG M 61 21.14 24.68 5.47
N ILE M 62 22.08 25.22 4.74
CA ILE M 62 22.75 26.47 5.12
C ILE M 62 22.01 27.64 4.49
N ASN M 63 21.76 28.67 5.30
CA ASN M 63 21.17 29.91 4.83
C ASN M 63 22.20 31.02 4.94
N ILE M 64 22.38 31.77 3.86
CA ILE M 64 23.38 32.83 3.81
C ILE M 64 22.73 34.12 4.28
N VAL M 65 23.33 34.76 5.29
CA VAL M 65 22.75 35.99 5.82
C VAL M 65 23.14 37.18 4.97
N SER M 66 24.43 37.33 4.69
CA SER M 66 24.93 38.47 3.91
C SER M 66 26.32 38.10 3.40
N ALA M 67 26.88 38.99 2.56
CA ALA M 67 28.19 38.74 1.97
C ALA M 67 28.82 40.09 1.63
N TYR M 68 29.77 40.52 2.45
CA TYR M 68 30.54 41.72 2.18
C TYR M 68 31.87 41.33 1.54
N GLY M 69 32.76 42.30 1.34
CA GLY M 69 34.04 42.02 0.72
C GLY M 69 35.03 43.17 0.77
N ASN M 70 36.27 42.87 1.11
CA ASN M 70 37.30 43.89 1.19
C ASN M 70 37.65 44.42 -0.20
N VAL M 71 38.12 45.66 -0.24
CA VAL M 71 38.54 46.28 -1.50
C VAL M 71 39.95 46.84 -1.39
N UNK M 72 40.83 46.34 -2.24
CA UNK M 72 42.20 46.84 -2.29
C UNK M 72 42.49 47.38 -3.69
N UNK M 73 43.33 48.41 -3.76
CA UNK M 73 43.67 49.07 -5.02
C UNK M 73 42.42 49.55 -5.74
N UNK M 74 41.75 48.63 -6.44
CA UNK M 74 40.52 48.96 -7.15
C UNK M 74 39.72 47.69 -7.48
N UNK M 75 40.02 46.61 -6.78
CA UNK M 75 39.37 45.33 -7.05
C UNK M 75 39.04 44.59 -5.76
N VAL M 76 38.06 43.70 -5.84
CA VAL M 76 37.63 42.92 -4.68
C VAL M 76 38.52 41.71 -4.50
N ASP M 77 39.32 41.70 -3.42
CA ASP M 77 40.24 40.62 -3.15
C ASP M 77 39.76 39.69 -2.04
N TYR M 78 38.50 39.83 -1.62
CA TYR M 78 37.96 38.97 -0.58
C TYR M 78 36.45 38.90 -0.73
N VAL M 79 35.91 37.69 -0.58
CA VAL M 79 34.47 37.50 -0.61
C VAL M 79 34.06 36.72 0.65
N ASN M 80 33.65 37.45 1.68
CA ASN M 80 33.26 36.82 2.94
C ASN M 80 31.76 36.57 2.96
N LEU M 81 31.37 35.44 3.55
CA LEU M 81 29.96 35.09 3.70
C LEU M 81 29.69 34.82 5.16
N THR M 82 28.62 35.43 5.68
CA THR M 82 28.15 35.12 7.03
C THR M 82 26.97 34.16 6.92
N VAL M 83 27.16 32.93 7.38
CA VAL M 83 26.18 31.88 7.17
C VAL M 83 25.53 31.51 8.50
N ARG M 84 24.36 30.87 8.40
CA ARG M 84 23.59 30.48 9.57
C ARG M 84 22.77 29.24 9.24
N GLN M 85 22.31 28.57 10.29
CA GLN M 85 21.45 27.40 10.11
C GLN M 85 20.08 27.82 9.57
N ALA M 86 19.45 26.92 8.83
CA ALA M 86 18.11 27.15 8.33
C ALA M 86 17.10 26.69 9.37
N ALA M 87 15.82 26.66 9.00
CA ALA M 87 14.76 26.27 9.92
C ALA M 87 14.87 24.79 10.25
N GLY M 88 15.25 24.48 11.48
CA GLY M 88 15.32 23.11 11.95
C GLY M 88 16.59 22.36 11.62
N ALA M 89 17.61 23.04 11.11
CA ALA M 89 18.86 22.36 10.78
C ALA M 89 19.56 21.89 12.05
N ASP M 90 20.09 20.68 12.00
CA ASP M 90 20.89 20.13 13.09
C ASP M 90 22.32 20.65 12.93
N ASN M 91 23.29 20.08 13.63
CA ASN M 91 24.67 20.53 13.53
C ASN M 91 25.16 20.46 12.09
N ILE M 92 25.81 21.52 11.63
CA ILE M 92 26.30 21.63 10.26
C ILE M 92 27.80 21.88 10.33
N ASN M 93 28.60 20.86 10.07
CA ASN M 93 30.05 21.01 10.05
C ASN M 93 30.46 21.63 8.72
N LEU M 94 31.18 22.74 8.79
CA LEU M 94 31.57 23.45 7.58
C LEU M 94 32.89 22.95 7.01
N UNK M 95 33.48 21.97 7.66
CA UNK M 95 34.70 21.36 7.17
C UNK M 95 34.36 20.18 6.26
N LYS M 96 33.09 19.81 6.26
CA LYS M 96 32.62 18.74 5.40
C LYS M 96 31.67 19.28 4.34
N SER M 97 31.91 20.52 3.92
CA SER M 97 31.08 21.18 2.92
C SER M 97 31.97 21.77 1.84
N THR M 98 31.43 21.83 0.62
CA THR M 98 32.16 22.35 -0.52
C THR M 98 31.36 23.46 -1.17
N ILE M 99 32.05 24.54 -1.54
CA ILE M 99 31.46 25.67 -2.24
C ILE M 99 31.94 25.63 -3.69
N GLN M 100 31.00 25.61 -4.63
CA GLN M 100 31.33 25.59 -6.04
C GLN M 100 31.33 27.02 -6.58
N TRP M 101 32.47 27.45 -7.11
CA TRP M 101 32.68 28.83 -7.53
C TRP M 101 32.65 28.87 -9.05
N ILE M 102 31.48 29.18 -9.60
CA ILE M 102 31.37 29.44 -11.03
C ILE M 102 31.51 30.94 -11.26
N GLY M 103 32.75 31.41 -11.40
CA GLY M 103 33.01 32.81 -11.57
C GLY M 103 33.13 33.21 -13.02
N PRO M 104 33.61 34.43 -13.28
CA PRO M 104 33.83 34.84 -14.67
C PRO M 104 34.93 34.05 -15.36
N ASP M 105 35.90 33.55 -14.62
CA ASP M 105 37.02 32.83 -15.22
C ASP M 105 36.97 31.34 -14.90
N UNK M 106 37.24 31.00 -13.65
CA UNK M 106 37.32 29.60 -13.23
C UNK M 106 35.94 29.00 -12.99
N ALA M 107 35.92 27.74 -12.57
CA ALA M 107 34.67 27.04 -12.27
C ALA M 107 34.93 25.89 -11.31
N THR M 108 35.86 26.10 -10.38
CA THR M 108 36.28 25.05 -9.47
C THR M 108 35.29 24.92 -8.31
N THR M 109 35.60 23.98 -7.41
CA THR M 109 34.78 23.72 -6.22
C THR M 109 35.71 23.76 -5.01
N LEU M 110 35.45 24.68 -4.09
CA LEU M 110 36.34 24.93 -2.98
C LEU M 110 36.13 23.93 -1.85
N THR M 111 37.15 23.78 -1.01
CA THR M 111 37.08 22.94 0.18
C THR M 111 37.69 23.70 1.35
N TYR M 112 37.73 23.05 2.52
CA TYR M 112 38.17 23.72 3.74
C TYR M 112 39.67 23.53 3.96
N UNK M 113 40.35 24.64 4.24
CA UNK M 113 41.74 24.62 4.65
C UNK M 113 41.88 25.27 6.02
N UNK M 114 42.54 24.60 6.94
CA UNK M 114 42.66 25.08 8.31
C UNK M 114 43.51 26.35 8.41
N UNK M 115 42.89 27.49 8.15
CA UNK M 115 43.51 28.80 8.30
C UNK M 115 44.69 29.04 7.36
N UNK M 116 44.49 29.91 6.39
CA UNK M 116 45.56 30.27 5.46
C UNK M 116 45.24 31.59 4.76
N UNK M 117 44.47 32.44 5.43
CA UNK M 117 44.06 33.73 4.86
C UNK M 117 45.27 34.64 4.64
N UNK M 120 41.74 31.68 1.19
CA UNK M 120 42.93 30.87 1.40
C UNK M 120 43.23 30.02 0.17
N UNK M 121 44.06 30.55 -0.73
CA UNK M 121 44.46 29.85 -1.95
C UNK M 121 43.27 29.42 -2.79
N GLU M 122 43.08 28.12 -2.93
CA GLU M 122 42.01 27.57 -3.74
C GLU M 122 40.90 27.04 -2.83
N ASN M 123 41.16 27.07 -1.53
CA ASN M 123 40.24 26.57 -0.52
C ASN M 123 39.50 27.74 0.11
N PHE M 124 38.62 27.42 1.08
CA PHE M 124 37.93 28.43 1.86
C PHE M 124 38.16 28.19 3.34
N THR M 125 38.10 29.27 4.11
CA THR M 125 38.38 29.25 5.54
C THR M 125 37.22 29.84 6.31
N THR M 126 36.96 29.29 7.49
CA THR M 126 35.85 29.76 8.32
C THR M 126 36.33 30.34 9.65
N UNK M 127 36.04 31.62 9.87
CA UNK M 127 36.32 32.27 11.14
C UNK M 127 35.00 32.58 11.84
N SER M 128 34.96 32.39 13.15
CA SER M 128 33.71 32.53 13.89
C SER M 128 33.32 33.99 14.14
N ILE M 129 32.02 34.23 14.18
CA ILE M 129 31.48 35.54 14.51
C ILE M 129 30.78 35.53 15.87
N LYS M 130 29.83 34.62 16.05
CA LYS M 130 29.11 34.47 17.30
C LYS M 130 29.00 32.98 17.62
N GLY M 131 29.56 32.58 18.76
CA GLY M 131 29.50 31.18 19.17
C GLY M 131 30.81 30.64 19.71
N UNK M 132 30.82 29.34 20.00
CA UNK M 132 32.01 28.70 20.55
C UNK M 132 32.85 28.03 19.47
N UNK M 133 32.23 27.16 18.68
CA UNK M 133 32.92 26.46 17.62
C UNK M 133 33.11 27.36 16.40
N UNK M 134 34.30 27.35 15.82
CA UNK M 134 34.62 28.19 14.69
C UNK M 134 34.61 27.40 13.38
N UNK M 135 33.80 26.34 13.33
CA UNK M 135 33.72 25.50 12.15
C UNK M 135 32.39 24.76 12.09
N VAL M 136 31.71 24.69 13.23
CA VAL M 136 30.44 23.97 13.33
C VAL M 136 29.35 24.89 13.83
N LEU M 137 28.16 24.79 13.22
CA LEU M 137 27.00 25.53 13.68
C LEU M 137 26.22 24.65 14.66
N VAL M 138 26.10 25.11 15.90
CA VAL M 138 25.46 24.32 16.96
C VAL M 138 24.03 24.79 17.22
N ASP M 139 23.86 26.06 17.58
CA ASP M 139 22.54 26.64 17.81
C ASP M 139 22.12 27.48 16.63
N GLN M 140 20.91 28.04 16.71
CA GLN M 140 20.41 28.89 15.64
C GLN M 140 20.95 30.31 15.78
N SER M 141 21.57 30.63 16.91
CA SER M 141 22.04 31.98 17.17
C SER M 141 23.48 32.20 16.73
N ASP M 142 24.14 31.17 16.22
CA ASP M 142 25.53 31.29 15.82
C ASP M 142 25.65 31.68 14.35
N ARG M 143 26.63 32.53 14.06
CA ARG M 143 26.96 32.94 12.70
C ARG M 143 28.44 32.67 12.47
N ILE M 144 28.77 32.06 11.35
CA ILE M 144 30.15 31.76 10.99
C ILE M 144 30.48 32.48 9.70
N LYS M 145 31.62 33.15 9.67
CA LYS M 145 32.09 33.87 8.49
C LYS M 145 32.94 32.95 7.63
N VAL M 146 32.60 32.87 6.35
CA VAL M 146 33.29 32.00 5.40
C VAL M 146 34.23 32.87 4.56
N ILE M 147 35.52 32.61 4.68
CA ILE M 147 36.53 33.41 3.97
C ILE M 147 36.99 32.66 2.73
N MET M 148 36.95 33.33 1.58
CA MET M 148 37.53 32.80 0.35
C MET M 148 38.34 33.90 -0.33
N TYR M 149 39.60 33.61 -0.61
CA TYR M 149 40.50 34.59 -1.23
C TYR M 149 40.12 34.72 -2.70
N ALA M 150 39.77 35.93 -3.12
CA ALA M 150 39.39 36.18 -4.50
C ALA M 150 40.59 36.13 -5.43
N UNK M 151 41.70 36.70 -4.98
CA UNK M 151 42.91 36.76 -5.80
C UNK M 151 43.74 35.50 -5.65
N UNK M 152 43.09 34.34 -5.70
CA UNK M 152 43.78 33.07 -5.58
C UNK M 152 42.93 31.93 -6.14
N VAL M 153 41.61 32.02 -5.98
CA VAL M 153 40.71 31.05 -6.57
C VAL M 153 40.52 31.38 -8.05
N UNK M 154 40.89 32.60 -8.42
CA UNK M 154 40.80 33.05 -9.79
C UNK M 154 41.63 34.32 -9.97
N UNK M 155 40.98 35.45 -9.74
CA UNK M 155 41.65 36.75 -9.80
C UNK M 155 40.80 37.78 -9.07
N UNK M 156 41.41 38.92 -8.74
CA UNK M 156 40.69 40.00 -8.06
C UNK M 156 39.55 40.49 -8.96
N LEU M 157 38.33 40.31 -8.48
CA LEU M 157 37.13 40.64 -9.27
C LEU M 157 37.07 42.11 -9.66
N UNK M 158 36.53 42.36 -10.85
CA UNK M 158 36.34 43.73 -11.32
C UNK M 158 34.87 44.11 -11.18
N UNK M 159 34.56 45.37 -11.47
CA UNK M 159 33.20 45.87 -11.32
C UNK M 159 32.24 45.21 -12.29
N GLY M 160 31.17 44.63 -11.75
CA GLY M 160 30.14 44.01 -12.56
C GLY M 160 30.26 42.51 -12.65
N UNK M 161 31.38 41.97 -12.19
CA UNK M 161 31.63 40.54 -12.26
C UNK M 161 30.70 39.77 -11.34
N GLU M 162 30.24 38.62 -11.81
CA GLU M 162 29.36 37.76 -11.01
C GLU M 162 29.99 36.40 -10.78
N VAL M 163 29.71 35.82 -9.61
CA VAL M 163 30.07 34.43 -9.32
C VAL M 163 28.82 33.72 -8.82
N GLN M 164 28.73 32.42 -9.09
CA GLN M 164 27.58 31.64 -8.67
C GLN M 164 28.05 30.67 -7.58
N LEU M 165 27.97 31.15 -6.34
CA LEU M 165 28.32 30.31 -5.21
C LEU M 165 27.16 29.40 -4.85
N THR M 166 27.49 28.14 -4.54
CA THR M 166 26.50 27.19 -4.05
C THR M 166 27.12 26.37 -2.92
N VAL M 167 26.73 26.68 -1.69
CA VAL M 167 27.28 26.01 -0.52
C VAL M 167 26.56 24.68 -0.36
N THR M 168 27.29 23.59 -0.52
CA THR M 168 26.73 22.25 -0.45
C THR M 168 27.12 21.61 0.88
N THR M 169 26.14 21.43 1.75
CA THR M 169 26.39 20.83 3.05
C THR M 169 26.72 19.35 2.89
N GLN M 170 27.03 18.71 4.02
CA GLN M 170 27.38 17.30 4.00
C GLN M 170 26.22 16.44 3.52
N TYR M 171 25.01 16.75 3.99
CA TYR M 171 23.86 15.90 3.69
C TYR M 171 23.34 16.07 2.27
N GLY M 172 23.84 17.05 1.53
CA GLY M 172 23.49 17.23 0.14
C GLY M 172 22.68 18.47 -0.17
N SER M 173 22.23 19.19 0.84
CA SER M 173 21.47 20.41 0.60
C SER M 173 22.34 21.47 -0.04
N LYS M 174 21.78 22.17 -1.03
CA LYS M 174 22.49 23.20 -1.78
C LYS M 174 21.85 24.55 -1.55
N THR M 175 22.70 25.58 -1.42
CA THR M 175 22.25 26.95 -1.24
C THR M 175 22.99 27.84 -2.22
N THR M 176 22.27 28.40 -3.18
CA THR M 176 22.87 29.23 -4.22
C THR M 176 22.83 30.69 -3.82
N TYR M 177 23.86 31.44 -4.22
CA TYR M 177 23.93 32.87 -3.93
C TYR M 177 24.65 33.57 -5.06
N TRP M 178 23.96 34.48 -5.74
CA TRP M 178 24.56 35.29 -6.79
C TRP M 178 25.29 36.47 -6.16
N ALA M 179 26.61 36.46 -6.21
CA ALA M 179 27.42 37.55 -5.66
C ALA M 179 27.71 38.54 -6.77
N GLN M 180 26.96 39.64 -6.79
CA GLN M 180 27.10 40.67 -7.82
C GLN M 180 27.95 41.80 -7.24
N VAL M 181 29.17 41.93 -7.74
CA VAL M 181 30.06 43.02 -7.34
C VAL M 181 29.40 44.33 -7.78
N PRO M 182 29.44 45.38 -6.96
CA PRO M 182 28.86 46.66 -7.38
C PRO M 182 29.48 47.14 -8.68
N GLU M 183 28.63 47.72 -9.54
CA GLU M 183 29.05 48.05 -10.90
C GLU M 183 30.09 49.16 -10.92
N SER M 184 30.27 49.88 -9.80
CA SER M 184 31.35 50.84 -9.65
C SER M 184 31.98 50.65 -8.27
N LEU M 185 33.31 50.71 -8.21
CA LEU M 185 34.04 50.52 -6.96
C LEU M 185 34.96 51.69 -6.63
N LYS M 186 34.61 52.90 -7.07
CA LYS M 186 35.45 54.06 -6.80
C LYS M 186 35.26 54.53 -5.36
N ASP M 187 36.37 54.69 -4.64
CA ASP M 187 36.39 55.22 -3.27
C ASP M 187 35.49 54.39 -2.35
N LYS M 188 35.78 53.10 -2.27
CA LYS M 188 35.08 52.20 -1.37
C LYS M 188 36.10 51.27 -0.72
N ASN M 189 36.00 51.11 0.60
CA ASN M 189 36.85 50.18 1.33
C ASN M 189 36.12 48.91 1.73
N ALA M 190 34.83 48.80 1.40
CA ALA M 190 34.04 47.61 1.69
C ALA M 190 32.74 47.70 0.90
N VAL M 191 32.41 46.63 0.20
CA VAL M 191 31.18 46.60 -0.58
C VAL M 191 30.29 45.46 -0.11
N UNK M 192 29.04 45.46 -0.58
CA UNK M 192 28.08 44.43 -0.21
C UNK M 192 27.65 43.63 -1.44
N LEU M 193 28.43 42.62 -1.78
CA LEU M 193 28.12 41.76 -2.91
C LEU M 193 26.84 40.98 -2.67
N GLN N 13 5.11 -66.10 13.02
CA GLN N 13 5.39 -66.19 11.60
C GLN N 13 5.16 -64.81 10.97
N VAL N 14 3.94 -64.31 11.13
CA VAL N 14 3.61 -62.99 10.61
C VAL N 14 4.40 -61.91 11.32
N GLY N 15 4.85 -62.19 12.54
CA GLY N 15 5.63 -61.20 13.27
C GLY N 15 6.94 -60.85 12.58
N ILE N 16 7.56 -61.84 11.94
CA ILE N 16 8.79 -61.61 11.20
C ILE N 16 8.51 -60.65 10.04
N GLY N 17 7.39 -60.85 9.36
CA GLY N 17 7.06 -60.04 8.22
C GLY N 17 6.97 -58.57 8.54
N THR N 18 6.27 -58.22 9.62
CA THR N 18 6.12 -56.82 9.98
C THR N 18 7.43 -56.20 10.44
N LEU N 19 8.43 -57.02 10.77
CA LEU N 19 9.72 -56.48 11.18
C LEU N 19 10.43 -55.79 10.01
N ILE N 20 10.53 -56.48 8.87
CA ILE N 20 11.29 -55.94 7.76
C ILE N 20 10.57 -54.75 7.14
N VAL N 21 9.25 -54.85 7.00
CA VAL N 21 8.50 -53.71 6.47
C VAL N 21 8.56 -52.53 7.42
N PHE N 22 8.68 -52.79 8.73
CA PHE N 22 8.95 -51.71 9.67
C PHE N 22 10.29 -51.06 9.36
N ILE N 23 11.31 -51.87 9.06
CA ILE N 23 12.59 -51.33 8.62
C ILE N 23 12.42 -50.60 7.28
N ALA N 24 11.51 -51.09 6.44
CA ALA N 24 11.29 -50.44 5.15
C ALA N 24 10.85 -48.99 5.32
N MET N 25 9.87 -48.76 6.19
CA MET N 25 9.22 -47.45 6.26
C MET N 25 10.14 -46.38 6.83
N VAL N 26 11.01 -46.74 7.77
CA VAL N 26 11.77 -45.73 8.51
C VAL N 26 12.71 -44.98 7.57
N LEU N 27 13.43 -45.69 6.70
CA LEU N 27 14.24 -45.00 5.72
C LEU N 27 13.38 -44.28 4.68
N VAL N 28 12.30 -44.92 4.23
CA VAL N 28 11.43 -44.29 3.23
C VAL N 28 10.91 -42.96 3.76
N ALA N 29 10.53 -42.93 5.03
CA ALA N 29 10.18 -41.67 5.67
C ALA N 29 11.39 -40.75 5.73
N ALA N 30 12.56 -41.30 6.04
CA ALA N 30 13.79 -40.51 6.17
C ALA N 30 14.16 -39.82 4.86
N ILE N 31 14.07 -40.54 3.74
CA ILE N 31 14.33 -39.93 2.44
C ILE N 31 13.33 -38.82 2.17
N ALA N 32 12.05 -39.09 2.42
CA ALA N 32 11.04 -38.04 2.27
C ALA N 32 11.28 -36.93 3.27
N ALA N 33 11.68 -37.27 4.50
CA ALA N 33 12.12 -36.25 5.44
C ALA N 33 13.36 -35.53 4.93
N GLY N 34 14.30 -36.29 4.36
CA GLY N 34 15.54 -35.72 3.89
C GLY N 34 15.38 -34.67 2.81
N VAL N 35 14.92 -35.09 1.63
CA VAL N 35 14.88 -34.20 0.47
C VAL N 35 14.05 -32.95 0.77
N LEU N 36 13.03 -33.10 1.60
CA LEU N 36 12.20 -31.96 1.97
C LEU N 36 13.02 -30.91 2.72
N ILE N 37 13.92 -31.35 3.60
CA ILE N 37 14.68 -30.41 4.42
C ILE N 37 15.68 -29.63 3.56
N ASN N 38 16.45 -30.33 2.73
CA ASN N 38 17.48 -29.64 1.96
C ASN N 38 16.86 -28.74 0.90
N THR N 39 15.70 -29.12 0.37
CA THR N 39 15.04 -28.28 -0.63
C THR N 39 14.70 -26.91 -0.06
N ALA N 40 14.17 -26.89 1.18
CA ALA N 40 13.94 -25.61 1.84
C ALA N 40 15.24 -24.86 2.07
N GLY N 41 16.35 -25.57 2.18
CA GLY N 41 17.62 -24.92 2.39
C GLY N 41 18.02 -24.03 1.22
N TYR N 42 17.82 -24.52 0.00
CA TYR N 42 18.16 -23.72 -1.18
C TYR N 42 17.30 -22.46 -1.22
N LEU N 43 15.98 -22.61 -1.10
CA LEU N 43 15.10 -21.46 -1.17
C LEU N 43 15.34 -20.48 -0.03
N GLN N 44 15.94 -20.94 1.06
CA GLN N 44 16.43 -20.00 2.07
C GLN N 44 17.43 -19.03 1.46
N SER N 45 18.57 -19.57 0.99
CA SER N 45 19.62 -18.72 0.44
C SER N 45 19.16 -17.99 -0.81
N LYS N 46 18.43 -18.67 -1.70
CA LYS N 46 17.88 -18.01 -2.87
C LYS N 46 16.92 -16.90 -2.47
N GLY N 47 16.04 -17.18 -1.50
CA GLY N 47 15.18 -16.14 -1.00
C GLY N 47 15.92 -15.08 -0.22
N SER N 48 16.93 -15.49 0.56
CA SER N 48 17.68 -14.53 1.36
C SER N 48 18.44 -13.55 0.47
N ALA N 49 19.21 -14.08 -0.50
CA ALA N 49 20.07 -13.22 -1.32
C ALA N 49 19.24 -12.23 -2.14
N THR N 50 18.00 -12.61 -2.48
CA THR N 50 17.14 -11.70 -3.23
C THR N 50 16.75 -10.49 -2.40
N GLY N 51 16.70 -10.65 -1.08
CA GLY N 51 16.22 -9.57 -0.23
C GLY N 51 17.09 -8.33 -0.28
N GLU N 52 18.40 -8.51 -0.08
CA GLU N 52 19.29 -7.35 -0.07
C GLU N 52 19.44 -6.77 -1.47
N GLU N 53 19.59 -7.63 -2.48
CA GLU N 53 19.88 -7.15 -3.83
C GLU N 53 18.76 -6.28 -4.36
N ALA N 54 17.51 -6.72 -4.20
CA ALA N 54 16.38 -5.90 -4.63
C ALA N 54 16.27 -4.65 -3.78
N SER N 55 16.53 -4.77 -2.48
CA SER N 55 16.63 -3.59 -1.63
C SER N 55 17.80 -2.71 -2.06
N ALA N 56 18.92 -3.34 -2.43
CA ALA N 56 20.06 -2.59 -2.94
C ALA N 56 19.71 -1.88 -4.24
N GLN N 57 18.92 -2.53 -5.09
CA GLN N 57 18.51 -1.91 -6.34
C GLN N 57 17.70 -0.63 -6.09
N VAL N 58 16.79 -0.67 -5.12
CA VAL N 58 15.97 0.48 -4.83
C VAL N 58 16.76 1.56 -4.08
N SER N 59 17.62 1.15 -3.15
CA SER N 59 18.21 2.11 -2.22
C SER N 59 19.42 2.86 -2.77
N ASN N 60 20.49 2.14 -3.10
CA ASN N 60 21.73 2.80 -3.52
C ASN N 60 21.55 3.45 -4.89
N ARG N 61 21.84 4.74 -4.96
CA ARG N 61 21.55 5.54 -6.13
C ARG N 61 22.48 6.74 -6.15
N ILE N 62 22.76 7.24 -7.34
CA ILE N 62 23.63 8.39 -7.54
C ILE N 62 22.78 9.63 -7.70
N ASN N 63 23.08 10.67 -6.92
CA ASN N 63 22.43 11.96 -7.03
C ASN N 63 23.40 12.98 -7.59
N ILE N 64 22.97 13.71 -8.61
CA ILE N 64 23.84 14.64 -9.32
C ILE N 64 23.71 16.01 -8.68
N VAL N 65 24.75 16.46 -7.98
CA VAL N 65 24.70 17.73 -7.26
C VAL N 65 24.64 18.89 -8.24
N SER N 66 25.53 18.90 -9.22
CA SER N 66 25.61 19.99 -10.18
C SER N 66 26.33 19.51 -11.42
N ALA N 67 26.26 20.31 -12.48
CA ALA N 67 26.90 19.94 -13.75
C ALA N 67 27.28 21.23 -14.48
N TYR N 68 28.55 21.59 -14.40
CA TYR N 68 29.07 22.73 -15.14
C TYR N 68 29.72 22.22 -16.42
N GLY N 69 30.40 23.11 -17.14
CA GLY N 69 31.08 22.72 -18.36
C GLY N 69 31.96 23.81 -18.94
N ASN N 70 33.17 23.45 -19.33
CA ASN N 70 34.08 24.41 -19.95
C ASN N 70 33.62 24.73 -21.36
N VAL N 71 33.96 25.92 -21.82
CA VAL N 71 33.66 26.32 -23.20
C VAL N 71 34.96 26.61 -23.94
N UNK N 72 34.94 26.38 -25.25
CA UNK N 72 36.12 26.60 -26.08
C UNK N 72 36.03 27.96 -26.76
N UNK N 73 36.03 27.95 -28.08
CA UNK N 73 35.87 29.19 -28.85
C UNK N 73 34.45 29.71 -28.68
N UNK N 74 33.48 28.82 -28.86
CA UNK N 74 32.07 29.16 -28.70
C UNK N 74 31.22 27.91 -28.58
N UNK N 75 31.82 26.85 -28.02
CA UNK N 75 31.12 25.58 -27.86
C UNK N 75 31.61 24.85 -26.61
N VAL N 76 30.68 24.17 -25.94
CA VAL N 76 31.01 23.42 -24.74
C VAL N 76 31.75 22.14 -25.11
N ASP N 77 32.94 21.93 -24.53
CA ASP N 77 33.74 20.77 -24.85
C ASP N 77 33.76 19.72 -23.75
N TYR N 78 33.59 20.13 -22.50
CA TYR N 78 33.54 19.21 -21.37
C TYR N 78 32.20 19.31 -20.67
N VAL N 79 31.71 18.19 -20.16
CA VAL N 79 30.50 18.19 -19.34
C VAL N 79 30.82 17.47 -18.03
N ASN N 80 31.24 18.23 -17.03
CA ASN N 80 31.63 17.64 -15.76
C ASN N 80 30.43 17.57 -14.82
N LEU N 81 30.30 16.44 -14.12
CA LEU N 81 29.19 16.19 -13.23
C LEU N 81 29.72 15.91 -11.84
N THR N 82 29.19 16.60 -10.84
CA THR N 82 29.55 16.34 -9.45
C THR N 82 28.46 15.49 -8.81
N VAL N 83 28.79 14.24 -8.47
CA VAL N 83 27.80 13.28 -8.03
C VAL N 83 28.01 12.97 -6.55
N ARG N 84 26.95 12.50 -5.91
CA ARG N 84 26.97 12.16 -4.50
C ARG N 84 26.03 10.99 -4.25
N GLN N 85 26.21 10.33 -3.11
CA GLN N 85 25.33 9.24 -2.75
C GLN N 85 23.92 9.76 -2.43
N ALA N 86 22.95 8.89 -2.60
CA ALA N 86 21.57 9.22 -2.26
C ALA N 86 21.33 8.93 -0.78
N ALA N 87 20.08 8.99 -0.35
CA ALA N 87 19.75 8.74 1.04
C ALA N 87 20.01 7.28 1.40
N GLY N 88 20.92 7.05 2.34
CA GLY N 88 21.20 5.72 2.81
C GLY N 88 21.72 4.77 1.75
N ALA N 89 22.72 5.21 1.00
CA ALA N 89 23.30 4.41 -0.08
C ALA N 89 24.63 3.83 0.37
N ASP N 90 24.82 2.54 0.14
CA ASP N 90 26.06 1.86 0.44
C ASP N 90 27.14 2.31 -0.54
N ASN N 91 28.33 1.72 -0.41
CA ASN N 91 29.45 2.05 -1.28
C ASN N 91 29.06 1.91 -2.75
N ILE N 92 29.09 3.03 -3.47
CA ILE N 92 28.69 3.04 -4.89
C ILE N 92 29.97 3.15 -5.72
N ASN N 93 30.21 2.13 -6.54
CA ASN N 93 31.37 2.13 -7.41
C ASN N 93 31.02 2.78 -8.74
N LEU N 94 31.82 3.75 -9.16
CA LEU N 94 31.56 4.46 -10.40
C LEU N 94 32.34 3.85 -11.56
N UNK N 95 33.11 2.82 -11.27
CA UNK N 95 33.84 2.10 -12.30
C UNK N 95 32.95 1.02 -12.89
N LYS N 96 31.91 0.65 -12.14
CA LYS N 96 30.97 -0.36 -12.59
C LYS N 96 29.68 0.28 -13.08
N SER N 97 29.69 1.60 -13.22
CA SER N 97 28.51 2.35 -13.65
C SER N 97 28.65 2.74 -15.11
N THR N 98 27.51 3.01 -15.74
CA THR N 98 27.46 3.37 -17.14
C THR N 98 26.55 4.57 -17.33
N ILE N 99 26.85 5.38 -18.34
CA ILE N 99 26.11 6.60 -18.64
C ILE N 99 25.64 6.54 -20.08
N GLN N 100 24.36 6.83 -20.29
CA GLN N 100 23.76 6.82 -21.62
C GLN N 100 23.63 8.26 -22.11
N TRP N 101 24.24 8.54 -23.26
CA TRP N 101 24.31 9.89 -23.82
C TRP N 101 23.44 9.93 -25.07
N ILE N 102 22.20 10.41 -24.89
CA ILE N 102 21.34 10.69 -26.04
C ILE N 102 21.43 12.18 -26.36
N GLY N 103 22.37 12.55 -27.21
CA GLY N 103 22.56 13.93 -27.57
C GLY N 103 21.80 14.30 -28.83
N PRO N 104 21.99 15.53 -29.31
CA PRO N 104 21.35 15.92 -30.58
C PRO N 104 21.80 15.08 -31.76
N ASP N 105 23.04 14.61 -31.75
CA ASP N 105 23.56 13.79 -32.84
C ASP N 105 23.63 12.32 -32.46
N UNK N 106 24.69 11.95 -31.74
CA UNK N 106 24.92 10.56 -31.39
C UNK N 106 23.97 10.08 -30.30
N ALA N 107 24.06 8.79 -29.99
CA ALA N 107 23.25 8.19 -28.94
C ALA N 107 23.91 6.89 -28.46
N THR N 108 24.99 7.03 -27.71
CA THR N 108 25.79 5.90 -27.26
C THR N 108 25.58 5.66 -25.78
N THR N 109 26.33 4.71 -25.23
CA THR N 109 26.31 4.37 -23.82
C THR N 109 27.75 4.36 -23.33
N LEU N 110 28.12 5.37 -22.56
CA LEU N 110 29.50 5.54 -22.12
C LEU N 110 29.86 4.55 -21.01
N THR N 111 31.14 4.20 -20.95
CA THR N 111 31.66 3.31 -19.92
C THR N 111 32.92 3.92 -19.32
N TYR N 112 33.24 3.50 -18.10
CA TYR N 112 34.37 4.04 -17.35
C TYR N 112 35.70 3.84 -18.06
N UNK N 113 36.59 4.81 -17.92
CA UNK N 113 37.93 4.72 -18.50
C UNK N 113 38.98 5.01 -17.42
N UNK N 114 40.10 5.60 -17.83
CA UNK N 114 41.17 5.91 -16.89
C UNK N 114 42.09 6.99 -17.44
N UNK N 115 42.05 8.17 -16.81
CA UNK N 115 42.94 9.29 -17.11
C UNK N 115 42.78 9.84 -18.53
N UNK N 116 41.99 9.18 -19.36
CA UNK N 116 41.78 9.63 -20.73
C UNK N 116 40.92 10.89 -20.76
N UNK N 117 41.57 12.04 -20.90
CA UNK N 117 40.86 13.32 -20.93
C UNK N 117 41.34 14.17 -22.10
N UNK N 120 38.67 11.29 -25.13
CA UNK N 120 38.17 10.23 -24.26
C UNK N 120 37.22 9.30 -25.03
N UNK N 121 36.74 9.78 -26.17
CA UNK N 121 35.79 9.03 -27.00
C UNK N 121 34.55 8.65 -26.20
N GLU N 122 33.99 7.47 -26.49
CA GLU N 122 32.84 6.98 -25.77
C GLU N 122 33.24 6.43 -24.40
N ASN N 123 33.70 7.33 -23.52
CA ASN N 123 34.11 6.96 -22.19
C ASN N 123 33.90 8.14 -21.26
N PHE N 124 33.80 7.87 -19.96
CA PHE N 124 33.74 8.88 -18.94
C PHE N 124 34.77 8.58 -17.85
N THR N 125 35.40 9.63 -17.34
CA THR N 125 36.46 9.50 -16.35
C THR N 125 36.09 10.27 -15.09
N THR N 126 36.57 9.79 -13.95
CA THR N 126 36.24 10.41 -12.68
C THR N 126 37.47 10.94 -11.95
N UNK N 127 37.36 12.17 -11.45
CA UNK N 127 38.41 12.78 -10.66
C UNK N 127 37.86 13.15 -9.28
N SER N 128 38.61 12.87 -8.23
CA SER N 128 38.13 13.09 -6.88
C SER N 128 38.04 14.57 -6.51
N ILE N 129 37.07 14.91 -5.67
CA ILE N 129 36.88 16.25 -5.17
C ILE N 129 36.94 16.30 -3.64
N LYS N 130 36.23 15.40 -2.98
CA LYS N 130 36.18 15.39 -1.51
C LYS N 130 36.24 13.94 -1.05
N GLY N 131 37.42 13.49 -0.64
CA GLY N 131 37.56 12.14 -0.15
C GLY N 131 38.90 11.49 -0.46
N UNK N 132 38.96 10.17 -0.28
CA UNK N 132 40.20 9.43 -0.49
C UNK N 132 40.16 8.64 -1.80
N UNK N 133 39.03 7.99 -2.06
CA UNK N 133 38.87 7.19 -3.27
C UNK N 133 38.35 8.04 -4.42
N UNK N 134 38.91 7.84 -5.61
CA UNK N 134 38.55 8.64 -6.77
C UNK N 134 37.77 7.84 -7.81
N UNK N 135 37.02 6.84 -7.37
CA UNK N 135 36.25 6.01 -8.27
C UNK N 135 35.08 5.33 -7.56
N VAL N 136 34.96 5.57 -6.26
CA VAL N 136 33.91 4.94 -5.48
C VAL N 136 33.56 5.81 -4.28
N LEU N 137 32.25 5.98 -4.05
CA LEU N 137 31.79 6.82 -2.95
C LEU N 137 31.59 5.97 -1.70
N VAL N 138 32.26 6.34 -0.61
CA VAL N 138 32.26 5.56 0.61
C VAL N 138 31.33 6.16 1.66
N ASP N 139 31.53 7.43 2.02
CA ASP N 139 30.71 8.10 3.02
C ASP N 139 29.67 8.97 2.33
N GLN N 140 28.80 9.57 3.15
CA GLN N 140 27.80 10.48 2.60
C GLN N 140 28.40 11.80 2.12
N SER N 141 29.60 12.14 2.59
CA SER N 141 30.18 13.45 2.34
C SER N 141 31.13 13.50 1.15
N ASP N 142 31.34 12.40 0.45
CA ASP N 142 32.28 12.42 -0.68
C ASP N 142 31.61 12.92 -1.94
N ARG N 143 32.35 13.72 -2.71
CA ARG N 143 31.90 14.25 -3.98
C ARG N 143 32.90 13.85 -5.05
N ILE N 144 32.42 13.24 -6.13
CA ILE N 144 33.26 12.80 -7.23
C ILE N 144 32.81 13.50 -8.50
N LYS N 145 33.78 13.98 -9.27
CA LYS N 145 33.52 14.70 -10.51
C LYS N 145 33.60 13.72 -11.68
N VAL N 146 32.54 13.68 -12.49
CA VAL N 146 32.47 12.78 -13.64
C VAL N 146 32.73 13.60 -14.89
N ILE N 147 33.84 13.29 -15.57
CA ILE N 147 34.24 14.03 -16.76
C ILE N 147 33.72 13.32 -18.00
N MET N 148 33.19 14.10 -18.95
CA MET N 148 32.69 13.57 -20.21
C MET N 148 33.05 14.55 -21.31
N TYR N 149 33.90 14.14 -22.24
CA TYR N 149 34.22 14.97 -23.39
C TYR N 149 33.01 15.10 -24.30
N ALA N 150 32.86 16.28 -24.91
CA ALA N 150 31.73 16.54 -25.78
C ALA N 150 32.12 16.42 -27.25
N UNK N 151 33.32 16.89 -27.56
CA UNK N 151 33.82 16.85 -28.94
C UNK N 151 34.20 15.43 -29.33
N UNK N 152 34.47 14.60 -28.33
CA UNK N 152 34.88 13.22 -28.59
C UNK N 152 33.68 12.33 -28.84
N VAL N 153 32.67 12.43 -27.99
CA VAL N 153 31.45 11.64 -28.14
C VAL N 153 30.69 12.10 -29.37
N UNK N 154 30.00 13.23 -29.24
CA UNK N 154 29.31 13.83 -30.37
C UNK N 154 30.13 15.00 -30.89
N UNK N 155 29.47 15.96 -31.51
CA UNK N 155 30.13 17.20 -31.90
C UNK N 155 30.19 18.11 -30.69
N UNK N 156 31.03 19.14 -30.74
CA UNK N 156 31.13 20.10 -29.65
C UNK N 156 29.78 20.76 -29.43
N LEU N 157 29.26 20.63 -28.21
CA LEU N 157 27.94 21.15 -27.86
C LEU N 157 27.82 22.65 -28.13
N UNK N 158 26.81 23.01 -28.92
CA UNK N 158 26.58 24.42 -29.24
C UNK N 158 25.47 24.98 -28.34
N UNK N 159 25.04 26.19 -28.65
CA UNK N 159 24.03 26.87 -27.85
C UNK N 159 22.66 26.21 -27.99
N GLY N 160 22.01 25.97 -26.86
CA GLY N 160 20.68 25.39 -26.85
C GLY N 160 20.65 23.89 -27.04
N UNK N 161 21.79 23.25 -26.85
CA UNK N 161 21.88 21.80 -27.01
C UNK N 161 21.12 21.08 -25.90
N GLU N 162 20.77 19.82 -26.16
CA GLU N 162 20.00 19.03 -25.21
C GLU N 162 20.55 17.61 -25.11
N VAL N 163 21.03 17.25 -23.93
CA VAL N 163 21.65 15.94 -23.71
C VAL N 163 20.91 15.23 -22.60
N GLN N 164 20.53 13.98 -22.85
CA GLN N 164 19.80 13.18 -21.87
C GLN N 164 20.74 12.17 -21.21
N LEU N 165 21.42 12.64 -20.17
CA LEU N 165 22.31 11.77 -19.42
C LEU N 165 21.54 10.93 -18.41
N THR N 166 21.82 9.63 -18.36
CA THR N 166 21.26 8.73 -17.37
C THR N 166 22.41 7.93 -16.75
N VAL N 167 22.73 8.24 -15.50
CA VAL N 167 23.79 7.56 -14.78
C VAL N 167 23.20 6.32 -14.12
N THR N 168 23.63 5.14 -14.56
CA THR N 168 23.10 3.88 -14.07
C THR N 168 24.20 3.13 -13.33
N THR N 169 23.97 2.89 -12.03
CA THR N 169 24.95 2.15 -11.25
C THR N 169 24.84 0.66 -11.54
N GLN N 170 25.72 -0.12 -10.88
CA GLN N 170 25.75 -1.56 -11.10
C GLN N 170 24.45 -2.22 -10.67
N TYR N 171 23.90 -1.80 -9.53
CA TYR N 171 22.72 -2.44 -8.99
C TYR N 171 21.49 -2.22 -9.88
N GLY N 172 21.44 -1.11 -10.59
CA GLY N 172 20.35 -0.90 -11.53
C GLY N 172 19.67 0.45 -11.41
N SER N 173 19.90 1.14 -10.29
CA SER N 173 19.26 2.41 -10.06
C SER N 173 19.68 3.42 -11.11
N LYS N 174 18.71 4.19 -11.60
CA LYS N 174 18.91 5.12 -12.71
C LYS N 174 18.66 6.55 -12.24
N THR N 175 19.58 7.44 -12.59
CA THR N 175 19.41 8.87 -12.36
C THR N 175 19.57 9.59 -13.68
N THR N 176 18.53 10.32 -14.09
CA THR N 176 18.50 11.01 -15.37
C THR N 176 18.65 12.51 -15.14
N TYR N 177 19.48 13.15 -15.96
CA TYR N 177 19.75 14.58 -15.86
C TYR N 177 19.68 15.20 -17.24
N TRP N 178 18.71 16.08 -17.44
CA TRP N 178 18.58 16.83 -18.69
C TRP N 178 19.58 17.98 -18.68
N ALA N 179 20.62 17.89 -19.50
CA ALA N 179 21.65 18.91 -19.56
C ALA N 179 21.27 19.94 -20.63
N GLN N 180 21.08 21.18 -20.20
CA GLN N 180 20.68 22.29 -21.08
C GLN N 180 21.81 23.30 -21.08
N VAL N 181 22.49 23.43 -22.22
CA VAL N 181 23.55 24.44 -22.33
C VAL N 181 22.93 25.83 -22.30
N PRO N 182 23.52 26.79 -21.59
CA PRO N 182 23.08 28.17 -21.75
C PRO N 182 23.17 28.58 -23.22
N GLU N 183 22.10 29.19 -23.72
CA GLU N 183 21.95 29.33 -25.17
C GLU N 183 22.74 30.53 -25.68
N SER N 184 23.44 31.21 -24.78
CA SER N 184 24.38 32.25 -25.19
C SER N 184 25.73 31.95 -24.56
N LEU N 185 26.71 31.62 -25.40
CA LEU N 185 28.05 31.25 -24.95
C LEU N 185 29.03 32.41 -25.06
N LYS N 186 28.53 33.62 -25.35
CA LYS N 186 29.41 34.73 -25.66
C LYS N 186 30.19 35.18 -24.43
N ASP N 187 31.47 34.86 -24.40
CA ASP N 187 32.40 35.27 -23.34
C ASP N 187 31.90 34.80 -21.97
N LYS N 188 31.85 33.47 -21.83
CA LYS N 188 31.44 32.83 -20.60
C LYS N 188 32.58 32.18 -19.83
N ASN N 189 33.35 31.32 -20.50
CA ASN N 189 34.53 30.64 -19.96
C ASN N 189 34.13 29.57 -18.95
N ALA N 190 32.84 29.52 -18.61
CA ALA N 190 32.28 28.51 -17.74
C ALA N 190 30.76 28.64 -17.75
N VAL N 191 30.06 27.53 -17.87
CA VAL N 191 28.61 27.56 -17.88
C VAL N 191 28.05 26.58 -16.86
N UNK N 192 26.76 26.66 -16.60
CA UNK N 192 26.09 25.75 -15.68
C UNK N 192 24.95 25.04 -16.39
N LEU N 193 25.26 23.90 -17.00
CA LEU N 193 24.27 23.13 -17.74
C LEU N 193 23.18 22.58 -16.83
N GLN O 13 5.94 -83.08 11.89
CA GLN O 13 6.32 -82.50 10.61
C GLN O 13 5.57 -81.19 10.37
N VAL O 14 5.07 -80.60 11.45
CA VAL O 14 4.30 -79.37 11.35
C VAL O 14 5.24 -78.18 11.30
N GLY O 15 6.43 -78.34 11.88
CA GLY O 15 7.37 -77.23 11.91
C GLY O 15 8.02 -76.98 10.56
N ILE O 16 8.12 -78.01 9.72
CA ILE O 16 8.79 -77.93 8.43
C ILE O 16 8.12 -76.88 7.56
N GLY O 17 6.78 -76.87 7.55
CA GLY O 17 6.07 -75.91 6.74
C GLY O 17 6.35 -74.48 7.15
N THR O 18 6.59 -74.26 8.45
CA THR O 18 6.83 -72.92 8.96
C THR O 18 8.08 -72.32 8.34
N LEU O 19 9.11 -73.13 8.14
CA LEU O 19 10.38 -72.63 7.64
C LEU O 19 10.24 -72.09 6.21
N ILE O 20 9.47 -72.78 5.38
CA ILE O 20 9.34 -72.36 3.98
C ILE O 20 8.53 -71.08 3.87
N VAL O 21 7.43 -71.00 4.62
CA VAL O 21 6.64 -69.76 4.65
C VAL O 21 7.46 -68.65 5.27
N PHE O 22 8.30 -68.98 6.26
CA PHE O 22 9.27 -68.04 6.79
C PHE O 22 10.11 -67.43 5.66
N ILE O 23 10.59 -68.28 4.75
CA ILE O 23 11.33 -67.79 3.59
C ILE O 23 10.40 -67.00 2.68
N ALA O 24 9.13 -67.41 2.60
CA ALA O 24 8.19 -66.71 1.74
C ALA O 24 8.03 -65.26 2.16
N MET O 25 7.98 -65.01 3.47
CA MET O 25 7.65 -63.68 3.96
C MET O 25 8.79 -62.69 3.73
N VAL O 26 10.03 -63.14 3.83
CA VAL O 26 11.16 -62.21 3.84
C VAL O 26 11.33 -61.55 2.47
N LEU O 27 11.25 -62.34 1.39
CA LEU O 27 11.28 -61.72 0.07
C LEU O 27 10.07 -60.82 -0.15
N VAL O 28 8.90 -61.25 0.30
CA VAL O 28 7.69 -60.46 0.12
C VAL O 28 7.85 -59.08 0.77
N ALA O 29 8.40 -59.05 1.99
CA ALA O 29 8.72 -57.78 2.62
C ALA O 29 9.78 -57.02 1.83
N ALA O 30 10.80 -57.72 1.34
CA ALA O 30 11.84 -57.06 0.55
C ALA O 30 11.28 -56.51 -0.75
N ILE O 31 10.41 -57.27 -1.42
CA ILE O 31 9.74 -56.78 -2.62
C ILE O 31 8.89 -55.57 -2.29
N ALA O 32 8.14 -55.64 -1.20
CA ALA O 32 7.34 -54.49 -0.76
C ALA O 32 8.24 -53.33 -0.36
N ALA O 33 9.36 -53.62 0.31
CA ALA O 33 10.28 -52.57 0.72
C ALA O 33 10.88 -51.85 -0.48
N GLY O 34 11.26 -52.59 -1.51
CA GLY O 34 11.98 -52.04 -2.64
C GLY O 34 11.24 -50.94 -3.38
N VAL O 35 9.97 -51.16 -3.68
CA VAL O 35 9.22 -50.19 -4.49
C VAL O 35 9.08 -48.87 -3.75
N LEU O 36 8.92 -48.92 -2.42
CA LEU O 36 8.77 -47.71 -1.63
C LEU O 36 10.00 -46.82 -1.74
N ILE O 37 11.18 -47.41 -1.60
CA ILE O 37 12.42 -46.63 -1.64
C ILE O 37 12.68 -46.09 -3.04
N ASN O 38 12.55 -46.93 -4.07
CA ASN O 38 12.80 -46.47 -5.43
C ASN O 38 11.77 -45.45 -5.88
N THR O 39 10.56 -45.50 -5.31
CA THR O 39 9.58 -44.45 -5.61
C THR O 39 10.03 -43.11 -5.06
N ALA O 40 10.41 -43.08 -3.78
CA ALA O 40 10.87 -41.83 -3.17
C ALA O 40 12.13 -41.32 -3.88
N GLY O 41 12.97 -42.23 -4.36
CA GLY O 41 14.14 -41.82 -5.10
C GLY O 41 13.79 -41.06 -6.36
N TYR O 42 12.76 -41.54 -7.08
CA TYR O 42 12.28 -40.81 -8.26
C TYR O 42 11.70 -39.47 -7.84
N LEU O 43 10.78 -39.48 -6.87
CA LEU O 43 10.06 -38.26 -6.52
C LEU O 43 10.99 -37.20 -5.94
N GLN O 44 12.00 -37.62 -5.18
CA GLN O 44 12.97 -36.65 -4.68
C GLN O 44 13.73 -36.01 -5.83
N SER O 45 14.06 -36.79 -6.86
CA SER O 45 14.70 -36.22 -8.05
C SER O 45 13.73 -35.33 -8.80
N LYS O 46 12.47 -35.75 -8.91
CA LYS O 46 11.45 -34.90 -9.50
C LYS O 46 11.22 -33.65 -8.65
N GLY O 47 11.16 -33.84 -7.33
CA GLY O 47 10.89 -32.71 -6.44
C GLY O 47 12.03 -31.70 -6.43
N SER O 48 13.27 -32.19 -6.40
CA SER O 48 14.43 -31.30 -6.34
C SER O 48 14.51 -30.43 -7.58
N ALA O 49 14.28 -31.04 -8.75
CA ALA O 49 14.37 -30.29 -10.00
C ALA O 49 13.30 -29.20 -10.06
N THR O 50 12.11 -29.49 -9.54
CA THR O 50 11.02 -28.52 -9.59
C THR O 50 11.34 -27.27 -8.79
N GLY O 51 11.90 -27.46 -7.58
CA GLY O 51 12.20 -26.35 -6.71
C GLY O 51 13.15 -25.33 -7.30
N GLU O 52 14.26 -25.81 -7.88
CA GLU O 52 15.18 -24.91 -8.55
C GLU O 52 14.54 -24.27 -9.77
N GLU O 53 13.80 -25.06 -10.55
CA GLU O 53 13.17 -24.54 -11.77
C GLU O 53 12.10 -23.51 -11.44
N ALA O 54 11.28 -23.78 -10.42
CA ALA O 54 10.23 -22.83 -10.04
C ALA O 54 10.82 -21.52 -9.58
N SER O 55 11.86 -21.58 -8.76
CA SER O 55 12.53 -20.36 -8.32
C SER O 55 13.18 -19.65 -9.50
N ALA O 56 13.85 -20.41 -10.38
CA ALA O 56 14.47 -19.82 -11.56
C ALA O 56 13.41 -19.20 -12.48
N GLN O 57 12.22 -19.80 -12.50
CA GLN O 57 11.12 -19.22 -13.26
C GLN O 57 10.75 -17.84 -12.72
N VAL O 58 10.77 -17.69 -11.39
CA VAL O 58 10.37 -16.43 -10.78
C VAL O 58 11.55 -15.48 -10.63
N SER O 59 12.75 -16.01 -10.38
CA SER O 59 13.89 -15.16 -10.05
C SER O 59 14.59 -14.64 -11.31
N ASN O 60 15.04 -15.54 -12.18
CA ASN O 60 15.80 -15.15 -13.36
C ASN O 60 14.94 -14.36 -14.32
N ARG O 61 15.14 -13.05 -14.37
CA ARG O 61 14.29 -12.15 -15.12
C ARG O 61 15.13 -11.08 -15.80
N ILE O 62 14.65 -10.60 -16.93
CA ILE O 62 15.28 -9.52 -17.67
C ILE O 62 14.59 -8.21 -17.33
N ASN O 63 15.37 -7.19 -17.01
CA ASN O 63 14.85 -5.84 -16.78
C ASN O 63 15.40 -4.92 -17.86
N ILE O 64 14.50 -4.29 -18.61
CA ILE O 64 14.89 -3.32 -19.63
C ILE O 64 15.31 -2.05 -18.91
N VAL O 65 16.57 -1.66 -19.07
CA VAL O 65 17.07 -0.48 -18.37
C VAL O 65 16.78 0.79 -19.17
N SER O 66 16.71 0.66 -20.50
CA SER O 66 16.41 1.79 -21.37
C SER O 66 16.13 1.25 -22.76
N ALA O 67 15.75 2.17 -23.65
CA ALA O 67 15.47 1.82 -25.04
C ALA O 67 15.57 3.07 -25.90
N TYR O 68 16.17 2.93 -27.08
CA TYR O 68 16.26 4.03 -28.03
C TYR O 68 16.18 3.47 -29.44
N GLY O 69 16.15 4.37 -30.41
CA GLY O 69 16.09 3.96 -31.81
C GLY O 69 16.58 5.03 -32.77
N ASN O 70 17.49 4.65 -33.65
CA ASN O 70 17.98 5.58 -34.67
C ASN O 70 16.87 5.89 -35.67
N VAL O 71 16.89 7.09 -36.22
CA VAL O 71 15.93 7.46 -37.25
C VAL O 71 16.66 7.61 -38.59
N UNK O 72 15.91 7.47 -39.68
CA UNK O 72 16.47 7.64 -41.01
C UNK O 72 16.03 8.99 -41.58
N UNK O 73 14.97 8.97 -42.37
CA UNK O 73 14.42 10.20 -42.94
C UNK O 73 13.49 10.86 -41.93
N UNK O 74 12.43 10.15 -41.56
CA UNK O 74 11.47 10.67 -40.59
C UNK O 74 10.78 9.51 -39.85
N UNK O 75 11.37 8.33 -39.97
CA UNK O 75 10.84 7.14 -39.29
C UNK O 75 12.00 6.31 -38.74
N VAL O 76 11.83 5.79 -37.53
CA VAL O 76 12.87 5.00 -36.90
C VAL O 76 13.06 3.69 -37.66
N ASP O 77 14.32 3.27 -37.81
CA ASP O 77 14.59 2.02 -38.52
C ASP O 77 14.91 0.90 -37.55
N TYR O 78 15.82 1.14 -36.62
CA TYR O 78 16.17 0.17 -35.59
C TYR O 78 15.46 0.51 -34.29
N VAL O 79 15.31 -0.49 -33.45
CA VAL O 79 14.78 -0.34 -32.10
C VAL O 79 15.72 -1.13 -31.20
N ASN O 80 16.58 -0.43 -30.45
CA ASN O 80 17.60 -1.08 -29.65
C ASN O 80 17.20 -1.07 -28.18
N LEU O 81 17.42 -2.20 -27.52
CA LEU O 81 17.12 -2.37 -26.12
C LEU O 81 18.39 -2.65 -25.35
N THR O 82 18.48 -2.12 -24.14
CA THR O 82 19.58 -2.42 -23.23
C THR O 82 19.00 -3.15 -22.02
N VAL O 83 19.47 -4.38 -21.78
CA VAL O 83 18.88 -5.25 -20.76
C VAL O 83 19.90 -5.48 -19.65
N ARG O 84 19.37 -5.88 -18.49
CA ARG O 84 20.20 -6.15 -17.32
C ARG O 84 19.51 -7.20 -16.47
N GLN O 85 20.30 -7.86 -15.62
CA GLN O 85 19.75 -8.89 -14.75
C GLN O 85 18.82 -8.27 -13.71
N ALA O 86 17.90 -9.09 -13.22
CA ALA O 86 17.01 -8.69 -12.13
C ALA O 86 17.64 -9.04 -10.79
N ALA O 87 16.90 -8.83 -9.72
CA ALA O 87 17.40 -9.13 -8.39
C ALA O 87 17.65 -10.63 -8.23
N GLY O 88 18.88 -10.98 -7.89
CA GLY O 88 19.23 -12.37 -7.68
C GLY O 88 19.02 -13.24 -8.90
N ALA O 89 19.39 -12.74 -10.07
CA ALA O 89 19.20 -13.44 -11.33
C ALA O 89 20.45 -14.24 -11.68
N ASP O 90 20.27 -15.53 -11.90
CA ASP O 90 21.35 -16.39 -12.36
C ASP O 90 21.62 -16.07 -13.83
N ASN O 91 22.59 -16.75 -14.43
CA ASN O 91 22.97 -16.49 -15.81
C ASN O 91 21.77 -16.58 -16.74
N ILE O 92 21.63 -15.61 -17.61
CA ILE O 92 20.48 -15.50 -18.51
C ILE O 92 21.02 -15.58 -19.94
N ASN O 93 20.91 -16.76 -20.55
CA ASN O 93 21.32 -16.93 -21.94
C ASN O 93 20.31 -16.26 -22.85
N LEU O 94 20.68 -15.15 -23.46
CA LEU O 94 19.76 -14.40 -24.30
C LEU O 94 19.61 -15.02 -25.68
N UNK O 95 20.40 -16.05 -25.97
CA UNK O 95 20.29 -16.74 -27.25
C UNK O 95 19.21 -17.81 -27.16
N LYS O 96 18.84 -18.18 -25.94
CA LYS O 96 17.75 -19.12 -25.71
C LYS O 96 16.49 -18.39 -25.29
N SER O 97 16.41 -17.10 -25.63
CA SER O 97 15.27 -16.27 -25.33
C SER O 97 14.63 -15.78 -26.61
N THR O 98 13.40 -15.28 -26.49
CA THR O 98 12.66 -14.82 -27.66
C THR O 98 11.83 -13.60 -27.28
N ILE O 99 11.66 -12.70 -28.24
CA ILE O 99 10.95 -11.45 -28.03
C ILE O 99 9.72 -11.44 -28.94
N GLN O 100 8.57 -11.08 -28.36
CA GLN O 100 7.31 -11.01 -29.11
C GLN O 100 7.06 -9.56 -29.50
N TRP O 101 6.88 -9.33 -30.79
CA TRP O 101 6.70 -7.98 -31.34
C TRP O 101 5.23 -7.84 -31.73
N ILE O 102 4.47 -7.16 -30.88
CA ILE O 102 3.08 -6.80 -31.21
C ILE O 102 3.12 -5.36 -31.72
N GLY O 103 3.33 -5.23 -33.03
CA GLY O 103 3.45 -3.94 -33.65
C GLY O 103 2.14 -3.43 -34.21
N PRO O 104 2.18 -2.27 -34.88
CA PRO O 104 0.95 -1.74 -35.48
C PRO O 104 0.53 -2.48 -36.74
N ASP O 105 1.48 -3.08 -37.45
CA ASP O 105 1.17 -3.78 -38.70
C ASP O 105 1.25 -5.30 -38.55
N UNK O 106 2.25 -5.77 -37.82
CA UNK O 106 2.47 -7.20 -37.68
C UNK O 106 2.44 -7.62 -36.21
N ALA O 107 2.50 -8.94 -36.00
CA ALA O 107 2.54 -9.51 -34.67
C ALA O 107 3.18 -10.89 -34.70
N THR O 108 4.49 -10.93 -34.48
CA THR O 108 5.27 -12.16 -34.59
C THR O 108 6.06 -12.38 -33.30
N THR O 109 6.93 -13.38 -33.34
CA THR O 109 7.79 -13.73 -32.20
C THR O 109 9.21 -13.85 -32.73
N LEU O 110 10.05 -12.87 -32.41
CA LEU O 110 11.41 -12.85 -32.90
C LEU O 110 12.28 -13.84 -32.12
N THR O 111 13.35 -14.31 -32.76
CA THR O 111 14.30 -15.23 -32.16
C THR O 111 15.71 -14.72 -32.41
N TYR O 112 16.68 -15.37 -31.78
CA TYR O 112 18.07 -14.93 -31.89
C TYR O 112 18.64 -15.16 -33.27
N UNK O 113 19.49 -14.25 -33.72
CA UNK O 113 20.13 -14.36 -35.02
C UNK O 113 21.59 -14.76 -34.87
N UNK O 114 22.47 -13.96 -35.46
CA UNK O 114 23.91 -14.21 -35.36
C UNK O 114 24.68 -12.94 -35.72
N UNK O 115 24.73 -12.63 -37.01
CA UNK O 115 25.39 -11.42 -37.48
C UNK O 115 24.37 -10.29 -37.60
N UNK O 116 23.71 -10.23 -38.75
CA UNK O 116 22.65 -9.26 -39.00
C UNK O 116 23.08 -7.82 -38.75
N UNK O 117 22.37 -7.14 -37.87
CA UNK O 117 22.63 -5.74 -37.52
C UNK O 117 22.54 -4.83 -38.74
N UNK O 118 21.82 -5.28 -39.75
CA UNK O 118 21.65 -4.52 -40.99
C UNK O 118 20.51 -5.12 -41.79
N UNK O 119 20.25 -6.40 -41.55
CA UNK O 119 19.16 -7.12 -42.22
C UNK O 119 18.74 -8.30 -41.35
N UNK O 120 18.32 -8.00 -40.14
CA UNK O 120 17.95 -9.03 -39.18
C UNK O 120 16.62 -9.70 -39.54
N UNK O 121 15.89 -9.08 -40.46
CA UNK O 121 14.61 -9.60 -40.93
C UNK O 121 13.62 -9.81 -39.80
N GLU O 122 13.49 -11.05 -39.34
CA GLU O 122 12.57 -11.38 -38.27
C GLU O 122 13.30 -11.98 -37.08
N ASN O 123 14.48 -11.43 -36.78
CA ASN O 123 15.32 -11.91 -35.69
C ASN O 123 15.90 -10.72 -34.94
N PHE O 124 16.35 -10.99 -33.71
CA PHE O 124 17.02 -9.99 -32.90
C PHE O 124 18.46 -10.41 -32.64
N THR O 125 19.37 -9.43 -32.67
CA THR O 125 20.79 -9.67 -32.47
C THR O 125 21.26 -8.94 -31.23
N THR O 126 22.23 -9.52 -30.55
CA THR O 126 22.72 -8.95 -29.30
C THR O 126 24.19 -8.54 -29.36
N UNK O 127 24.44 -7.24 -29.29
CA UNK O 127 25.79 -6.73 -29.15
C UNK O 127 26.03 -6.34 -27.70
N SER O 128 27.29 -6.35 -27.26
CA SER O 128 27.60 -6.13 -25.86
C SER O 128 27.89 -4.67 -25.54
N ILE O 129 27.67 -4.29 -24.29
CA ILE O 129 27.97 -2.94 -23.79
C ILE O 129 29.03 -3.00 -22.69
N LYS O 130 28.74 -3.71 -21.60
CA LYS O 130 29.67 -3.84 -20.48
C LYS O 130 29.70 -5.29 -20.05
N GLY O 131 30.75 -6.01 -20.45
CA GLY O 131 30.90 -7.39 -20.07
C GLY O 131 31.71 -8.22 -21.05
N UNK O 132 31.96 -9.47 -20.70
CA UNK O 132 32.73 -10.38 -21.55
C UNK O 132 31.85 -11.06 -22.59
N UNK O 133 30.94 -11.90 -22.12
CA UNK O 133 30.03 -12.62 -23.01
C UNK O 133 29.05 -11.63 -23.66
N UNK O 134 28.81 -11.81 -24.95
CA UNK O 134 27.93 -10.90 -25.69
C UNK O 134 26.55 -11.51 -25.90
N UNK O 135 26.22 -12.54 -25.13
CA UNK O 135 24.94 -13.20 -25.25
C UNK O 135 24.43 -13.69 -23.90
N VAL O 136 25.33 -13.77 -22.92
CA VAL O 136 24.96 -14.25 -21.60
C VAL O 136 25.25 -13.21 -20.53
N LEU O 137 24.23 -12.92 -19.70
CA LEU O 137 24.39 -12.00 -18.58
C LEU O 137 24.89 -12.81 -17.39
N VAL O 138 26.13 -12.58 -16.97
CA VAL O 138 26.73 -13.36 -15.89
C VAL O 138 26.79 -12.54 -14.61
N ASP O 139 27.18 -11.27 -14.71
CA ASP O 139 27.35 -10.40 -13.57
C ASP O 139 26.17 -9.44 -13.43
N GLN O 140 25.96 -8.95 -12.22
CA GLN O 140 24.91 -7.98 -11.97
C GLN O 140 25.17 -6.68 -12.74
N SER O 141 26.43 -6.40 -13.03
CA SER O 141 26.79 -5.19 -13.78
C SER O 141 26.66 -5.38 -15.29
N ASP O 142 26.42 -6.60 -15.76
CA ASP O 142 26.42 -6.88 -17.19
C ASP O 142 25.29 -6.13 -17.87
N ARG O 143 25.59 -5.52 -19.02
CA ARG O 143 24.61 -4.86 -19.87
C ARG O 143 24.83 -5.30 -21.30
N ILE O 144 23.81 -5.89 -21.91
CA ILE O 144 23.86 -6.35 -23.29
C ILE O 144 22.76 -5.64 -24.08
N LYS O 145 23.09 -5.25 -25.30
CA LYS O 145 22.19 -4.48 -26.15
C LYS O 145 21.51 -5.40 -27.16
N VAL O 146 20.20 -5.27 -27.28
CA VAL O 146 19.38 -6.10 -28.17
C VAL O 146 18.99 -5.26 -29.38
N ILE O 147 19.32 -5.74 -30.57
CA ILE O 147 19.01 -5.04 -31.81
C ILE O 147 17.73 -5.59 -32.40
N MET O 148 16.93 -4.71 -32.99
CA MET O 148 15.69 -5.10 -33.66
C MET O 148 15.44 -4.15 -34.81
N TYR O 149 15.47 -4.68 -36.03
CA TYR O 149 15.27 -3.87 -37.23
C TYR O 149 13.78 -3.73 -37.47
N ALA O 150 13.23 -2.59 -37.09
CA ALA O 150 11.79 -2.35 -37.17
C ALA O 150 11.31 -2.28 -38.63
N UNK O 151 12.18 -1.84 -39.52
CA UNK O 151 11.84 -1.73 -40.93
C UNK O 151 11.90 -3.09 -41.62
N UNK O 152 12.44 -4.07 -40.92
CA UNK O 152 12.55 -5.43 -41.46
C UNK O 152 11.48 -6.34 -40.88
N VAL O 153 11.17 -6.14 -39.61
CA VAL O 153 10.13 -6.93 -38.94
C VAL O 153 8.77 -6.53 -39.52
N UNK O 154 8.50 -5.23 -39.51
CA UNK O 154 7.29 -4.69 -40.10
C UNK O 154 7.68 -3.49 -40.96
N UNK O 155 6.72 -2.60 -41.22
CA UNK O 155 7.04 -1.36 -41.90
C UNK O 155 7.81 -0.47 -40.94
N UNK O 156 8.59 0.47 -41.48
CA UNK O 156 9.37 1.38 -40.66
C UNK O 156 8.45 2.18 -39.75
N LEU O 157 8.64 2.04 -38.44
CA LEU O 157 7.78 2.68 -37.46
C LEU O 157 7.73 4.20 -37.64
N UNK O 158 6.53 4.72 -37.86
CA UNK O 158 6.35 6.15 -38.03
C UNK O 158 6.13 6.82 -36.68
N UNK O 159 5.82 8.11 -36.71
CA UNK O 159 5.60 8.87 -35.48
C UNK O 159 4.32 8.44 -34.79
N GLY O 160 4.38 8.35 -33.47
CA GLY O 160 3.23 7.94 -32.67
C GLY O 160 2.81 6.51 -32.91
N UNK O 161 3.74 5.58 -32.70
CA UNK O 161 3.46 4.16 -32.86
C UNK O 161 3.90 3.39 -31.63
N GLU O 162 3.14 2.37 -31.25
CA GLU O 162 3.45 1.59 -30.06
C GLU O 162 3.74 0.13 -30.40
N VAL O 163 4.63 -0.48 -29.64
CA VAL O 163 4.97 -1.89 -29.80
C VAL O 163 5.04 -2.52 -28.41
N GLN O 164 4.44 -3.70 -28.26
CA GLN O 164 4.45 -4.41 -26.97
C GLN O 164 5.53 -5.50 -27.01
N LEU O 165 6.78 -5.07 -26.85
CA LEU O 165 7.88 -6.01 -26.76
C LEU O 165 7.79 -6.78 -25.45
N THR O 166 7.90 -8.11 -25.53
CA THR O 166 7.86 -8.99 -24.36
C THR O 166 9.05 -9.93 -24.43
N VAL O 167 10.16 -9.54 -23.79
CA VAL O 167 11.32 -10.42 -23.72
C VAL O 167 11.03 -11.57 -22.77
N THR O 168 11.24 -12.79 -23.25
CA THR O 168 10.91 -14.00 -22.50
C THR O 168 12.14 -14.89 -22.42
N THR O 169 12.67 -15.07 -21.23
CA THR O 169 13.82 -15.94 -21.04
C THR O 169 13.41 -17.40 -21.22
N GLN O 170 14.42 -18.28 -21.20
CA GLN O 170 14.16 -19.70 -21.39
C GLN O 170 13.29 -20.26 -20.28
N TYR O 171 13.55 -19.86 -19.04
CA TYR O 171 12.84 -20.45 -17.90
C TYR O 171 11.37 -20.07 -17.86
N GLY O 172 11.03 -18.88 -18.35
CA GLY O 172 9.63 -18.51 -18.44
C GLY O 172 9.30 -17.10 -18.01
N SER O 173 10.23 -16.43 -17.36
CA SER O 173 10.00 -15.06 -16.93
C SER O 173 9.81 -14.15 -18.14
N LYS O 174 8.85 -13.23 -18.03
CA LYS O 174 8.49 -12.34 -19.13
C LYS O 174 8.55 -10.90 -18.66
N THR O 175 9.14 -10.03 -19.48
CA THR O 175 9.17 -8.60 -19.24
C THR O 175 8.58 -7.89 -20.44
N THR O 176 7.55 -7.10 -20.22
CA THR O 176 6.84 -6.39 -21.28
C THR O 176 7.20 -4.92 -21.23
N TYR O 177 7.73 -4.40 -22.33
CA TYR O 177 8.08 -2.99 -22.46
C TYR O 177 7.26 -2.39 -23.59
N TRP O 178 6.58 -1.29 -23.31
CA TRP O 178 5.72 -0.63 -24.30
C TRP O 178 6.51 0.51 -24.95
N ALA O 179 7.21 0.19 -26.04
CA ALA O 179 7.96 1.20 -26.75
C ALA O 179 7.00 2.14 -27.47
N GLN O 180 7.11 3.43 -27.18
CA GLN O 180 6.26 4.46 -27.78
C GLN O 180 7.15 5.48 -28.47
N VAL O 181 7.05 5.54 -29.79
CA VAL O 181 7.83 6.52 -30.55
C VAL O 181 7.32 7.92 -30.20
N PRO O 182 8.19 8.93 -30.08
CA PRO O 182 7.72 10.29 -29.81
C PRO O 182 6.74 10.75 -30.88
N GLU O 183 5.75 11.53 -30.45
CA GLU O 183 4.70 11.97 -31.36
C GLU O 183 5.27 12.77 -32.53
N SER O 184 6.32 13.55 -32.26
CA SER O 184 7.03 14.28 -33.30
C SER O 184 8.45 13.74 -33.43
N LEU O 185 8.89 13.58 -34.67
CA LEU O 185 10.23 13.04 -34.96
C LEU O 185 11.06 14.01 -35.78
N LYS O 186 10.62 15.26 -35.88
CA LYS O 186 11.27 16.24 -36.74
C LYS O 186 12.59 16.69 -36.14
N ASP O 187 13.67 16.50 -36.89
CA ASP O 187 15.01 16.93 -36.49
C ASP O 187 15.42 16.32 -35.15
N LYS O 188 15.28 15.00 -35.06
CA LYS O 188 15.71 14.23 -33.89
C LYS O 188 16.49 13.02 -34.40
N ASN O 189 17.82 13.15 -34.43
CA ASN O 189 18.68 12.14 -35.02
C ASN O 189 18.46 10.80 -34.33
N ALA O 190 18.36 10.82 -33.01
CA ALA O 190 18.06 9.63 -32.24
C ALA O 190 17.14 9.98 -31.08
N VAL O 191 16.14 9.13 -30.87
CA VAL O 191 15.14 9.39 -29.84
C VAL O 191 15.16 8.30 -28.78
N UNK O 192 14.45 8.55 -27.68
CA UNK O 192 14.32 7.56 -26.62
C UNK O 192 12.88 7.07 -26.54
N LEU O 193 12.66 5.83 -26.98
CA LEU O 193 11.33 5.25 -27.03
C LEU O 193 10.77 5.06 -25.63
N GLN P 13 2.71 -61.43 5.40
CA GLN P 13 1.80 -60.82 4.43
C GLN P 13 1.62 -59.34 4.71
N VAL P 14 2.44 -58.81 5.61
CA VAL P 14 2.36 -57.39 5.93
C VAL P 14 2.79 -56.54 4.75
N GLY P 15 3.69 -57.07 3.92
CA GLY P 15 4.14 -56.31 2.76
C GLY P 15 3.03 -56.08 1.75
N ILE P 16 2.12 -57.05 1.62
CA ILE P 16 1.03 -56.95 0.64
C ILE P 16 0.14 -55.76 0.97
N GLY P 17 -0.17 -55.58 2.25
CA GLY P 17 -1.04 -54.48 2.65
C GLY P 17 -0.45 -53.12 2.32
N THR P 18 0.87 -52.98 2.54
CA THR P 18 1.52 -51.69 2.30
C THR P 18 1.43 -51.28 0.84
N LEU P 19 1.59 -52.24 -0.07
CA LEU P 19 1.61 -51.92 -1.50
C LEU P 19 0.29 -51.32 -1.95
N ILE P 20 -0.84 -51.88 -1.51
CA ILE P 20 -2.14 -51.37 -1.93
C ILE P 20 -2.38 -49.99 -1.35
N VAL P 21 -2.06 -49.80 -0.06
CA VAL P 21 -2.25 -48.51 0.58
C VAL P 21 -1.36 -47.45 -0.07
N PHE P 22 -0.16 -47.86 -0.52
CA PHE P 22 0.76 -46.93 -1.16
C PHE P 22 0.15 -46.33 -2.41
N ILE P 23 -0.57 -47.14 -3.19
CA ILE P 23 -1.22 -46.64 -4.39
C ILE P 23 -2.27 -45.60 -4.04
N ALA P 24 -2.97 -45.80 -2.92
CA ALA P 24 -3.98 -44.84 -2.50
C ALA P 24 -3.36 -43.48 -2.18
N MET P 25 -2.20 -43.49 -1.52
CA MET P 25 -1.55 -42.24 -1.13
C MET P 25 -1.16 -41.41 -2.34
N VAL P 26 -0.63 -42.06 -3.37
CA VAL P 26 -0.22 -41.35 -4.58
C VAL P 26 -1.44 -40.74 -5.28
N LEU P 27 -2.54 -41.48 -5.31
CA LEU P 27 -3.77 -40.96 -5.89
C LEU P 27 -4.30 -39.79 -5.07
N VAL P 28 -4.28 -39.91 -3.73
CA VAL P 28 -4.81 -38.85 -2.87
C VAL P 28 -3.99 -37.58 -3.04
N ALA P 29 -2.66 -37.72 -3.07
CA ALA P 29 -1.80 -36.55 -3.25
C ALA P 29 -2.05 -35.89 -4.61
N ALA P 30 -2.22 -36.70 -5.66
CA ALA P 30 -2.49 -36.15 -6.97
C ALA P 30 -3.81 -35.38 -6.99
N ILE P 31 -4.82 -35.90 -6.29
CA ILE P 31 -6.10 -35.20 -6.17
C ILE P 31 -5.91 -33.86 -5.48
N ALA P 32 -5.20 -33.86 -4.35
CA ALA P 32 -4.97 -32.63 -3.62
C ALA P 32 -4.08 -31.67 -4.40
N ALA P 33 -3.08 -32.21 -5.10
CA ALA P 33 -2.21 -31.37 -5.92
C ALA P 33 -2.99 -30.73 -7.06
N GLY P 34 -3.89 -31.48 -7.68
CA GLY P 34 -4.67 -30.95 -8.78
C GLY P 34 -5.60 -29.83 -8.37
N VAL P 35 -6.18 -29.93 -7.17
CA VAL P 35 -7.13 -28.92 -6.71
C VAL P 35 -6.48 -27.57 -6.60
N LEU P 36 -5.27 -27.52 -6.02
CA LEU P 36 -4.59 -26.25 -5.82
C LEU P 36 -4.24 -25.59 -7.15
N ILE P 37 -3.75 -26.38 -8.10
CA ILE P 37 -3.25 -25.81 -9.35
C ILE P 37 -4.38 -25.19 -10.16
N ASN P 38 -5.50 -25.92 -10.29
CA ASN P 38 -6.63 -25.38 -11.04
C ASN P 38 -7.22 -24.16 -10.33
N THR P 39 -7.28 -24.19 -9.00
CA THR P 39 -7.81 -23.06 -8.26
C THR P 39 -6.95 -21.82 -8.46
N ALA P 40 -5.62 -21.98 -8.44
CA ALA P 40 -4.74 -20.87 -8.72
C ALA P 40 -4.89 -20.40 -10.16
N GLY P 41 -5.07 -21.34 -11.09
CA GLY P 41 -5.28 -20.95 -12.47
C GLY P 41 -6.53 -20.11 -12.66
N TYR P 42 -7.60 -20.44 -11.95
CA TYR P 42 -8.81 -19.62 -12.02
C TYR P 42 -8.55 -18.25 -11.42
N LEU P 43 -7.85 -18.18 -10.30
CA LEU P 43 -7.56 -16.89 -9.68
C LEU P 43 -6.58 -16.09 -10.51
N GLN P 44 -5.65 -16.77 -11.20
CA GLN P 44 -4.72 -16.07 -12.08
C GLN P 44 -5.47 -15.33 -13.19
N SER P 45 -6.39 -16.02 -13.86
CA SER P 45 -7.17 -15.38 -14.91
C SER P 45 -8.08 -14.31 -14.34
N LYS P 46 -8.67 -14.56 -13.17
CA LYS P 46 -9.53 -13.57 -12.55
C LYS P 46 -8.74 -12.33 -12.15
N GLY P 47 -7.56 -12.53 -11.58
CA GLY P 47 -6.76 -11.39 -11.15
C GLY P 47 -6.23 -10.56 -12.32
N SER P 48 -5.82 -11.24 -13.39
CA SER P 48 -5.27 -10.52 -14.54
C SER P 48 -6.31 -9.61 -15.18
N ALA P 49 -7.55 -10.11 -15.29
CA ALA P 49 -8.63 -9.28 -15.83
C ALA P 49 -8.95 -8.12 -14.90
N THR P 50 -8.87 -8.35 -13.58
CA THR P 50 -9.18 -7.30 -12.62
C THR P 50 -8.21 -6.14 -12.74
N GLY P 51 -6.91 -6.45 -12.87
CA GLY P 51 -5.92 -5.38 -12.99
C GLY P 51 -6.10 -4.58 -14.27
N GLU P 52 -6.44 -5.26 -15.37
CA GLU P 52 -6.60 -4.58 -16.65
C GLU P 52 -7.78 -3.61 -16.62
N GLU P 53 -8.90 -4.06 -16.06
CA GLU P 53 -10.11 -3.23 -16.10
C GLU P 53 -10.04 -2.10 -15.08
N ALA P 54 -9.49 -2.37 -13.89
CA ALA P 54 -9.38 -1.33 -12.87
C ALA P 54 -8.41 -0.25 -13.29
N SER P 55 -7.35 -0.63 -14.00
CA SER P 55 -6.46 0.37 -14.59
C SER P 55 -7.18 1.20 -15.64
N ALA P 56 -8.03 0.55 -16.45
CA ALA P 56 -8.82 1.27 -17.43
C ALA P 56 -9.88 2.14 -16.75
N GLN P 57 -10.28 1.78 -15.53
CA GLN P 57 -11.25 2.59 -14.80
C GLN P 57 -10.72 3.98 -14.52
N VAL P 58 -9.43 4.09 -14.17
CA VAL P 58 -8.83 5.37 -13.81
C VAL P 58 -8.30 6.11 -15.02
N SER P 59 -7.67 5.40 -15.96
CA SER P 59 -6.95 6.04 -17.05
C SER P 59 -7.87 6.37 -18.23
N ASN P 60 -8.70 5.42 -18.65
CA ASN P 60 -9.54 5.62 -19.82
C ASN P 60 -10.65 6.61 -19.51
N ARG P 61 -10.43 7.88 -19.82
CA ARG P 61 -11.32 8.95 -19.39
C ARG P 61 -11.47 9.96 -20.51
N ILE P 62 -12.59 10.68 -20.50
CA ILE P 62 -12.92 11.67 -21.52
C ILE P 62 -12.74 13.07 -20.94
N ASN P 63 -12.09 13.94 -21.69
CA ASN P 63 -11.92 15.34 -21.31
C ASN P 63 -12.64 16.22 -22.32
N ILE P 64 -13.32 17.25 -21.82
CA ILE P 64 -14.11 18.15 -22.64
C ILE P 64 -13.26 19.37 -22.96
N VAL P 65 -13.10 19.66 -24.25
CA VAL P 65 -12.32 20.83 -24.66
C VAL P 65 -13.16 22.10 -24.53
N SER P 66 -14.33 22.12 -25.15
CA SER P 66 -15.21 23.27 -25.11
C SER P 66 -16.63 22.80 -25.37
N ALA P 67 -17.59 23.72 -25.18
CA ALA P 67 -19.01 23.37 -25.34
C ALA P 67 -19.74 24.61 -25.87
N TYR P 68 -19.92 24.65 -27.18
CA TYR P 68 -20.67 25.74 -27.80
C TYR P 68 -22.09 25.27 -28.12
N GLY P 69 -22.95 26.23 -28.43
CA GLY P 69 -24.34 25.92 -28.71
C GLY P 69 -25.02 26.89 -29.65
N ASN P 70 -25.80 26.35 -30.59
CA ASN P 70 -26.55 27.19 -31.51
C ASN P 70 -27.62 27.98 -30.75
N VAL P 71 -28.00 29.12 -31.30
CA VAL P 71 -29.04 29.94 -30.70
C VAL P 71 -30.08 30.33 -31.75
N UNK P 72 -31.33 29.99 -31.49
CA UNK P 72 -32.43 30.36 -32.35
C UNK P 72 -33.41 31.26 -31.60
N UNK P 73 -33.89 32.30 -32.27
CA UNK P 73 -34.78 33.30 -31.67
C UNK P 73 -34.13 33.91 -30.43
N UNK P 74 -34.24 33.21 -29.30
CA UNK P 74 -33.63 33.68 -28.05
C UNK P 74 -33.49 32.53 -27.06
N UNK P 75 -33.02 31.38 -27.54
CA UNK P 75 -32.86 30.21 -26.70
C UNK P 75 -31.84 29.24 -27.29
N VAL P 76 -31.11 28.56 -26.41
CA VAL P 76 -30.13 27.58 -26.83
C VAL P 76 -30.80 26.26 -27.17
N ASP P 77 -30.75 25.86 -28.44
CA ASP P 77 -31.44 24.65 -28.88
C ASP P 77 -30.52 23.43 -28.88
N TYR P 78 -29.26 23.58 -29.25
CA TYR P 78 -28.30 22.50 -29.22
C TYR P 78 -27.21 22.80 -28.20
N VAL P 79 -26.66 21.75 -27.62
CA VAL P 79 -25.52 21.84 -26.70
C VAL P 79 -24.47 20.86 -27.22
N ASN P 80 -23.56 21.37 -28.06
CA ASN P 80 -22.55 20.52 -28.67
C ASN P 80 -21.27 20.58 -27.86
N LEU P 81 -20.71 19.41 -27.55
CA LEU P 81 -19.50 19.28 -26.75
C LEU P 81 -18.39 18.72 -27.61
N THR P 82 -17.18 19.25 -27.42
CA THR P 82 -16.00 18.67 -28.05
C THR P 82 -15.22 17.89 -27.01
N VAL P 83 -14.92 16.62 -27.30
CA VAL P 83 -14.30 15.74 -26.32
C VAL P 83 -13.04 15.12 -26.91
N ARG P 84 -12.15 14.69 -26.01
CA ARG P 84 -10.89 14.08 -26.39
C ARG P 84 -10.48 13.11 -25.30
N GLN P 85 -9.48 12.28 -25.62
CA GLN P 85 -8.95 11.36 -24.63
C GLN P 85 -8.24 12.10 -23.52
N ALA P 86 -8.20 11.48 -22.34
CA ALA P 86 -7.43 12.00 -21.22
C ALA P 86 -5.98 11.53 -21.36
N ALA P 87 -5.18 11.73 -20.32
CA ALA P 87 -3.78 11.33 -20.37
C ALA P 87 -3.67 9.81 -20.37
N GLY P 88 -3.11 9.25 -21.44
CA GLY P 88 -2.91 7.82 -21.53
C GLY P 88 -4.15 7.01 -21.82
N ALA P 89 -5.25 7.63 -22.21
CA ALA P 89 -6.48 6.90 -22.45
C ALA P 89 -6.35 6.01 -23.69
N ASP P 90 -6.93 4.82 -23.60
CA ASP P 90 -7.00 3.88 -24.70
C ASP P 90 -8.16 4.28 -25.63
N ASN P 91 -8.37 3.46 -26.67
CA ASN P 91 -9.48 3.69 -27.58
C ASN P 91 -10.80 3.79 -26.83
N ILE P 92 -11.44 4.95 -26.89
CA ILE P 92 -12.67 5.22 -26.15
C ILE P 92 -13.81 5.13 -27.15
N ASN P 93 -14.61 4.08 -27.03
CA ASN P 93 -15.78 3.92 -27.89
C ASN P 93 -16.90 4.81 -27.38
N LEU P 94 -17.26 5.83 -28.16
CA LEU P 94 -18.28 6.78 -27.73
C LEU P 94 -19.69 6.28 -28.02
N UNK P 95 -19.82 4.98 -28.22
CA UNK P 95 -21.13 4.37 -28.44
C UNK P 95 -21.59 3.62 -27.20
N LYS P 96 -20.62 3.08 -26.48
CA LYS P 96 -20.90 2.32 -25.27
C LYS P 96 -20.79 3.21 -24.04
N SER P 97 -21.04 4.51 -24.25
CA SER P 97 -20.90 5.51 -23.20
C SER P 97 -22.22 6.22 -22.98
N THR P 98 -22.49 6.56 -21.72
CA THR P 98 -23.69 7.27 -21.33
C THR P 98 -23.32 8.60 -20.71
N ILE P 99 -24.17 9.60 -20.92
CA ILE P 99 -23.97 10.94 -20.37
C ILE P 99 -25.22 11.32 -19.59
N GLN P 100 -25.02 11.81 -18.37
CA GLN P 100 -26.11 12.12 -17.45
C GLN P 100 -26.46 13.60 -17.57
N TRP P 101 -27.71 13.89 -17.92
CA TRP P 101 -28.20 15.25 -18.04
C TRP P 101 -29.05 15.58 -16.81
N ILE P 102 -28.63 16.59 -16.06
CA ILE P 102 -29.45 17.14 -14.97
C ILE P 102 -29.61 18.63 -15.20
N GLY P 103 -30.65 19.02 -15.91
CA GLY P 103 -30.90 20.41 -16.20
C GLY P 103 -31.87 21.03 -15.23
N PRO P 104 -32.36 22.23 -15.56
CA PRO P 104 -33.40 22.85 -14.71
C PRO P 104 -34.71 22.09 -14.71
N ASP P 105 -34.95 21.24 -15.71
CA ASP P 105 -36.17 20.46 -15.78
C ASP P 105 -35.90 18.98 -15.56
N UNK P 106 -35.82 18.23 -16.66
CA UNK P 106 -35.65 16.79 -16.60
C UNK P 106 -34.27 16.40 -16.07
N ALA P 107 -34.17 15.16 -15.59
CA ALA P 107 -32.91 14.63 -15.09
C ALA P 107 -32.73 13.20 -15.59
N THR P 108 -32.49 13.05 -16.89
CA THR P 108 -32.46 11.76 -17.55
C THR P 108 -31.01 11.32 -17.79
N THR P 109 -30.87 10.21 -18.52
CA THR P 109 -29.58 9.63 -18.87
C THR P 109 -29.56 9.37 -20.37
N LEU P 110 -28.80 10.19 -21.09
CA LEU P 110 -28.76 10.07 -22.54
C LEU P 110 -27.89 8.91 -22.98
N THR P 111 -28.29 8.26 -24.08
CA THR P 111 -27.53 7.18 -24.68
C THR P 111 -27.46 7.39 -26.18
N TYR P 112 -26.44 6.79 -26.80
CA TYR P 112 -26.15 7.03 -28.22
C TYR P 112 -27.24 6.44 -29.11
N UNK P 113 -27.83 7.30 -29.95
CA UNK P 113 -28.70 6.84 -31.03
C UNK P 113 -28.23 7.49 -32.33
N UNK P 114 -27.65 6.68 -33.21
CA UNK P 114 -27.05 7.18 -34.45
C UNK P 114 -28.07 7.83 -35.37
N UNK P 115 -27.58 8.73 -36.22
CA UNK P 115 -28.40 9.42 -37.22
C UNK P 115 -29.53 10.23 -36.60
N UNK P 116 -29.27 11.51 -36.33
CA UNK P 116 -30.27 12.39 -35.76
C UNK P 116 -29.91 13.85 -36.03
N UNK P 117 -30.81 14.76 -35.66
CA UNK P 117 -30.58 16.19 -35.83
C UNK P 117 -31.46 17.00 -34.90
N UNK P 120 -33.00 14.93 -31.17
CA UNK P 120 -32.58 13.55 -30.96
C UNK P 120 -33.31 12.95 -29.76
N UNK P 121 -34.48 13.52 -29.45
CA UNK P 121 -35.31 13.05 -28.34
C UNK P 121 -34.55 13.05 -27.02
N GLU P 122 -34.09 11.87 -26.62
CA GLU P 122 -33.32 11.73 -25.38
C GLU P 122 -32.04 10.96 -25.66
N ASN P 123 -31.35 11.36 -26.72
CA ASN P 123 -30.15 10.68 -27.18
C ASN P 123 -29.13 11.71 -27.62
N PHE P 124 -27.90 11.25 -27.84
CA PHE P 124 -26.83 12.10 -28.33
C PHE P 124 -26.18 11.45 -29.54
N THR P 125 -25.60 12.29 -30.39
CA THR P 125 -24.92 11.85 -31.61
C THR P 125 -23.48 12.33 -31.56
N THR P 126 -22.60 11.61 -32.25
CA THR P 126 -21.19 11.98 -32.27
C THR P 126 -20.65 12.16 -33.69
N UNK P 127 -20.47 13.42 -34.08
CA UNK P 127 -19.81 13.72 -35.34
C UNK P 127 -18.33 13.89 -35.08
N SER P 128 -17.51 13.68 -36.11
CA SER P 128 -16.05 13.73 -35.94
C SER P 128 -15.47 15.06 -36.41
N ILE P 129 -15.01 15.86 -35.45
CA ILE P 129 -14.35 17.12 -35.78
C ILE P 129 -13.01 16.85 -36.46
N LYS P 130 -12.22 15.94 -35.89
CA LYS P 130 -10.89 15.63 -36.43
C LYS P 130 -10.60 14.16 -36.16
N GLY P 131 -10.30 13.42 -37.22
CA GLY P 131 -9.98 12.01 -37.10
C GLY P 131 -10.70 11.14 -38.11
N UNK P 132 -10.35 9.85 -38.12
CA UNK P 132 -10.95 8.91 -39.05
C UNK P 132 -12.29 8.41 -38.55
N UNK P 133 -12.27 7.66 -37.44
CA UNK P 133 -13.49 7.12 -36.86
C UNK P 133 -14.36 8.25 -36.29
N UNK P 134 -15.67 8.08 -36.40
CA UNK P 134 -16.61 9.11 -35.95
C UNK P 134 -17.35 8.66 -34.69
N UNK P 135 -16.76 7.73 -33.95
CA UNK P 135 -17.39 7.23 -32.73
C UNK P 135 -16.33 6.66 -31.79
N VAL P 136 -15.10 6.56 -32.26
CA VAL P 136 -14.02 6.03 -31.44
C VAL P 136 -12.80 6.96 -31.48
N LEU P 137 -12.41 7.48 -30.33
CA LEU P 137 -11.19 8.27 -30.21
C LEU P 137 -10.01 7.31 -30.09
N VAL P 138 -9.18 7.26 -31.12
CA VAL P 138 -8.06 6.32 -31.18
C VAL P 138 -6.76 6.95 -30.68
N ASP P 139 -6.41 8.13 -31.17
CA ASP P 139 -5.20 8.81 -30.77
C ASP P 139 -5.54 10.01 -29.89
N GLN P 140 -4.49 10.69 -29.41
CA GLN P 140 -4.70 11.87 -28.58
C GLN P 140 -5.12 13.08 -29.38
N SER P 141 -4.96 13.05 -30.71
CA SER P 141 -5.27 14.21 -31.53
C SER P 141 -6.72 14.25 -32.00
N ASP P 142 -7.44 13.14 -31.90
CA ASP P 142 -8.82 13.12 -32.39
C ASP P 142 -9.73 13.96 -31.52
N ARG P 143 -10.63 14.70 -32.18
CA ARG P 143 -11.66 15.49 -31.50
C ARG P 143 -13.00 15.06 -32.07
N ILE P 144 -13.91 14.67 -31.19
CA ILE P 144 -15.24 14.20 -31.56
C ILE P 144 -16.28 15.11 -30.93
N LYS P 145 -17.26 15.53 -31.71
CA LYS P 145 -18.28 16.46 -31.25
C LYS P 145 -19.51 15.67 -30.81
N VAL P 146 -19.84 15.80 -29.52
CA VAL P 146 -21.04 15.16 -28.96
C VAL P 146 -22.22 16.07 -29.24
N ILE P 147 -23.23 15.54 -29.90
CA ILE P 147 -24.35 16.33 -30.39
C ILE P 147 -25.55 16.12 -29.49
N MET P 148 -26.14 17.21 -29.02
CA MET P 148 -27.22 17.13 -28.04
C MET P 148 -28.27 18.17 -28.35
N TYR P 149 -29.54 17.76 -28.28
CA TYR P 149 -30.68 18.62 -28.59
C TYR P 149 -31.33 19.02 -27.27
N ALA P 150 -31.22 20.29 -26.92
CA ALA P 150 -31.77 20.78 -25.66
C ALA P 150 -33.28 20.91 -25.72
N UNK P 151 -33.81 21.08 -26.92
CA UNK P 151 -35.25 21.26 -27.09
C UNK P 151 -35.97 19.91 -27.16
N UNK P 152 -35.23 18.83 -26.99
CA UNK P 152 -35.80 17.50 -27.05
C UNK P 152 -35.62 16.75 -25.73
N VAL P 153 -34.46 16.94 -25.11
CA VAL P 153 -34.18 16.29 -23.83
C VAL P 153 -34.96 16.97 -22.72
N UNK P 154 -35.42 18.19 -22.98
CA UNK P 154 -36.20 18.95 -22.01
C UNK P 154 -36.91 20.11 -22.71
N UNK P 155 -36.32 21.29 -22.60
CA UNK P 155 -36.87 22.47 -23.25
C UNK P 155 -35.72 23.36 -23.70
N UNK P 156 -35.99 24.27 -24.63
CA UNK P 156 -34.98 25.19 -25.13
C UNK P 156 -34.40 26.00 -23.99
N LEU P 157 -33.10 25.86 -23.77
CA LEU P 157 -32.43 26.51 -22.66
C LEU P 157 -32.55 28.03 -22.71
N UNK P 158 -33.03 28.61 -21.62
CA UNK P 158 -33.18 30.06 -21.53
C UNK P 158 -31.95 30.66 -20.85
N UNK P 159 -32.02 31.94 -20.53
CA UNK P 159 -30.91 32.64 -19.91
C UNK P 159 -30.66 32.17 -18.48
N GLY P 160 -29.41 31.88 -18.16
CA GLY P 160 -29.03 31.48 -16.83
C GLY P 160 -29.31 30.01 -16.52
N UNK P 161 -29.64 29.25 -17.55
CA UNK P 161 -29.92 27.82 -17.38
C UNK P 161 -28.63 27.05 -17.14
N GLU P 162 -28.66 26.15 -16.14
CA GLU P 162 -27.49 25.35 -15.81
C GLU P 162 -27.83 23.87 -15.83
N VAL P 163 -26.99 23.08 -16.51
CA VAL P 163 -27.17 21.64 -16.61
C VAL P 163 -25.87 20.98 -16.13
N GLN P 164 -26.00 19.80 -15.51
CA GLN P 164 -24.84 19.07 -14.99
C GLN P 164 -24.61 17.84 -15.86
N LEU P 165 -23.71 17.99 -16.81
CA LEU P 165 -23.38 16.89 -17.72
C LEU P 165 -22.20 16.10 -17.18
N THR P 166 -22.42 14.82 -16.91
CA THR P 166 -21.37 13.91 -16.47
C THR P 166 -21.25 12.78 -17.47
N VAL P 167 -20.22 12.82 -18.31
CA VAL P 167 -20.01 11.85 -19.38
C VAL P 167 -19.30 10.65 -18.78
N THR P 168 -20.03 9.55 -18.62
CA THR P 168 -19.48 8.32 -18.05
C THR P 168 -19.15 7.37 -19.19
N THR P 169 -17.88 7.01 -19.31
CA THR P 169 -17.47 6.07 -20.35
C THR P 169 -17.85 4.65 -19.94
N GLN P 170 -17.50 3.70 -20.81
CA GLN P 170 -17.89 2.31 -20.59
C GLN P 170 -17.28 1.75 -19.31
N TYR P 171 -16.00 2.03 -19.07
CA TYR P 171 -15.33 1.43 -17.93
C TYR P 171 -15.71 2.10 -16.61
N GLY P 172 -16.22 3.31 -16.65
CA GLY P 172 -16.73 3.92 -15.44
C GLY P 172 -16.19 5.28 -15.10
N SER P 173 -15.17 5.75 -15.82
CA SER P 173 -14.59 7.04 -15.55
C SER P 173 -15.60 8.15 -15.83
N LYS P 174 -15.90 8.94 -14.80
CA LYS P 174 -16.91 9.99 -14.88
C LYS P 174 -16.23 11.34 -15.01
N THR P 175 -16.60 12.09 -16.04
CA THR P 175 -16.14 13.46 -16.23
C THR P 175 -17.35 14.40 -16.24
N THR P 176 -17.36 15.35 -15.33
CA THR P 176 -18.50 16.25 -15.16
C THR P 176 -18.18 17.62 -15.77
N TYR P 177 -19.18 18.21 -16.40
CA TYR P 177 -19.07 19.56 -16.96
C TYR P 177 -20.35 20.30 -16.63
N TRP P 178 -20.22 21.49 -16.03
CA TRP P 178 -21.37 22.29 -15.65
C TRP P 178 -21.59 23.36 -16.71
N ALA P 179 -22.42 23.04 -17.70
CA ALA P 179 -22.75 24.00 -18.73
C ALA P 179 -23.58 25.13 -18.15
N GLN P 180 -23.22 26.37 -18.48
CA GLN P 180 -23.89 27.55 -17.94
C GLN P 180 -24.24 28.48 -19.09
N VAL P 181 -25.53 28.60 -19.39
CA VAL P 181 -25.96 29.51 -20.44
C VAL P 181 -25.64 30.95 -20.03
N PRO P 182 -25.19 31.81 -20.94
CA PRO P 182 -24.89 33.20 -20.56
C PRO P 182 -26.12 33.91 -20.01
N GLU P 183 -25.86 34.94 -19.21
CA GLU P 183 -26.95 35.67 -18.57
C GLU P 183 -27.84 36.36 -19.59
N SER P 184 -27.25 36.86 -20.67
CA SER P 184 -28.00 37.52 -21.73
C SER P 184 -27.58 36.94 -23.08
N LEU P 185 -28.56 36.72 -23.96
CA LEU P 185 -28.31 36.16 -25.28
C LEU P 185 -28.89 37.01 -26.40
N LYS P 186 -28.99 38.33 -26.20
CA LYS P 186 -29.53 39.20 -27.23
C LYS P 186 -28.51 39.42 -28.34
N ASP P 187 -28.96 39.23 -29.59
CA ASP P 187 -28.13 39.41 -30.77
C ASP P 187 -26.84 38.58 -30.69
N LYS P 188 -27.01 37.30 -30.42
CA LYS P 188 -25.89 36.35 -30.35
C LYS P 188 -26.29 35.11 -31.13
N ASN P 189 -25.62 34.89 -32.26
CA ASN P 189 -25.98 33.74 -33.09
C ASN P 189 -25.50 32.43 -32.49
N ALA P 190 -24.50 32.49 -31.61
CA ALA P 190 -24.00 31.29 -30.94
C ALA P 190 -23.31 31.70 -29.66
N VAL P 191 -23.35 30.82 -28.67
CA VAL P 191 -22.75 31.11 -27.37
C VAL P 191 -21.56 30.19 -27.11
N UNK P 192 -20.90 30.40 -25.98
CA UNK P 192 -19.76 29.57 -25.60
C UNK P 192 -20.12 28.71 -24.39
N LEU P 193 -21.32 28.95 -23.86
CA LEU P 193 -21.83 28.20 -22.70
C LEU P 193 -20.84 28.18 -21.54
N GLN Q 13 -0.12 -77.52 6.32
CA GLN Q 13 -0.94 -77.01 7.42
C GLN Q 13 -0.68 -75.53 7.65
N VAL Q 14 0.60 -75.18 7.79
CA VAL Q 14 0.96 -73.78 8.02
C VAL Q 14 0.66 -72.93 6.78
N GLY Q 15 0.86 -73.50 5.59
CA GLY Q 15 0.58 -72.75 4.38
C GLY Q 15 -0.89 -72.41 4.22
N ILE Q 16 -1.77 -73.31 4.68
CA ILE Q 16 -3.20 -73.08 4.55
C ILE Q 16 -3.62 -71.85 5.34
N GLY Q 17 -3.09 -71.70 6.56
CA GLY Q 17 -3.43 -70.53 7.35
C GLY Q 17 -2.98 -69.23 6.70
N THR Q 18 -1.82 -69.26 6.04
CA THR Q 18 -1.31 -68.04 5.39
C THR Q 18 -2.22 -67.61 4.25
N LEU Q 19 -2.76 -68.58 3.50
CA LEU Q 19 -3.58 -68.25 2.34
C LEU Q 19 -4.83 -67.48 2.75
N ILE Q 20 -5.55 -67.98 3.76
CA ILE Q 20 -6.80 -67.34 4.16
C ILE Q 20 -6.53 -65.95 4.74
N VAL Q 21 -5.51 -65.82 5.57
CA VAL Q 21 -5.19 -64.52 6.16
C VAL Q 21 -4.72 -63.54 5.09
N PHE Q 22 -4.00 -64.03 4.08
CA PHE Q 22 -3.53 -63.15 3.00
C PHE Q 22 -4.70 -62.49 2.29
N ILE Q 23 -5.81 -63.23 2.14
CA ILE Q 23 -7.01 -62.64 1.57
C ILE Q 23 -7.54 -61.52 2.47
N ALA Q 24 -7.49 -61.74 3.79
CA ALA Q 24 -7.97 -60.73 4.73
C ALA Q 24 -7.13 -59.46 4.64
N MET Q 25 -5.82 -59.61 4.51
CA MET Q 25 -4.94 -58.45 4.39
C MET Q 25 -5.26 -57.65 3.13
N VAL Q 26 -5.50 -58.34 2.03
CA VAL Q 26 -5.81 -57.67 0.76
C VAL Q 26 -7.13 -56.92 0.88
N LEU Q 27 -8.15 -57.57 1.44
CA LEU Q 27 -9.45 -56.93 1.58
C LEU Q 27 -9.38 -55.72 2.51
N VAL Q 28 -8.66 -55.84 3.62
CA VAL Q 28 -8.52 -54.73 4.55
C VAL Q 28 -7.79 -53.57 3.89
N ALA Q 29 -6.73 -53.86 3.13
CA ALA Q 29 -5.99 -52.80 2.45
C ALA Q 29 -6.87 -52.07 1.44
N ALA Q 30 -7.73 -52.82 0.73
CA ALA Q 30 -8.65 -52.18 -0.19
C ALA Q 30 -9.66 -51.31 0.54
N ILE Q 31 -10.05 -51.72 1.75
CA ILE Q 31 -10.98 -50.92 2.54
C ILE Q 31 -10.34 -49.60 2.94
N ALA Q 32 -9.08 -49.64 3.37
CA ALA Q 32 -8.38 -48.43 3.77
C ALA Q 32 -8.21 -47.49 2.57
N ALA Q 33 -7.91 -48.05 1.40
CA ALA Q 33 -7.75 -47.22 0.21
C ALA Q 33 -9.05 -46.51 -0.14
N GLY Q 34 -10.17 -47.20 0.03
CA GLY Q 34 -11.47 -46.61 -0.24
C GLY Q 34 -11.77 -45.42 0.65
N VAL Q 35 -11.43 -45.52 1.94
CA VAL Q 35 -11.71 -44.43 2.87
C VAL Q 35 -10.92 -43.19 2.49
N LEU Q 36 -9.64 -43.36 2.15
CA LEU Q 36 -8.80 -42.21 1.83
C LEU Q 36 -9.26 -41.50 0.57
N ILE Q 37 -9.50 -42.24 -0.50
CA ILE Q 37 -9.75 -41.63 -1.80
C ILE Q 37 -11.11 -40.94 -1.82
N ASN Q 38 -12.13 -41.62 -1.31
CA ASN Q 38 -13.47 -41.04 -1.31
C ASN Q 38 -13.53 -39.79 -0.44
N THR Q 39 -12.84 -39.81 0.71
CA THR Q 39 -12.76 -38.62 1.54
C THR Q 39 -12.03 -37.50 0.81
N ALA Q 40 -10.96 -37.83 0.10
CA ALA Q 40 -10.27 -36.83 -0.71
C ALA Q 40 -11.16 -36.33 -1.85
N GLY Q 41 -11.98 -37.23 -2.40
CA GLY Q 41 -12.92 -36.81 -3.44
C GLY Q 41 -13.94 -35.82 -2.93
N TYR Q 42 -14.44 -36.04 -1.71
CA TYR Q 42 -15.37 -35.09 -1.11
C TYR Q 42 -14.71 -33.74 -0.89
N LEU Q 43 -13.49 -33.75 -0.35
CA LEU Q 43 -12.81 -32.51 -0.04
C LEU Q 43 -12.41 -31.74 -1.30
N GLN Q 44 -12.14 -32.46 -2.39
CA GLN Q 44 -11.81 -31.77 -3.64
C GLN Q 44 -12.96 -30.91 -4.12
N SER Q 45 -14.18 -31.44 -4.07
CA SER Q 45 -15.34 -30.68 -4.51
C SER Q 45 -15.66 -29.56 -3.54
N LYS Q 46 -15.51 -29.82 -2.23
CA LYS Q 46 -15.70 -28.76 -1.25
C LYS Q 46 -14.65 -27.67 -1.39
N GLY Q 47 -13.39 -28.07 -1.60
CA GLY Q 47 -12.32 -27.11 -1.78
C GLY Q 47 -12.43 -26.30 -3.06
N SER Q 48 -12.80 -26.97 -4.15
CA SER Q 48 -12.95 -26.28 -5.43
C SER Q 48 -14.09 -25.26 -5.37
N ALA Q 49 -15.20 -25.63 -4.73
CA ALA Q 49 -16.33 -24.72 -4.63
C ALA Q 49 -15.97 -23.48 -3.83
N THR Q 50 -15.27 -23.65 -2.71
CA THR Q 50 -14.95 -22.53 -1.84
C THR Q 50 -14.11 -21.49 -2.56
N GLY Q 51 -13.15 -21.93 -3.36
CA GLY Q 51 -12.31 -20.99 -4.08
C GLY Q 51 -13.10 -20.13 -5.06
N GLU Q 52 -14.09 -20.71 -5.71
CA GLU Q 52 -14.89 -19.96 -6.68
C GLU Q 52 -15.81 -18.96 -5.99
N GLU Q 53 -16.49 -19.40 -4.92
CA GLU Q 53 -17.42 -18.51 -4.23
C GLU Q 53 -16.70 -17.40 -3.48
N ALA Q 54 -15.56 -17.72 -2.85
CA ALA Q 54 -14.81 -16.70 -2.13
C ALA Q 54 -14.28 -15.64 -3.08
N SER Q 55 -13.77 -16.07 -4.24
CA SER Q 55 -13.38 -15.11 -5.27
C SER Q 55 -14.60 -14.36 -5.79
N ALA Q 56 -15.75 -15.04 -5.85
CA ALA Q 56 -16.98 -14.36 -6.24
C ALA Q 56 -17.39 -13.33 -5.20
N GLN Q 57 -17.10 -13.59 -3.93
CA GLN Q 57 -17.41 -12.63 -2.87
C GLN Q 57 -16.62 -11.34 -3.04
N VAL Q 58 -15.36 -11.45 -3.45
CA VAL Q 58 -14.50 -10.28 -3.56
C VAL Q 58 -14.68 -9.56 -4.89
N SER Q 59 -14.85 -10.30 -5.99
CA SER Q 59 -14.86 -9.68 -7.31
C SER Q 59 -16.24 -9.12 -7.67
N ASN Q 60 -17.27 -9.96 -7.63
CA ASN Q 60 -18.60 -9.49 -7.99
C ASN Q 60 -19.09 -8.46 -7.00
N ARG Q 61 -19.13 -7.19 -7.41
CA ARG Q 61 -19.48 -6.09 -6.53
C ARG Q 61 -20.15 -5.01 -7.39
N ILE Q 62 -20.95 -4.17 -6.76
CA ILE Q 62 -21.71 -3.14 -7.44
C ILE Q 62 -21.02 -1.79 -7.22
N ASN Q 63 -20.79 -1.06 -8.30
CA ASN Q 63 -20.29 0.30 -8.23
C ASN Q 63 -21.40 1.26 -8.61
N ILE Q 64 -21.53 2.34 -7.85
CA ILE Q 64 -22.64 3.27 -7.99
C ILE Q 64 -22.11 4.52 -8.71
N VAL Q 65 -22.62 4.77 -9.91
CA VAL Q 65 -22.18 5.93 -10.68
C VAL Q 65 -22.61 7.21 -9.97
N SER Q 66 -23.92 7.40 -9.83
CA SER Q 66 -24.45 8.60 -9.20
C SER Q 66 -25.87 8.31 -8.75
N ALA Q 67 -26.35 9.11 -7.80
CA ALA Q 67 -27.68 8.95 -7.23
C ALA Q 67 -28.41 10.27 -7.32
N TYR Q 68 -29.38 10.36 -8.22
CA TYR Q 68 -30.24 11.54 -8.31
C TYR Q 68 -31.64 11.21 -7.81
N GLY Q 69 -32.44 12.25 -7.63
CA GLY Q 69 -33.78 12.07 -7.12
C GLY Q 69 -34.78 13.12 -7.58
N ASN Q 70 -35.96 12.68 -7.97
CA ASN Q 70 -37.02 13.59 -8.37
C ASN Q 70 -37.49 14.37 -7.15
N VAL Q 71 -37.91 15.61 -7.38
CA VAL Q 71 -38.35 16.47 -6.29
C VAL Q 71 -39.82 16.84 -6.45
N UNK Q 72 -40.61 16.56 -5.43
CA UNK Q 72 -42.03 16.90 -5.43
C UNK Q 72 -42.33 17.93 -4.34
N UNK Q 73 -43.08 18.96 -4.70
CA UNK Q 73 -43.42 20.04 -3.79
C UNK Q 73 -42.16 20.68 -3.21
N UNK Q 74 -41.62 20.06 -2.16
CA UNK Q 74 -40.40 20.55 -1.52
C UNK Q 74 -39.72 19.44 -0.74
N UNK Q 75 -39.77 18.22 -1.28
CA UNK Q 75 -39.14 17.08 -0.64
C UNK Q 75 -38.91 15.97 -1.67
N VAL Q 76 -37.75 15.32 -1.57
CA VAL Q 76 -37.40 14.23 -2.48
C VAL Q 76 -38.28 13.02 -2.22
N ASP Q 77 -38.81 12.41 -3.29
CA ASP Q 77 -39.68 11.25 -3.17
C ASP Q 77 -39.08 9.99 -3.79
N TYR Q 78 -38.12 10.13 -4.70
CA TYR Q 78 -37.43 8.99 -5.29
C TYR Q 78 -35.94 9.09 -5.05
N VAL Q 79 -35.28 7.95 -4.93
CA VAL Q 79 -33.84 7.86 -4.79
C VAL Q 79 -33.38 6.85 -5.84
N ASN Q 80 -32.97 7.35 -7.01
CA ASN Q 80 -32.55 6.51 -8.12
C ASN Q 80 -31.03 6.44 -8.16
N LEU Q 81 -30.49 5.23 -8.03
CA LEU Q 81 -29.05 4.99 -8.09
C LEU Q 81 -28.71 4.38 -9.44
N THR Q 82 -27.69 4.91 -10.09
CA THR Q 82 -27.19 4.32 -11.32
C THR Q 82 -26.01 3.42 -10.98
N VAL Q 83 -26.23 2.10 -10.99
CA VAL Q 83 -25.23 1.15 -10.58
C VAL Q 83 -24.63 0.49 -11.82
N ARG Q 84 -23.36 0.12 -11.72
CA ARG Q 84 -22.66 -0.52 -12.83
C ARG Q 84 -21.87 -1.71 -12.31
N GLN Q 85 -21.61 -2.65 -13.22
CA GLN Q 85 -20.77 -3.78 -12.91
C GLN Q 85 -19.36 -3.31 -12.57
N ALA Q 86 -18.78 -3.86 -11.52
CA ALA Q 86 -17.48 -3.40 -11.05
C ALA Q 86 -16.37 -3.92 -11.95
N ALA Q 87 -15.13 -3.65 -11.56
CA ALA Q 87 -13.98 -4.04 -12.37
C ALA Q 87 -13.73 -5.54 -12.26
N GLY Q 88 -13.72 -6.22 -13.40
CA GLY Q 88 -13.42 -7.64 -13.42
C GLY Q 88 -14.42 -8.49 -12.66
N ALA Q 89 -15.71 -8.25 -12.89
CA ALA Q 89 -16.77 -8.99 -12.22
C ALA Q 89 -17.57 -9.79 -13.25
N ASP Q 90 -18.19 -10.87 -12.78
CA ASP Q 90 -19.06 -11.68 -13.61
C ASP Q 90 -20.48 -11.11 -13.55
N ASN Q 91 -21.45 -11.89 -14.02
CA ASN Q 91 -22.84 -11.45 -14.04
C ASN Q 91 -23.34 -11.14 -12.63
N ILE Q 92 -24.04 -10.03 -12.49
CA ILE Q 92 -24.57 -9.60 -11.21
C ILE Q 92 -26.09 -9.48 -11.29
N ASN Q 93 -26.79 -10.51 -10.83
CA ASN Q 93 -28.25 -10.48 -10.83
C ASN Q 93 -28.76 -9.59 -9.70
N LEU Q 94 -29.30 -8.43 -10.07
CA LEU Q 94 -29.75 -7.46 -9.07
C LEU Q 94 -31.05 -7.87 -8.40
N UNK Q 95 -31.80 -8.75 -9.03
CA UNK Q 95 -33.09 -9.18 -8.49
C UNK Q 95 -32.89 -10.12 -7.30
N LYS Q 96 -31.64 -10.42 -6.97
CA LYS Q 96 -31.34 -11.24 -5.81
C LYS Q 96 -30.37 -10.53 -4.88
N SER Q 97 -30.40 -9.21 -4.92
CA SER Q 97 -29.61 -8.36 -4.04
C SER Q 97 -30.51 -7.59 -3.09
N THR Q 98 -29.95 -7.23 -1.93
CA THR Q 98 -30.71 -6.53 -0.90
C THR Q 98 -30.09 -5.18 -0.64
N ILE Q 99 -30.92 -4.21 -0.28
CA ILE Q 99 -30.50 -2.85 0.00
C ILE Q 99 -30.94 -2.50 1.41
N GLN Q 100 -30.00 -2.03 2.23
CA GLN Q 100 -30.28 -1.63 3.59
C GLN Q 100 -30.41 -0.12 3.67
N TRP Q 101 -31.47 0.36 4.33
CA TRP Q 101 -31.79 1.78 4.42
C TRP Q 101 -31.72 2.18 5.89
N ILE Q 102 -30.64 2.89 6.25
CA ILE Q 102 -30.56 3.51 7.57
C ILE Q 102 -30.58 5.02 7.37
N GLY Q 103 -31.77 5.61 7.50
CA GLY Q 103 -31.92 7.03 7.30
C GLY Q 103 -32.40 7.73 8.55
N PRO Q 104 -32.93 8.95 8.38
CA PRO Q 104 -33.43 9.69 9.55
C PRO Q 104 -34.63 9.04 10.20
N ASP Q 105 -35.33 8.15 9.50
CA ASP Q 105 -36.54 7.54 10.03
C ASP Q 105 -36.39 6.04 10.24
N UNK Q 106 -36.69 5.27 9.20
CA UNK Q 106 -36.73 3.81 9.32
C UNK Q 106 -35.34 3.18 9.29
N ALA Q 107 -35.32 1.86 9.35
CA ALA Q 107 -34.09 1.08 9.32
C ALA Q 107 -34.39 -0.33 8.84
N THR Q 108 -34.69 -0.46 7.55
CA THR Q 108 -35.20 -1.69 6.96
C THR Q 108 -34.18 -2.26 5.96
N THR Q 109 -34.58 -3.34 5.31
CA THR Q 109 -33.79 -4.00 4.27
C THR Q 109 -34.70 -4.21 3.07
N LEU Q 110 -34.41 -3.52 1.97
CA LEU Q 110 -35.28 -3.53 0.80
C LEU Q 110 -34.90 -4.68 -0.13
N THR Q 111 -35.89 -5.50 -0.48
CA THR Q 111 -35.70 -6.59 -1.43
C THR Q 111 -36.37 -6.24 -2.76
N TYR Q 112 -36.02 -7.01 -3.78
CA TYR Q 112 -36.48 -6.74 -5.13
C TYR Q 112 -37.99 -6.90 -5.29
N UNK Q 113 -38.57 -6.12 -6.18
CA UNK Q 113 -39.99 -6.24 -6.51
C UNK Q 113 -40.18 -6.16 -8.02
N UNK Q 114 -40.99 -7.06 -8.56
CA UNK Q 114 -41.22 -7.11 -10.01
C UNK Q 114 -42.17 -6.00 -10.45
N UNK Q 115 -41.62 -4.85 -10.80
CA UNK Q 115 -42.36 -3.69 -11.30
C UNK Q 115 -43.28 -3.09 -10.23
N UNK Q 116 -43.20 -1.78 -10.07
CA UNK Q 116 -44.02 -1.07 -9.09
C UNK Q 116 -44.02 0.44 -9.35
N UNK Q 117 -42.85 0.97 -9.73
CA UNK Q 117 -42.67 2.39 -10.02
C UNK Q 117 -43.05 3.27 -8.83
N UNK Q 118 -44.36 3.44 -8.61
CA UNK Q 118 -44.84 4.28 -7.52
C UNK Q 118 -45.35 3.45 -6.35
N UNK Q 119 -45.49 2.15 -6.57
CA UNK Q 119 -45.97 1.25 -5.52
C UNK Q 119 -44.85 0.35 -5.01
N UNK Q 120 -43.64 0.92 -4.95
CA UNK Q 120 -42.47 0.16 -4.50
C UNK Q 120 -42.57 -0.18 -3.02
N UNK Q 121 -43.23 0.68 -2.26
CA UNK Q 121 -43.43 0.48 -0.82
C UNK Q 121 -42.10 0.34 -0.08
N GLU Q 122 -41.84 -0.87 0.41
CA GLU Q 122 -40.60 -1.15 1.12
C GLU Q 122 -39.66 -2.00 0.29
N ASN Q 123 -39.73 -1.84 -1.03
CA ASN Q 123 -38.93 -2.62 -1.95
C ASN Q 123 -38.14 -1.70 -2.87
N PHE Q 124 -37.46 -2.26 -3.87
CA PHE Q 124 -36.78 -1.48 -4.88
C PHE Q 124 -36.96 -2.13 -6.24
N THR Q 125 -36.95 -1.31 -7.29
CA THR Q 125 -37.14 -1.77 -8.66
C THR Q 125 -35.94 -1.36 -9.50
N THR Q 126 -35.61 -2.19 -10.48
CA THR Q 126 -34.46 -1.90 -11.33
C THR Q 126 -34.85 -1.73 -12.79
N UNK Q 127 -34.92 -0.48 -13.23
CA UNK Q 127 -35.18 -0.18 -14.64
C UNK Q 127 -33.86 -0.08 -15.39
N SER Q 128 -33.78 -0.73 -16.54
CA SER Q 128 -32.54 -0.75 -17.32
C SER Q 128 -32.26 0.58 -17.99
N ILE Q 129 -30.98 0.94 -18.05
CA ILE Q 129 -30.52 2.14 -18.75
C ILE Q 129 -29.82 1.78 -20.04
N LYS Q 130 -28.82 0.91 -19.98
CA LYS Q 130 -28.07 0.47 -21.14
C LYS Q 130 -27.87 -1.04 -21.08
N GLY Q 131 -28.12 -1.70 -22.20
CA GLY Q 131 -27.93 -3.14 -22.28
C GLY Q 131 -29.15 -3.92 -22.73
N UNK Q 132 -29.09 -5.24 -22.58
CA UNK Q 132 -30.18 -6.11 -22.98
C UNK Q 132 -31.07 -6.45 -21.78
N UNK Q 133 -30.47 -7.05 -20.76
CA UNK Q 133 -31.20 -7.45 -19.56
C UNK Q 133 -31.56 -6.24 -18.72
N UNK Q 134 -32.65 -6.36 -17.96
CA UNK Q 134 -33.11 -5.25 -17.13
C UNK Q 134 -33.01 -5.59 -15.65
N UNK Q 135 -32.16 -6.56 -15.33
CA UNK Q 135 -31.97 -6.98 -13.94
C UNK Q 135 -30.65 -7.73 -13.78
N VAL Q 136 -29.97 -7.98 -14.90
CA VAL Q 136 -28.72 -8.72 -14.87
C VAL Q 136 -27.62 -7.96 -15.59
N LEU Q 137 -26.65 -7.45 -14.83
CA LEU Q 137 -25.49 -6.81 -15.42
C LEU Q 137 -24.55 -7.87 -15.99
N VAL Q 138 -24.30 -7.80 -17.30
CA VAL Q 138 -23.51 -8.81 -18.00
C VAL Q 138 -22.14 -8.28 -18.41
N ASP Q 139 -22.10 -7.23 -19.22
CA ASP Q 139 -20.82 -6.63 -19.61
C ASP Q 139 -20.59 -5.33 -18.85
N GLN Q 140 -19.39 -4.78 -19.02
CA GLN Q 140 -19.03 -3.56 -18.32
C GLN Q 140 -19.88 -2.38 -18.79
N SER Q 141 -20.30 -2.40 -20.06
CA SER Q 141 -21.04 -1.28 -20.61
C SER Q 141 -22.41 -1.14 -19.95
N ASP Q 142 -23.06 -2.25 -19.64
CA ASP Q 142 -24.43 -2.21 -19.12
C ASP Q 142 -24.49 -1.50 -17.79
N ARG Q 143 -25.46 -0.59 -17.66
CA ARG Q 143 -25.72 0.13 -16.42
C ARG Q 143 -27.21 0.02 -16.11
N ILE Q 144 -27.53 -0.18 -14.84
CA ILE Q 144 -28.90 -0.37 -14.39
C ILE Q 144 -29.23 0.67 -13.32
N LYS Q 145 -30.43 1.22 -13.40
CA LYS Q 145 -30.91 2.22 -12.45
C LYS Q 145 -31.80 1.55 -11.42
N VAL Q 146 -31.50 1.77 -10.14
CA VAL Q 146 -32.27 1.19 -9.04
C VAL Q 146 -33.29 2.22 -8.57
N ILE Q 147 -34.57 1.84 -8.59
CA ILE Q 147 -35.65 2.74 -8.20
C ILE Q 147 -36.05 2.45 -6.77
N MET Q 148 -35.95 3.45 -5.91
CA MET Q 148 -36.37 3.34 -4.51
C MET Q 148 -37.26 4.53 -4.18
N TYR Q 149 -38.37 4.25 -3.51
CA TYR Q 149 -39.41 5.26 -3.25
C TYR Q 149 -39.21 5.75 -1.82
N ALA Q 150 -39.01 7.06 -1.66
CA ALA Q 150 -38.71 7.63 -0.36
C ALA Q 150 -39.91 7.65 0.57
N UNK Q 151 -41.04 8.16 0.07
CA UNK Q 151 -42.24 8.30 0.90
C UNK Q 151 -43.02 7.00 0.98
N UNK Q 152 -42.31 5.89 1.16
CA UNK Q 152 -42.94 4.58 1.29
C UNK Q 152 -42.03 3.65 2.09
N VAL Q 153 -40.74 3.99 2.13
CA VAL Q 153 -39.80 3.27 2.97
C VAL Q 153 -39.76 3.98 4.32
N UNK Q 154 -40.23 5.22 4.32
CA UNK Q 154 -40.28 6.05 5.52
C UNK Q 154 -41.15 7.26 5.24
N UNK Q 155 -40.51 8.36 4.85
CA UNK Q 155 -41.21 9.58 4.49
C UNK Q 155 -40.45 10.30 3.39
N UNK Q 156 -41.07 11.30 2.78
CA UNK Q 156 -40.42 12.09 1.74
C UNK Q 156 -39.22 12.81 2.35
N LEU Q 157 -38.04 12.58 1.76
CA LEU Q 157 -36.80 13.11 2.30
C LEU Q 157 -36.82 14.64 2.37
N UNK Q 158 -36.51 15.17 3.55
CA UNK Q 158 -36.54 16.60 3.78
C UNK Q 158 -35.23 17.26 3.34
N UNK Q 159 -35.14 18.57 3.55
CA UNK Q 159 -33.96 19.33 3.17
C UNK Q 159 -32.76 18.98 4.03
N GLY Q 160 -31.70 18.52 3.38
CA GLY Q 160 -30.46 18.21 4.08
C GLY Q 160 -30.54 17.02 5.01
N UNK Q 161 -30.93 15.88 4.46
CA UNK Q 161 -30.96 14.64 5.22
C UNK Q 161 -29.87 13.69 4.74
N GLU Q 162 -29.81 12.50 5.32
CA GLU Q 162 -28.82 11.51 4.91
C GLU Q 162 -29.40 10.10 4.96
N VAL Q 163 -28.97 9.26 4.01
CA VAL Q 163 -29.42 7.88 3.91
C VAL Q 163 -28.20 7.00 3.74
N GLN Q 164 -28.17 5.89 4.48
CA GLN Q 164 -27.06 4.95 4.41
C GLN Q 164 -27.52 3.73 3.61
N LEU Q 165 -27.11 3.66 2.35
CA LEU Q 165 -27.46 2.57 1.46
C LEU Q 165 -26.28 1.63 1.32
N THR Q 166 -26.51 0.35 1.60
CA THR Q 166 -25.48 -0.69 1.46
C THR Q 166 -26.03 -1.74 0.50
N VAL Q 167 -25.81 -1.52 -0.79
CA VAL Q 167 -26.27 -2.47 -1.81
C VAL Q 167 -25.43 -3.73 -1.70
N THR Q 168 -26.02 -4.80 -1.17
CA THR Q 168 -25.33 -6.06 -0.95
C THR Q 168 -25.75 -7.05 -2.02
N THR Q 169 -24.78 -7.53 -2.79
CA THR Q 169 -25.07 -8.57 -3.77
C THR Q 169 -25.29 -9.90 -3.08
N GLN Q 170 -25.70 -10.89 -3.86
CA GLN Q 170 -26.03 -12.20 -3.30
C GLN Q 170 -24.81 -12.88 -2.71
N TYR Q 171 -23.61 -12.51 -3.15
CA TYR Q 171 -22.39 -13.16 -2.70
C TYR Q 171 -21.74 -12.46 -1.52
N GLY Q 172 -22.33 -11.38 -1.01
CA GLY Q 172 -21.88 -10.75 0.22
C GLY Q 172 -21.12 -9.46 0.03
N SER Q 173 -20.70 -9.13 -1.19
CA SER Q 173 -19.97 -7.90 -1.41
C SER Q 173 -20.87 -6.69 -1.18
N LYS Q 174 -20.45 -5.82 -0.26
CA LYS Q 174 -21.25 -4.67 0.14
C LYS Q 174 -20.70 -3.40 -0.49
N THR Q 175 -21.59 -2.57 -1.02
CA THR Q 175 -21.25 -1.25 -1.53
C THR Q 175 -22.03 -0.21 -0.72
N THR Q 176 -21.30 0.55 0.09
CA THR Q 176 -21.93 1.55 0.94
C THR Q 176 -21.95 2.91 0.24
N TYR Q 177 -23.12 3.53 0.22
CA TYR Q 177 -23.30 4.87 -0.33
C TYR Q 177 -24.03 5.72 0.68
N TRP Q 178 -23.65 6.99 0.78
CA TRP Q 178 -24.28 7.94 1.70
C TRP Q 178 -24.96 9.02 0.86
N ALA Q 179 -26.25 8.84 0.61
CA ALA Q 179 -27.03 9.85 -0.09
C ALA Q 179 -27.25 11.05 0.83
N GLN Q 180 -27.00 12.25 0.32
CA GLN Q 180 -27.16 13.48 1.09
C GLN Q 180 -28.01 14.45 0.28
N VAL Q 181 -29.25 14.65 0.72
CA VAL Q 181 -30.14 15.61 0.06
C VAL Q 181 -29.53 17.01 0.18
N PRO Q 182 -29.62 17.86 -0.85
CA PRO Q 182 -29.09 19.21 -0.73
C PRO Q 182 -29.76 19.96 0.41
N GLU Q 183 -29.00 20.89 1.01
CA GLU Q 183 -29.49 21.62 2.18
C GLU Q 183 -30.74 22.43 1.86
N SER Q 184 -30.89 22.88 0.61
CA SER Q 184 -32.07 23.64 0.19
C SER Q 184 -32.52 23.14 -1.17
N LEU Q 185 -33.83 22.97 -1.32
CA LEU Q 185 -34.43 22.55 -2.59
C LEU Q 185 -35.36 23.61 -3.17
N LYS Q 186 -34.98 24.88 -3.06
CA LYS Q 186 -35.83 25.96 -3.56
C LYS Q 186 -35.93 25.92 -5.07
N ASP Q 187 -37.09 25.50 -5.57
CA ASP Q 187 -37.40 25.49 -7.01
C ASP Q 187 -36.38 24.64 -7.79
N LYS Q 188 -36.36 23.35 -7.45
CA LYS Q 188 -35.54 22.38 -8.16
C LYS Q 188 -36.43 21.21 -8.56
N ASN Q 189 -36.38 20.85 -9.84
CA ASN Q 189 -37.15 19.69 -10.30
C ASN Q 189 -36.52 18.38 -9.83
N ALA Q 190 -35.19 18.30 -9.86
CA ALA Q 190 -34.49 17.11 -9.40
C ALA Q 190 -33.10 17.51 -8.94
N VAL Q 191 -32.58 16.77 -7.98
CA VAL Q 191 -31.28 17.08 -7.39
C VAL Q 191 -30.28 15.95 -7.63
N UNK Q 192 -29.06 16.13 -7.15
CA UNK Q 192 -28.03 15.11 -7.22
C UNK Q 192 -27.66 14.67 -5.81
N LEU Q 193 -28.33 13.64 -5.32
CA LEU Q 193 -28.13 13.16 -3.96
C LEU Q 193 -26.69 12.72 -3.72
N GLN R 13 -1.98 -93.71 11.44
CA GLN R 13 -2.45 -92.82 12.48
C GLN R 13 -1.97 -91.39 12.25
N VAL R 14 -0.82 -91.26 11.60
CA VAL R 14 -0.28 -89.94 11.29
C VAL R 14 -1.19 -89.22 10.30
N GLY R 15 -1.82 -89.97 9.41
CA GLY R 15 -2.79 -89.36 8.50
C GLY R 15 -4.00 -88.82 9.22
N ILE R 16 -4.50 -89.57 10.22
CA ILE R 16 -5.68 -89.14 10.95
C ILE R 16 -5.40 -87.84 11.70
N GLY R 17 -4.24 -87.75 12.34
CA GLY R 17 -3.92 -86.56 13.10
C GLY R 17 -3.80 -85.31 12.23
N THR R 18 -3.32 -85.49 11.00
CA THR R 18 -3.16 -84.35 10.10
C THR R 18 -4.50 -83.69 9.80
N LEU R 19 -5.51 -84.49 9.53
CA LEU R 19 -6.80 -83.94 9.13
C LEU R 19 -7.46 -83.16 10.27
N ILE R 20 -7.45 -83.72 11.48
CA ILE R 20 -8.13 -83.08 12.60
C ILE R 20 -7.51 -81.72 12.90
N VAL R 21 -6.18 -81.65 12.92
CA VAL R 21 -5.51 -80.37 13.11
C VAL R 21 -5.77 -79.44 11.94
N PHE R 22 -5.85 -80.00 10.72
CA PHE R 22 -6.07 -79.18 9.54
C PHE R 22 -7.41 -78.45 9.62
N ILE R 23 -8.45 -79.12 10.11
CA ILE R 23 -9.74 -78.47 10.30
C ILE R 23 -9.60 -77.31 11.29
N ALA R 24 -8.84 -77.53 12.36
CA ALA R 24 -8.65 -76.47 13.35
C ALA R 24 -7.86 -75.31 12.77
N MET R 25 -6.92 -75.60 11.87
CA MET R 25 -6.06 -74.55 11.34
C MET R 25 -6.84 -73.57 10.47
N VAL R 26 -7.77 -74.08 9.65
CA VAL R 26 -8.56 -73.18 8.80
C VAL R 26 -9.54 -72.39 9.66
N LEU R 27 -9.99 -72.96 10.77
CA LEU R 27 -10.93 -72.25 11.64
C LEU R 27 -10.28 -71.05 12.30
N VAL R 28 -9.09 -71.23 12.87
CA VAL R 28 -8.41 -70.12 13.52
C VAL R 28 -7.96 -69.09 12.50
N ALA R 29 -7.68 -69.51 11.26
CA ALA R 29 -7.40 -68.55 10.21
C ALA R 29 -8.62 -67.70 9.90
N ALA R 30 -9.80 -68.32 9.87
CA ALA R 30 -11.03 -67.57 9.66
C ALA R 30 -11.35 -66.67 10.84
N ILE R 31 -11.01 -67.09 12.05
CA ILE R 31 -11.21 -66.25 13.23
C ILE R 31 -10.31 -65.02 13.15
N ALA R 32 -9.05 -65.21 12.77
CA ALA R 32 -8.14 -64.08 12.61
C ALA R 32 -8.59 -63.16 11.48
N ALA R 33 -9.08 -63.74 10.38
CA ALA R 33 -9.55 -62.94 9.26
C ALA R 33 -10.75 -62.11 9.68
N GLY R 34 -11.62 -62.66 10.51
CA GLY R 34 -12.80 -61.95 10.98
C GLY R 34 -12.45 -60.71 11.76
N VAL R 35 -11.53 -60.82 12.73
CA VAL R 35 -11.17 -59.67 13.56
C VAL R 35 -10.56 -58.57 12.72
N LEU R 36 -9.68 -58.94 11.78
CA LEU R 36 -9.02 -57.95 10.95
C LEU R 36 -10.03 -57.19 10.09
N ILE R 37 -11.00 -57.91 9.52
CA ILE R 37 -11.91 -57.29 8.56
C ILE R 37 -12.95 -56.43 9.28
N ASN R 38 -13.56 -56.96 10.34
CA ASN R 38 -14.59 -56.19 11.05
C ASN R 38 -14.01 -54.94 11.67
N THR R 39 -12.81 -55.03 12.24
CA THR R 39 -12.17 -53.85 12.81
C THR R 39 -11.91 -52.80 11.73
N ALA R 40 -11.44 -53.22 10.57
CA ALA R 40 -11.25 -52.29 9.46
C ALA R 40 -12.57 -51.66 9.04
N GLY R 41 -13.64 -52.46 9.03
CA GLY R 41 -14.95 -51.90 8.72
C GLY R 41 -15.41 -50.87 9.74
N TYR R 42 -15.10 -51.10 11.01
CA TYR R 42 -15.48 -50.14 12.04
C TYR R 42 -14.74 -48.82 11.87
N LEU R 43 -13.43 -48.90 11.61
CA LEU R 43 -12.65 -47.67 11.42
C LEU R 43 -13.09 -46.91 10.18
N GLN R 44 -13.57 -47.63 9.17
CA GLN R 44 -14.06 -46.96 7.97
C GLN R 44 -15.24 -46.05 8.29
N SER R 45 -16.18 -46.54 9.10
CA SER R 45 -17.31 -45.71 9.49
C SER R 45 -16.86 -44.54 10.36
N LYS R 46 -15.96 -44.80 11.30
CA LYS R 46 -15.43 -43.72 12.13
C LYS R 46 -14.61 -42.74 11.31
N GLY R 47 -13.76 -43.25 10.42
CA GLY R 47 -12.91 -42.38 9.62
C GLY R 47 -13.70 -41.53 8.65
N SER R 48 -14.66 -42.13 7.95
CA SER R 48 -15.44 -41.38 6.98
C SER R 48 -16.30 -40.33 7.65
N ALA R 49 -16.87 -40.65 8.81
CA ALA R 49 -17.69 -39.69 9.53
C ALA R 49 -16.86 -38.49 9.98
N THR R 50 -15.63 -38.74 10.44
CA THR R 50 -14.78 -37.65 10.90
C THR R 50 -14.45 -36.69 9.77
N GLY R 51 -14.22 -37.23 8.56
CA GLY R 51 -13.85 -36.37 7.44
C GLY R 51 -14.93 -35.37 7.11
N GLU R 52 -16.19 -35.78 7.15
CA GLU R 52 -17.29 -34.87 6.85
C GLU R 52 -17.41 -33.80 7.91
N GLU R 53 -17.39 -34.19 9.19
CA GLU R 53 -17.61 -33.23 10.26
C GLU R 53 -16.41 -32.31 10.44
N ALA R 54 -15.19 -32.84 10.26
CA ALA R 54 -14.01 -31.99 10.36
C ALA R 54 -14.02 -30.92 9.27
N SER R 55 -14.40 -31.29 8.06
CA SER R 55 -14.62 -30.30 7.02
C SER R 55 -15.78 -29.38 7.38
N ALA R 56 -16.83 -29.94 7.98
CA ALA R 56 -17.98 -29.14 8.38
C ALA R 56 -17.60 -28.10 9.43
N GLN R 57 -16.75 -28.49 10.38
CA GLN R 57 -16.31 -27.54 11.40
C GLN R 57 -15.60 -26.35 10.77
N VAL R 58 -14.91 -26.55 9.65
CA VAL R 58 -14.18 -25.48 9.00
C VAL R 58 -15.02 -24.76 7.95
N SER R 59 -15.86 -25.49 7.22
CA SER R 59 -16.55 -24.95 6.06
C SER R 59 -17.77 -24.12 6.43
N ASN R 60 -18.73 -24.71 7.15
CA ASN R 60 -19.96 -23.98 7.45
C ASN R 60 -19.72 -22.88 8.48
N ARG R 61 -19.49 -21.68 7.99
CA ARG R 61 -19.23 -20.52 8.83
C ARG R 61 -20.27 -19.45 8.50
N ILE R 62 -20.47 -18.54 9.45
CA ILE R 62 -21.47 -17.48 9.33
C ILE R 62 -20.75 -16.15 9.23
N ASN R 63 -21.03 -15.41 8.17
CA ASN R 63 -20.49 -14.08 8.00
C ASN R 63 -21.55 -13.04 8.32
N ILE R 64 -21.19 -12.05 9.12
CA ILE R 64 -22.12 -11.03 9.59
C ILE R 64 -22.08 -9.88 8.59
N VAL R 65 -23.21 -9.65 7.93
CA VAL R 65 -23.27 -8.57 6.93
C VAL R 65 -23.13 -7.22 7.60
N SER R 66 -23.89 -7.00 8.67
CA SER R 66 -23.88 -5.72 9.39
C SER R 66 -24.54 -5.93 10.74
N ALA R 67 -24.66 -4.84 11.50
CA ALA R 67 -25.31 -4.88 12.81
C ALA R 67 -25.81 -3.48 13.12
N TYR R 68 -27.13 -3.30 13.06
CA TYR R 68 -27.77 -2.03 13.35
C TYR R 68 -28.69 -2.20 14.56
N GLY R 69 -28.62 -1.25 15.49
CA GLY R 69 -29.42 -1.28 16.69
C GLY R 69 -30.45 -0.17 16.70
N ASN R 70 -31.66 -0.48 17.15
CA ASN R 70 -32.70 0.52 17.30
C ASN R 70 -32.42 1.39 18.52
N VAL R 71 -32.83 2.65 18.44
CA VAL R 71 -32.60 3.59 19.53
C VAL R 71 -33.90 4.02 20.18
N UNK R 72 -34.00 3.82 21.48
CA UNK R 72 -35.16 4.26 22.25
C UNK R 72 -34.70 5.24 23.32
N UNK R 73 -35.37 6.38 23.40
CA UNK R 73 -35.01 7.45 24.33
C UNK R 73 -33.55 7.87 24.13
N UNK R 74 -32.63 7.07 24.66
CA UNK R 74 -31.21 7.33 24.51
C UNK R 74 -30.40 6.07 24.78
N UNK R 75 -30.88 4.93 24.30
CA UNK R 75 -30.20 3.66 24.51
C UNK R 75 -30.52 2.65 23.41
N VAL R 76 -29.48 1.96 22.93
CA VAL R 76 -29.63 0.95 21.91
C VAL R 76 -30.30 -0.29 22.51
N ASP R 77 -31.62 -0.38 22.35
CA ASP R 77 -32.38 -1.39 23.08
C ASP R 77 -32.45 -2.71 22.31
N TYR R 78 -32.32 -2.66 20.99
CA TYR R 78 -32.17 -3.87 20.19
C TYR R 78 -30.80 -3.94 19.56
N VAL R 79 -30.39 -5.15 19.20
CA VAL R 79 -29.15 -5.41 18.46
C VAL R 79 -29.49 -6.44 17.40
N ASN R 80 -29.61 -6.00 16.15
CA ASN R 80 -29.99 -6.86 15.04
C ASN R 80 -28.78 -7.17 14.19
N LEU R 81 -28.56 -8.44 13.90
CA LEU R 81 -27.43 -8.91 13.11
C LEU R 81 -27.95 -9.59 11.85
N THR R 82 -27.42 -9.18 10.70
CA THR R 82 -27.77 -9.81 9.44
C THR R 82 -26.67 -10.79 9.05
N VAL R 83 -27.00 -12.06 8.97
CA VAL R 83 -26.02 -13.12 8.76
C VAL R 83 -26.21 -13.71 7.38
N ARG R 84 -25.13 -14.28 6.84
CA ARG R 84 -25.14 -14.92 5.53
C ARG R 84 -24.22 -16.12 5.55
N GLN R 85 -24.43 -17.01 4.58
CA GLN R 85 -23.56 -18.17 4.43
C GLN R 85 -22.16 -17.73 4.00
N ALA R 86 -21.15 -18.39 4.55
CA ALA R 86 -19.79 -18.13 4.12
C ALA R 86 -19.54 -18.80 2.77
N ALA R 87 -18.30 -18.67 2.29
CA ALA R 87 -17.95 -19.25 1.00
C ALA R 87 -17.99 -20.77 1.07
N GLY R 88 -18.83 -21.37 0.22
CA GLY R 88 -18.90 -22.81 0.11
C GLY R 88 -19.36 -23.52 1.37
N ALA R 89 -20.42 -23.03 1.99
CA ALA R 89 -20.95 -23.59 3.22
C ALA R 89 -22.26 -24.30 2.96
N ASP R 90 -22.42 -25.49 3.54
CA ASP R 90 -23.65 -26.25 3.42
C ASP R 90 -24.74 -25.62 4.29
N ASN R 91 -25.88 -26.30 4.37
CA ASN R 91 -27.03 -25.81 5.12
C ASN R 91 -26.66 -25.51 6.57
N ILE R 92 -26.72 -24.24 6.95
CA ILE R 92 -26.40 -23.80 8.30
C ILE R 92 -27.70 -23.57 9.04
N ASN R 93 -27.90 -24.28 10.14
CA ASN R 93 -29.12 -24.17 10.93
C ASN R 93 -28.85 -23.24 12.11
N LEU R 94 -29.63 -22.17 12.21
CA LEU R 94 -29.43 -21.17 13.24
C LEU R 94 -30.17 -21.54 14.52
N UNK R 95 -31.05 -22.52 14.43
CA UNK R 95 -31.82 -22.96 15.58
C UNK R 95 -30.90 -23.66 16.58
N LYS R 96 -30.00 -24.47 16.07
CA LYS R 96 -29.00 -25.12 16.92
C LYS R 96 -27.69 -24.34 16.90
N SER R 97 -27.78 -23.06 17.26
CA SER R 97 -26.63 -22.18 17.36
C SER R 97 -26.74 -21.36 18.63
N THR R 98 -25.59 -20.93 19.13
CA THR R 98 -25.56 -20.18 20.39
C THR R 98 -24.69 -18.95 20.21
N ILE R 99 -25.08 -17.87 20.90
CA ILE R 99 -24.39 -16.58 20.81
C ILE R 99 -23.90 -16.20 22.19
N GLN R 100 -22.64 -15.81 22.27
CA GLN R 100 -22.01 -15.44 23.54
C GLN R 100 -21.97 -13.92 23.62
N TRP R 101 -22.60 -13.37 24.65
CA TRP R 101 -22.71 -11.92 24.84
C TRP R 101 -21.72 -11.52 25.92
N ILE R 102 -20.64 -10.86 25.52
CA ILE R 102 -19.66 -10.32 26.46
C ILE R 102 -19.84 -8.80 26.42
N GLY R 103 -20.43 -8.25 27.46
CA GLY R 103 -20.75 -6.85 27.51
C GLY R 103 -20.24 -6.17 28.76
N PRO R 104 -20.63 -4.91 28.95
CA PRO R 104 -20.12 -4.17 30.13
C PRO R 104 -20.63 -4.70 31.45
N ASP R 105 -21.91 -5.04 31.54
CA ASP R 105 -22.50 -5.45 32.82
C ASP R 105 -22.76 -6.95 32.91
N UNK R 106 -22.79 -7.63 31.76
CA UNK R 106 -23.12 -9.05 31.75
C UNK R 106 -22.13 -9.87 30.95
N ALA R 107 -22.28 -11.19 31.03
CA ALA R 107 -21.45 -12.12 30.29
C ALA R 107 -22.11 -13.49 30.26
N THR R 108 -23.06 -13.68 29.35
CA THR R 108 -23.83 -14.90 29.26
C THR R 108 -23.76 -15.44 27.83
N THR R 109 -24.46 -16.54 27.59
CA THR R 109 -24.48 -17.23 26.30
C THR R 109 -25.93 -17.43 25.86
N LEU R 110 -26.36 -16.63 24.89
CA LEU R 110 -27.74 -16.68 24.42
C LEU R 110 -27.98 -17.92 23.57
N THR R 111 -29.19 -18.47 23.67
CA THR R 111 -29.62 -19.60 22.86
C THR R 111 -30.85 -19.19 22.04
N TYR R 112 -31.34 -20.14 21.24
CA TYR R 112 -32.45 -19.86 20.34
C TYR R 112 -33.80 -19.82 21.06
N UNK R 113 -34.75 -19.12 20.45
CA UNK R 113 -36.13 -19.08 20.96
C UNK R 113 -37.10 -18.78 19.82
N UNK R 114 -38.37 -18.63 20.17
CA UNK R 114 -39.39 -18.33 19.17
C UNK R 114 -40.35 -17.26 19.68
N UNK R 115 -40.23 -16.06 19.11
CA UNK R 115 -41.07 -14.92 19.49
C UNK R 115 -41.00 -14.64 20.98
N UNK R 118 -40.17 -8.80 21.52
CA UNK R 118 -40.13 -8.03 22.76
C UNK R 118 -39.85 -8.94 23.95
N UNK R 119 -40.45 -10.12 23.96
CA UNK R 119 -40.24 -11.09 25.02
C UNK R 119 -39.14 -12.07 24.64
N UNK R 120 -37.90 -11.59 24.62
CA UNK R 120 -36.77 -12.42 24.24
C UNK R 120 -35.93 -12.83 25.45
N UNK R 121 -35.58 -11.84 26.28
CA UNK R 121 -34.75 -12.07 27.46
C UNK R 121 -33.40 -12.70 27.08
N GLU R 122 -33.00 -13.74 27.79
CA GLU R 122 -31.71 -14.37 27.56
C GLU R 122 -31.73 -15.35 26.39
N ASN R 123 -32.37 -14.96 25.30
CA ASN R 123 -32.38 -15.75 24.07
C ASN R 123 -32.24 -14.81 22.89
N PHE R 124 -32.24 -15.40 21.69
CA PHE R 124 -32.25 -14.65 20.45
C PHE R 124 -33.26 -15.26 19.48
N THR R 125 -33.84 -14.43 18.64
CA THR R 125 -34.87 -14.84 17.69
C THR R 125 -34.43 -14.45 16.28
N THR R 126 -34.79 -15.29 15.31
CA THR R 126 -34.38 -15.07 13.93
C THR R 126 -35.57 -14.81 13.00
N UNK R 127 -35.68 -13.57 12.52
CA UNK R 127 -36.70 -13.23 11.54
C UNK R 127 -36.05 -13.12 10.16
N SER R 128 -36.55 -13.89 9.20
CA SER R 128 -35.93 -13.96 7.88
C SER R 128 -36.05 -12.65 7.11
N ILE R 129 -35.14 -12.47 6.17
CA ILE R 129 -35.13 -11.29 5.29
C ILE R 129 -35.30 -11.68 3.83
N LYS R 130 -34.58 -12.71 3.38
CA LYS R 130 -34.65 -13.10 1.97
C LYS R 130 -34.43 -14.62 1.92
N GLY R 131 -35.39 -15.33 1.33
CA GLY R 131 -35.20 -16.74 1.03
C GLY R 131 -35.89 -17.77 1.89
N UNK R 132 -37.19 -17.96 1.67
CA UNK R 132 -37.94 -19.07 2.25
C UNK R 132 -37.82 -19.22 3.77
N UNK R 133 -37.02 -20.18 4.20
CA UNK R 133 -36.89 -20.55 5.61
C UNK R 133 -36.46 -19.39 6.49
N UNK R 134 -36.79 -19.46 7.77
CA UNK R 134 -36.51 -18.38 8.71
C UNK R 134 -35.63 -18.84 9.86
N UNK R 135 -34.78 -19.84 9.62
CA UNK R 135 -33.89 -20.36 10.64
C UNK R 135 -32.74 -21.14 10.03
N VAL R 136 -32.84 -21.43 8.74
CA VAL R 136 -31.82 -22.21 8.05
C VAL R 136 -31.34 -21.51 6.80
N LEU R 137 -30.02 -21.44 6.63
CA LEU R 137 -29.43 -20.90 5.40
C LEU R 137 -29.27 -22.03 4.39
N VAL R 138 -29.91 -21.90 3.23
CA VAL R 138 -29.91 -22.93 2.22
C VAL R 138 -29.04 -22.57 1.01
N ASP R 139 -29.23 -21.39 0.44
CA ASP R 139 -28.48 -20.94 -0.72
C ASP R 139 -27.57 -19.79 -0.32
N GLN R 140 -26.80 -19.31 -1.31
CA GLN R 140 -25.88 -18.21 -1.05
C GLN R 140 -26.63 -16.89 -0.90
N SER R 141 -27.86 -16.82 -1.40
CA SER R 141 -28.57 -15.55 -1.48
C SER R 141 -29.51 -15.29 -0.30
N ASP R 142 -29.53 -16.16 0.71
CA ASP R 142 -30.48 -15.96 1.81
C ASP R 142 -29.84 -15.20 2.96
N ARG R 143 -30.63 -14.34 3.58
CA ARG R 143 -30.22 -13.53 4.72
C ARG R 143 -31.25 -13.67 5.83
N ILE R 144 -30.79 -13.77 7.08
CA ILE R 144 -31.67 -13.75 8.23
C ILE R 144 -31.15 -12.71 9.21
N LYS R 145 -32.08 -12.17 10.01
CA LYS R 145 -31.79 -11.17 11.02
C LYS R 145 -31.89 -11.82 12.40
N VAL R 146 -30.92 -11.55 13.26
CA VAL R 146 -30.84 -12.12 14.59
C VAL R 146 -31.23 -11.03 15.59
N ILE R 147 -32.33 -11.24 16.30
CA ILE R 147 -32.84 -10.25 17.24
C ILE R 147 -32.48 -10.64 18.66
N MET R 148 -31.83 -9.71 19.38
CA MET R 148 -31.49 -9.92 20.78
C MET R 148 -31.80 -8.64 21.55
N TYR R 149 -32.80 -8.70 22.43
CA TYR R 149 -33.23 -7.54 23.21
C TYR R 149 -32.10 -7.15 24.15
N ALA R 150 -31.47 -6.01 23.86
CA ALA R 150 -30.29 -5.57 24.60
C ALA R 150 -30.61 -5.23 26.05
N UNK R 151 -31.71 -4.54 26.26
CA UNK R 151 -32.09 -4.11 27.61
C UNK R 151 -32.63 -5.26 28.44
N UNK R 152 -32.79 -6.42 27.80
CA UNK R 152 -33.32 -7.60 28.49
C UNK R 152 -32.20 -8.53 28.93
N VAL R 153 -31.19 -8.69 28.08
CA VAL R 153 -30.07 -9.57 28.41
C VAL R 153 -29.20 -8.93 29.50
N UNK R 154 -29.35 -7.63 29.67
CA UNK R 154 -28.62 -6.89 30.70
C UNK R 154 -29.29 -5.56 30.95
N UNK R 155 -28.52 -4.48 30.88
CA UNK R 155 -29.08 -3.14 31.01
C UNK R 155 -29.08 -2.47 29.65
N UNK R 156 -29.87 -1.40 29.50
CA UNK R 156 -29.96 -0.68 28.24
C UNK R 156 -28.59 -0.10 27.88
N LEU R 157 -28.14 -0.43 26.67
CA LEU R 157 -26.81 -0.02 26.21
C LEU R 157 -26.71 1.48 26.02
N UNK R 158 -25.71 2.08 26.65
CA UNK R 158 -25.48 3.52 26.55
C UNK R 158 -24.46 3.83 25.47
N UNK R 159 -24.14 5.10 25.30
CA UNK R 159 -23.20 5.53 24.27
C UNK R 159 -21.78 5.08 24.59
N GLY R 160 -21.09 4.56 23.57
CA GLY R 160 -19.71 4.15 23.73
C GLY R 160 -19.52 2.73 24.21
N UNK R 161 -20.56 2.18 24.84
CA UNK R 161 -20.48 0.82 25.38
C UNK R 161 -20.33 -0.20 24.25
N GLU R 162 -19.24 -0.96 24.30
CA GLU R 162 -18.94 -1.95 23.28
C GLU R 162 -19.35 -3.35 23.74
N VAL R 163 -19.83 -4.17 22.81
CA VAL R 163 -20.29 -5.52 23.09
C VAL R 163 -19.58 -6.49 22.15
N GLN R 164 -19.11 -7.60 22.70
CA GLN R 164 -18.42 -8.63 21.94
C GLN R 164 -19.35 -9.82 21.75
N LEU R 165 -19.50 -10.25 20.51
CA LEU R 165 -20.39 -11.35 20.15
C LEU R 165 -19.61 -12.45 19.45
N THR R 166 -19.97 -13.71 19.71
CA THR R 166 -19.39 -14.86 19.02
C THR R 166 -20.53 -15.81 18.66
N VAL R 167 -21.04 -15.67 17.43
CA VAL R 167 -22.07 -16.58 16.94
C VAL R 167 -21.43 -17.93 16.66
N THR R 168 -21.89 -18.97 17.36
CA THR R 168 -21.32 -20.30 17.27
C THR R 168 -22.26 -21.19 16.48
N THR R 169 -21.82 -21.64 15.31
CA THR R 169 -22.61 -22.53 14.48
C THR R 169 -22.76 -23.88 15.18
N GLN R 170 -23.66 -24.71 14.64
CA GLN R 170 -23.89 -26.03 15.22
C GLN R 170 -22.63 -26.88 15.22
N TYR R 171 -21.88 -26.84 14.11
CA TYR R 171 -20.69 -27.68 14.00
C TYR R 171 -19.45 -27.05 14.61
N GLY R 172 -19.58 -25.97 15.37
CA GLY R 172 -18.48 -25.41 16.14
C GLY R 172 -17.79 -24.23 15.50
N SER R 173 -18.06 -23.93 14.23
CA SER R 173 -17.42 -22.80 13.58
C SER R 173 -17.87 -21.49 14.24
N LYS R 174 -16.91 -20.63 14.55
CA LYS R 174 -17.15 -19.41 15.30
C LYS R 174 -16.90 -18.19 14.43
N THR R 175 -17.75 -17.18 14.58
CA THR R 175 -17.53 -15.86 14.01
C THR R 175 -17.62 -14.85 15.16
N THR R 176 -16.89 -13.75 15.04
CA THR R 176 -16.81 -12.77 16.11
C THR R 176 -17.15 -11.38 15.60
N TYR R 177 -17.82 -10.61 16.45
CA TYR R 177 -18.21 -9.25 16.10
C TYR R 177 -18.10 -8.37 17.35
N TRP R 178 -17.58 -7.17 17.16
CA TRP R 178 -17.48 -6.16 18.22
C TRP R 178 -18.43 -5.02 17.88
N ALA R 179 -19.60 -5.01 18.53
CA ALA R 179 -20.59 -3.98 18.29
C ALA R 179 -20.28 -2.79 19.19
N GLN R 180 -19.77 -1.72 18.60
CA GLN R 180 -19.42 -0.50 19.32
C GLN R 180 -20.54 0.51 19.13
N VAL R 181 -21.33 0.72 20.19
CA VAL R 181 -22.41 1.69 20.17
C VAL R 181 -21.81 3.07 19.91
N PRO R 182 -22.41 3.89 19.05
CA PRO R 182 -21.89 5.24 18.85
C PRO R 182 -21.86 6.02 20.16
N GLU R 183 -20.79 6.79 20.35
CA GLU R 183 -20.66 7.62 21.54
C GLU R 183 -21.46 8.91 21.45
N SER R 184 -22.41 8.99 20.52
CA SER R 184 -23.32 10.13 20.42
C SER R 184 -24.63 9.61 19.82
N LEU R 185 -25.61 9.37 20.69
CA LEU R 185 -26.92 8.88 20.26
C LEU R 185 -27.94 10.00 20.15
N LYS R 186 -27.51 11.26 20.20
CA LYS R 186 -28.44 12.38 20.24
C LYS R 186 -29.20 12.49 18.93
N ASP R 187 -30.51 12.33 19.01
CA ASP R 187 -31.43 12.49 17.87
C ASP R 187 -31.04 11.56 16.72
N LYS R 188 -31.12 10.26 16.99
CA LYS R 188 -30.92 9.22 15.99
C LYS R 188 -32.02 8.19 16.16
N ASN R 189 -32.85 8.01 15.12
CA ASN R 189 -33.92 7.03 15.19
C ASN R 189 -33.36 5.61 15.25
N ALA R 190 -32.30 5.34 14.48
CA ALA R 190 -31.65 4.05 14.49
C ALA R 190 -30.18 4.23 14.15
N VAL R 191 -29.30 3.51 14.85
CA VAL R 191 -27.87 3.66 14.64
C VAL R 191 -27.30 2.47 13.90
N UNK R 192 -26.00 2.51 13.65
CA UNK R 192 -25.31 1.42 12.98
C UNK R 192 -24.13 0.95 13.84
N LEU R 193 -24.36 -0.11 14.61
CA LEU R 193 -23.35 -0.64 15.51
C LEU R 193 -22.18 -1.26 14.74
N GLN S 13 4.79 -99.87 11.98
CA GLN S 13 4.57 -99.21 10.70
C GLN S 13 3.90 -97.87 10.92
N VAL S 14 4.38 -97.12 11.91
CA VAL S 14 3.81 -95.82 12.24
C VAL S 14 4.64 -94.66 11.69
N GLY S 15 5.92 -94.88 11.39
CA GLY S 15 6.73 -93.82 10.84
C GLY S 15 6.69 -93.75 9.33
N ILE S 16 6.23 -94.83 8.69
CA ILE S 16 6.15 -94.87 7.23
C ILE S 16 5.18 -93.82 6.73
N GLY S 17 4.01 -93.74 7.36
CA GLY S 17 3.02 -92.75 6.94
C GLY S 17 3.48 -91.33 7.20
N THR S 18 4.40 -91.14 8.14
CA THR S 18 4.87 -89.80 8.47
C THR S 18 5.57 -89.14 7.29
N LEU S 19 6.30 -89.93 6.50
CA LEU S 19 7.02 -89.36 5.37
C LEU S 19 6.06 -88.83 4.31
N ILE S 20 5.00 -89.58 3.98
CA ILE S 20 4.10 -89.18 2.91
C ILE S 20 3.42 -87.86 3.26
N VAL S 21 2.89 -87.76 4.48
CA VAL S 21 2.24 -86.52 4.90
C VAL S 21 3.26 -85.40 5.02
N PHE S 22 4.50 -85.74 5.39
CA PHE S 22 5.56 -84.75 5.46
C PHE S 22 5.75 -84.08 4.09
N ILE S 23 5.81 -84.88 3.03
CA ILE S 23 5.99 -84.32 1.69
C ILE S 23 4.89 -83.33 1.36
N ALA S 24 3.64 -83.69 1.67
CA ALA S 24 2.51 -82.85 1.28
C ALA S 24 2.62 -81.46 1.88
N MET S 25 3.04 -81.37 3.14
CA MET S 25 3.19 -80.06 3.76
C MET S 25 4.28 -79.23 3.09
N VAL S 26 5.26 -79.88 2.45
CA VAL S 26 6.31 -79.12 1.78
C VAL S 26 5.75 -78.40 0.55
N LEU S 27 4.99 -79.11 -0.28
CA LEU S 27 4.44 -78.46 -1.48
C LEU S 27 3.36 -77.45 -1.11
N VAL S 28 2.59 -77.75 -0.06
CA VAL S 28 1.55 -76.81 0.38
C VAL S 28 2.15 -75.46 0.73
N ALA S 29 3.27 -75.47 1.47
CA ALA S 29 3.97 -74.23 1.74
C ALA S 29 4.49 -73.59 0.45
N ALA S 30 4.99 -74.42 -0.47
CA ALA S 30 5.45 -73.89 -1.76
C ALA S 30 4.32 -73.22 -2.52
N ILE S 31 3.14 -73.85 -2.54
CA ILE S 31 1.97 -73.22 -3.15
C ILE S 31 1.62 -71.93 -2.41
N ALA S 32 1.64 -71.97 -1.08
CA ALA S 32 1.40 -70.77 -0.29
C ALA S 32 2.47 -69.73 -0.54
N ALA S 33 3.74 -70.17 -0.64
CA ALA S 33 4.83 -69.23 -0.89
C ALA S 33 4.69 -68.59 -2.27
N GLY S 34 4.32 -69.39 -3.28
CA GLY S 34 4.29 -68.89 -4.64
C GLY S 34 3.33 -67.75 -4.84
N VAL S 35 2.09 -67.91 -4.35
CA VAL S 35 1.06 -66.91 -4.60
C VAL S 35 1.43 -65.59 -3.94
N LEU S 36 2.00 -65.65 -2.74
CA LEU S 36 2.42 -64.42 -2.06
C LEU S 36 3.47 -63.67 -2.86
N ILE S 37 4.46 -64.40 -3.38
CA ILE S 37 5.54 -63.76 -4.13
C ILE S 37 5.02 -63.24 -5.47
N ASN S 38 4.24 -64.05 -6.18
CA ASN S 38 3.73 -63.63 -7.48
C ASN S 38 2.76 -62.46 -7.34
N THR S 39 1.98 -62.43 -6.25
CA THR S 39 1.06 -61.33 -6.05
C THR S 39 1.80 -60.01 -5.87
N ALA S 40 2.86 -60.01 -5.06
CA ALA S 40 3.63 -58.80 -4.84
C ALA S 40 4.30 -58.34 -6.13
N GLY S 41 4.68 -59.28 -7.00
CA GLY S 41 5.27 -58.91 -8.27
C GLY S 41 4.31 -58.12 -9.13
N TYR S 42 3.05 -58.57 -9.20
CA TYR S 42 2.03 -57.80 -9.90
C TYR S 42 1.79 -56.47 -9.20
N LEU S 43 1.74 -56.48 -7.87
CA LEU S 43 1.46 -55.26 -7.12
C LEU S 43 2.57 -54.23 -7.28
N GLN S 44 3.83 -54.67 -7.28
CA GLN S 44 4.93 -53.72 -7.49
C GLN S 44 4.86 -53.12 -8.88
N SER S 45 4.51 -53.93 -9.89
CA SER S 45 4.43 -53.41 -11.25
C SER S 45 3.28 -52.43 -11.40
N LYS S 46 2.19 -52.66 -10.68
CA LYS S 46 1.10 -51.69 -10.64
C LYS S 46 1.49 -50.48 -9.79
N GLY S 47 2.16 -50.72 -8.66
CA GLY S 47 2.58 -49.62 -7.81
C GLY S 47 3.68 -48.78 -8.40
N SER S 48 4.68 -49.43 -9.03
CA SER S 48 5.80 -48.70 -9.60
C SER S 48 5.34 -47.77 -10.71
N ALA S 49 4.46 -48.27 -11.59
CA ALA S 49 3.91 -47.42 -12.63
C ALA S 49 3.10 -46.28 -12.03
N THR S 50 2.25 -46.59 -11.05
CA THR S 50 1.30 -45.60 -10.53
C THR S 50 2.01 -44.36 -10.00
N GLY S 51 3.13 -44.55 -9.32
CA GLY S 51 3.88 -43.40 -8.82
C GLY S 51 4.35 -42.50 -9.95
N GLU S 52 4.60 -43.07 -11.12
CA GLU S 52 5.16 -42.30 -12.23
C GLU S 52 4.09 -41.41 -12.88
N GLU S 53 2.98 -42.01 -13.35
CA GLU S 53 2.03 -41.17 -14.08
C GLU S 53 1.30 -40.21 -13.15
N ALA S 54 1.04 -40.62 -11.91
CA ALA S 54 0.41 -39.72 -10.96
C ALA S 54 1.30 -38.53 -10.66
N SER S 55 2.60 -38.76 -10.49
CA SER S 55 3.54 -37.64 -10.44
C SER S 55 3.58 -36.93 -11.78
N ALA S 56 3.52 -37.69 -12.87
CA ALA S 56 3.47 -37.08 -14.20
C ALA S 56 2.20 -36.28 -14.39
N GLN S 57 1.08 -36.75 -13.84
CA GLN S 57 -0.17 -36.02 -13.93
C GLN S 57 -0.04 -34.65 -13.28
N VAL S 58 0.71 -34.56 -12.20
CA VAL S 58 0.87 -33.29 -11.49
C VAL S 58 1.97 -32.44 -12.11
N SER S 59 3.05 -33.08 -12.56
CA SER S 59 4.25 -32.34 -12.97
C SER S 59 4.14 -31.77 -14.39
N ASN S 60 4.00 -32.63 -15.39
CA ASN S 60 3.96 -32.18 -16.77
C ASN S 60 2.71 -31.38 -17.06
N ARG S 61 2.88 -30.12 -17.45
CA ARG S 61 1.76 -29.22 -17.62
C ARG S 61 2.21 -28.09 -18.55
N ILE S 62 1.26 -27.60 -19.33
CA ILE S 62 1.53 -26.56 -20.33
C ILE S 62 1.28 -25.21 -19.70
N ASN S 63 2.18 -24.26 -19.96
CA ASN S 63 2.02 -22.88 -19.54
C ASN S 63 1.93 -21.99 -20.77
N ILE S 64 0.92 -21.12 -20.79
CA ILE S 64 0.68 -20.24 -21.93
C ILE S 64 1.32 -18.90 -21.62
N VAL S 65 2.20 -18.44 -22.51
CA VAL S 65 2.90 -17.19 -22.28
C VAL S 65 2.12 -16.02 -22.87
N SER S 66 1.55 -16.20 -24.06
CA SER S 66 0.87 -15.12 -24.75
C SER S 66 -0.16 -15.70 -25.70
N ALA S 67 -1.03 -14.83 -26.21
CA ALA S 67 -2.09 -15.23 -27.13
C ALA S 67 -2.43 -14.04 -28.02
N TYR S 68 -1.90 -14.04 -29.24
CA TYR S 68 -2.24 -13.01 -30.21
C TYR S 68 -3.28 -13.56 -31.19
N GLY S 69 -3.70 -12.74 -32.14
CA GLY S 69 -4.72 -13.17 -33.09
C GLY S 69 -4.87 -12.22 -34.26
N ASN S 70 -4.90 -12.78 -35.47
CA ASN S 70 -5.05 -11.98 -36.67
C ASN S 70 -6.43 -11.32 -36.68
N VAL S 71 -6.49 -10.13 -37.28
CA VAL S 71 -7.74 -9.40 -37.38
C VAL S 71 -8.04 -9.05 -38.83
N UNK S 72 -9.19 -9.51 -39.32
CA UNK S 72 -9.63 -9.20 -40.67
C UNK S 72 -10.94 -8.44 -40.61
N UNK S 73 -11.09 -7.44 -41.48
CA UNK S 73 -12.26 -6.57 -41.52
C UNK S 73 -12.51 -5.92 -40.15
N UNK S 74 -13.15 -6.67 -39.25
CA UNK S 74 -13.41 -6.18 -37.91
C UNK S 74 -13.70 -7.34 -36.96
N UNK S 75 -13.12 -8.50 -37.25
CA UNK S 75 -13.33 -9.69 -36.43
C UNK S 75 -12.05 -10.51 -36.32
N VAL S 76 -11.82 -11.07 -35.14
CA VAL S 76 -10.65 -11.91 -34.90
C VAL S 76 -10.90 -13.31 -35.44
N ASP S 77 -10.26 -13.64 -36.55
CA ASP S 77 -10.50 -14.92 -37.21
C ASP S 77 -9.59 -16.04 -36.71
N TYR S 78 -8.44 -15.71 -36.13
CA TYR S 78 -7.52 -16.70 -35.59
C TYR S 78 -7.20 -16.38 -34.13
N VAL S 79 -6.95 -17.42 -33.35
CA VAL S 79 -6.49 -17.28 -31.97
C VAL S 79 -5.28 -18.18 -31.77
N ASN S 80 -4.09 -17.61 -31.88
CA ASN S 80 -2.86 -18.39 -31.75
C ASN S 80 -2.36 -18.37 -30.32
N LEU S 81 -1.81 -19.50 -29.88
CA LEU S 81 -1.26 -19.65 -28.54
C LEU S 81 0.20 -20.06 -28.62
N THR S 82 1.03 -19.45 -27.79
CA THR S 82 2.40 -19.91 -27.63
C THR S 82 2.54 -20.63 -26.30
N VAL S 83 3.10 -21.84 -26.32
CA VAL S 83 3.08 -22.71 -25.16
C VAL S 83 4.50 -23.15 -24.82
N ARG S 84 4.69 -23.55 -23.57
CA ARG S 84 5.98 -24.01 -23.06
C ARG S 84 5.74 -24.98 -21.92
N GLN S 85 6.77 -25.76 -21.61
CA GLN S 85 6.71 -26.67 -20.48
C GLN S 85 6.63 -25.88 -19.16
N ALA S 86 6.00 -26.48 -18.16
CA ALA S 86 5.97 -25.90 -16.84
C ALA S 86 7.25 -26.25 -16.09
N ALA S 87 7.26 -25.98 -14.78
CA ALA S 87 8.43 -26.26 -13.98
C ALA S 87 8.70 -27.75 -13.91
N GLY S 88 9.86 -28.15 -14.43
CA GLY S 88 10.28 -29.55 -14.35
C GLY S 88 9.39 -30.52 -15.08
N ALA S 89 9.02 -30.20 -16.32
CA ALA S 89 8.20 -31.09 -17.12
C ALA S 89 9.06 -32.01 -17.98
N ASP S 90 8.46 -33.13 -18.39
CA ASP S 90 9.08 -34.09 -19.29
C ASP S 90 8.55 -33.79 -20.68
N ASN S 91 9.00 -34.54 -21.70
CA ASN S 91 8.51 -34.25 -23.05
C ASN S 91 7.00 -34.34 -23.14
N ILE S 92 6.39 -33.33 -23.75
CA ILE S 92 4.94 -33.20 -23.85
C ILE S 92 4.58 -33.32 -25.32
N ASN S 93 3.66 -34.22 -25.64
CA ASN S 93 3.20 -34.38 -27.01
C ASN S 93 1.91 -33.58 -27.21
N LEU S 94 1.88 -32.78 -28.27
CA LEU S 94 0.72 -31.95 -28.54
C LEU S 94 -0.24 -32.62 -29.52
N UNK S 95 0.08 -33.85 -29.91
CA UNK S 95 -0.80 -34.62 -30.78
C UNK S 95 -1.73 -35.46 -29.92
N LYS S 96 -1.35 -35.64 -28.66
CA LYS S 96 -2.12 -36.44 -27.73
C LYS S 96 -2.75 -35.54 -26.67
N SER S 97 -3.00 -34.29 -27.04
CA SER S 97 -3.59 -33.31 -26.15
C SER S 97 -4.83 -32.71 -26.80
N THR S 98 -5.76 -32.27 -25.95
CA THR S 98 -7.04 -31.73 -26.41
C THR S 98 -7.26 -30.38 -25.76
N ILE S 99 -7.81 -29.44 -26.54
CA ILE S 99 -8.16 -28.11 -26.04
C ILE S 99 -9.68 -28.01 -26.02
N GLN S 100 -10.23 -27.55 -24.90
CA GLN S 100 -11.67 -27.39 -24.77
C GLN S 100 -12.02 -25.92 -24.99
N TRP S 101 -12.75 -25.64 -26.07
CA TRP S 101 -13.13 -24.29 -26.47
C TRP S 101 -14.56 -24.05 -25.99
N ILE S 102 -14.70 -23.18 -25.00
CA ILE S 102 -16.02 -22.71 -24.59
C ILE S 102 -16.14 -21.24 -25.00
N GLY S 103 -16.69 -21.00 -26.18
CA GLY S 103 -16.83 -19.66 -26.69
C GLY S 103 -18.20 -19.08 -26.47
N PRO S 104 -18.45 -17.91 -27.05
CA PRO S 104 -19.79 -17.30 -26.93
C PRO S 104 -20.88 -18.15 -27.56
N ASP S 105 -20.58 -18.91 -28.61
CA ASP S 105 -21.57 -19.74 -29.27
C ASP S 105 -21.34 -21.22 -28.98
N UNK S 106 -20.60 -21.88 -29.85
CA UNK S 106 -20.37 -23.32 -29.72
C UNK S 106 -19.44 -23.63 -28.55
N ALA S 107 -19.36 -24.91 -28.21
CA ALA S 107 -18.50 -25.37 -27.12
C ALA S 107 -18.06 -26.80 -27.34
N THR S 108 -16.99 -26.98 -28.11
CA THR S 108 -16.49 -28.30 -28.46
C THR S 108 -15.08 -28.49 -27.91
N THR S 109 -14.53 -29.68 -28.16
CA THR S 109 -13.18 -30.04 -27.75
C THR S 109 -12.38 -30.35 -29.01
N LEU S 110 -11.46 -29.46 -29.35
CA LEU S 110 -10.70 -29.61 -30.58
C LEU S 110 -9.60 -30.66 -30.43
N THR S 111 -9.14 -31.18 -31.56
CA THR S 111 -8.09 -32.18 -31.63
C THR S 111 -7.09 -31.79 -32.72
N TYR S 112 -5.87 -32.30 -32.61
CA TYR S 112 -4.79 -31.94 -33.53
C TYR S 112 -5.11 -32.46 -34.94
N UNK S 113 -5.10 -31.55 -35.91
CA UNK S 113 -5.16 -31.93 -37.32
C UNK S 113 -3.83 -31.59 -37.99
N UNK S 114 -3.19 -32.59 -38.58
CA UNK S 114 -1.92 -32.39 -39.26
C UNK S 114 -2.09 -31.48 -40.47
N UNK S 115 -1.64 -30.23 -40.33
CA UNK S 115 -1.73 -29.22 -41.38
C UNK S 115 -3.17 -28.84 -41.71
N UNK S 116 -3.47 -27.55 -41.63
CA UNK S 116 -4.81 -27.05 -41.90
C UNK S 116 -4.77 -25.64 -42.47
N UNK S 117 -3.80 -24.85 -41.98
CA UNK S 117 -3.64 -23.45 -42.41
C UNK S 117 -4.92 -22.65 -42.21
N UNK S 118 -5.87 -22.82 -43.10
CA UNK S 118 -7.16 -22.14 -43.02
C UNK S 118 -8.31 -23.14 -43.08
N UNK S 119 -8.01 -24.39 -42.77
CA UNK S 119 -9.02 -25.45 -42.79
C UNK S 119 -9.03 -26.22 -41.47
N UNK S 120 -8.88 -25.50 -40.38
CA UNK S 120 -8.87 -26.12 -39.05
C UNK S 120 -10.25 -26.65 -38.69
N UNK S 121 -11.28 -25.91 -39.11
CA UNK S 121 -12.67 -26.31 -38.90
C UNK S 121 -13.00 -26.51 -37.42
N GLU S 122 -12.92 -27.74 -36.91
CA GLU S 122 -13.09 -27.93 -35.46
C GLU S 122 -11.83 -28.53 -34.85
N ASN S 123 -10.69 -28.26 -35.48
CA ASN S 123 -9.41 -28.82 -35.08
C ASN S 123 -8.41 -27.70 -34.85
N PHE S 124 -7.27 -28.06 -34.27
CA PHE S 124 -6.18 -27.11 -34.05
C PHE S 124 -4.89 -27.66 -34.62
N THR S 125 -4.00 -26.76 -35.02
CA THR S 125 -2.74 -27.11 -35.66
C THR S 125 -1.59 -26.48 -34.87
N THR S 126 -0.43 -27.14 -34.88
CA THR S 126 0.72 -26.62 -34.16
C THR S 126 1.91 -26.34 -35.08
N UNK S 127 2.27 -25.07 -35.20
CA UNK S 127 3.45 -24.67 -35.95
C UNK S 127 4.57 -24.31 -34.99
N SER S 128 5.81 -24.61 -35.36
CA SER S 128 6.95 -24.41 -34.47
C SER S 128 7.42 -22.96 -34.43
N ILE S 129 8.03 -22.58 -33.31
CA ILE S 129 8.60 -21.25 -33.14
C ILE S 129 10.09 -21.34 -32.80
N LYS S 130 10.45 -22.18 -31.83
CA LYS S 130 11.85 -22.32 -31.42
C LYS S 130 12.07 -23.77 -31.02
N GLY S 131 12.67 -24.56 -31.91
CA GLY S 131 12.95 -25.95 -31.63
C GLY S 131 12.92 -26.86 -32.84
N UNK S 132 13.27 -28.12 -32.63
CA UNK S 132 13.28 -29.10 -33.71
C UNK S 132 11.88 -29.65 -33.98
N UNK S 133 11.38 -30.46 -33.04
CA UNK S 133 10.06 -31.06 -33.17
C UNK S 133 8.97 -29.99 -33.09
N UNK S 134 8.02 -30.04 -34.02
CA UNK S 134 6.96 -29.05 -34.08
C UNK S 134 5.68 -29.54 -33.42
N UNK S 135 5.78 -30.68 -32.73
CA UNK S 135 4.62 -31.26 -32.07
C UNK S 135 4.94 -31.67 -30.64
N VAL S 136 6.23 -31.78 -30.33
CA VAL S 136 6.66 -32.22 -29.01
C VAL S 136 7.53 -31.16 -28.34
N LEU S 137 7.26 -30.89 -27.07
CA LEU S 137 8.09 -29.98 -26.27
C LEU S 137 9.15 -30.82 -25.56
N VAL S 138 10.40 -30.72 -26.01
CA VAL S 138 11.45 -31.58 -25.48
C VAL S 138 12.37 -30.82 -24.53
N ASP S 139 12.46 -29.50 -24.73
CA ASP S 139 13.35 -28.67 -23.91
C ASP S 139 12.57 -27.51 -23.31
N GLN S 140 13.07 -27.02 -22.18
CA GLN S 140 12.42 -25.92 -21.49
C GLN S 140 12.40 -24.63 -22.31
N SER S 141 13.32 -24.50 -23.26
CA SER S 141 13.36 -23.33 -24.13
C SER S 141 12.47 -23.48 -25.36
N ASP S 142 11.79 -24.62 -25.51
CA ASP S 142 10.96 -24.85 -26.68
C ASP S 142 9.70 -24.01 -26.63
N ARG S 143 9.30 -23.46 -27.78
CA ARG S 143 8.05 -22.72 -27.91
C ARG S 143 7.35 -23.20 -29.18
N ILE S 144 6.15 -23.75 -29.02
CA ILE S 144 5.31 -24.19 -30.14
C ILE S 144 4.06 -23.33 -30.18
N LYS S 145 3.66 -22.96 -31.39
CA LYS S 145 2.49 -22.10 -31.59
C LYS S 145 1.28 -22.98 -31.88
N VAL S 146 0.23 -22.82 -31.08
CA VAL S 146 -1.02 -23.55 -31.26
C VAL S 146 -1.93 -22.68 -32.11
N ILE S 147 -2.36 -23.22 -33.25
CA ILE S 147 -3.14 -22.47 -34.23
C ILE S 147 -4.59 -22.90 -34.13
N MET S 148 -5.50 -21.93 -34.08
CA MET S 148 -6.93 -22.19 -34.03
C MET S 148 -7.66 -21.21 -34.93
N TYR S 149 -8.61 -21.72 -35.70
CA TYR S 149 -9.40 -20.90 -36.63
C TYR S 149 -10.72 -20.56 -35.95
N ALA S 150 -10.82 -19.34 -35.46
CA ALA S 150 -11.98 -18.89 -34.70
C ALA S 150 -13.25 -18.85 -35.54
N UNK S 151 -13.12 -18.34 -36.77
CA UNK S 151 -14.28 -18.22 -37.65
C UNK S 151 -14.79 -19.59 -38.07
N UNK S 152 -13.89 -20.56 -38.14
CA UNK S 152 -14.25 -21.91 -38.54
C UNK S 152 -14.97 -22.63 -37.40
N VAL S 153 -14.53 -22.41 -36.18
CA VAL S 153 -15.15 -23.03 -35.01
C VAL S 153 -16.46 -22.31 -34.69
N UNK S 154 -16.36 -21.11 -34.15
CA UNK S 154 -17.54 -20.33 -33.79
C UNK S 154 -18.04 -19.54 -35.00
N UNK S 155 -18.12 -18.22 -34.86
CA UNK S 155 -18.59 -17.37 -35.94
C UNK S 155 -17.84 -16.05 -35.96
N UNK S 156 -16.52 -16.14 -36.08
CA UNK S 156 -15.63 -14.97 -36.11
C UNK S 156 -15.74 -14.13 -34.84
N LEU S 157 -14.76 -14.28 -33.96
CA LEU S 157 -14.74 -13.58 -32.68
C LEU S 157 -14.81 -12.08 -32.86
N UNK S 158 -15.98 -11.51 -32.57
CA UNK S 158 -16.17 -10.06 -32.69
C UNK S 158 -15.60 -9.36 -31.49
N UNK S 159 -15.71 -8.03 -31.46
CA UNK S 159 -15.18 -7.23 -30.36
C UNK S 159 -15.91 -7.52 -29.05
N GLY S 160 -15.16 -7.52 -27.96
CA GLY S 160 -15.72 -7.74 -26.64
C GLY S 160 -16.24 -9.15 -26.41
N UNK S 161 -15.54 -10.14 -26.95
CA UNK S 161 -15.93 -11.53 -26.76
C UNK S 161 -14.90 -12.27 -25.93
N GLU S 162 -15.35 -13.25 -25.15
CA GLU S 162 -14.47 -14.02 -24.30
C GLU S 162 -14.56 -15.51 -24.59
N VAL S 163 -13.41 -16.17 -24.69
CA VAL S 163 -13.32 -17.60 -24.93
C VAL S 163 -12.49 -18.22 -23.83
N GLN S 164 -13.01 -19.30 -23.23
CA GLN S 164 -12.31 -20.03 -22.18
C GLN S 164 -11.74 -21.30 -22.77
N LEU S 165 -10.41 -21.43 -22.72
CA LEU S 165 -9.72 -22.61 -23.23
C LEU S 165 -8.96 -23.29 -22.10
N THR S 166 -9.10 -24.62 -22.00
CA THR S 166 -8.40 -25.42 -21.00
C THR S 166 -7.59 -26.48 -21.75
N VAL S 167 -6.34 -26.15 -22.07
CA VAL S 167 -5.46 -27.11 -22.73
C VAL S 167 -5.19 -28.26 -21.78
N THR S 168 -5.37 -29.49 -22.28
CA THR S 168 -5.24 -30.68 -21.47
C THR S 168 -4.28 -31.64 -22.16
N THR S 169 -3.12 -31.87 -21.55
CA THR S 169 -2.16 -32.82 -22.07
C THR S 169 -2.67 -34.25 -21.90
N GLN S 170 -1.88 -35.20 -22.40
CA GLN S 170 -2.30 -36.60 -22.36
C GLN S 170 -2.38 -37.15 -20.95
N TYR S 171 -1.68 -36.56 -20.00
CA TYR S 171 -1.64 -37.06 -18.63
C TYR S 171 -2.73 -36.48 -17.75
N GLY S 172 -3.54 -35.56 -18.27
CA GLY S 172 -4.66 -35.02 -17.53
C GLY S 172 -4.45 -33.66 -16.91
N SER S 173 -3.24 -33.12 -16.98
CA SER S 173 -2.99 -31.79 -16.45
C SER S 173 -3.63 -30.74 -17.35
N LYS S 174 -4.42 -29.85 -16.74
CA LYS S 174 -5.18 -28.86 -17.48
C LYS S 174 -4.70 -27.46 -17.12
N THR S 175 -4.56 -26.61 -18.14
CA THR S 175 -4.20 -25.21 -17.97
C THR S 175 -5.28 -24.37 -18.64
N THR S 176 -5.95 -23.53 -17.86
CA THR S 176 -7.05 -22.73 -18.37
C THR S 176 -6.57 -21.32 -18.68
N TYR S 177 -6.89 -20.83 -19.89
CA TYR S 177 -6.58 -19.48 -20.30
C TYR S 177 -7.85 -18.79 -20.73
N TRP S 178 -8.07 -17.57 -20.27
CA TRP S 178 -9.27 -16.80 -20.57
C TRP S 178 -8.94 -15.82 -21.68
N ALA S 179 -9.28 -16.16 -22.91
CA ALA S 179 -9.01 -15.31 -24.06
C ALA S 179 -10.09 -14.25 -24.17
N GLN S 180 -9.73 -12.99 -23.94
CA GLN S 180 -10.67 -11.88 -23.98
C GLN S 180 -10.23 -10.91 -25.08
N VAL S 181 -11.08 -10.75 -26.09
CA VAL S 181 -10.78 -9.80 -27.17
C VAL S 181 -10.84 -8.39 -26.62
N PRO S 182 -10.00 -7.46 -27.10
CA PRO S 182 -10.15 -6.06 -26.71
C PRO S 182 -11.53 -5.53 -27.10
N GLU S 183 -12.05 -4.61 -26.30
CA GLU S 183 -13.40 -4.10 -26.53
C GLU S 183 -13.49 -3.33 -27.84
N SER S 184 -12.41 -2.71 -28.27
CA SER S 184 -12.37 -1.96 -29.52
C SER S 184 -11.40 -2.62 -30.49
N LEU S 185 -11.80 -2.69 -31.76
CA LEU S 185 -10.99 -3.28 -32.82
C LEU S 185 -10.71 -2.29 -33.94
N LYS S 186 -10.66 -1.00 -33.66
CA LYS S 186 -10.49 0.00 -34.70
C LYS S 186 -9.03 0.10 -35.11
N ASP S 187 -8.75 -0.26 -36.37
CA ASP S 187 -7.41 -0.15 -36.96
C ASP S 187 -6.39 -0.93 -36.14
N LYS S 188 -6.59 -2.25 -36.07
CA LYS S 188 -5.68 -3.16 -35.38
C LYS S 188 -5.47 -4.37 -36.28
N ASN S 189 -4.28 -4.48 -36.89
CA ASN S 189 -4.00 -5.62 -37.75
C ASN S 189 -3.88 -6.90 -36.93
N ALA S 190 -3.53 -6.78 -35.65
CA ALA S 190 -3.45 -7.92 -34.76
C ALA S 190 -3.52 -7.43 -33.32
N VAL S 191 -4.17 -8.20 -32.47
CA VAL S 191 -4.34 -7.83 -31.06
C VAL S 191 -3.74 -8.87 -30.14
N UNK S 192 -3.69 -8.56 -28.85
CA UNK S 192 -3.18 -9.49 -27.86
C UNK S 192 -4.30 -9.85 -26.87
N LEU S 193 -5.02 -10.93 -27.16
CA LEU S 193 -6.14 -11.35 -26.31
C LEU S 193 -5.65 -11.78 -24.94
N GLN T 13 2.87 -115.43 11.38
CA GLN T 13 1.52 -114.91 11.55
C GLN T 13 1.55 -113.44 11.96
N VAL T 14 2.42 -113.14 12.94
CA VAL T 14 2.52 -111.77 13.45
C VAL T 14 3.00 -110.84 12.36
N GLY T 15 3.94 -111.30 11.53
CA GLY T 15 4.41 -110.52 10.42
C GLY T 15 3.35 -110.26 9.38
N ILE T 16 2.53 -111.27 9.09
CA ILE T 16 1.50 -111.20 8.05
C ILE T 16 0.53 -110.08 8.35
N GLY T 17 0.17 -109.91 9.62
CA GLY T 17 -0.70 -108.83 10.01
C GLY T 17 -0.12 -107.46 9.71
N THR T 18 1.20 -107.33 9.83
CA THR T 18 1.85 -106.03 9.67
C THR T 18 1.69 -105.50 8.26
N LEU T 19 1.87 -106.35 7.24
CA LEU T 19 1.82 -105.87 5.86
C LEU T 19 0.44 -105.32 5.52
N ILE T 20 -0.62 -106.03 5.90
CA ILE T 20 -1.97 -105.58 5.59
C ILE T 20 -2.24 -104.24 6.26
N VAL T 21 -1.84 -104.09 7.52
CA VAL T 21 -1.95 -102.80 8.19
C VAL T 21 -1.05 -101.77 7.52
N PHE T 22 0.11 -102.20 7.04
CA PHE T 22 1.03 -101.28 6.38
C PHE T 22 0.42 -100.68 5.12
N ILE T 23 -0.30 -101.49 4.35
CA ILE T 23 -0.98 -100.97 3.16
C ILE T 23 -2.03 -99.94 3.56
N ALA T 24 -2.71 -100.16 4.68
CA ALA T 24 -3.72 -99.22 5.13
C ALA T 24 -3.10 -97.86 5.46
N MET T 25 -1.90 -97.87 6.06
CA MET T 25 -1.28 -96.62 6.50
C MET T 25 -0.96 -95.72 5.32
N VAL T 26 -0.41 -96.28 4.24
CA VAL T 26 0.02 -95.46 3.11
C VAL T 26 -1.19 -94.85 2.41
N LEU T 27 -2.29 -95.60 2.33
CA LEU T 27 -3.51 -95.06 1.74
C LEU T 27 -4.09 -93.95 2.59
N VAL T 28 -4.07 -94.12 3.92
CA VAL T 28 -4.60 -93.08 4.81
C VAL T 28 -3.80 -91.80 4.67
N ALA T 29 -2.47 -91.92 4.63
CA ALA T 29 -1.63 -90.74 4.42
C ALA T 29 -1.87 -90.14 3.04
N ALA T 30 -2.11 -90.98 2.03
CA ALA T 30 -2.37 -90.47 0.69
C ALA T 30 -3.64 -89.62 0.65
N ILE T 31 -4.69 -90.08 1.35
CA ILE T 31 -5.91 -89.29 1.44
C ILE T 31 -5.64 -87.97 2.16
N ALA T 32 -4.87 -88.04 3.26
CA ALA T 32 -4.52 -86.83 3.99
C ALA T 32 -3.68 -85.90 3.13
N ALA T 33 -2.76 -86.46 2.35
CA ALA T 33 -1.96 -85.65 1.43
C ALA T 33 -2.84 -85.01 0.36
N GLY T 34 -3.80 -85.77 -0.16
CA GLY T 34 -4.65 -85.29 -1.23
C GLY T 34 -5.51 -84.10 -0.86
N VAL T 35 -6.12 -84.14 0.32
CA VAL T 35 -7.03 -83.06 0.72
C VAL T 35 -6.25 -81.78 0.95
N LEU T 36 -5.06 -81.88 1.54
CA LEU T 36 -4.25 -80.69 1.80
C LEU T 36 -3.86 -79.98 0.52
N ILE T 37 -3.41 -80.75 -0.48
CA ILE T 37 -2.94 -80.15 -1.73
C ILE T 37 -4.10 -79.51 -2.48
N ASN T 38 -5.22 -80.23 -2.59
CA ASN T 38 -6.37 -79.71 -3.32
C ASN T 38 -6.96 -78.48 -2.63
N THR T 39 -7.01 -78.49 -1.29
CA THR T 39 -7.49 -77.33 -0.57
C THR T 39 -6.60 -76.13 -0.80
N ALA T 40 -5.28 -76.33 -0.78
CA ALA T 40 -4.36 -75.25 -1.10
C ALA T 40 -4.53 -74.79 -2.54
N GLY T 41 -4.76 -75.73 -3.46
CA GLY T 41 -4.99 -75.36 -4.84
C GLY T 41 -6.21 -74.49 -5.01
N TYR T 42 -7.30 -74.83 -4.30
CA TYR T 42 -8.50 -74.00 -4.34
C TYR T 42 -8.22 -72.62 -3.75
N LEU T 43 -7.52 -72.57 -2.62
CA LEU T 43 -7.25 -71.29 -1.98
C LEU T 43 -6.30 -70.44 -2.79
N GLN T 44 -5.39 -71.07 -3.54
CA GLN T 44 -4.48 -70.33 -4.40
C GLN T 44 -5.25 -69.55 -5.46
N SER T 45 -6.26 -70.17 -6.06
CA SER T 45 -7.06 -69.49 -7.08
C SER T 45 -7.89 -68.37 -6.46
N LYS T 46 -8.42 -68.61 -5.26
CA LYS T 46 -9.14 -67.55 -4.55
C LYS T 46 -8.23 -66.39 -4.22
N GLY T 47 -7.03 -66.69 -3.72
CA GLY T 47 -6.09 -65.64 -3.37
C GLY T 47 -5.57 -64.89 -4.58
N SER T 48 -5.27 -65.61 -5.66
CA SER T 48 -4.75 -64.97 -6.86
C SER T 48 -5.79 -64.01 -7.45
N ALA T 49 -7.04 -64.46 -7.52
CA ALA T 49 -8.10 -63.59 -8.04
C ALA T 49 -8.34 -62.40 -7.12
N THR T 50 -8.28 -62.63 -5.80
CA THR T 50 -8.58 -61.58 -4.84
C THR T 50 -7.63 -60.40 -5.01
N GLY T 51 -6.34 -60.67 -5.20
CA GLY T 51 -5.39 -59.61 -5.40
C GLY T 51 -5.66 -58.81 -6.66
N GLU T 52 -6.09 -59.48 -7.72
CA GLU T 52 -6.35 -58.81 -8.98
C GLU T 52 -7.53 -57.86 -8.89
N GLU T 53 -8.63 -58.32 -8.30
CA GLU T 53 -9.81 -57.46 -8.19
C GLU T 53 -9.56 -56.27 -7.28
N ALA T 54 -8.96 -56.53 -6.10
CA ALA T 54 -8.75 -55.44 -5.14
C ALA T 54 -7.76 -54.41 -5.68
N SER T 55 -6.70 -54.86 -6.35
CA SER T 55 -5.79 -53.93 -6.98
C SER T 55 -6.49 -53.15 -8.08
N ALA T 56 -7.35 -53.81 -8.85
CA ALA T 56 -8.16 -53.11 -9.84
C ALA T 56 -9.22 -52.24 -9.18
N GLN T 57 -9.70 -52.63 -8.00
CA GLN T 57 -10.70 -51.82 -7.30
C GLN T 57 -10.14 -50.46 -6.93
N VAL T 58 -8.87 -50.42 -6.53
CA VAL T 58 -8.26 -49.16 -6.09
C VAL T 58 -7.74 -48.36 -7.29
N SER T 59 -7.05 -49.04 -8.22
CA SER T 59 -6.34 -48.34 -9.29
C SER T 59 -7.23 -48.02 -10.48
N ASN T 60 -8.02 -48.99 -10.93
CA ASN T 60 -8.87 -48.78 -12.10
C ASN T 60 -9.95 -47.79 -11.70
N ARG T 61 -9.80 -46.53 -12.09
CA ARG T 61 -10.67 -45.45 -11.65
C ARG T 61 -10.81 -44.45 -12.78
N ILE T 62 -11.89 -43.67 -12.73
CA ILE T 62 -12.19 -42.68 -13.76
C ILE T 62 -11.99 -41.29 -13.18
N ASN T 63 -11.27 -40.45 -13.92
CA ASN T 63 -11.09 -39.05 -13.58
C ASN T 63 -11.85 -38.20 -14.58
N ILE T 64 -12.50 -37.14 -14.08
CA ILE T 64 -13.36 -36.30 -14.90
C ILE T 64 -12.59 -35.03 -15.23
N VAL T 65 -12.26 -34.84 -16.50
CA VAL T 65 -11.48 -33.69 -16.91
C VAL T 65 -12.30 -32.41 -16.79
N SER T 66 -13.51 -32.41 -17.36
CA SER T 66 -14.35 -31.22 -17.35
C SER T 66 -15.78 -31.63 -17.63
N ALA T 67 -16.71 -30.75 -17.25
CA ALA T 67 -18.14 -30.97 -17.44
C ALA T 67 -18.77 -29.70 -17.98
N TYR T 68 -19.58 -29.85 -19.03
CA TYR T 68 -20.29 -28.72 -19.62
C TYR T 68 -21.62 -29.21 -20.20
N GLY T 69 -22.52 -28.26 -20.46
CA GLY T 69 -23.83 -28.60 -20.98
C GLY T 69 -24.43 -27.54 -21.87
N ASN T 70 -25.12 -27.98 -22.92
CA ASN T 70 -25.76 -27.05 -23.84
C ASN T 70 -26.92 -26.34 -23.15
N VAL T 71 -27.15 -25.10 -23.56
CA VAL T 71 -28.23 -24.31 -22.98
C VAL T 71 -29.28 -23.94 -24.05
N UNK T 72 -30.51 -24.37 -23.81
CA UNK T 72 -31.62 -24.03 -24.70
C UNK T 72 -32.64 -23.18 -23.96
N UNK T 73 -33.24 -22.22 -24.68
CA UNK T 73 -34.20 -21.29 -24.09
C UNK T 73 -33.60 -20.55 -22.90
N UNK T 74 -33.59 -21.20 -21.75
CA UNK T 74 -33.02 -20.62 -20.54
C UNK T 74 -32.66 -21.70 -19.52
N UNK T 75 -32.55 -22.93 -20.00
CA UNK T 75 -32.24 -24.06 -19.12
C UNK T 75 -31.12 -24.92 -19.70
N VAL T 76 -30.68 -25.91 -18.93
CA VAL T 76 -29.60 -26.79 -19.35
C VAL T 76 -30.14 -28.18 -19.64
N ASP T 77 -30.36 -28.47 -20.93
CA ASP T 77 -31.00 -29.72 -21.31
C ASP T 77 -30.03 -30.90 -21.19
N TYR T 78 -28.78 -30.71 -21.58
CA TYR T 78 -27.78 -31.77 -21.56
C TYR T 78 -26.72 -31.48 -20.51
N VAL T 79 -26.14 -32.55 -19.96
CA VAL T 79 -25.01 -32.47 -19.06
C VAL T 79 -23.95 -33.41 -19.60
N ASN T 80 -22.96 -32.88 -20.31
CA ASN T 80 -21.94 -33.68 -20.95
C ASN T 80 -20.67 -33.68 -20.09
N LEU T 81 -20.14 -34.87 -19.85
CA LEU T 81 -18.95 -35.06 -19.03
C LEU T 81 -17.83 -35.61 -19.90
N THR T 82 -16.60 -35.18 -19.63
CA THR T 82 -15.43 -35.73 -20.30
C THR T 82 -14.63 -36.53 -19.27
N VAL T 83 -14.33 -37.79 -19.60
CA VAL T 83 -13.70 -38.69 -18.65
C VAL T 83 -12.44 -39.28 -19.26
N ARG T 84 -11.55 -39.75 -18.39
CA ARG T 84 -10.29 -40.36 -18.78
C ARG T 84 -9.84 -41.31 -17.68
N GLN T 85 -8.89 -42.18 -18.01
CA GLN T 85 -8.35 -43.09 -17.01
C GLN T 85 -7.62 -42.33 -15.92
N ALA T 86 -7.63 -42.90 -14.72
CA ALA T 86 -6.87 -42.35 -13.60
C ALA T 86 -5.41 -42.76 -13.74
N ALA T 87 -4.62 -42.54 -12.69
CA ALA T 87 -3.21 -42.88 -12.73
C ALA T 87 -3.04 -44.40 -12.71
N GLY T 88 -2.41 -44.92 -13.76
CA GLY T 88 -2.13 -46.35 -13.84
C GLY T 88 -3.38 -47.21 -13.89
N ALA T 89 -4.39 -46.79 -14.63
CA ALA T 89 -5.62 -47.54 -14.77
C ALA T 89 -5.55 -48.46 -15.98
N ASP T 90 -6.23 -49.60 -15.88
CA ASP T 90 -6.33 -50.55 -16.97
C ASP T 90 -7.51 -50.17 -17.87
N ASN T 91 -7.87 -51.09 -18.77
CA ASN T 91 -9.01 -50.87 -19.65
C ASN T 91 -10.28 -50.63 -18.83
N ILE T 92 -11.02 -49.59 -19.20
CA ILE T 92 -12.22 -49.18 -18.47
C ILE T 92 -13.37 -49.27 -19.47
N ASN T 93 -14.13 -50.36 -19.42
CA ASN T 93 -15.31 -50.47 -20.26
C ASN T 93 -16.41 -49.58 -19.69
N LEU T 94 -16.77 -48.55 -20.43
CA LEU T 94 -17.73 -47.57 -19.95
C LEU T 94 -19.17 -48.02 -20.19
N UNK T 95 -19.33 -49.28 -20.57
CA UNK T 95 -20.67 -49.85 -20.77
C UNK T 95 -21.13 -50.57 -19.50
N LYS T 96 -20.20 -51.24 -18.84
CA LYS T 96 -20.51 -51.97 -17.61
C LYS T 96 -20.47 -51.03 -16.42
N SER T 97 -20.16 -49.77 -16.67
CA SER T 97 -20.10 -48.75 -15.63
C SER T 97 -21.50 -48.23 -15.33
N THR T 98 -21.62 -47.56 -14.19
CA THR T 98 -22.89 -47.01 -13.74
C THR T 98 -22.68 -45.62 -13.17
N ILE T 99 -23.72 -44.79 -13.25
CA ILE T 99 -23.66 -43.42 -12.79
C ILE T 99 -24.87 -43.14 -11.90
N GLN T 100 -24.61 -42.50 -10.76
CA GLN T 100 -25.66 -42.12 -9.83
C GLN T 100 -25.96 -40.64 -9.96
N TRP T 101 -27.26 -40.32 -10.05
CA TRP T 101 -27.74 -38.95 -10.19
C TRP T 101 -28.61 -38.62 -8.97
N ILE T 102 -28.00 -37.94 -8.00
CA ILE T 102 -28.78 -37.34 -6.92
C ILE T 102 -28.98 -35.87 -7.24
N GLY T 103 -30.05 -35.56 -7.97
CA GLY T 103 -30.31 -34.21 -8.40
C GLY T 103 -31.25 -33.47 -7.48
N PRO T 104 -31.70 -32.29 -7.91
CA PRO T 104 -32.67 -31.53 -7.08
C PRO T 104 -34.01 -32.22 -6.97
N ASP T 105 -34.36 -33.06 -7.94
CA ASP T 105 -35.66 -33.73 -7.94
C ASP T 105 -35.52 -35.24 -7.77
N UNK T 106 -35.01 -35.89 -8.81
CA UNK T 106 -34.91 -37.35 -8.80
C UNK T 106 -33.64 -37.84 -8.10
N ALA T 107 -33.51 -39.15 -7.99
CA ALA T 107 -32.36 -39.78 -7.36
C ALA T 107 -32.20 -41.20 -7.86
N THR T 108 -31.77 -41.34 -9.11
CA THR T 108 -31.72 -42.62 -9.79
C THR T 108 -30.28 -43.04 -10.07
N THR T 109 -30.14 -44.16 -10.78
CA THR T 109 -28.84 -44.72 -11.13
C THR T 109 -28.86 -45.05 -12.62
N LEU T 110 -28.18 -44.22 -13.41
CA LEU T 110 -28.23 -44.36 -14.86
C LEU T 110 -27.38 -45.53 -15.33
N THR T 111 -27.68 -46.03 -16.53
CA THR T 111 -26.94 -47.11 -17.17
C THR T 111 -26.83 -46.83 -18.66
N TYR T 112 -25.87 -47.49 -19.31
CA TYR T 112 -25.59 -47.26 -20.73
C TYR T 112 -26.79 -47.59 -21.61
N UNK T 113 -27.13 -46.66 -22.50
CA UNK T 113 -28.14 -46.90 -23.53
C UNK T 113 -27.47 -47.22 -24.86
N UNK T 114 -27.80 -46.44 -25.89
CA UNK T 114 -27.22 -46.66 -27.21
C UNK T 114 -27.33 -45.41 -28.09
N UNK T 115 -28.55 -44.90 -28.23
CA UNK T 115 -28.80 -43.75 -29.10
C UNK T 115 -29.02 -42.47 -28.31
N UNK T 116 -28.75 -41.33 -28.93
CA UNK T 116 -28.90 -40.03 -28.28
C UNK T 116 -30.29 -39.46 -28.53
N UNK T 117 -30.73 -38.60 -27.61
CA UNK T 117 -32.05 -37.97 -27.69
C UNK T 117 -33.16 -39.00 -27.80
N UNK T 120 -32.25 -39.35 -23.71
CA UNK T 120 -31.74 -40.67 -23.37
C UNK T 120 -32.52 -41.25 -22.20
N UNK T 121 -33.68 -40.68 -21.92
CA UNK T 121 -34.56 -41.14 -20.85
C UNK T 121 -33.86 -41.17 -19.49
N GLU T 122 -33.63 -42.37 -18.98
CA GLU T 122 -32.98 -42.55 -17.69
C GLU T 122 -31.67 -43.31 -17.89
N ASN T 123 -30.91 -42.89 -18.90
CA ASN T 123 -29.71 -43.58 -19.32
C ASN T 123 -28.67 -42.57 -19.76
N PHE T 124 -27.43 -43.03 -19.91
CA PHE T 124 -26.34 -42.19 -20.39
C PHE T 124 -25.69 -42.83 -21.60
N THR T 125 -25.16 -41.99 -22.48
CA THR T 125 -24.49 -42.43 -23.70
C THR T 125 -23.06 -41.95 -23.68
N THR T 126 -22.19 -42.64 -24.41
CA THR T 126 -20.78 -42.30 -24.45
C THR T 126 -20.29 -42.07 -25.87
N UNK T 127 -20.10 -40.80 -26.24
CA UNK T 127 -19.55 -40.46 -27.54
C UNK T 127 -18.03 -40.30 -27.44
N SER T 128 -17.33 -40.68 -28.50
CA SER T 128 -15.87 -40.65 -28.50
C SER T 128 -15.32 -39.26 -28.83
N ILE T 129 -14.49 -38.73 -27.95
CA ILE T 129 -13.83 -37.46 -28.20
C ILE T 129 -12.49 -37.66 -28.89
N LYS T 130 -11.69 -38.61 -28.38
CA LYS T 130 -10.37 -38.87 -28.94
C LYS T 130 -10.00 -40.32 -28.63
N GLY T 131 -9.67 -41.08 -29.67
CA GLY T 131 -9.27 -42.46 -29.49
C GLY T 131 -9.95 -43.44 -30.43
N UNK T 132 -9.57 -44.70 -30.34
CA UNK T 132 -10.12 -45.74 -31.20
C UNK T 132 -11.54 -46.12 -30.77
N UNK T 133 -11.64 -46.83 -29.64
CA UNK T 133 -12.94 -47.28 -29.14
C UNK T 133 -13.79 -46.10 -28.68
N UNK T 134 -15.10 -46.29 -28.67
CA UNK T 134 -16.03 -45.23 -28.28
C UNK T 134 -16.74 -45.59 -26.97
N UNK T 135 -16.36 -46.70 -26.36
CA UNK T 135 -16.99 -47.15 -25.13
C UNK T 135 -15.96 -47.66 -24.14
N VAL T 136 -14.70 -47.73 -24.56
CA VAL T 136 -13.63 -48.23 -23.69
C VAL T 136 -12.46 -47.26 -23.65
N LEU T 137 -11.93 -47.03 -22.45
CA LEU T 137 -10.73 -46.22 -22.27
C LEU T 137 -9.52 -47.14 -22.31
N VAL T 138 -8.83 -47.14 -23.45
CA VAL T 138 -7.73 -48.08 -23.65
C VAL T 138 -6.44 -47.52 -23.07
N ASP T 139 -6.03 -46.33 -23.51
CA ASP T 139 -4.79 -45.71 -23.08
C ASP T 139 -5.07 -44.43 -22.31
N GLN T 140 -3.99 -43.79 -21.85
CA GLN T 140 -4.13 -42.56 -21.08
C GLN T 140 -4.61 -41.41 -21.95
N SER T 141 -4.42 -41.52 -23.27
CA SER T 141 -4.73 -40.39 -24.15
C SER T 141 -6.21 -40.33 -24.51
N ASP T 142 -6.90 -41.48 -24.50
CA ASP T 142 -8.29 -41.51 -24.94
C ASP T 142 -9.18 -40.70 -24.00
N ARG T 143 -10.09 -39.94 -24.59
CA ARG T 143 -11.10 -39.18 -23.87
C ARG T 143 -12.45 -39.51 -24.46
N ILE T 144 -13.40 -39.87 -23.60
CA ILE T 144 -14.75 -40.23 -24.02
C ILE T 144 -15.74 -39.32 -23.32
N LYS T 145 -16.64 -38.72 -24.10
CA LYS T 145 -17.64 -37.80 -23.58
C LYS T 145 -18.87 -38.58 -23.14
N VAL T 146 -19.36 -38.28 -21.94
CA VAL T 146 -20.52 -38.96 -21.38
C VAL T 146 -21.75 -38.11 -21.68
N ILE T 147 -22.72 -38.70 -22.37
CA ILE T 147 -23.92 -37.97 -22.77
C ILE T 147 -25.03 -38.25 -21.77
N MET T 148 -25.66 -37.18 -21.29
CA MET T 148 -26.67 -37.30 -20.24
C MET T 148 -27.75 -36.25 -20.48
N TYR T 149 -29.00 -36.71 -20.53
CA TYR T 149 -30.15 -35.85 -20.83
C TYR T 149 -30.75 -35.41 -19.50
N ALA T 150 -30.57 -34.13 -19.18
CA ALA T 150 -31.07 -33.60 -17.92
C ALA T 150 -32.59 -33.44 -17.95
N UNK T 151 -33.14 -33.24 -19.15
CA UNK T 151 -34.58 -33.08 -19.30
C UNK T 151 -35.24 -34.43 -19.61
N UNK T 152 -34.78 -35.47 -18.91
CA UNK T 152 -35.33 -36.81 -19.09
C UNK T 152 -35.05 -37.66 -17.86
N VAL T 153 -34.05 -37.24 -17.08
CA VAL T 153 -33.72 -37.92 -15.83
C VAL T 153 -34.42 -37.21 -14.68
N UNK T 154 -34.82 -35.97 -14.92
CA UNK T 154 -35.50 -35.18 -13.91
C UNK T 154 -36.24 -34.03 -14.57
N UNK T 155 -35.53 -32.92 -14.77
CA UNK T 155 -36.10 -31.75 -15.43
C UNK T 155 -34.98 -30.89 -16.00
N UNK T 156 -35.33 -29.98 -16.90
CA UNK T 156 -34.34 -29.07 -17.47
C UNK T 156 -33.70 -28.24 -16.37
N LEU T 157 -32.41 -28.48 -16.13
CA LEU T 157 -31.68 -27.86 -15.03
C LEU T 157 -31.75 -26.34 -15.08
N UNK T 158 -32.45 -25.75 -14.11
CA UNK T 158 -32.59 -24.31 -14.04
C UNK T 158 -31.37 -23.69 -13.38
N UNK T 159 -31.43 -22.38 -13.12
CA UNK T 159 -30.31 -21.65 -12.54
C UNK T 159 -30.03 -22.07 -11.10
N GLY T 160 -28.75 -22.20 -10.77
CA GLY T 160 -28.34 -22.52 -9.41
C GLY T 160 -28.61 -23.95 -8.99
N UNK T 161 -28.96 -24.80 -9.97
CA UNK T 161 -29.26 -26.20 -9.68
C UNK T 161 -28.01 -26.96 -9.27
N GLU T 162 -28.17 -27.96 -8.41
CA GLU T 162 -27.05 -28.75 -7.94
C GLU T 162 -27.31 -30.24 -8.16
N VAL T 163 -26.42 -30.89 -8.88
CA VAL T 163 -26.52 -32.32 -9.17
C VAL T 163 -25.22 -32.99 -8.78
N GLN T 164 -25.31 -34.08 -8.03
CA GLN T 164 -24.15 -34.80 -7.53
C GLN T 164 -24.06 -36.13 -8.27
N LEU T 165 -22.90 -36.39 -8.86
CA LEU T 165 -22.70 -37.60 -9.64
C LEU T 165 -21.55 -38.43 -9.08
N THR T 166 -21.76 -39.74 -9.00
CA THR T 166 -20.73 -40.68 -8.54
C THR T 166 -20.53 -41.72 -9.65
N VAL T 167 -19.65 -41.40 -10.61
CA VAL T 167 -19.37 -42.34 -11.68
C VAL T 167 -18.61 -43.53 -11.12
N THR T 168 -19.27 -44.68 -11.05
CA THR T 168 -18.70 -45.88 -10.45
C THR T 168 -18.38 -46.88 -11.54
N THR T 169 -17.11 -47.27 -11.64
CA THR T 169 -16.68 -48.26 -12.61
C THR T 169 -17.19 -49.64 -12.21
N GLN T 170 -16.96 -50.62 -13.09
CA GLN T 170 -17.45 -51.97 -12.83
C GLN T 170 -16.84 -52.55 -11.56
N TYR T 171 -15.54 -52.33 -11.36
CA TYR T 171 -14.87 -52.96 -10.23
C TYR T 171 -15.22 -52.31 -8.90
N GLY T 172 -15.71 -51.07 -8.92
CA GLY T 172 -16.21 -50.47 -7.71
C GLY T 172 -15.68 -49.09 -7.38
N SER T 173 -14.62 -48.67 -8.06
CA SER T 173 -14.04 -47.36 -7.80
C SER T 173 -15.05 -46.26 -8.11
N LYS T 174 -15.18 -45.32 -7.18
CA LYS T 174 -16.19 -44.26 -7.27
C LYS T 174 -15.49 -42.92 -7.46
N THR T 175 -15.95 -42.14 -8.42
CA THR T 175 -15.48 -40.78 -8.63
C THR T 175 -16.65 -39.82 -8.45
N THR T 176 -16.51 -38.88 -7.54
CA THR T 176 -17.57 -37.94 -7.21
C THR T 176 -17.28 -36.60 -7.88
N TYR T 177 -18.30 -36.02 -8.48
CA TYR T 177 -18.18 -34.71 -9.11
C TYR T 177 -19.49 -33.96 -8.88
N TRP T 178 -19.41 -32.84 -8.17
CA TRP T 178 -20.59 -32.02 -7.88
C TRP T 178 -20.74 -30.99 -8.99
N ALA T 179 -21.58 -31.30 -9.97
CA ALA T 179 -21.81 -30.36 -11.06
C ALA T 179 -22.54 -29.14 -10.56
N GLN T 180 -22.08 -27.96 -10.97
CA GLN T 180 -22.61 -26.69 -10.49
C GLN T 180 -23.10 -25.90 -11.70
N VAL T 181 -24.41 -25.85 -11.90
CA VAL T 181 -24.95 -25.04 -12.98
C VAL T 181 -24.60 -23.58 -12.73
N PRO T 182 -24.19 -22.81 -13.73
CA PRO T 182 -23.83 -21.41 -13.48
C PRO T 182 -24.98 -20.65 -12.85
N GLU T 183 -24.66 -19.71 -11.96
CA GLU T 183 -25.68 -19.07 -11.14
C GLU T 183 -26.72 -18.34 -11.98
N SER T 184 -26.30 -17.64 -13.04
CA SER T 184 -27.23 -16.99 -13.96
C SER T 184 -26.91 -17.43 -15.38
N LEU T 185 -27.95 -17.75 -16.15
CA LEU T 185 -27.81 -18.24 -17.50
C LEU T 185 -28.19 -17.20 -18.55
N LYS T 186 -28.03 -15.92 -18.22
CA LYS T 186 -28.43 -14.86 -19.13
C LYS T 186 -27.49 -14.81 -20.34
N ASP T 187 -28.03 -15.13 -21.51
CA ASP T 187 -27.32 -15.06 -22.79
C ASP T 187 -26.03 -15.89 -22.75
N LYS T 188 -26.21 -17.19 -22.55
CA LYS T 188 -25.11 -18.16 -22.59
C LYS T 188 -25.58 -19.34 -23.44
N ASN T 189 -25.04 -19.46 -24.65
CA ASN T 189 -25.41 -20.58 -25.52
C ASN T 189 -24.96 -21.90 -24.92
N ALA T 190 -23.76 -21.92 -24.34
CA ALA T 190 -23.25 -23.11 -23.66
C ALA T 190 -22.49 -22.65 -22.42
N VAL T 191 -22.48 -23.50 -21.39
CA VAL T 191 -21.88 -23.13 -20.12
C VAL T 191 -20.89 -24.16 -19.63
N UNK T 192 -20.13 -23.81 -18.59
CA UNK T 192 -19.18 -24.73 -17.99
C UNK T 192 -19.68 -25.16 -16.61
N LEU T 193 -20.29 -26.34 -16.55
CA LEU T 193 -20.87 -26.83 -15.31
C LEU T 193 -19.79 -27.16 -14.28
N GLN U 13 4.27 -104.26 19.21
CA GLN U 13 5.25 -103.65 18.33
C GLN U 13 4.75 -102.30 17.82
N VAL U 14 3.43 -102.20 17.62
CA VAL U 14 2.86 -100.93 17.19
C VAL U 14 3.05 -99.85 18.25
N GLY U 15 2.84 -100.21 19.51
CA GLY U 15 3.03 -99.27 20.60
C GLY U 15 4.47 -98.82 20.75
N ILE U 16 5.40 -99.78 20.67
CA ILE U 16 6.82 -99.45 20.84
C ILE U 16 7.28 -98.51 19.74
N GLY U 17 6.88 -98.79 18.50
CA GLY U 17 7.26 -97.93 17.40
C GLY U 17 6.72 -96.52 17.55
N THR U 18 5.52 -96.40 18.13
CA THR U 18 4.91 -95.08 18.31
C THR U 18 5.74 -94.21 19.22
N LEU U 19 6.29 -94.79 20.29
CA LEU U 19 7.08 -94.00 21.24
C LEU U 19 8.34 -93.44 20.59
N ILE U 20 9.01 -94.23 19.76
CA ILE U 20 10.25 -93.76 19.14
C ILE U 20 9.96 -92.61 18.19
N VAL U 21 8.93 -92.75 17.35
CA VAL U 21 8.55 -91.65 16.48
C VAL U 21 7.94 -90.51 17.29
N PHE U 22 7.42 -90.81 18.48
CA PHE U 22 6.94 -89.75 19.36
C PHE U 22 8.07 -88.83 19.77
N ILE U 23 9.22 -89.40 20.15
CA ILE U 23 10.36 -88.59 20.55
C ILE U 23 10.83 -87.72 19.38
N ALA U 24 10.78 -88.26 18.17
CA ALA U 24 11.30 -87.55 17.01
C ALA U 24 10.57 -86.22 16.81
N MET U 25 9.24 -86.23 16.93
CA MET U 25 8.47 -85.03 16.64
C MET U 25 8.68 -83.96 17.69
N VAL U 26 9.03 -84.36 18.91
CA VAL U 26 9.33 -83.37 19.95
C VAL U 26 10.59 -82.58 19.57
N LEU U 27 11.66 -83.29 19.23
CA LEU U 27 12.88 -82.60 18.80
C LEU U 27 12.67 -81.86 17.50
N VAL U 28 11.99 -82.46 16.53
CA VAL U 28 11.79 -81.80 15.24
C VAL U 28 11.03 -80.50 15.41
N ALA U 29 9.99 -80.50 16.26
CA ALA U 29 9.31 -79.27 16.58
C ALA U 29 10.23 -78.30 17.32
N ALA U 30 11.07 -78.83 18.23
CA ALA U 30 11.96 -77.98 18.99
C ALA U 30 12.95 -77.25 18.10
N ILE U 31 13.52 -77.96 17.12
CA ILE U 31 14.39 -77.30 16.14
C ILE U 31 13.60 -76.26 15.35
N ALA U 32 12.39 -76.63 14.95
CA ALA U 32 11.50 -75.67 14.30
C ALA U 32 11.12 -74.54 15.24
N ALA U 33 10.94 -74.86 16.52
CA ALA U 33 10.66 -73.82 17.51
C ALA U 33 11.85 -72.89 17.68
N GLY U 34 13.03 -73.47 17.84
CA GLY U 34 14.23 -72.68 18.12
C GLY U 34 14.63 -71.72 17.03
N VAL U 35 14.48 -72.12 15.77
CA VAL U 35 14.96 -71.30 14.65
C VAL U 35 14.17 -70.00 14.58
N LEU U 36 12.84 -70.09 14.75
CA LEU U 36 11.99 -68.91 14.57
C LEU U 36 12.35 -67.81 15.57
N ILE U 37 12.59 -68.17 16.83
CA ILE U 37 12.88 -67.17 17.84
C ILE U 37 14.22 -66.49 17.56
N ASN U 38 15.24 -67.27 17.21
CA ASN U 38 16.57 -66.70 17.01
C ASN U 38 16.60 -65.75 15.82
N THR U 39 15.93 -66.11 14.73
CA THR U 39 15.86 -65.22 13.57
C THR U 39 15.17 -63.90 13.94
N ALA U 40 14.18 -63.97 14.82
CA ALA U 40 13.59 -62.75 15.34
C ALA U 40 14.59 -61.96 16.17
N GLY U 41 15.50 -62.66 16.85
CA GLY U 41 16.50 -62.02 17.69
C GLY U 41 17.41 -61.08 16.93
N TYR U 42 17.94 -61.53 15.78
CA TYR U 42 18.73 -60.63 14.95
C TYR U 42 17.87 -59.51 14.43
N LEU U 43 16.65 -59.83 13.99
CA LEU U 43 15.79 -58.82 13.38
C LEU U 43 15.39 -57.75 14.39
N GLN U 44 15.11 -58.15 15.62
CA GLN U 44 14.72 -57.17 16.63
C GLN U 44 15.88 -56.27 17.00
N SER U 45 17.11 -56.80 16.99
CA SER U 45 18.27 -55.95 17.20
C SER U 45 18.53 -55.08 15.98
N LYS U 46 18.43 -55.64 14.78
CA LYS U 46 18.62 -54.86 13.57
C LYS U 46 17.55 -53.79 13.44
N GLY U 47 16.29 -54.15 13.70
CA GLY U 47 15.21 -53.20 13.56
C GLY U 47 15.31 -52.04 14.54
N SER U 48 15.77 -52.31 15.75
CA SER U 48 15.91 -51.26 16.76
C SER U 48 16.94 -50.22 16.33
N ALA U 49 18.05 -50.67 15.75
CA ALA U 49 19.15 -49.77 15.42
C ALA U 49 18.73 -48.75 14.37
N THR U 50 17.97 -49.18 13.37
CA THR U 50 17.60 -48.28 12.27
C THR U 50 16.77 -47.10 12.78
N GLY U 51 15.83 -47.38 13.68
CA GLY U 51 14.99 -46.30 14.20
C GLY U 51 15.81 -45.25 14.94
N GLU U 52 16.84 -45.70 15.66
CA GLU U 52 17.71 -44.76 16.37
C GLU U 52 18.46 -43.86 15.40
N GLU U 53 19.03 -44.44 14.35
CA GLU U 53 19.82 -43.66 13.41
C GLU U 53 18.94 -42.82 12.51
N ALA U 54 17.82 -43.38 12.05
CA ALA U 54 16.95 -42.66 11.13
C ALA U 54 16.41 -41.39 11.78
N SER U 55 15.99 -41.47 13.03
CA SER U 55 15.59 -40.28 13.76
C SER U 55 16.77 -39.34 13.94
N ALA U 56 17.95 -39.89 14.24
CA ALA U 56 19.14 -39.06 14.39
C ALA U 56 19.53 -38.41 13.06
N GLN U 57 19.37 -39.15 11.96
CA GLN U 57 19.74 -38.61 10.65
C GLN U 57 18.89 -37.38 10.30
N VAL U 58 17.61 -37.41 10.67
CA VAL U 58 16.71 -36.32 10.32
C VAL U 58 16.80 -35.16 11.30
N SER U 59 17.01 -35.43 12.59
CA SER U 59 16.90 -34.42 13.63
C SER U 59 18.24 -33.81 14.01
N ASN U 60 19.28 -34.62 14.17
CA ASN U 60 20.57 -34.11 14.63
C ASN U 60 21.26 -33.33 13.52
N ARG U 61 21.08 -32.01 13.51
CA ARG U 61 21.48 -31.16 12.40
C ARG U 61 22.08 -29.87 12.92
N ILE U 62 22.96 -29.27 12.12
CA ILE U 62 23.69 -28.06 12.48
C ILE U 62 23.06 -26.86 11.78
N ASN U 63 22.86 -25.78 12.53
CA ASN U 63 22.36 -24.53 12.00
C ASN U 63 23.43 -23.46 12.11
N ILE U 64 23.60 -22.68 11.05
CA ILE U 64 24.57 -21.59 11.02
C ILE U 64 23.88 -20.33 11.52
N VAL U 65 24.45 -19.72 12.58
CA VAL U 65 23.87 -18.50 13.12
C VAL U 65 24.22 -17.30 12.25
N SER U 66 25.51 -17.12 11.98
CA SER U 66 25.97 -15.98 11.19
C SER U 66 27.36 -16.28 10.66
N ALA U 67 27.80 -15.46 9.71
CA ALA U 67 29.12 -15.61 9.10
C ALA U 67 29.76 -14.26 8.91
N TYR U 68 31.08 -14.22 8.98
CA TYR U 68 31.83 -12.99 8.77
C TYR U 68 33.26 -13.36 8.38
N GLY U 69 34.05 -12.35 8.04
CA GLY U 69 35.41 -12.59 7.64
C GLY U 69 36.33 -11.38 7.75
N ASN U 70 37.56 -11.60 8.17
CA ASN U 70 38.53 -10.52 8.26
C ASN U 70 38.90 -10.03 6.86
N VAL U 71 39.18 -8.74 6.75
CA VAL U 71 39.54 -8.15 5.46
C VAL U 71 40.94 -7.55 5.50
N UNK U 72 41.87 -8.19 4.79
CA UNK U 72 43.22 -7.67 4.66
C UNK U 72 43.41 -7.10 3.25
N UNK U 73 44.12 -5.98 3.17
CA UNK U 73 44.33 -5.28 1.90
C UNK U 73 43.00 -4.94 1.23
N UNK U 74 42.46 -5.89 0.48
CA UNK U 74 41.18 -5.70 -0.19
C UNK U 74 40.55 -7.03 -0.58
N UNK U 75 40.79 -8.05 0.22
CA UNK U 75 40.23 -9.37 -0.05
C UNK U 75 39.98 -10.14 1.25
N VAL U 76 38.78 -10.71 1.37
CA VAL U 76 38.42 -11.50 2.54
C VAL U 76 39.26 -12.77 2.60
N ASP U 77 40.05 -12.91 3.65
CA ASP U 77 40.95 -14.06 3.77
C ASP U 77 40.41 -15.15 4.68
N TYR U 78 39.52 -14.81 5.61
CA TYR U 78 38.93 -15.78 6.52
C TYR U 78 37.43 -15.88 6.28
N VAL U 79 36.89 -17.07 6.48
CA VAL U 79 35.44 -17.28 6.45
C VAL U 79 35.04 -18.00 7.72
N ASN U 80 34.64 -17.24 8.75
CA ASN U 80 34.30 -17.83 10.03
C ASN U 80 32.79 -17.89 10.20
N LEU U 81 32.28 -19.10 10.45
CA LEU U 81 30.87 -19.31 10.74
C LEU U 81 30.69 -19.56 12.23
N THR U 82 29.55 -19.15 12.76
CA THR U 82 29.17 -19.46 14.13
C THR U 82 28.00 -20.42 14.10
N VAL U 83 28.24 -21.66 14.48
CA VAL U 83 27.25 -22.73 14.34
C VAL U 83 26.58 -22.99 15.68
N ARG U 84 25.38 -23.57 15.63
CA ARG U 84 24.61 -23.92 16.81
C ARG U 84 23.75 -25.13 16.49
N GLN U 85 23.30 -25.80 17.55
CA GLN U 85 22.43 -26.96 17.37
C GLN U 85 21.08 -26.53 16.79
N ALA U 86 20.46 -27.43 16.02
CA ALA U 86 19.15 -27.19 15.46
C ALA U 86 18.08 -27.58 16.48
N ALA U 87 16.83 -27.65 16.04
CA ALA U 87 15.73 -27.97 16.93
C ALA U 87 15.88 -29.39 17.47
N GLY U 88 16.12 -29.50 18.78
CA GLY U 88 16.20 -30.82 19.40
C GLY U 88 17.36 -31.65 18.92
N ALA U 89 18.55 -31.07 18.82
CA ALA U 89 19.74 -31.78 18.39
C ALA U 89 20.46 -32.38 19.60
N ASP U 90 20.89 -33.63 19.44
CA ASP U 90 21.65 -34.32 20.48
C ASP U 90 23.10 -33.87 20.30
N ASN U 91 24.05 -34.49 21.01
CA ASN U 91 25.46 -34.10 20.91
C ASN U 91 25.94 -34.12 19.47
N ILE U 92 26.63 -33.06 19.07
CA ILE U 92 27.14 -32.92 17.71
C ILE U 92 28.64 -32.68 17.82
N ASN U 93 29.43 -33.65 17.36
CA ASN U 93 30.88 -33.51 17.38
C ASN U 93 31.33 -32.92 16.05
N LEU U 94 31.86 -31.71 16.09
CA LEU U 94 32.29 -31.02 14.87
C LEU U 94 33.62 -31.54 14.34
N UNK U 95 34.23 -32.45 15.09
CA UNK U 95 35.49 -33.05 14.65
C UNK U 95 35.22 -34.24 13.74
N LYS U 96 33.94 -34.55 13.55
CA LYS U 96 33.54 -35.64 12.67
C LYS U 96 32.69 -35.13 11.52
N SER U 97 32.69 -33.82 11.32
CA SER U 97 31.88 -33.18 10.29
C SER U 97 32.77 -32.68 9.16
N THR U 98 32.19 -32.66 7.96
CA THR U 98 32.88 -32.21 6.77
C THR U 98 32.11 -31.05 6.15
N ILE U 99 32.84 -30.10 5.59
CA ILE U 99 32.27 -28.92 4.96
C ILE U 99 32.66 -28.92 3.48
N GLN U 100 31.66 -28.87 2.61
CA GLN U 100 31.89 -28.78 1.18
C GLN U 100 32.11 -27.33 0.78
N TRP U 101 33.17 -27.08 0.02
CA TRP U 101 33.51 -25.75 -0.45
C TRP U 101 33.46 -25.72 -1.96
N ILE U 102 32.30 -25.34 -2.50
CA ILE U 102 32.17 -25.11 -3.94
C ILE U 102 32.34 -23.62 -4.18
N GLY U 103 33.58 -23.20 -4.40
CA GLY U 103 33.90 -21.79 -4.55
C GLY U 103 34.06 -21.38 -5.98
N PRO U 104 34.43 -20.11 -6.21
CA PRO U 104 34.66 -19.65 -7.58
C PRO U 104 35.78 -20.41 -8.28
N ASP U 105 36.78 -20.86 -7.55
CA ASP U 105 37.90 -21.60 -8.13
C ASP U 105 37.86 -23.07 -7.75
N UNK U 106 38.34 -23.37 -6.55
CA UNK U 106 38.45 -24.75 -6.08
C UNK U 106 37.07 -25.33 -5.75
N ALA U 107 37.04 -26.64 -5.54
CA ALA U 107 35.83 -27.34 -5.16
C ALA U 107 36.18 -28.64 -4.43
N THR U 108 36.34 -28.54 -3.12
CA THR U 108 36.82 -29.67 -2.32
C THR U 108 35.93 -29.85 -1.10
N THR U 109 36.26 -30.84 -0.29
CA THR U 109 35.59 -31.12 0.97
C THR U 109 36.61 -30.97 2.09
N LEU U 110 36.23 -30.22 3.13
CA LEU U 110 37.17 -29.85 4.20
C LEU U 110 36.90 -30.70 5.44
N THR U 111 37.97 -31.25 6.01
CA THR U 111 37.89 -32.02 7.23
C THR U 111 38.49 -31.22 8.39
N TYR U 112 38.39 -31.76 9.59
CA TYR U 112 38.84 -31.05 10.78
C TYR U 112 40.35 -31.17 11.00
N UNK U 113 40.93 -30.09 11.52
CA UNK U 113 42.34 -30.08 11.91
C UNK U 113 42.52 -29.20 13.14
N UNK U 114 43.15 -29.74 14.17
CA UNK U 114 43.36 -28.99 15.40
C UNK U 114 44.40 -27.90 15.22
N UNK U 115 44.50 -27.01 16.21
CA UNK U 115 45.45 -25.91 16.20
C UNK U 115 45.30 -25.05 14.93
N UNK U 116 46.20 -25.27 13.98
CA UNK U 116 46.17 -24.58 12.70
C UNK U 116 46.22 -23.06 12.85
N UNK U 117 45.09 -22.47 13.24
CA UNK U 117 44.96 -21.02 13.40
C UNK U 117 45.27 -20.28 12.09
N UNK U 118 46.55 -20.19 11.75
CA UNK U 118 46.98 -19.53 10.53
C UNK U 118 47.36 -20.56 9.47
N UNK U 119 47.41 -21.83 9.87
CA UNK U 119 47.73 -22.92 8.95
C UNK U 119 46.49 -23.34 8.17
N UNK U 120 45.68 -24.20 8.77
CA UNK U 120 44.41 -24.65 8.21
C UNK U 120 44.54 -25.30 6.83
N UNK U 121 45.05 -24.54 5.86
CA UNK U 121 45.24 -25.02 4.49
C UNK U 121 43.93 -25.43 3.85
N GLU U 122 43.69 -26.74 3.76
CA GLU U 122 42.50 -27.25 3.09
C GLU U 122 41.63 -27.95 4.15
N ASN U 123 41.75 -27.48 5.39
CA ASN U 123 41.00 -28.02 6.51
C ASN U 123 40.24 -26.87 7.18
N PHE U 124 39.51 -27.20 8.25
CA PHE U 124 38.80 -26.21 9.04
C PHE U 124 39.06 -26.46 10.52
N THR U 125 39.08 -25.37 11.29
CA THR U 125 39.38 -25.41 12.71
C THR U 125 38.26 -24.76 13.49
N THR U 126 37.99 -25.28 14.68
CA THR U 126 36.93 -24.74 15.52
C THR U 126 37.47 -24.11 16.79
N UNK U 127 37.11 -22.85 17.02
CA UNK U 127 37.45 -22.14 18.24
C UNK U 127 36.16 -21.82 18.99
N SER U 128 36.14 -22.09 20.29
CA SER U 128 34.94 -21.93 21.10
C SER U 128 34.50 -20.48 21.22
N ILE U 129 33.20 -20.25 21.28
CA ILE U 129 32.63 -18.93 21.49
C ILE U 129 31.89 -18.85 22.81
N LYS U 130 31.03 -19.84 23.09
CA LYS U 130 30.32 -19.93 24.36
C LYS U 130 30.17 -21.39 24.72
N GLY U 131 30.74 -21.78 25.86
CA GLY U 131 30.65 -23.17 26.31
C GLY U 131 31.96 -23.71 26.87
N UNK U 132 31.95 -24.99 27.20
CA UNK U 132 33.13 -25.65 27.77
C UNK U 132 33.99 -26.29 26.68
N UNK U 133 33.43 -27.27 25.99
CA UNK U 133 34.15 -27.97 24.93
C UNK U 133 34.27 -27.10 23.69
N UNK U 134 35.42 -27.17 23.02
CA UNK U 134 35.66 -26.36 21.84
C UNK U 134 35.64 -27.20 20.56
N UNK U 135 34.78 -28.21 20.53
CA UNK U 135 34.68 -29.09 19.38
C UNK U 135 33.34 -29.82 19.37
N VAL U 136 32.71 -29.92 20.53
CA VAL U 136 31.44 -30.63 20.66
C VAL U 136 30.35 -29.69 21.15
N LEU U 137 29.23 -29.68 20.44
CA LEU U 137 28.07 -28.89 20.85
C LEU U 137 27.22 -29.72 21.80
N VAL U 138 27.19 -29.33 23.07
CA VAL U 138 26.49 -30.08 24.09
C VAL U 138 25.14 -29.45 24.43
N ASP U 139 25.16 -28.22 24.93
CA ASP U 139 23.94 -27.55 25.35
C ASP U 139 23.32 -26.79 24.17
N GLN U 140 22.04 -26.44 24.33
CA GLN U 140 21.34 -25.72 23.27
C GLN U 140 21.89 -24.30 23.12
N SER U 141 22.45 -23.75 24.18
CA SER U 141 23.04 -22.42 24.14
C SER U 141 24.47 -22.41 23.64
N ASP U 142 25.02 -23.58 23.32
CA ASP U 142 26.42 -23.67 22.91
C ASP U 142 26.63 -23.04 21.54
N ARG U 143 27.67 -22.23 21.42
CA ARG U 143 28.06 -21.63 20.14
C ARG U 143 29.52 -21.93 19.88
N ILE U 144 29.82 -22.42 18.69
CA ILE U 144 31.19 -22.73 18.27
C ILE U 144 31.44 -22.05 16.94
N LYS U 145 32.65 -21.50 16.79
CA LYS U 145 33.06 -20.82 15.57
C LYS U 145 34.00 -21.72 14.79
N VAL U 146 33.67 -21.97 13.53
CA VAL U 146 34.50 -22.79 12.65
C VAL U 146 35.34 -21.86 11.78
N ILE U 147 36.62 -22.14 11.68
CA ILE U 147 37.57 -21.26 11.01
C ILE U 147 37.99 -21.91 9.70
N MET U 148 37.93 -21.14 8.61
CA MET U 148 38.44 -21.58 7.32
C MET U 148 39.30 -20.48 6.73
N TYR U 149 40.49 -20.85 6.26
CA TYR U 149 41.43 -19.90 5.67
C TYR U 149 41.17 -19.84 4.17
N ALA U 150 40.39 -18.85 3.76
CA ALA U 150 40.02 -18.72 2.35
C ALA U 150 41.22 -18.45 1.47
N UNK U 151 42.30 -17.92 2.07
CA UNK U 151 43.53 -17.68 1.34
C UNK U 151 44.43 -18.91 1.40
N UNK U 152 43.81 -20.08 1.50
CA UNK U 152 44.55 -21.35 1.54
C UNK U 152 43.66 -22.47 1.04
N VAL U 153 42.37 -22.40 1.37
CA VAL U 153 41.40 -23.36 0.87
C VAL U 153 41.32 -23.20 -0.64
N UNK U 154 41.21 -21.97 -1.09
CA UNK U 154 41.23 -21.65 -2.51
C UNK U 154 42.13 -20.45 -2.73
N UNK U 155 41.55 -19.36 -3.23
CA UNK U 155 42.27 -18.10 -3.36
C UNK U 155 41.61 -17.07 -2.45
N UNK U 156 42.35 -16.02 -2.11
CA UNK U 156 41.82 -14.96 -1.25
C UNK U 156 40.55 -14.37 -1.87
N LEU U 157 39.43 -14.55 -1.18
CA LEU U 157 38.13 -14.14 -1.69
C LEU U 157 38.08 -12.65 -2.01
N UNK U 158 37.83 -12.33 -3.28
CA UNK U 158 37.69 -10.94 -3.71
C UNK U 158 36.23 -10.53 -3.64
N UNK U 159 35.98 -9.23 -3.79
CA UNK U 159 34.63 -8.72 -3.72
C UNK U 159 33.77 -9.24 -4.87
N GLY U 160 32.55 -9.64 -4.55
CA GLY U 160 31.62 -10.14 -5.55
C GLY U 160 31.61 -11.65 -5.65
N UNK U 161 32.68 -12.29 -5.17
CA UNK U 161 32.78 -13.74 -5.22
C UNK U 161 31.72 -14.40 -4.35
N GLU U 162 31.43 -15.65 -4.63
CA GLU U 162 30.39 -16.38 -3.91
C GLU U 162 30.83 -17.81 -3.62
N VAL U 163 30.63 -18.24 -2.37
CA VAL U 163 31.05 -19.56 -1.91
C VAL U 163 29.82 -20.30 -1.40
N GLN U 164 29.65 -21.54 -1.85
CA GLN U 164 28.56 -22.40 -1.41
C GLN U 164 29.13 -23.42 -0.44
N LEU U 165 28.71 -23.34 0.83
CA LEU U 165 29.22 -24.20 1.88
C LEU U 165 28.14 -25.18 2.32
N THR U 166 28.53 -26.44 2.51
CA THR U 166 27.60 -27.49 2.95
C THR U 166 28.22 -28.16 4.16
N VAL U 167 27.74 -27.80 5.35
CA VAL U 167 28.19 -28.44 6.57
C VAL U 167 27.40 -29.71 6.78
N THR U 168 28.09 -30.84 6.86
CA THR U 168 27.46 -32.15 6.94
C THR U 168 27.84 -32.80 8.26
N THR U 169 26.84 -33.07 9.09
CA THR U 169 27.08 -33.69 10.39
C THR U 169 27.42 -35.17 10.20
N GLN U 170 27.85 -35.80 11.30
CA GLN U 170 28.27 -37.20 11.23
C GLN U 170 27.12 -38.10 10.81
N TYR U 171 25.93 -37.88 11.37
CA TYR U 171 24.80 -38.75 11.09
C TYR U 171 24.36 -38.65 9.63
N GLY U 172 24.45 -37.45 9.05
CA GLY U 172 24.14 -37.30 7.65
C GLY U 172 23.38 -36.02 7.31
N SER U 173 22.93 -35.30 8.33
CA SER U 173 22.21 -34.06 8.10
C SER U 173 23.09 -33.04 7.42
N LYS U 174 22.54 -32.38 6.40
CA LYS U 174 23.28 -31.43 5.59
C LYS U 174 22.66 -30.04 5.73
N THR U 175 23.51 -29.05 5.97
CA THR U 175 23.10 -27.65 6.02
C THR U 175 23.93 -26.86 5.02
N THR U 176 23.26 -26.08 4.18
CA THR U 176 23.91 -25.35 3.10
C THR U 176 23.82 -23.86 3.36
N TYR U 177 24.95 -23.16 3.17
CA TYR U 177 25.01 -21.72 3.36
C TYR U 177 25.63 -21.09 2.13
N TRP U 178 24.93 -20.12 1.54
CA TRP U 178 25.42 -19.40 0.37
C TRP U 178 26.17 -18.16 0.86
N ALA U 179 27.49 -18.26 0.95
CA ALA U 179 28.30 -17.14 1.42
C ALA U 179 28.63 -16.23 0.25
N GLN U 180 28.13 -15.00 0.29
CA GLN U 180 28.34 -14.01 -0.75
C GLN U 180 29.13 -12.85 -0.18
N VAL U 181 30.32 -12.60 -0.74
CA VAL U 181 31.13 -11.46 -0.32
C VAL U 181 30.43 -10.18 -0.74
N PRO U 182 30.48 -9.10 0.04
CA PRO U 182 29.88 -7.84 -0.39
C PRO U 182 30.50 -7.35 -1.69
N GLU U 183 29.69 -6.64 -2.49
CA GLU U 183 30.15 -6.21 -3.81
C GLU U 183 31.31 -5.23 -3.70
N SER U 184 31.37 -4.44 -2.64
CA SER U 184 32.44 -3.47 -2.45
C SER U 184 33.15 -3.78 -1.13
N LEU U 185 34.49 -3.85 -1.19
CA LEU U 185 35.31 -4.16 -0.03
C LEU U 185 36.23 -3.02 0.36
N LYS U 186 35.90 -1.79 -0.02
CA LYS U 186 36.77 -0.66 0.26
C LYS U 186 36.52 -0.11 1.65
N ASP U 187 37.59 -0.02 2.44
CA ASP U 187 37.55 0.54 3.79
C ASP U 187 36.56 -0.21 4.68
N LYS U 188 36.77 -1.51 4.78
CA LYS U 188 36.01 -2.36 5.69
C LYS U 188 36.98 -3.29 6.39
N ASN U 189 37.10 -3.17 7.71
CA ASN U 189 38.01 -4.03 8.45
C ASN U 189 37.41 -5.42 8.63
N ALA U 190 36.08 -5.53 8.54
CA ALA U 190 35.40 -6.81 8.62
C ALA U 190 34.02 -6.69 8.00
N VAL U 191 33.62 -7.71 7.26
CA VAL U 191 32.32 -7.71 6.59
C VAL U 191 31.47 -8.87 7.07
N UNK U 192 30.20 -8.86 6.68
CA UNK U 192 29.28 -9.94 7.03
C UNK U 192 28.88 -10.73 5.79
N LEU U 193 29.48 -11.90 5.63
CA LEU U 193 29.22 -12.76 4.48
C LEU U 193 27.77 -13.22 4.45
N GLN V 13 6.45 -120.57 19.14
CA GLN V 13 6.77 -119.90 17.89
C GLN V 13 6.22 -118.47 17.88
N VAL V 14 5.08 -118.28 18.54
CA VAL V 14 4.46 -116.96 18.59
C VAL V 14 5.35 -115.98 19.34
N GLY V 15 5.91 -116.43 20.46
CA GLY V 15 6.82 -115.57 21.22
C GLY V 15 8.10 -115.28 20.45
N ILE V 16 8.61 -116.28 19.73
CA ILE V 16 9.81 -116.08 18.92
C ILE V 16 9.53 -115.11 17.79
N GLY V 17 8.38 -115.27 17.13
CA GLY V 17 8.08 -114.46 15.97
C GLY V 17 7.96 -112.98 16.28
N THR V 18 7.27 -112.66 17.39
CA THR V 18 6.97 -111.26 17.69
C THR V 18 8.25 -110.47 17.99
N LEU V 19 9.25 -111.14 18.57
CA LEU V 19 10.50 -110.45 18.91
C LEU V 19 11.21 -109.96 17.66
N ILE V 20 11.29 -110.80 16.63
CA ILE V 20 11.96 -110.40 15.38
C ILE V 20 11.19 -109.28 14.72
N VAL V 21 9.86 -109.33 14.76
CA VAL V 21 9.05 -108.22 14.26
C VAL V 21 9.27 -106.99 15.14
N PHE V 22 9.39 -107.19 16.45
CA PHE V 22 9.57 -106.07 17.36
C PHE V 22 10.87 -105.31 17.07
N ILE V 23 12.00 -106.02 16.98
CA ILE V 23 13.27 -105.36 16.74
C ILE V 23 13.26 -104.66 15.40
N ALA V 24 12.55 -105.22 14.42
CA ALA V 24 12.43 -104.59 13.12
C ALA V 24 11.76 -103.23 13.23
N MET V 25 10.70 -103.14 14.05
CA MET V 25 9.95 -101.89 14.17
C MET V 25 10.80 -100.80 14.82
N VAL V 26 11.74 -101.19 15.67
CA VAL V 26 12.64 -100.21 16.28
C VAL V 26 13.47 -99.52 15.21
N LEU V 27 14.09 -100.30 14.33
CA LEU V 27 14.89 -99.70 13.26
C LEU V 27 14.03 -98.89 12.31
N VAL V 28 12.86 -99.41 11.92
CA VAL V 28 12.00 -98.73 10.97
C VAL V 28 11.58 -97.37 11.51
N ALA V 29 11.22 -97.31 12.80
CA ALA V 29 10.90 -96.04 13.42
C ALA V 29 12.11 -95.11 13.43
N ALA V 30 13.31 -95.66 13.65
CA ALA V 30 14.50 -94.84 13.69
C ALA V 30 14.78 -94.17 12.35
N ILE V 31 14.56 -94.88 11.23
CA ILE V 31 14.76 -94.28 9.92
C ILE V 31 13.84 -93.09 9.74
N ALA V 32 12.55 -93.25 10.06
CA ALA V 32 11.62 -92.14 9.97
C ALA V 32 12.02 -91.01 10.92
N ALA V 33 12.46 -91.37 12.14
CA ALA V 33 12.97 -90.37 13.07
C ALA V 33 14.20 -89.69 12.51
N GLY V 34 15.15 -90.48 11.98
CA GLY V 34 16.41 -89.92 11.53
C GLY V 34 16.25 -88.96 10.36
N VAL V 35 15.46 -89.36 9.36
CA VAL V 35 15.33 -88.54 8.15
C VAL V 35 14.62 -87.23 8.46
N LEU V 36 13.67 -87.25 9.40
CA LEU V 36 12.90 -86.05 9.71
C LEU V 36 13.80 -84.95 10.27
N ILE V 37 14.73 -85.31 11.13
CA ILE V 37 15.55 -84.31 11.81
C ILE V 37 16.49 -83.62 10.83
N ASN V 38 17.18 -84.41 10.00
CA ASN V 38 18.22 -83.84 9.15
C ASN V 38 17.67 -82.91 8.09
N THR V 39 16.40 -83.09 7.70
CA THR V 39 15.77 -82.14 6.80
C THR V 39 15.73 -80.75 7.40
N ALA V 40 15.25 -80.64 8.64
CA ALA V 40 15.08 -79.32 9.26
C ALA V 40 16.39 -78.56 9.33
N GLY V 41 17.51 -79.27 9.36
CA GLY V 41 18.80 -78.61 9.36
C GLY V 41 19.03 -77.79 8.10
N TYR V 42 18.57 -78.30 6.96
CA TYR V 42 18.75 -77.58 5.70
C TYR V 42 17.95 -76.29 5.70
N LEU V 43 16.66 -76.36 6.06
CA LEU V 43 15.80 -75.18 5.95
C LEU V 43 16.15 -74.12 6.98
N GLN V 44 16.55 -74.52 8.18
CA GLN V 44 16.93 -73.54 9.19
C GLN V 44 18.15 -72.75 8.74
N SER V 45 19.14 -73.44 8.16
CA SER V 45 20.29 -72.74 7.59
C SER V 45 19.88 -71.95 6.37
N LYS V 46 19.00 -72.51 5.54
CA LYS V 46 18.43 -71.74 4.44
C LYS V 46 17.59 -70.58 4.96
N GLY V 47 16.81 -70.81 6.01
CA GLY V 47 16.01 -69.77 6.62
C GLY V 47 16.83 -68.70 7.29
N SER V 48 17.87 -69.11 8.02
CA SER V 48 18.74 -68.14 8.69
C SER V 48 19.44 -67.24 7.68
N ALA V 49 20.01 -67.84 6.63
CA ALA V 49 20.73 -67.08 5.62
C ALA V 49 19.81 -66.08 4.92
N THR V 50 18.58 -66.50 4.62
CA THR V 50 17.62 -65.60 4.00
C THR V 50 17.27 -64.44 4.92
N GLY V 51 17.11 -64.72 6.21
CA GLY V 51 16.73 -63.67 7.15
C GLY V 51 17.75 -62.56 7.24
N GLU V 52 19.03 -62.94 7.31
CA GLU V 52 20.09 -61.92 7.38
C GLU V 52 20.21 -61.16 6.07
N GLU V 53 20.20 -61.88 4.95
CA GLU V 53 20.45 -61.22 3.67
C GLU V 53 19.27 -60.36 3.24
N ALA V 54 18.04 -60.83 3.46
CA ALA V 54 16.86 -60.04 3.12
C ALA V 54 16.84 -58.75 3.93
N SER V 55 17.15 -58.83 5.22
CA SER V 55 17.30 -57.62 6.02
C SER V 55 18.45 -56.77 5.52
N ALA V 56 19.56 -57.42 5.14
CA ALA V 56 20.68 -56.69 4.57
C ALA V 56 20.32 -56.11 3.21
N GLN V 57 19.43 -56.78 2.48
CA GLN V 57 19.01 -56.28 1.18
C GLN V 57 18.30 -54.93 1.32
N VAL V 58 17.60 -54.72 2.43
CA VAL V 58 16.84 -53.50 2.61
C VAL V 58 17.64 -52.46 3.39
N SER V 59 18.44 -52.89 4.35
CA SER V 59 19.13 -51.97 5.25
C SER V 59 20.40 -51.39 4.61
N ASN V 60 21.34 -52.26 4.26
CA ASN V 60 22.61 -51.81 3.68
C ASN V 60 22.37 -51.05 2.39
N ARG V 61 22.66 -49.75 2.40
CA ARG V 61 22.29 -48.88 1.29
C ARG V 61 23.24 -47.69 1.24
N ILE V 62 23.40 -47.13 0.04
CA ILE V 62 24.27 -45.99 -0.18
C ILE V 62 23.41 -44.74 -0.31
N ASN V 63 23.82 -43.67 0.37
CA ASN V 63 23.18 -42.37 0.25
C ASN V 63 24.18 -41.37 -0.30
N ILE V 64 23.80 -40.68 -1.37
CA ILE V 64 24.66 -39.68 -1.99
C ILE V 64 24.54 -38.36 -1.25
N VAL V 65 25.63 -37.93 -0.61
CA VAL V 65 25.61 -36.63 0.08
C VAL V 65 25.49 -35.50 -0.92
N SER V 66 26.33 -35.51 -1.96
CA SER V 66 26.35 -34.42 -2.93
C SER V 66 27.10 -34.88 -4.16
N ALA V 67 26.93 -34.12 -5.25
CA ALA V 67 27.62 -34.39 -6.50
C ALA V 67 28.12 -33.07 -7.08
N TYR V 68 29.33 -33.08 -7.62
CA TYR V 68 29.89 -31.91 -8.28
C TYR V 68 30.64 -32.38 -9.52
N GLY V 69 31.43 -31.48 -10.09
CA GLY V 69 32.21 -31.82 -11.26
C GLY V 69 33.04 -30.67 -11.79
N ASN V 70 34.29 -30.94 -12.14
CA ASN V 70 35.15 -29.91 -12.69
C ASN V 70 34.64 -29.51 -14.07
N VAL V 71 34.81 -28.24 -14.40
CA VAL V 71 34.35 -27.73 -15.69
C VAL V 71 35.53 -27.25 -16.52
N UNK V 72 35.92 -28.06 -17.49
CA UNK V 72 37.00 -27.71 -18.40
C UNK V 72 36.44 -27.07 -19.66
N UNK V 73 37.06 -25.98 -20.10
CA UNK V 73 36.60 -25.22 -21.26
C UNK V 73 35.15 -24.79 -21.10
N UNK V 74 34.23 -25.69 -21.43
CA UNK V 74 32.80 -25.42 -21.29
C UNK V 74 32.01 -26.72 -21.23
N UNK V 75 32.59 -27.75 -20.63
CA UNK V 75 31.93 -29.03 -20.52
C UNK V 75 32.34 -29.76 -19.24
N VAL V 76 31.40 -30.47 -18.65
CA VAL V 76 31.65 -31.25 -17.44
C VAL V 76 32.37 -32.54 -17.80
N ASP V 77 33.64 -32.66 -17.40
CA ASP V 77 34.41 -33.84 -17.72
C ASP V 77 34.37 -34.88 -16.61
N TYR V 78 34.37 -34.46 -15.35
CA TYR V 78 34.25 -35.35 -14.21
C TYR V 78 32.90 -35.15 -13.53
N VAL V 79 32.33 -36.23 -13.02
CA VAL V 79 31.21 -36.16 -12.09
C VAL V 79 31.59 -36.98 -10.87
N ASN V 80 31.64 -36.33 -9.72
CA ASN V 80 32.13 -36.95 -8.49
C ASN V 80 30.99 -37.06 -7.48
N LEU V 81 30.82 -38.26 -6.92
CA LEU V 81 29.78 -38.53 -5.93
C LEU V 81 30.43 -38.67 -4.56
N THR V 82 29.84 -38.04 -3.56
CA THR V 82 30.25 -38.23 -2.18
C THR V 82 29.21 -39.09 -1.48
N VAL V 83 29.57 -40.31 -1.12
CA VAL V 83 28.62 -41.29 -0.65
C VAL V 83 28.88 -41.59 0.83
N ARG V 84 27.84 -42.11 1.49
CA ARG V 84 27.89 -42.43 2.91
C ARG V 84 26.97 -43.62 3.18
N GLN V 85 27.18 -44.25 4.32
CA GLN V 85 26.30 -45.32 4.74
C GLN V 85 24.91 -44.78 5.04
N ALA V 86 23.90 -45.62 4.83
CA ALA V 86 22.52 -45.24 5.08
C ALA V 86 22.19 -45.48 6.56
N ALA V 87 20.92 -45.39 6.91
CA ALA V 87 20.51 -45.58 8.30
C ALA V 87 20.73 -47.02 8.73
N GLY V 88 21.62 -47.22 9.69
CA GLY V 88 21.88 -48.56 10.20
C GLY V 88 22.44 -49.50 9.16
N ALA V 89 23.40 -49.04 8.38
CA ALA V 89 24.02 -49.84 7.33
C ALA V 89 25.27 -50.52 7.88
N ASP V 90 25.48 -51.77 7.46
CA ASP V 90 26.68 -52.52 7.83
C ASP V 90 27.83 -52.08 6.94
N ASN V 91 28.95 -52.82 6.99
CA ASN V 91 30.08 -52.53 6.12
C ASN V 91 29.65 -52.63 4.66
N ILE V 92 29.98 -51.60 3.89
CA ILE V 92 29.59 -51.52 2.49
C ILE V 92 30.85 -51.44 1.65
N ASN V 93 31.06 -52.42 0.78
CA ASN V 93 32.21 -52.44 -0.10
C ASN V 93 31.80 -51.89 -1.47
N LEU V 94 32.46 -50.82 -1.90
CA LEU V 94 32.13 -50.18 -3.16
C LEU V 94 32.91 -50.78 -4.32
N UNK V 95 33.73 -51.77 -4.04
CA UNK V 95 34.46 -52.48 -5.08
C UNK V 95 33.58 -53.59 -5.64
N LYS V 96 32.56 -53.95 -4.87
CA LYS V 96 31.60 -54.97 -5.28
C LYS V 96 30.30 -54.34 -5.73
N SER V 97 30.34 -53.04 -5.98
CA SER V 97 29.17 -52.28 -6.38
C SER V 97 29.29 -51.81 -7.83
N THR V 98 28.16 -51.84 -8.52
CA THR V 98 28.08 -51.40 -9.90
C THR V 98 27.14 -50.22 -10.00
N ILE V 99 27.43 -49.31 -10.93
CA ILE V 99 26.65 -48.08 -11.10
C ILE V 99 26.14 -48.06 -12.53
N GLN V 100 24.84 -47.81 -12.70
CA GLN V 100 24.23 -47.79 -14.01
C GLN V 100 24.17 -46.36 -14.53
N TRP V 101 24.81 -46.12 -15.67
CA TRP V 101 24.86 -44.79 -16.29
C TRP V 101 23.93 -44.82 -17.50
N ILE V 102 22.84 -44.06 -17.42
CA ILE V 102 21.95 -43.87 -18.57
C ILE V 102 21.96 -42.40 -18.93
N GLY V 103 22.81 -42.02 -19.87
CA GLY V 103 22.98 -40.64 -20.24
C GLY V 103 22.29 -40.28 -21.54
N PRO V 104 22.50 -39.05 -22.00
CA PRO V 104 21.89 -38.64 -23.28
C PRO V 104 22.37 -39.48 -24.46
N ASP V 105 23.62 -39.94 -24.43
CA ASP V 105 24.17 -40.70 -25.55
C ASP V 105 24.22 -42.19 -25.25
N UNK V 106 25.11 -42.59 -24.32
CA UNK V 106 25.32 -44.00 -24.03
C UNK V 106 24.44 -44.48 -22.89
N ALA V 107 24.54 -45.78 -22.60
CA ALA V 107 23.81 -46.40 -21.50
C ALA V 107 24.52 -47.66 -21.05
N THR V 108 25.56 -47.48 -20.23
CA THR V 108 26.44 -48.57 -19.81
C THR V 108 26.22 -48.87 -18.33
N THR V 109 27.04 -49.78 -17.81
CA THR V 109 27.03 -50.18 -16.41
C THR V 109 28.47 -50.24 -15.93
N LEU V 110 28.91 -49.21 -15.22
CA LEU V 110 30.30 -49.11 -14.81
C LEU V 110 30.62 -50.08 -13.69
N THR V 111 31.90 -50.33 -13.50
CA THR V 111 32.42 -51.23 -12.47
C THR V 111 33.62 -50.59 -11.79
N TYR V 112 34.07 -51.18 -10.69
CA TYR V 112 35.19 -50.63 -9.93
C TYR V 112 36.51 -50.78 -10.68
N UNK V 113 37.42 -49.83 -10.46
CA UNK V 113 38.75 -49.89 -11.05
C UNK V 113 39.79 -49.41 -10.05
N UNK V 114 40.91 -48.89 -10.56
CA UNK V 114 41.97 -48.39 -9.70
C UNK V 114 42.89 -47.42 -10.44
N UNK V 115 42.29 -46.47 -11.16
CA UNK V 115 43.05 -45.49 -11.92
C UNK V 115 42.21 -44.26 -12.24
N UNK V 116 42.88 -43.18 -12.63
CA UNK V 116 42.20 -41.96 -13.03
C UNK V 116 42.53 -41.62 -14.48
N UNK V 117 41.58 -40.99 -15.18
CA UNK V 117 41.72 -40.62 -16.58
C UNK V 117 42.09 -41.84 -17.44
N UNK V 120 37.63 -43.73 -14.64
CA UNK V 120 38.55 -44.03 -15.73
C UNK V 120 37.93 -44.98 -16.74
N UNK V 121 38.06 -44.66 -18.02
CA UNK V 121 37.53 -45.48 -19.10
C UNK V 121 36.03 -45.73 -18.96
N GLU V 122 35.65 -46.99 -18.81
CA GLU V 122 34.26 -47.37 -18.63
C GLU V 122 34.02 -47.86 -17.21
N ASN V 123 34.83 -47.37 -16.28
CA ASN V 123 34.78 -47.79 -14.90
C ASN V 123 34.59 -46.60 -13.97
N PHE V 124 34.64 -46.83 -12.65
CA PHE V 124 34.64 -45.77 -11.67
C PHE V 124 35.69 -46.07 -10.62
N THR V 125 36.22 -45.01 -10.00
CA THR V 125 37.28 -45.14 -9.01
C THR V 125 36.88 -44.39 -7.74
N THR V 126 37.38 -44.87 -6.61
CA THR V 126 37.02 -44.28 -5.33
C THR V 126 38.23 -43.72 -4.58
N UNK V 127 38.17 -42.43 -4.28
CA UNK V 127 39.20 -41.77 -3.50
C UNK V 127 38.63 -41.38 -2.13
N SER V 128 39.35 -41.70 -1.06
CA SER V 128 38.85 -41.48 0.29
C SER V 128 38.73 -39.99 0.61
N ILE V 129 37.80 -39.67 1.50
CA ILE V 129 37.57 -38.29 1.93
C ILE V 129 37.70 -38.21 3.44
N LYS V 130 36.94 -39.05 4.15
CA LYS V 130 36.89 -39.03 5.62
C LYS V 130 36.89 -40.48 6.09
N GLY V 131 38.07 -41.00 6.40
CA GLY V 131 38.19 -42.36 6.91
C GLY V 131 39.49 -43.06 6.60
N UNK V 132 39.58 -44.31 7.03
CA UNK V 132 40.80 -45.11 6.82
C UNK V 132 40.75 -45.83 5.49
N UNK V 133 39.75 -46.70 5.32
CA UNK V 133 39.60 -47.48 4.09
C UNK V 133 39.12 -46.60 2.95
N UNK V 134 39.68 -46.80 1.77
CA UNK V 134 39.34 -45.99 0.61
C UNK V 134 38.57 -46.79 -0.44
N UNK V 135 37.86 -47.82 0.00
CA UNK V 135 37.09 -48.65 -0.91
C UNK V 135 35.86 -49.22 -0.21
N VAL V 136 35.90 -49.28 1.12
CA VAL V 136 34.80 -49.84 1.88
C VAL V 136 34.41 -48.93 3.04
N LEU V 137 33.15 -48.51 3.04
CA LEU V 137 32.63 -47.74 4.16
C LEU V 137 32.52 -48.62 5.39
N VAL V 138 33.03 -48.13 6.53
CA VAL V 138 33.05 -48.89 7.78
C VAL V 138 32.27 -48.17 8.87
N ASP V 139 32.70 -46.97 9.24
CA ASP V 139 32.02 -46.19 10.25
C ASP V 139 30.88 -45.40 9.64
N GLN V 140 30.03 -44.83 10.50
CA GLN V 140 28.96 -43.97 10.02
C GLN V 140 29.53 -42.69 9.42
N SER V 141 30.46 -42.03 10.11
CA SER V 141 31.08 -40.81 9.62
C SER V 141 32.00 -41.04 8.43
N ASP V 142 32.05 -42.24 7.88
CA ASP V 142 32.93 -42.53 6.75
C ASP V 142 32.37 -41.89 5.48
N ARG V 143 33.25 -41.22 4.73
CA ARG V 143 32.88 -40.58 3.47
C ARG V 143 33.89 -40.95 2.40
N ILE V 144 33.40 -41.40 1.26
CA ILE V 144 34.25 -41.75 0.11
C ILE V 144 33.71 -41.03 -1.12
N LYS V 145 34.62 -40.69 -2.02
CA LYS V 145 34.29 -40.03 -3.28
C LYS V 145 34.37 -41.04 -4.43
N VAL V 146 33.51 -40.86 -5.41
CA VAL V 146 33.44 -41.74 -6.58
C VAL V 146 33.76 -40.92 -7.82
N ILE V 147 34.76 -41.35 -8.58
CA ILE V 147 35.23 -40.61 -9.75
C ILE V 147 34.65 -41.24 -11.00
N MET V 148 34.18 -40.38 -11.93
CA MET V 148 33.61 -40.85 -13.19
C MET V 148 34.05 -39.88 -14.28
N TYR V 149 34.90 -40.35 -15.19
CA TYR V 149 35.31 -39.53 -16.33
C TYR V 149 34.19 -39.49 -17.36
N ALA V 150 33.38 -38.43 -17.32
CA ALA V 150 32.20 -38.33 -18.17
C ALA V 150 32.54 -38.33 -19.65
N UNK V 151 33.67 -37.74 -20.00
CA UNK V 151 34.10 -37.67 -21.40
C UNK V 151 34.54 -39.03 -21.89
N UNK V 152 34.82 -39.94 -20.96
CA UNK V 152 35.29 -41.28 -21.32
C UNK V 152 34.13 -42.25 -21.46
N VAL V 153 33.08 -42.06 -20.67
CA VAL V 153 31.94 -42.96 -20.68
C VAL V 153 30.99 -42.61 -21.82
N UNK V 154 31.15 -41.41 -22.37
CA UNK V 154 30.32 -40.95 -23.48
C UNK V 154 30.95 -39.73 -24.12
N UNK V 155 30.29 -38.59 -23.95
CA UNK V 155 30.83 -37.31 -24.39
C UNK V 155 30.78 -36.34 -23.23
N UNK V 156 31.75 -35.42 -23.16
CA UNK V 156 31.80 -34.44 -22.10
C UNK V 156 30.50 -33.65 -22.03
N LEU V 157 29.76 -33.85 -20.95
CA LEU V 157 28.43 -33.27 -20.79
C LEU V 157 28.42 -31.76 -20.98
N UNK V 158 27.46 -31.29 -21.78
CA UNK V 158 27.28 -29.87 -21.99
C UNK V 158 26.17 -29.36 -21.09
N UNK V 159 25.62 -28.19 -21.43
CA UNK V 159 24.57 -27.59 -20.63
C UNK V 159 23.24 -28.32 -20.81
N GLY V 160 22.49 -28.45 -19.71
CA GLY V 160 21.17 -29.05 -19.76
C GLY V 160 21.17 -30.56 -19.82
N UNK V 161 22.34 -31.16 -20.02
CA UNK V 161 22.47 -32.61 -20.11
C UNK V 161 22.08 -33.25 -18.79
N GLU V 162 21.36 -34.37 -18.87
CA GLU V 162 20.89 -35.06 -17.68
C GLU V 162 21.37 -36.50 -17.66
N VAL V 163 21.95 -36.91 -16.53
CA VAL V 163 22.48 -38.25 -16.36
C VAL V 163 21.71 -38.95 -15.25
N GLN V 164 21.33 -40.20 -15.49
CA GLN V 164 20.61 -41.01 -14.51
C GLN V 164 21.56 -42.07 -13.98
N LEU V 165 21.95 -41.93 -12.73
CA LEU V 165 22.88 -42.85 -12.10
C LEU V 165 22.15 -43.67 -11.02
N THR V 166 22.47 -44.95 -10.95
CA THR V 166 21.85 -45.87 -10.00
C THR V 166 22.95 -46.69 -9.33
N VAL V 167 23.46 -46.19 -8.20
CA VAL V 167 24.45 -46.95 -7.43
C VAL V 167 23.78 -48.17 -6.84
N THR V 168 24.42 -49.32 -7.01
CA THR V 168 23.84 -50.59 -6.57
C THR V 168 24.87 -51.34 -5.74
N THR V 169 24.60 -51.48 -4.44
CA THR V 169 25.47 -52.27 -3.59
C THR V 169 25.32 -53.75 -3.93
N GLN V 170 26.22 -54.56 -3.37
CA GLN V 170 26.26 -55.97 -3.71
C GLN V 170 24.99 -56.69 -3.29
N TYR V 171 24.36 -56.25 -2.20
CA TYR V 171 23.18 -56.94 -1.70
C TYR V 171 21.94 -56.67 -2.56
N GLY V 172 21.88 -55.52 -3.23
CA GLY V 172 20.77 -55.27 -4.13
C GLY V 172 20.17 -53.89 -3.99
N SER V 173 20.43 -53.22 -2.86
CA SER V 173 19.87 -51.90 -2.63
C SER V 173 20.34 -50.93 -3.70
N LYS V 174 19.40 -50.25 -4.33
CA LYS V 174 19.67 -49.34 -5.43
C LYS V 174 19.33 -47.92 -5.00
N THR V 175 20.27 -47.01 -5.20
CA THR V 175 20.05 -45.59 -4.94
C THR V 175 20.18 -44.83 -6.26
N THR V 176 19.15 -44.10 -6.62
CA THR V 176 19.13 -43.34 -7.87
C THR V 176 19.44 -41.88 -7.60
N TYR V 177 20.04 -41.24 -8.60
CA TYR V 177 20.37 -39.82 -8.51
C TYR V 177 20.45 -39.26 -9.92
N TRP V 178 19.68 -38.21 -10.18
CA TRP V 178 19.60 -37.60 -11.52
C TRP V 178 20.50 -36.38 -11.55
N ALA V 179 21.68 -36.56 -12.12
CA ALA V 179 22.62 -35.44 -12.25
C ALA V 179 22.13 -34.48 -13.31
N GLN V 180 21.75 -33.27 -12.89
CA GLN V 180 21.22 -32.25 -13.79
C GLN V 180 22.28 -31.17 -13.95
N VAL V 181 23.00 -31.23 -15.06
CA VAL V 181 24.03 -30.24 -15.36
C VAL V 181 23.36 -28.88 -15.50
N PRO V 182 23.92 -27.81 -14.93
CA PRO V 182 23.30 -26.50 -15.05
C PRO V 182 23.18 -26.06 -16.51
N GLU V 183 22.09 -25.34 -16.80
CA GLU V 183 21.81 -24.93 -18.17
C GLU V 183 22.82 -23.90 -18.69
N SER V 184 23.66 -23.35 -17.83
CA SER V 184 24.72 -22.44 -18.26
C SER V 184 25.98 -22.75 -17.47
N LEU V 185 27.10 -22.86 -18.17
CA LEU V 185 28.40 -23.10 -17.55
C LEU V 185 29.41 -22.01 -17.91
N LYS V 186 28.94 -20.81 -18.25
CA LYS V 186 29.83 -19.75 -18.68
C LYS V 186 30.61 -19.21 -17.49
N ASP V 187 31.93 -19.41 -17.51
CA ASP V 187 32.83 -18.90 -16.49
C ASP V 187 32.47 -19.43 -15.10
N LYS V 188 32.42 -20.75 -14.99
CA LYS V 188 32.20 -21.45 -13.72
C LYS V 188 33.23 -22.57 -13.64
N ASN V 189 34.17 -22.46 -12.70
CA ASN V 189 35.25 -23.44 -12.62
C ASN V 189 34.71 -24.82 -12.24
N ALA V 190 33.77 -24.88 -11.30
CA ALA V 190 33.14 -26.12 -10.89
C ALA V 190 31.66 -25.89 -10.66
N VAL V 191 30.87 -26.94 -10.88
CA VAL V 191 29.42 -26.84 -10.72
C VAL V 191 28.91 -27.91 -9.78
N UNK V 192 27.73 -27.69 -9.24
CA UNK V 192 27.09 -28.67 -8.36
C UNK V 192 25.94 -29.36 -9.10
N LEU V 193 26.21 -30.50 -9.69
CA LEU V 193 25.23 -31.24 -10.47
C LEU V 193 24.06 -31.70 -9.60
N GLN W 13 -2.85 -109.65 16.80
CA GLN W 13 -1.86 -108.91 17.58
C GLN W 13 -1.64 -107.51 17.01
N VAL W 14 -1.23 -107.45 15.74
CA VAL W 14 -1.03 -106.16 15.09
C VAL W 14 -2.35 -105.44 14.93
N GLY W 15 -3.43 -106.18 14.66
CA GLY W 15 -4.73 -105.57 14.56
C GLY W 15 -5.19 -104.96 15.89
N ILE W 16 -4.96 -105.68 16.98
CA ILE W 16 -5.36 -105.18 18.29
C ILE W 16 -4.57 -103.92 18.64
N GLY W 17 -3.26 -103.96 18.44
CA GLY W 17 -2.43 -102.84 18.80
C GLY W 17 -2.75 -101.58 18.01
N THR W 18 -3.06 -101.74 16.72
CA THR W 18 -3.32 -100.58 15.88
C THR W 18 -4.54 -99.80 16.36
N LEU W 19 -5.60 -100.51 16.74
CA LEU W 19 -6.84 -99.85 17.13
C LEU W 19 -6.65 -98.98 18.36
N ILE W 20 -5.99 -99.52 19.39
CA ILE W 20 -5.82 -98.77 20.63
C ILE W 20 -4.98 -97.53 20.39
N VAL W 21 -3.89 -97.67 19.62
CA VAL W 21 -3.08 -96.50 19.28
C VAL W 21 -3.88 -95.56 18.39
N PHE W 22 -4.70 -96.11 17.49
CA PHE W 22 -5.52 -95.27 16.63
C PHE W 22 -6.48 -94.41 17.46
N ILE W 23 -7.07 -95.00 18.51
CA ILE W 23 -7.94 -94.23 19.39
C ILE W 23 -7.17 -93.08 20.01
N ALA W 24 -6.01 -93.37 20.59
CA ALA W 24 -5.26 -92.35 21.32
C ALA W 24 -4.87 -91.20 20.42
N MET W 25 -4.43 -91.51 19.20
CA MET W 25 -3.98 -90.47 18.27
C MET W 25 -5.10 -89.47 17.98
N VAL W 26 -6.35 -89.90 18.12
CA VAL W 26 -7.48 -89.02 17.82
C VAL W 26 -7.61 -87.95 18.91
N LEU W 27 -7.61 -88.36 20.19
CA LEU W 27 -7.77 -87.38 21.26
C LEU W 27 -6.59 -86.41 21.32
N VAL W 28 -5.37 -86.89 21.09
CA VAL W 28 -4.22 -85.99 21.06
C VAL W 28 -4.42 -84.92 20.00
N ALA W 29 -4.95 -85.31 18.83
CA ALA W 29 -5.31 -84.32 17.83
C ALA W 29 -6.40 -83.40 18.34
N ALA W 30 -7.39 -83.96 19.05
CA ALA W 30 -8.48 -83.15 19.56
C ALA W 30 -7.99 -82.12 20.58
N ILE W 31 -7.09 -82.54 21.47
CA ILE W 31 -6.54 -81.62 22.46
C ILE W 31 -5.73 -80.52 21.78
N ALA W 32 -4.92 -80.90 20.79
CA ALA W 32 -4.16 -79.91 20.04
C ALA W 32 -5.08 -78.96 19.30
N ALA W 33 -6.15 -79.49 18.69
CA ALA W 33 -7.11 -78.64 18.01
C ALA W 33 -7.82 -77.72 18.99
N GLY W 34 -8.04 -78.19 20.21
CA GLY W 34 -8.75 -77.42 21.21
C GLY W 34 -8.04 -76.14 21.62
N VAL W 35 -6.77 -76.23 21.98
CA VAL W 35 -6.05 -75.08 22.52
C VAL W 35 -5.89 -74.01 21.45
N LEU W 36 -5.70 -74.43 20.19
CA LEU W 36 -5.49 -73.48 19.11
C LEU W 36 -6.68 -72.55 18.95
N ILE W 37 -7.90 -73.11 18.97
CA ILE W 37 -9.08 -72.28 18.78
C ILE W 37 -9.33 -71.39 19.99
N ASN W 38 -9.24 -71.98 21.19
CA ASN W 38 -9.51 -71.20 22.40
C ASN W 38 -8.50 -70.06 22.57
N THR W 39 -7.23 -70.32 22.28
CA THR W 39 -6.25 -69.26 22.30
C THR W 39 -6.58 -68.18 21.27
N ALA W 40 -7.02 -68.60 20.08
CA ALA W 40 -7.49 -67.65 19.09
C ALA W 40 -8.76 -66.95 19.57
N GLY W 41 -9.61 -67.68 20.28
CA GLY W 41 -10.81 -67.07 20.82
C GLY W 41 -10.51 -65.98 21.83
N TYR W 42 -9.56 -66.25 22.72
CA TYR W 42 -9.16 -65.24 23.70
C TYR W 42 -8.52 -64.05 22.99
N LEU W 43 -7.65 -64.31 22.02
CA LEU W 43 -6.95 -63.23 21.33
C LEU W 43 -7.93 -62.38 20.53
N GLN W 44 -8.96 -63.00 19.96
CA GLN W 44 -9.96 -62.24 19.21
C GLN W 44 -10.69 -61.25 20.10
N SER W 45 -11.06 -61.68 21.31
CA SER W 45 -11.77 -60.80 22.22
C SER W 45 -10.90 -59.63 22.64
N LYS W 46 -9.65 -59.90 23.02
CA LYS W 46 -8.74 -58.83 23.41
C LYS W 46 -8.42 -57.93 22.23
N GLY W 47 -8.22 -58.52 21.04
CA GLY W 47 -7.90 -57.72 19.87
C GLY W 47 -9.05 -56.82 19.45
N SER W 48 -10.27 -57.35 19.45
CA SER W 48 -11.43 -56.55 19.09
C SER W 48 -11.67 -55.44 20.10
N ALA W 49 -11.49 -55.75 21.40
CA ALA W 49 -11.66 -54.73 22.43
C ALA W 49 -10.62 -53.62 22.29
N THR W 50 -9.40 -53.97 21.91
CA THR W 50 -8.35 -52.96 21.72
C THR W 50 -8.71 -52.01 20.58
N GLY W 51 -9.35 -52.54 19.54
CA GLY W 51 -9.68 -51.70 18.39
C GLY W 51 -10.58 -50.53 18.76
N GLU W 52 -11.62 -50.80 19.55
CA GLU W 52 -12.52 -49.72 19.95
C GLU W 52 -11.88 -48.78 20.94
N GLU W 53 -11.16 -49.33 21.93
CA GLU W 53 -10.54 -48.51 22.96
C GLU W 53 -9.49 -47.58 22.38
N ALA W 54 -8.62 -48.11 21.51
CA ALA W 54 -7.56 -47.28 20.93
C ALA W 54 -8.13 -46.25 19.97
N SER W 55 -9.12 -46.64 19.17
CA SER W 55 -9.79 -45.68 18.30
C SER W 55 -10.53 -44.63 19.12
N ALA W 56 -11.04 -45.01 20.28
CA ALA W 56 -11.71 -44.06 21.16
C ALA W 56 -10.73 -43.01 21.66
N GLN W 57 -9.51 -43.43 22.01
CA GLN W 57 -8.52 -42.50 22.53
C GLN W 57 -8.23 -41.39 21.53
N VAL W 58 -8.15 -41.74 20.24
CA VAL W 58 -7.91 -40.73 19.21
C VAL W 58 -9.15 -39.86 18.99
N SER W 59 -10.34 -40.47 19.04
CA SER W 59 -11.56 -39.83 18.55
C SER W 59 -12.25 -38.97 19.60
N ASN W 60 -12.62 -39.54 20.74
CA ASN W 60 -13.39 -38.80 21.74
C ASN W 60 -12.53 -37.75 22.42
N ARG W 61 -12.61 -36.53 21.91
CA ARG W 61 -11.77 -35.42 22.35
C ARG W 61 -12.65 -34.22 22.66
N ILE W 62 -12.14 -33.33 23.49
CA ILE W 62 -12.85 -32.12 23.90
C ILE W 62 -12.26 -30.93 23.17
N ASN W 63 -13.12 -30.08 22.63
CA ASN W 63 -12.70 -28.82 22.00
C ASN W 63 -13.30 -27.66 22.79
N ILE W 64 -12.44 -26.85 23.38
CA ILE W 64 -12.89 -25.73 24.21
C ILE W 64 -13.30 -24.60 23.28
N VAL W 65 -14.53 -24.12 23.44
CA VAL W 65 -15.04 -23.08 22.55
C VAL W 65 -14.59 -21.71 23.02
N SER W 66 -14.86 -21.37 24.28
CA SER W 66 -14.48 -20.07 24.82
C SER W 66 -14.24 -20.20 26.32
N ALA W 67 -13.55 -19.19 26.87
CA ALA W 67 -13.26 -19.14 28.29
C ALA W 67 -13.44 -17.71 28.78
N TYR W 68 -14.05 -17.57 29.96
CA TYR W 68 -14.26 -16.26 30.56
C TYR W 68 -14.19 -16.39 32.07
N GLY W 69 -14.02 -15.26 32.75
CA GLY W 69 -13.95 -15.26 34.19
C GLY W 69 -14.55 -14.01 34.82
N ASN W 70 -15.43 -14.21 35.79
CA ASN W 70 -16.02 -13.08 36.48
C ASN W 70 -14.95 -12.32 37.27
N VAL W 71 -15.12 -11.01 37.35
CA VAL W 71 -14.14 -10.17 38.03
C VAL W 71 -14.74 -9.49 39.26
N UNK W 72 -14.22 -9.86 40.42
CA UNK W 72 -14.64 -9.22 41.67
C UNK W 72 -13.53 -8.29 42.14
N UNK W 73 -13.91 -7.10 42.60
CA UNK W 73 -12.96 -6.07 43.03
C UNK W 73 -11.98 -5.74 41.91
N UNK W 74 -10.85 -6.44 41.87
CA UNK W 74 -9.83 -6.20 40.86
C UNK W 74 -9.11 -7.49 40.48
N UNK W 75 -9.66 -8.62 40.92
CA UNK W 75 -9.08 -9.92 40.61
C UNK W 75 -10.18 -10.91 40.24
N VAL W 76 -9.87 -11.82 39.31
CA VAL W 76 -10.85 -12.80 38.87
C VAL W 76 -11.14 -13.78 40.01
N ASP W 77 -12.33 -14.36 39.99
CA ASP W 77 -12.74 -15.31 41.04
C ASP W 77 -13.09 -16.68 40.48
N TYR W 78 -13.76 -16.74 39.33
CA TYR W 78 -14.07 -18.00 38.68
C TYR W 78 -13.42 -18.03 37.30
N VAL W 79 -13.22 -19.24 36.79
CA VAL W 79 -12.79 -19.46 35.42
C VAL W 79 -13.77 -20.44 34.80
N ASN W 80 -14.50 -19.99 33.78
CA ASN W 80 -15.52 -20.80 33.15
C ASN W 80 -15.11 -21.14 31.71
N LEU W 81 -15.48 -22.34 31.27
CA LEU W 81 -15.19 -22.81 29.93
C LEU W 81 -16.47 -23.24 29.26
N THR W 82 -16.43 -23.36 27.93
CA THR W 82 -17.51 -23.97 27.16
C THR W 82 -16.90 -25.05 26.28
N VAL W 83 -17.41 -26.27 26.39
CA VAL W 83 -16.82 -27.43 25.74
C VAL W 83 -17.82 -28.02 24.74
N ARG W 84 -17.29 -28.71 23.74
CA ARG W 84 -18.09 -29.38 22.72
C ARG W 84 -17.36 -30.62 22.25
N GLN W 85 -18.11 -31.52 21.62
CA GLN W 85 -17.52 -32.72 21.05
C GLN W 85 -16.54 -32.37 19.94
N ALA W 86 -15.47 -33.15 19.84
CA ALA W 86 -14.59 -33.04 18.71
C ALA W 86 -15.20 -33.73 17.50
N ALA W 87 -14.63 -33.47 16.33
CA ALA W 87 -15.12 -34.07 15.10
C ALA W 87 -15.07 -35.60 15.19
N GLY W 88 -16.23 -36.22 15.00
CA GLY W 88 -16.30 -37.68 15.06
C GLY W 88 -16.04 -38.26 16.43
N ALA W 89 -16.61 -37.67 17.47
CA ALA W 89 -16.50 -38.20 18.82
C ALA W 89 -17.75 -39.02 19.14
N ASP W 90 -17.81 -39.54 20.37
CA ASP W 90 -18.97 -40.29 20.83
C ASP W 90 -19.45 -39.70 22.15
N ASN W 91 -20.45 -40.35 22.74
CA ASN W 91 -20.95 -39.95 24.05
C ASN W 91 -19.80 -39.85 25.04
N ILE W 92 -19.52 -38.65 25.52
CA ILE W 92 -18.33 -38.37 26.31
C ILE W 92 -18.79 -37.80 27.65
N ASN W 93 -18.50 -38.53 28.74
CA ASN W 93 -18.85 -38.07 30.06
C ASN W 93 -17.91 -36.95 30.51
N LEU W 94 -18.40 -36.09 31.39
CA LEU W 94 -17.57 -35.03 31.97
C LEU W 94 -17.44 -35.21 33.47
N UNK W 95 -17.78 -36.40 33.96
CA UNK W 95 -17.60 -36.72 35.36
C UNK W 95 -16.47 -37.74 35.49
N LYS W 96 -16.06 -38.28 34.36
CA LYS W 96 -14.95 -39.22 34.30
C LYS W 96 -13.73 -38.57 33.68
N SER W 97 -13.70 -37.24 33.72
CA SER W 97 -12.60 -36.46 33.15
C SER W 97 -11.96 -35.61 34.23
N THR W 98 -10.65 -35.43 34.11
CA THR W 98 -9.86 -34.66 35.07
C THR W 98 -9.18 -33.51 34.36
N ILE W 99 -9.22 -32.33 35.00
CA ILE W 99 -8.62 -31.12 34.45
C ILE W 99 -7.38 -30.78 35.27
N GLN W 100 -6.27 -30.57 34.59
CA GLN W 100 -5.01 -30.23 35.23
C GLN W 100 -4.86 -28.72 35.28
N TRP W 101 -4.73 -28.19 36.49
CA TRP W 101 -4.64 -26.75 36.73
C TRP W 101 -3.20 -26.45 37.16
N ILE W 102 -2.42 -25.90 36.23
CA ILE W 102 -1.08 -25.44 36.56
C ILE W 102 -1.14 -23.92 36.68
N GLY W 103 -1.33 -23.43 37.90
CA GLY W 103 -1.51 -22.02 38.13
C GLY W 103 -0.21 -21.30 38.43
N PRO W 104 -0.31 -20.06 38.89
CA PRO W 104 0.90 -19.31 39.24
C PRO W 104 1.36 -19.60 40.67
N ASP W 105 0.48 -20.17 41.48
CA ASP W 105 0.80 -20.41 42.88
C ASP W 105 0.59 -21.88 43.28
N UNK W 106 -0.02 -22.65 42.40
CA UNK W 106 -0.31 -24.06 42.70
C UNK W 106 -0.31 -24.92 41.44
N ALA W 107 -0.46 -26.22 41.63
CA ALA W 107 -0.51 -27.16 40.51
C ALA W 107 -1.17 -28.46 40.93
N THR W 108 -2.48 -28.56 40.72
CA THR W 108 -3.24 -29.76 41.06
C THR W 108 -4.14 -30.14 39.90
N THR W 109 -4.49 -31.42 39.85
CA THR W 109 -5.39 -31.94 38.83
C THR W 109 -6.80 -32.00 39.43
N LEU W 110 -7.66 -31.11 38.97
CA LEU W 110 -9.01 -31.02 39.52
C LEU W 110 -9.85 -32.22 39.10
N THR W 111 -10.86 -32.54 39.90
CA THR W 111 -11.78 -33.63 39.64
C THR W 111 -13.21 -33.12 39.71
N TYR W 112 -14.16 -33.97 39.32
CA TYR W 112 -15.56 -33.58 39.23
C TYR W 112 -16.19 -33.30 40.59
N UNK W 113 -17.14 -32.36 40.61
CA UNK W 113 -17.86 -32.03 41.83
C UNK W 113 -19.37 -32.19 41.59
N UNK W 114 -20.17 -31.53 42.41
CA UNK W 114 -21.62 -31.63 42.28
C UNK W 114 -22.34 -30.45 42.93
N UNK W 115 -22.93 -29.60 42.09
CA UNK W 115 -23.77 -28.49 42.53
C UNK W 115 -23.08 -27.56 43.53
N UNK W 116 -21.76 -27.49 43.47
CA UNK W 116 -21.00 -26.62 44.37
C UNK W 116 -20.39 -25.46 43.61
N UNK W 117 -20.76 -24.24 44.00
CA UNK W 117 -20.23 -23.03 43.36
C UNK W 117 -20.20 -21.87 44.35
N UNK W 120 -16.62 -24.30 45.32
CA UNK W 120 -16.40 -25.53 44.56
C UNK W 120 -15.11 -26.22 45.00
N UNK W 121 -14.36 -25.54 45.87
CA UNK W 121 -13.12 -26.07 46.42
C UNK W 121 -12.12 -26.40 45.30
N GLU W 122 -11.34 -27.47 45.48
CA GLU W 122 -10.38 -27.87 44.44
C GLU W 122 -11.01 -28.84 43.45
N ASN W 123 -12.30 -28.64 43.16
CA ASN W 123 -13.02 -29.46 42.19
C ASN W 123 -13.69 -28.53 41.18
N PHE W 124 -14.18 -29.12 40.10
CA PHE W 124 -14.85 -28.38 39.05
C PHE W 124 -16.27 -28.90 38.87
N THR W 125 -17.19 -27.99 38.59
CA THR W 125 -18.60 -28.31 38.40
C THR W 125 -19.03 -27.96 36.98
N THR W 126 -19.94 -28.76 36.43
CA THR W 126 -20.43 -28.52 35.09
C THR W 126 -21.92 -28.19 35.09
N UNK W 127 -22.27 -27.07 34.47
CA UNK W 127 -23.66 -26.65 34.35
C UNK W 127 -24.25 -27.20 33.05
N SER W 128 -24.85 -26.32 32.25
CA SER W 128 -25.39 -26.69 30.95
C SER W 128 -25.76 -25.45 30.15
N ILE W 129 -25.41 -25.45 28.86
CA ILE W 129 -25.75 -24.33 27.97
C ILE W 129 -26.81 -24.79 27.00
N LYS W 130 -26.51 -25.80 26.20
CA LYS W 130 -27.43 -26.34 25.21
C LYS W 130 -27.37 -27.86 25.27
N GLY W 131 -28.53 -28.50 25.31
CA GLY W 131 -28.59 -29.95 25.34
C GLY W 131 -29.32 -30.51 26.55
N UNK W 132 -29.61 -31.81 26.51
CA UNK W 132 -30.35 -32.46 27.58
C UNK W 132 -29.45 -32.69 28.80
N UNK W 133 -28.54 -33.65 28.68
CA UNK W 133 -27.64 -34.01 29.79
C UNK W 133 -26.72 -32.84 30.14
N UNK W 134 -26.42 -32.70 31.43
CA UNK W 134 -25.59 -31.61 31.91
C UNK W 134 -24.19 -32.08 32.27
N UNK W 135 -23.83 -33.29 31.84
CA UNK W 135 -22.53 -33.85 32.14
C UNK W 135 -22.02 -34.71 30.99
N VAL W 136 -22.86 -34.94 29.99
CA VAL W 136 -22.48 -35.75 28.86
C VAL W 136 -22.78 -35.04 27.54
N LEU W 137 -21.78 -34.96 26.66
CA LEU W 137 -21.96 -34.42 25.32
C LEU W 137 -22.50 -35.54 24.43
N VAL W 138 -23.80 -35.47 24.12
CA VAL W 138 -24.45 -36.53 23.35
C VAL W 138 -24.34 -36.28 21.85
N ASP W 139 -24.76 -35.11 21.38
CA ASP W 139 -24.71 -34.78 19.96
C ASP W 139 -23.70 -33.68 19.72
N GLN W 140 -23.54 -33.31 18.44
CA GLN W 140 -22.55 -32.29 18.08
C GLN W 140 -23.01 -30.90 18.49
N SER W 141 -24.31 -30.73 18.77
CA SER W 141 -24.85 -29.41 19.04
C SER W 141 -24.89 -29.06 20.52
N ASP W 142 -24.58 -29.99 21.42
CA ASP W 142 -24.62 -29.70 22.85
C ASP W 142 -23.34 -29.03 23.29
N ARG W 143 -23.47 -28.15 24.30
CA ARG W 143 -22.32 -27.45 24.88
C ARG W 143 -22.55 -27.34 26.38
N ILE W 144 -21.61 -27.87 27.16
CA ILE W 144 -21.65 -27.79 28.62
C ILE W 144 -20.58 -26.82 29.09
N LYS W 145 -20.83 -26.18 30.22
CA LYS W 145 -19.92 -25.19 30.78
C LYS W 145 -19.19 -25.80 31.98
N VAL W 146 -17.87 -25.64 32.00
CA VAL W 146 -17.02 -26.15 33.06
C VAL W 146 -16.65 -25.00 33.98
N ILE W 147 -16.97 -25.13 35.27
CA ILE W 147 -16.81 -24.07 36.24
C ILE W 147 -15.78 -24.49 37.27
N MET W 148 -14.78 -23.63 37.50
CA MET W 148 -13.78 -23.87 38.53
C MET W 148 -13.61 -22.60 39.34
N TYR W 149 -13.52 -22.75 40.67
CA TYR W 149 -13.41 -21.61 41.59
C TYR W 149 -11.94 -21.27 41.73
N ALA W 150 -11.53 -20.17 41.11
CA ALA W 150 -10.13 -19.78 41.12
C ALA W 150 -9.69 -19.27 42.48
N UNK W 151 -10.62 -18.71 43.24
CA UNK W 151 -10.30 -18.15 44.55
C UNK W 151 -10.28 -19.24 45.63
N UNK W 152 -10.49 -20.49 45.21
CA UNK W 152 -10.49 -21.61 46.14
C UNK W 152 -9.50 -22.68 45.70
N VAL W 153 -9.16 -22.68 44.41
CA VAL W 153 -8.20 -23.64 43.88
C VAL W 153 -6.80 -23.24 44.32
N UNK W 154 -6.48 -21.95 44.16
CA UNK W 154 -5.19 -21.43 44.57
C UNK W 154 -5.37 -20.08 45.22
N UNK W 155 -5.55 -19.05 44.39
CA UNK W 155 -5.81 -17.70 44.87
C UNK W 155 -6.41 -16.88 43.74
N UNK W 156 -7.05 -15.76 44.08
CA UNK W 156 -7.65 -14.89 43.08
C UNK W 156 -6.57 -14.37 42.14
N LEU W 157 -6.60 -14.81 40.89
CA LEU W 157 -5.59 -14.43 39.91
C LEU W 157 -5.58 -12.92 39.69
N UNK W 158 -4.38 -12.37 39.55
CA UNK W 158 -4.22 -10.93 39.44
C UNK W 158 -4.57 -10.42 38.05
N UNK W 159 -3.71 -9.55 37.50
CA UNK W 159 -3.95 -8.96 36.20
C UNK W 159 -2.85 -9.33 35.22
N GLY W 160 -2.39 -10.58 35.28
CA GLY W 160 -1.34 -11.05 34.40
C GLY W 160 -1.01 -12.51 34.62
N UNK W 161 -1.67 -13.12 35.61
CA UNK W 161 -1.43 -14.53 35.92
C UNK W 161 -1.88 -15.42 34.76
N GLU W 162 -1.04 -16.37 34.41
CA GLU W 162 -1.34 -17.29 33.32
C GLU W 162 -1.53 -18.72 33.84
N VAL W 163 -2.72 -19.26 33.65
CA VAL W 163 -3.04 -20.62 34.09
C VAL W 163 -3.18 -21.52 32.88
N GLN W 164 -2.52 -22.66 32.93
CA GLN W 164 -2.59 -23.65 31.85
C GLN W 164 -3.56 -24.75 32.25
N LEU W 165 -4.57 -24.99 31.42
CA LEU W 165 -5.61 -25.97 31.68
C LEU W 165 -5.51 -27.10 30.68
N THR W 166 -5.52 -28.34 31.17
CA THR W 166 -5.49 -29.52 30.33
C THR W 166 -6.64 -30.42 30.74
N VAL W 167 -7.55 -30.68 29.80
CA VAL W 167 -8.75 -31.46 30.05
C VAL W 167 -8.55 -32.83 29.43
N THR W 168 -8.51 -33.87 30.26
CA THR W 168 -8.29 -35.24 29.80
C THR W 168 -9.53 -36.05 30.11
N THR W 169 -10.12 -36.66 29.08
CA THR W 169 -11.34 -37.43 29.23
C THR W 169 -11.02 -38.83 29.74
N GLN W 170 -12.03 -39.71 29.71
CA GLN W 170 -11.85 -41.06 30.22
C GLN W 170 -10.84 -41.84 29.37
N TYR W 171 -10.95 -41.73 28.05
CA TYR W 171 -10.09 -42.50 27.17
C TYR W 171 -8.67 -41.95 27.07
N GLY W 172 -8.40 -40.79 27.66
CA GLY W 172 -7.05 -40.25 27.69
C GLY W 172 -6.78 -39.15 26.70
N SER W 173 -7.76 -38.71 25.93
CA SER W 173 -7.55 -37.60 24.99
C SER W 173 -7.45 -36.30 25.76
N LYS W 174 -6.37 -35.56 25.52
CA LYS W 174 -6.05 -34.36 26.27
C LYS W 174 -6.26 -33.13 25.40
N THR W 175 -6.92 -32.11 25.95
CA THR W 175 -7.06 -30.81 25.33
C THR W 175 -6.46 -29.76 26.25
N THR W 176 -5.60 -28.91 25.71
CA THR W 176 -4.90 -27.91 26.50
C THR W 176 -5.37 -26.51 26.11
N TYR W 177 -5.44 -25.63 27.11
CA TYR W 177 -5.89 -24.25 26.92
C TYR W 177 -5.12 -23.35 27.87
N TRP W 178 -4.46 -22.34 27.32
CA TRP W 178 -3.70 -21.39 28.13
C TRP W 178 -4.58 -20.18 28.40
N ALA W 179 -5.15 -20.11 29.61
CA ALA W 179 -6.02 -19.01 29.99
C ALA W 179 -5.16 -17.87 30.52
N GLN W 180 -5.08 -16.78 29.75
CA GLN W 180 -4.29 -15.62 30.11
C GLN W 180 -5.23 -14.52 30.58
N VAL W 181 -5.09 -14.10 31.83
CA VAL W 181 -5.89 -12.99 32.35
C VAL W 181 -5.51 -11.72 31.59
N PRO W 182 -6.46 -10.84 31.27
CA PRO W 182 -6.10 -9.59 30.60
C PRO W 182 -5.13 -8.76 31.44
N GLU W 183 -4.30 -7.99 30.76
CA GLU W 183 -3.21 -7.27 31.43
C GLU W 183 -3.73 -6.22 32.39
N SER W 184 -4.85 -5.58 32.04
CA SER W 184 -5.48 -4.57 32.89
C SER W 184 -6.90 -5.01 33.23
N LEU W 185 -7.25 -4.94 34.52
CA LEU W 185 -8.58 -5.28 34.99
C LEU W 185 -9.34 -4.06 35.49
N LYS W 186 -9.09 -2.89 34.91
CA LYS W 186 -9.72 -1.66 35.39
C LYS W 186 -11.13 -1.56 34.83
N ASP W 187 -12.12 -1.57 35.73
CA ASP W 187 -13.53 -1.38 35.38
C ASP W 187 -13.97 -2.40 34.35
N LYS W 188 -13.78 -3.68 34.67
CA LYS W 188 -14.26 -4.78 33.83
C LYS W 188 -15.05 -5.74 34.70
N ASN W 189 -16.32 -5.95 34.36
CA ASN W 189 -17.14 -6.90 35.10
C ASN W 189 -16.72 -8.33 34.76
N ALA W 190 -16.52 -8.61 33.48
CA ALA W 190 -16.09 -9.93 33.04
C ALA W 190 -15.04 -9.78 31.95
N VAL W 191 -14.20 -10.80 31.81
CA VAL W 191 -13.11 -10.76 30.86
C VAL W 191 -13.04 -12.05 30.05
N UNK W 192 -12.53 -11.95 28.83
CA UNK W 192 -12.34 -13.11 27.98
C UNK W 192 -10.93 -13.65 28.15
N LEU W 193 -10.77 -14.62 29.05
CA LEU W 193 -9.47 -15.20 29.35
C LEU W 193 -8.90 -15.92 28.12
N GLN X 13 -0.68 -125.34 23.01
CA GLN X 13 0.12 -125.23 21.79
C GLN X 13 0.12 -123.81 21.26
N VAL X 14 -0.13 -123.67 19.96
CA VAL X 14 -0.17 -122.34 19.35
C VAL X 14 -1.32 -121.53 19.90
N GLY X 15 -2.43 -122.19 20.21
CA GLY X 15 -3.58 -121.50 20.77
C GLY X 15 -3.28 -120.84 22.10
N ILE X 16 -2.59 -121.56 22.99
CA ILE X 16 -2.20 -120.98 24.27
C ILE X 16 -1.18 -119.87 24.07
N GLY X 17 -0.24 -120.08 23.15
CA GLY X 17 0.79 -119.07 22.92
C GLY X 17 0.24 -117.76 22.42
N THR X 18 -0.72 -117.83 21.50
CA THR X 18 -1.31 -116.61 20.95
C THR X 18 -2.04 -115.82 22.02
N LEU X 19 -2.75 -116.51 22.92
CA LEU X 19 -3.51 -115.83 23.96
C LEU X 19 -2.60 -115.07 24.91
N ILE X 20 -1.48 -115.68 25.30
CA ILE X 20 -0.60 -115.08 26.30
C ILE X 20 0.03 -113.80 25.77
N VAL X 21 0.58 -113.86 24.55
CA VAL X 21 1.19 -112.68 23.96
C VAL X 21 0.14 -111.61 23.68
N PHE X 22 -1.11 -112.03 23.45
CA PHE X 22 -2.18 -111.08 23.16
C PHE X 22 -2.37 -110.14 24.35
N ILE X 23 -2.36 -110.69 25.56
CA ILE X 23 -2.48 -109.86 26.76
C ILE X 23 -1.32 -108.90 26.86
N ALA X 24 -0.12 -109.36 26.52
CA ALA X 24 1.05 -108.49 26.52
C ALA X 24 0.88 -107.37 25.50
N MET X 25 0.30 -107.69 24.34
CA MET X 25 0.16 -106.70 23.27
C MET X 25 -0.71 -105.53 23.71
N VAL X 26 -1.80 -105.82 24.42
CA VAL X 26 -2.71 -104.76 24.84
C VAL X 26 -2.02 -103.84 25.84
N LEU X 27 -1.33 -104.42 26.82
CA LEU X 27 -0.67 -103.61 27.85
C LEU X 27 0.41 -102.73 27.23
N VAL X 28 1.17 -103.25 26.28
CA VAL X 28 2.16 -102.44 25.58
C VAL X 28 1.47 -101.31 24.83
N ALA X 29 0.37 -101.61 24.15
CA ALA X 29 -0.37 -100.58 23.42
C ALA X 29 -0.94 -99.54 24.38
N ALA X 30 -1.46 -99.99 25.52
CA ALA X 30 -2.05 -99.05 26.49
C ALA X 30 -0.99 -98.10 27.02
N ILE X 31 0.22 -98.60 27.28
CA ILE X 31 1.30 -97.75 27.77
C ILE X 31 1.64 -96.68 26.74
N ALA X 32 1.74 -97.09 25.47
CA ALA X 32 2.02 -96.13 24.40
C ALA X 32 0.91 -95.09 24.30
N ALA X 33 -0.34 -95.53 24.42
CA ALA X 33 -1.46 -94.59 24.44
C ALA X 33 -1.38 -93.68 25.66
N GLY X 34 -1.02 -94.24 26.80
CA GLY X 34 -0.96 -93.49 28.04
C GLY X 34 -0.03 -92.30 28.00
N VAL X 35 1.25 -92.53 27.69
CA VAL X 35 2.23 -91.45 27.67
C VAL X 35 1.90 -90.45 26.57
N LEU X 36 1.31 -90.94 25.48
CA LEU X 36 0.97 -90.08 24.35
C LEU X 36 0.00 -88.97 24.76
N ILE X 37 -1.03 -89.34 25.52
CA ILE X 37 -2.03 -88.36 25.92
C ILE X 37 -1.54 -87.53 27.10
N ASN X 38 -0.86 -88.15 28.05
CA ASN X 38 -0.34 -87.41 29.20
C ASN X 38 0.68 -86.38 28.78
N THR X 39 1.50 -86.68 27.77
CA THR X 39 2.42 -85.68 27.23
C THR X 39 1.66 -84.51 26.63
N ALA X 40 0.57 -84.80 25.92
CA ALA X 40 -0.23 -83.73 25.31
C ALA X 40 -0.82 -82.83 26.38
N GLY X 41 -1.08 -83.38 27.57
CA GLY X 41 -1.64 -82.57 28.64
C GLY X 41 -0.71 -81.45 29.08
N TYR X 42 0.59 -81.74 29.17
CA TYR X 42 1.55 -80.74 29.63
C TYR X 42 1.63 -79.59 28.63
N LEU X 43 1.82 -79.89 27.35
CA LEU X 43 2.01 -78.83 26.36
C LEU X 43 0.78 -77.94 26.25
N GLN X 44 -0.41 -78.53 26.26
CA GLN X 44 -1.62 -77.71 26.15
C GLN X 44 -1.82 -76.86 27.40
N SER X 45 -1.39 -77.35 28.56
CA SER X 45 -1.42 -76.53 29.76
C SER X 45 -0.37 -75.44 29.71
N LYS X 46 0.85 -75.79 29.29
CA LYS X 46 1.89 -74.78 29.11
C LYS X 46 1.53 -73.83 27.98
N GLY X 47 0.98 -74.35 26.89
CA GLY X 47 0.65 -73.51 25.75
C GLY X 47 -0.46 -72.51 26.09
N SER X 48 -1.47 -72.95 26.83
CA SER X 48 -2.54 -72.05 27.23
C SER X 48 -2.01 -70.93 28.12
N ALA X 49 -1.15 -71.28 29.08
CA ALA X 49 -0.56 -70.27 29.95
C ALA X 49 0.33 -69.32 29.15
N THR X 50 1.12 -69.87 28.22
CA THR X 50 2.02 -69.05 27.42
C THR X 50 1.23 -68.06 26.56
N GLY X 51 0.11 -68.50 26.00
CA GLY X 51 -0.70 -67.61 25.18
C GLY X 51 -1.23 -66.43 25.96
N GLU X 52 -1.66 -66.66 27.20
CA GLU X 52 -2.24 -65.59 28.00
C GLU X 52 -1.17 -64.59 28.42
N GLU X 53 -0.03 -65.07 28.93
CA GLU X 53 1.02 -64.16 29.38
C GLU X 53 1.61 -63.37 28.22
N ALA X 54 1.80 -64.02 27.07
CA ALA X 54 2.35 -63.32 25.91
C ALA X 54 1.41 -62.22 25.45
N SER X 55 0.11 -62.50 25.41
CA SER X 55 -0.86 -61.46 25.08
C SER X 55 -0.95 -60.41 26.18
N ALA X 56 -0.76 -60.82 27.43
CA ALA X 56 -0.78 -59.86 28.54
C ALA X 56 0.38 -58.89 28.44
N GLN X 57 1.55 -59.38 28.04
CA GLN X 57 2.73 -58.52 27.93
C GLN X 57 2.51 -57.41 26.89
N VAL X 58 1.89 -57.76 25.76
CA VAL X 58 1.70 -56.78 24.69
C VAL X 58 0.68 -55.73 25.09
N SER X 59 -0.40 -56.14 25.75
CA SER X 59 -1.55 -55.26 25.96
C SER X 59 -1.48 -54.49 27.28
N ASN X 60 -1.02 -55.14 28.35
CA ASN X 60 -0.99 -54.48 29.65
C ASN X 60 0.15 -53.47 29.71
N ARG X 61 -0.16 -52.22 29.36
CA ARG X 61 0.84 -51.17 29.25
C ARG X 61 0.36 -49.94 30.00
N ILE X 62 1.29 -49.14 30.46
CA ILE X 62 0.98 -47.92 31.17
C ILE X 62 1.18 -46.73 30.24
N ASN X 63 0.19 -45.84 30.21
CA ASN X 63 0.27 -44.61 29.43
C ASN X 63 0.45 -43.45 30.39
N ILE X 64 1.36 -42.53 30.04
CA ILE X 64 1.63 -41.37 30.87
C ILE X 64 0.87 -40.18 30.28
N VAL X 65 0.12 -39.49 31.12
CA VAL X 65 -0.71 -38.37 30.65
C VAL X 65 0.01 -37.03 30.75
N SER X 66 0.60 -36.70 31.89
CA SER X 66 1.32 -35.45 32.05
C SER X 66 2.25 -35.58 33.25
N ALA X 67 3.25 -34.71 33.30
CA ALA X 67 4.23 -34.74 34.37
C ALA X 67 4.53 -33.32 34.81
N TYR X 68 4.49 -33.08 36.12
CA TYR X 68 4.80 -31.78 36.70
C TYR X 68 5.69 -31.98 37.91
N GLY X 69 6.26 -30.89 38.40
CA GLY X 69 7.15 -30.97 39.54
C GLY X 69 7.20 -29.72 40.41
N ASN X 70 7.22 -29.91 41.72
CA ASN X 70 7.37 -28.79 42.64
C ASN X 70 8.76 -28.18 42.50
N VAL X 71 8.84 -26.88 42.76
CA VAL X 71 10.13 -26.20 42.75
C VAL X 71 10.27 -25.35 44.01
N UNK X 72 11.49 -25.28 44.53
CA UNK X 72 11.78 -24.50 45.73
C UNK X 72 13.15 -23.87 45.58
N UNK X 73 13.32 -22.69 46.15
CA UNK X 73 14.54 -21.89 45.99
C UNK X 73 14.82 -21.66 44.50
N UNK X 74 15.37 -22.67 43.83
CA UNK X 74 15.65 -22.58 42.40
C UNK X 74 15.92 -23.94 41.79
N UNK X 75 15.28 -24.99 42.31
CA UNK X 75 15.53 -26.34 41.80
C UNK X 75 14.32 -27.25 41.99
N VAL X 76 13.97 -27.99 40.93
CA VAL X 76 12.86 -28.93 40.96
C VAL X 76 13.19 -30.12 41.84
N ASP X 77 12.65 -30.14 43.06
CA ASP X 77 12.97 -31.19 44.00
C ASP X 77 11.98 -32.36 43.96
N TYR X 78 10.94 -32.27 43.13
CA TYR X 78 9.96 -33.34 43.00
C TYR X 78 9.65 -33.57 41.53
N VAL X 79 9.38 -34.83 41.19
CA VAL X 79 8.96 -35.21 39.85
C VAL X 79 7.73 -36.09 40.00
N ASN X 80 6.58 -35.58 39.55
CA ASN X 80 5.32 -36.29 39.66
C ASN X 80 4.79 -36.58 38.26
N LEU X 81 4.34 -37.81 38.04
CA LEU X 81 3.77 -38.23 36.77
C LEU X 81 2.35 -38.72 36.99
N THR X 82 1.46 -38.42 36.04
CA THR X 82 0.11 -38.96 36.05
C THR X 82 0.05 -40.09 35.03
N VAL X 83 -0.36 -41.28 35.47
CA VAL X 83 -0.34 -42.47 34.64
C VAL X 83 -1.73 -43.06 34.56
N ARG X 84 -1.97 -43.84 33.50
CA ARG X 84 -3.26 -44.45 33.26
C ARG X 84 -3.08 -45.72 32.44
N GLN X 85 -4.12 -46.55 32.43
CA GLN X 85 -4.10 -47.78 31.66
C GLN X 85 -3.99 -47.47 30.16
N ALA X 86 -3.33 -48.36 29.44
CA ALA X 86 -3.28 -48.25 27.99
C ALA X 86 -4.62 -48.70 27.40
N ALA X 87 -4.71 -48.66 26.07
CA ALA X 87 -5.93 -49.09 25.41
C ALA X 87 -6.15 -50.58 25.61
N GLY X 88 -7.27 -50.93 26.23
CA GLY X 88 -7.62 -52.32 26.45
C GLY X 88 -6.66 -53.07 27.34
N ALA X 89 -6.29 -52.46 28.47
CA ALA X 89 -5.36 -53.07 29.42
C ALA X 89 -6.13 -53.66 30.59
N ASP X 90 -5.56 -54.72 31.18
CA ASP X 90 -6.15 -55.40 32.32
C ASP X 90 -5.70 -54.65 33.59
N ASN X 91 -5.92 -55.24 34.75
CA ASN X 91 -5.50 -54.64 36.01
C ASN X 91 -4.00 -54.38 35.98
N ILE X 92 -3.59 -53.20 36.45
CA ILE X 92 -2.18 -52.84 36.50
C ILE X 92 -1.82 -52.46 37.92
N ASN X 93 -1.19 -53.37 38.64
CA ASN X 93 -0.73 -53.08 40.00
C ASN X 93 0.54 -52.25 39.92
N LEU X 94 0.55 -51.12 40.62
CA LEU X 94 1.68 -50.21 40.54
C LEU X 94 2.65 -50.40 41.70
N UNK X 95 2.65 -51.59 42.30
CA UNK X 95 3.60 -51.90 43.36
C UNK X 95 4.60 -52.92 42.87
N LYS X 96 4.17 -53.79 41.97
CA LYS X 96 5.07 -54.76 41.36
C LYS X 96 5.69 -54.17 40.11
N SER X 97 5.39 -52.90 39.85
CA SER X 97 5.98 -52.17 38.75
C SER X 97 7.32 -51.60 39.16
N THR X 98 8.03 -50.99 38.21
CA THR X 98 9.34 -50.44 38.47
C THR X 98 9.59 -49.26 37.55
N ILE X 99 10.52 -48.40 37.94
CA ILE X 99 10.85 -47.19 37.20
C ILE X 99 12.37 -47.08 37.09
N GLN X 100 12.85 -46.74 35.90
CA GLN X 100 14.26 -46.54 35.65
C GLN X 100 14.55 -45.05 35.54
N TRP X 101 15.55 -44.58 36.26
CA TRP X 101 15.91 -43.16 36.32
C TRP X 101 17.33 -43.02 35.77
N ILE X 102 17.43 -42.68 34.49
CA ILE X 102 18.71 -42.31 33.88
C ILE X 102 18.81 -40.79 34.02
N GLY X 103 19.28 -40.34 35.18
CA GLY X 103 19.36 -38.94 35.46
C GLY X 103 20.66 -38.33 34.98
N PRO X 104 20.90 -37.06 35.32
CA PRO X 104 22.15 -36.40 34.96
C PRO X 104 23.30 -36.71 35.91
N ASP X 105 23.02 -37.25 37.09
CA ASP X 105 24.06 -37.60 38.05
C ASP X 105 24.05 -39.08 38.37
N UNK X 106 22.86 -39.60 38.70
CA UNK X 106 22.72 -41.00 39.06
C UNK X 106 21.95 -41.77 37.99
N ALA X 107 22.05 -43.09 38.05
CA ALA X 107 21.34 -43.96 37.12
C ALA X 107 20.89 -45.22 37.84
N THR X 108 19.72 -45.16 38.46
CA THR X 108 19.24 -46.22 39.32
C THR X 108 17.81 -46.59 38.98
N THR X 109 17.39 -47.76 39.47
CA THR X 109 16.04 -48.29 39.24
C THR X 109 15.27 -48.19 40.55
N LEU X 110 14.15 -47.44 40.52
CA LEU X 110 13.36 -47.23 41.72
C LEU X 110 12.32 -48.33 41.89
N THR X 111 11.99 -48.63 43.14
CA THR X 111 10.89 -49.53 43.49
C THR X 111 9.90 -48.79 44.39
N TYR X 112 8.81 -49.47 44.70
CA TYR X 112 7.74 -48.85 45.48
C TYR X 112 8.04 -49.02 46.97
N UNK X 113 8.17 -47.89 47.67
CA UNK X 113 8.26 -47.91 49.13
C UNK X 113 6.87 -47.67 49.70
N UNK X 114 6.35 -48.64 50.43
CA UNK X 114 4.99 -48.61 50.94
C UNK X 114 4.66 -47.33 51.70
N UNK X 115 4.32 -46.29 50.93
CA UNK X 115 3.95 -44.98 51.45
C UNK X 115 5.10 -44.27 52.17
N UNK X 116 5.15 -42.96 52.03
CA UNK X 116 6.19 -42.16 52.67
C UNK X 116 5.76 -40.70 52.74
N UNK X 117 6.74 -39.80 52.76
CA UNK X 117 6.46 -38.37 52.80
C UNK X 117 7.57 -37.61 52.09
N UNK X 118 8.43 -36.96 52.86
CA UNK X 118 9.58 -36.26 52.32
C UNK X 118 10.85 -37.08 52.57
N UNK X 119 10.70 -38.39 52.50
CA UNK X 119 11.82 -39.31 52.72
C UNK X 119 11.67 -40.56 51.87
N UNK X 120 11.23 -40.37 50.62
CA UNK X 120 11.05 -41.48 49.69
C UNK X 120 12.40 -42.07 49.29
N UNK X 121 13.47 -41.31 49.53
CA UNK X 121 14.84 -41.76 49.27
C UNK X 121 15.05 -42.16 47.82
N GLU X 122 15.36 -43.44 47.60
CA GLU X 122 15.64 -43.93 46.26
C GLU X 122 14.47 -44.85 45.87
N ASN X 123 13.27 -44.38 46.17
CA ASN X 123 12.05 -45.11 45.86
C ASN X 123 11.03 -44.13 45.29
N PHE X 124 9.92 -44.68 44.81
CA PHE X 124 8.81 -43.87 44.30
C PHE X 124 7.53 -44.25 45.02
N THR X 125 6.69 -43.26 45.28
CA THR X 125 5.44 -43.43 46.00
C THR X 125 4.29 -43.00 45.10
N THR X 126 3.17 -43.71 45.20
CA THR X 126 2.02 -43.41 44.37
C THR X 126 0.82 -42.95 45.19
N UNK X 127 0.16 -41.89 44.74
CA UNK X 127 -1.07 -41.42 45.35
C UNK X 127 -2.17 -41.40 44.30
N SER X 128 -3.41 -41.57 44.73
CA SER X 128 -4.53 -41.66 43.80
C SER X 128 -5.10 -40.29 43.47
N ILE X 129 -5.27 -40.03 42.18
CA ILE X 129 -5.91 -38.81 41.69
C ILE X 129 -7.41 -39.00 41.55
N LYS X 130 -7.82 -40.08 40.88
CA LYS X 130 -9.24 -40.36 40.64
C LYS X 130 -9.40 -41.89 40.59
N GLY X 131 -9.77 -42.48 41.71
CA GLY X 131 -9.96 -43.91 41.77
C GLY X 131 -10.16 -44.45 43.18
N UNK X 132 -10.63 -45.69 43.26
CA UNK X 132 -10.86 -46.34 44.54
C UNK X 132 -9.54 -46.82 45.14
N UNK X 133 -8.70 -47.43 44.30
CA UNK X 133 -7.40 -47.92 44.73
C UNK X 133 -6.32 -46.88 44.48
N UNK X 134 -5.34 -46.81 45.38
CA UNK X 134 -4.27 -45.83 45.27
C UNK X 134 -2.97 -46.48 44.81
N UNK X 135 -3.07 -47.69 44.26
CA UNK X 135 -1.89 -48.42 43.81
C UNK X 135 -2.23 -49.33 42.64
N VAL X 136 -3.50 -49.42 42.29
CA VAL X 136 -3.94 -50.27 41.19
C VAL X 136 -4.76 -49.48 40.18
N LEU X 137 -4.53 -49.75 38.90
CA LEU X 137 -5.33 -49.15 37.83
C LEU X 137 -6.35 -50.18 37.37
N VAL X 138 -7.58 -50.06 37.88
CA VAL X 138 -8.60 -51.08 37.64
C VAL X 138 -9.49 -50.67 36.48
N ASP X 139 -9.72 -49.37 36.32
CA ASP X 139 -10.64 -48.86 35.31
C ASP X 139 -9.90 -47.96 34.33
N GLN X 140 -10.47 -47.84 33.13
CA GLN X 140 -9.86 -47.00 32.10
C GLN X 140 -9.88 -45.53 32.50
N SER X 141 -10.85 -45.13 33.33
CA SER X 141 -10.94 -43.75 33.77
C SER X 141 -10.32 -43.58 35.15
N ASP X 142 -9.29 -44.37 35.44
CA ASP X 142 -8.58 -44.32 36.71
C ASP X 142 -7.20 -43.71 36.49
N ARG X 143 -6.87 -42.71 37.30
CA ARG X 143 -5.61 -41.98 37.18
C ARG X 143 -4.87 -42.03 38.51
N ILE X 144 -3.59 -42.34 38.46
CA ILE X 144 -2.74 -42.45 39.63
C ILE X 144 -1.51 -41.59 39.45
N LYS X 145 -1.14 -40.85 40.48
CA LYS X 145 0.03 -39.98 40.44
C LYS X 145 1.23 -40.73 41.00
N VAL X 146 2.35 -40.68 40.28
CA VAL X 146 3.59 -41.32 40.70
C VAL X 146 4.47 -40.22 41.28
N ILE X 147 4.68 -40.26 42.60
CA ILE X 147 5.44 -39.23 43.29
C ILE X 147 6.88 -39.72 43.46
N MET X 148 7.83 -38.93 42.98
CA MET X 148 9.24 -39.28 43.03
C MET X 148 10.03 -38.10 43.58
N TYR X 149 10.92 -38.37 44.53
CA TYR X 149 11.68 -37.34 45.22
C TYR X 149 12.98 -37.11 44.45
N ALA X 150 13.14 -35.92 43.88
CA ALA X 150 14.30 -35.61 43.06
C ALA X 150 15.51 -35.26 43.91
N UNK X 151 15.27 -34.80 45.13
CA UNK X 151 16.36 -34.42 46.01
C UNK X 151 16.73 -35.56 46.95
N UNK X 152 16.69 -36.78 46.43
CA UNK X 152 17.04 -37.96 47.20
C UNK X 152 17.54 -39.08 46.30
N VAL X 153 16.99 -39.14 45.09
CA VAL X 153 17.42 -40.13 44.11
C VAL X 153 18.71 -39.67 43.46
N UNK X 154 19.02 -38.39 43.63
CA UNK X 154 20.23 -37.80 43.08
C UNK X 154 20.49 -36.46 43.74
N UNK X 155 20.16 -35.39 43.01
CA UNK X 155 20.27 -34.05 43.54
C UNK X 155 19.08 -33.23 43.02
N UNK X 156 18.82 -32.09 43.67
CA UNK X 156 17.72 -31.23 43.26
C UNK X 156 17.93 -30.77 41.82
N LEU X 157 17.05 -31.22 40.94
CA LEU X 157 17.15 -30.94 39.50
C LEU X 157 17.16 -29.45 39.20
N UNK X 158 18.26 -28.97 38.63
CA UNK X 158 18.38 -27.57 38.23
C UNK X 158 17.80 -27.38 36.84
N UNK X 159 17.66 -26.11 36.44
CA UNK X 159 17.07 -25.78 35.15
C UNK X 159 17.90 -26.32 33.99
N GLY X 160 17.21 -26.89 33.00
CA GLY X 160 17.87 -27.41 31.82
C GLY X 160 18.11 -28.91 31.84
N UNK X 161 18.11 -29.48 33.04
CA UNK X 161 18.39 -30.91 33.21
C UNK X 161 17.30 -31.76 32.56
N GLU X 162 17.62 -33.01 32.29
CA GLU X 162 16.68 -33.94 31.66
C GLU X 162 16.92 -35.36 32.16
N VAL X 163 15.85 -36.09 32.43
CA VAL X 163 15.92 -37.45 32.92
C VAL X 163 15.07 -38.34 32.01
N GLN X 164 15.42 -39.61 31.94
CA GLN X 164 14.68 -40.58 31.12
C GLN X 164 14.02 -41.60 32.06
N LEU X 165 12.70 -41.67 32.00
CA LEU X 165 11.92 -42.56 32.86
C LEU X 165 11.26 -43.62 32.01
N THR X 166 11.49 -44.88 32.35
CA THR X 166 10.88 -46.03 31.65
C THR X 166 10.10 -46.83 32.68
N VAL X 167 8.83 -46.47 32.88
CA VAL X 167 7.98 -47.19 33.82
C VAL X 167 7.66 -48.55 33.23
N THR X 168 8.19 -49.60 33.85
CA THR X 168 8.05 -50.97 33.35
C THR X 168 7.01 -51.68 34.19
N THR X 169 5.95 -52.17 33.54
CA THR X 169 4.91 -52.92 34.23
C THR X 169 5.44 -54.31 34.61
N GLN X 170 4.67 -55.01 35.44
CA GLN X 170 5.08 -56.34 35.89
C GLN X 170 5.27 -57.30 34.73
N TYR X 171 4.33 -57.29 33.78
CA TYR X 171 4.38 -58.24 32.67
C TYR X 171 5.53 -57.97 31.72
N GLY X 172 6.11 -56.78 31.74
CA GLY X 172 7.27 -56.50 30.92
C GLY X 172 7.13 -55.32 29.99
N SER X 173 5.91 -54.80 29.84
CA SER X 173 5.68 -53.67 28.96
C SER X 173 6.43 -52.44 29.46
N LYS X 174 6.95 -51.65 28.53
CA LYS X 174 7.78 -50.51 28.85
C LYS X 174 7.18 -49.24 28.27
N THR X 175 7.14 -48.17 29.07
CA THR X 175 6.69 -46.87 28.62
C THR X 175 7.76 -45.83 28.95
N THR X 176 8.17 -45.07 27.94
CA THR X 176 9.27 -44.13 28.07
C THR X 176 8.73 -42.70 28.08
N TYR X 177 9.27 -41.89 29.00
CA TYR X 177 8.94 -40.47 29.09
C TYR X 177 10.21 -39.70 29.40
N TRP X 178 10.49 -38.67 28.61
CA TRP X 178 11.66 -37.83 28.80
C TRP X 178 11.23 -36.55 29.52
N ALA X 179 11.55 -36.46 30.82
CA ALA X 179 11.16 -35.32 31.63
C ALA X 179 12.24 -34.26 31.51
N GLN X 180 11.97 -33.21 30.74
CA GLN X 180 12.91 -32.11 30.52
C GLN X 180 12.48 -30.92 31.37
N VAL X 181 13.32 -30.54 32.32
CA VAL X 181 13.03 -29.37 33.17
C VAL X 181 13.01 -28.12 32.31
N PRO X 182 12.11 -27.16 32.56
CA PRO X 182 12.14 -25.91 31.80
C PRO X 182 13.49 -25.22 31.92
N GLU X 183 13.91 -24.59 30.81
CA GLU X 183 15.26 -24.05 30.73
C GLU X 183 15.48 -22.93 31.74
N SER X 184 14.43 -22.22 32.12
CA SER X 184 14.50 -21.17 33.12
C SER X 184 13.42 -21.40 34.18
N LEU X 185 13.81 -21.26 35.44
CA LEU X 185 12.91 -21.45 36.57
C LEU X 185 12.71 -20.17 37.37
N LYS X 186 12.76 -19.02 36.71
CA LYS X 186 12.71 -17.75 37.41
C LYS X 186 11.26 -17.42 37.79
N ASP X 187 11.02 -17.29 39.10
CA ASP X 187 9.72 -16.91 39.64
C ASP X 187 8.62 -17.85 39.17
N LYS X 188 8.82 -19.13 39.43
CA LYS X 188 7.82 -20.17 39.17
C LYS X 188 7.66 -20.98 40.45
N ASN X 189 6.45 -21.49 40.68
CA ASN X 189 6.23 -22.34 41.85
C ASN X 189 6.06 -23.79 41.44
N ALA X 190 5.64 -24.04 40.20
CA ALA X 190 5.54 -25.39 39.66
C ALA X 190 5.70 -25.33 38.15
N VAL X 191 6.25 -26.40 37.59
CA VAL X 191 6.54 -26.43 36.16
C VAL X 191 5.98 -27.69 35.51
N UNK X 192 5.90 -27.68 34.18
CA UNK X 192 5.45 -28.84 33.43
C UNK X 192 6.64 -29.54 32.79
N LEU X 193 7.10 -30.61 33.44
CA LEU X 193 8.27 -31.35 32.97
C LEU X 193 8.01 -32.04 31.64
N GLN Y 13 8.87 -135.55 17.64
CA GLN Y 13 7.50 -135.64 17.12
C GLN Y 13 6.76 -134.33 17.33
N VAL Y 14 6.22 -134.15 18.55
CA VAL Y 14 5.52 -132.90 18.88
C VAL Y 14 6.49 -131.73 18.80
N GLY Y 15 7.69 -131.89 19.36
CA GLY Y 15 8.70 -130.85 19.24
C GLY Y 15 9.12 -130.60 17.81
N ILE Y 16 9.14 -131.67 17.00
CA ILE Y 16 9.55 -131.54 15.60
C ILE Y 16 8.61 -130.60 14.86
N GLY Y 17 7.30 -130.75 15.07
CA GLY Y 17 6.35 -129.86 14.43
C GLY Y 17 6.57 -128.41 14.82
N THR Y 18 6.86 -128.17 16.10
CA THR Y 18 7.14 -126.83 16.56
C THR Y 18 8.39 -126.27 15.87
N LEU Y 19 9.41 -127.12 15.68
CA LEU Y 19 10.66 -126.67 15.10
C LEU Y 19 10.45 -126.14 13.68
N ILE Y 20 9.79 -126.92 12.82
CA ILE Y 20 9.61 -126.50 11.44
C ILE Y 20 8.73 -125.26 11.36
N VAL Y 21 7.71 -125.19 12.22
CA VAL Y 21 6.80 -124.06 12.20
C VAL Y 21 7.52 -122.76 12.57
N PHE Y 22 8.33 -122.81 13.63
CA PHE Y 22 8.95 -121.57 14.11
C PHE Y 22 10.06 -121.11 13.17
N ILE Y 23 10.58 -122.01 12.33
CA ILE Y 23 11.49 -121.57 11.28
C ILE Y 23 10.77 -120.65 10.31
N ALA Y 24 9.60 -121.08 9.82
CA ALA Y 24 8.84 -120.25 8.89
C ALA Y 24 8.45 -118.92 9.53
N MET Y 25 8.40 -118.88 10.87
CA MET Y 25 8.13 -117.63 11.57
C MET Y 25 9.21 -116.60 11.30
N VAL Y 26 10.48 -117.02 11.34
CA VAL Y 26 11.58 -116.06 11.22
C VAL Y 26 11.68 -115.52 9.80
N LEU Y 27 11.40 -116.36 8.80
CA LEU Y 27 11.39 -115.86 7.43
C LEU Y 27 10.25 -114.89 7.20
N VAL Y 28 9.03 -115.28 7.58
CA VAL Y 28 7.88 -114.40 7.33
C VAL Y 28 8.03 -113.09 8.10
N ALA Y 29 8.64 -113.14 9.28
CA ALA Y 29 9.00 -111.91 9.97
C ALA Y 29 10.04 -111.14 9.18
N ALA Y 30 11.05 -111.83 8.64
CA ALA Y 30 12.09 -111.16 7.87
C ALA Y 30 11.51 -110.54 6.60
N ILE Y 31 10.63 -111.26 5.91
CA ILE Y 31 9.96 -110.68 4.75
C ILE Y 31 9.11 -109.50 5.19
N ALA Y 32 8.41 -109.65 6.31
CA ALA Y 32 7.68 -108.51 6.88
C ALA Y 32 8.65 -107.40 7.28
N ALA Y 33 9.75 -107.77 7.92
CA ALA Y 33 10.78 -106.78 8.26
C ALA Y 33 11.38 -106.18 7.00
N GLY Y 34 11.63 -107.02 6.00
CA GLY Y 34 12.32 -106.54 4.80
C GLY Y 34 11.56 -105.45 4.08
N VAL Y 35 10.26 -105.65 3.87
CA VAL Y 35 9.48 -104.67 3.11
C VAL Y 35 9.42 -103.34 3.86
N LEU Y 36 9.34 -103.40 5.19
CA LEU Y 36 9.22 -102.19 5.99
C LEU Y 36 10.41 -101.27 5.80
N ILE Y 37 11.62 -101.82 5.94
CA ILE Y 37 12.83 -100.99 5.86
C ILE Y 37 13.05 -100.49 4.44
N ASN Y 38 12.96 -101.39 3.45
CA ASN Y 38 13.23 -101.00 2.07
C ASN Y 38 12.19 -100.00 1.57
N THR Y 39 10.98 -100.03 2.13
CA THR Y 39 9.98 -99.03 1.76
C THR Y 39 10.46 -97.64 2.15
N ALA Y 40 10.68 -97.42 3.45
CA ALA Y 40 11.03 -96.09 3.94
C ALA Y 40 12.30 -95.56 3.28
N GLY Y 41 13.16 -96.46 2.80
CA GLY Y 41 14.31 -96.02 2.03
C GLY Y 41 13.91 -95.26 0.78
N TYR Y 42 12.82 -95.70 0.13
CA TYR Y 42 12.33 -94.99 -1.05
C TYR Y 42 11.76 -93.63 -0.64
N LEU Y 43 10.92 -93.60 0.40
CA LEU Y 43 10.33 -92.34 0.83
C LEU Y 43 11.38 -91.37 1.35
N GLN Y 44 12.38 -91.87 2.08
CA GLN Y 44 13.41 -90.99 2.61
C GLN Y 44 14.18 -90.31 1.48
N SER Y 45 14.39 -91.04 0.37
CA SER Y 45 15.00 -90.42 -0.81
C SER Y 45 14.02 -89.52 -1.52
N LYS Y 46 12.77 -89.97 -1.65
CA LYS Y 46 11.74 -89.13 -2.25
C LYS Y 46 11.46 -87.89 -1.41
N GLY Y 47 11.38 -88.08 -0.08
CA GLY Y 47 11.13 -86.95 0.80
C GLY Y 47 12.27 -85.95 0.83
N SER Y 48 13.50 -86.45 0.89
CA SER Y 48 14.66 -85.56 0.93
C SER Y 48 14.76 -84.73 -0.35
N ALA Y 49 14.57 -85.39 -1.49
CA ALA Y 49 14.65 -84.67 -2.77
C ALA Y 49 13.58 -83.60 -2.87
N THR Y 50 12.40 -83.87 -2.31
CA THR Y 50 11.34 -82.88 -2.27
C THR Y 50 11.74 -81.69 -1.40
N GLY Y 51 12.38 -81.96 -0.28
CA GLY Y 51 12.74 -80.89 0.64
C GLY Y 51 13.68 -79.88 0.01
N GLU Y 52 14.71 -80.36 -0.68
CA GLU Y 52 15.65 -79.45 -1.33
C GLU Y 52 14.98 -78.69 -2.47
N GLU Y 53 14.28 -79.41 -3.36
CA GLU Y 53 13.72 -78.77 -4.55
C GLU Y 53 12.63 -77.76 -4.18
N ALA Y 54 11.76 -78.13 -3.24
CA ALA Y 54 10.69 -77.20 -2.83
C ALA Y 54 11.28 -75.95 -2.18
N SER Y 55 12.28 -76.11 -1.31
CA SER Y 55 13.00 -74.95 -0.81
C SER Y 55 13.71 -74.23 -1.95
N ALA Y 56 14.28 -74.98 -2.89
CA ALA Y 56 14.88 -74.38 -4.07
C ALA Y 56 13.83 -73.67 -4.91
N GLN Y 57 12.64 -74.25 -5.02
CA GLN Y 57 11.57 -73.63 -5.80
C GLN Y 57 11.17 -72.28 -5.23
N VAL Y 58 11.27 -72.12 -3.92
CA VAL Y 58 10.89 -70.87 -3.28
C VAL Y 58 12.07 -69.90 -3.19
N SER Y 59 13.27 -70.40 -2.89
CA SER Y 59 14.39 -69.52 -2.59
C SER Y 59 15.05 -68.99 -3.87
N ASN Y 60 15.58 -69.89 -4.69
CA ASN Y 60 16.34 -69.45 -5.87
C ASN Y 60 15.45 -68.74 -6.87
N ARG Y 61 15.63 -67.43 -6.98
CA ARG Y 61 14.73 -66.58 -7.75
C ARG Y 61 15.54 -65.43 -8.35
N ILE Y 62 15.21 -65.08 -9.58
CA ILE Y 62 15.87 -64.01 -10.30
C ILE Y 62 15.22 -62.69 -9.94
N ASN Y 63 16.03 -61.71 -9.54
CA ASN Y 63 15.58 -60.36 -9.26
C ASN Y 63 16.17 -59.43 -10.29
N ILE Y 64 15.31 -58.68 -10.98
CA ILE Y 64 15.73 -57.83 -12.09
C ILE Y 64 16.20 -56.50 -11.50
N VAL Y 65 17.48 -56.18 -11.69
CA VAL Y 65 18.02 -54.92 -11.21
C VAL Y 65 17.38 -53.76 -11.95
N SER Y 66 17.36 -53.83 -13.28
CA SER Y 66 16.83 -52.76 -14.11
C SER Y 66 16.74 -53.26 -15.54
N ALA Y 67 16.02 -52.49 -16.37
CA ALA Y 67 15.89 -52.82 -17.78
C ALA Y 67 16.00 -51.54 -18.60
N TYR Y 68 16.72 -51.63 -19.71
CA TYR Y 68 16.88 -50.51 -20.63
C TYR Y 68 16.85 -51.05 -22.05
N GLY Y 69 16.92 -50.14 -23.02
CA GLY Y 69 16.89 -50.54 -24.41
C GLY Y 69 17.36 -49.47 -25.36
N ASN Y 70 18.20 -49.85 -26.33
CA ASN Y 70 18.68 -48.91 -27.33
C ASN Y 70 17.52 -48.41 -28.18
N VAL Y 71 17.60 -47.16 -28.60
CA VAL Y 71 16.56 -46.56 -29.43
C VAL Y 71 17.09 -46.22 -30.80
N UNK Y 72 16.58 -46.91 -31.82
CA UNK Y 72 16.94 -46.64 -33.20
C UNK Y 72 15.80 -45.91 -33.90
N UNK Y 73 16.13 -44.89 -34.68
CA UNK Y 73 15.14 -44.08 -35.38
C UNK Y 73 14.13 -43.48 -34.39
N UNK Y 74 13.09 -44.24 -34.09
CA UNK Y 74 12.07 -43.81 -33.15
C UNK Y 74 11.35 -44.99 -32.53
N UNK Y 75 12.03 -46.14 -32.49
CA UNK Y 75 11.45 -47.35 -31.94
C UNK Y 75 12.50 -48.14 -31.15
N VAL Y 76 12.04 -48.92 -30.18
CA VAL Y 76 12.93 -49.71 -29.34
C VAL Y 76 13.24 -51.05 -30.01
N ASP Y 77 14.51 -51.28 -30.32
CA ASP Y 77 14.93 -52.50 -30.99
C ASP Y 77 15.45 -53.55 -30.03
N TYR Y 78 16.17 -53.12 -28.99
CA TYR Y 78 16.71 -54.01 -27.97
C TYR Y 78 15.98 -53.78 -26.65
N VAL Y 79 15.82 -54.87 -25.90
CA VAL Y 79 15.31 -54.79 -24.53
C VAL Y 79 16.22 -55.60 -23.63
N ASN Y 80 17.15 -54.93 -22.97
CA ASN Y 80 18.12 -55.62 -22.12
C ASN Y 80 17.69 -55.57 -20.66
N LEU Y 81 18.04 -56.61 -19.91
CA LEU Y 81 17.73 -56.70 -18.49
C LEU Y 81 19.00 -57.02 -17.73
N THR Y 82 19.08 -56.55 -16.48
CA THR Y 82 20.16 -56.92 -15.58
C THR Y 82 19.57 -57.68 -14.41
N VAL Y 83 20.08 -58.88 -14.16
CA VAL Y 83 19.49 -59.79 -13.18
C VAL Y 83 20.48 -60.01 -12.04
N ARG Y 84 19.94 -60.33 -10.87
CA ARG Y 84 20.71 -60.62 -9.68
C ARG Y 84 20.01 -61.72 -8.88
N GLN Y 85 20.79 -62.42 -8.06
CA GLN Y 85 20.21 -63.42 -7.18
C GLN Y 85 19.34 -62.76 -6.12
N ALA Y 86 18.35 -63.51 -5.64
CA ALA Y 86 17.52 -63.06 -4.54
C ALA Y 86 18.21 -63.39 -3.22
N ALA Y 87 17.52 -63.19 -2.11
CA ALA Y 87 18.10 -63.46 -0.80
C ALA Y 87 18.29 -64.97 -0.62
N GLY Y 88 19.53 -65.40 -0.47
CA GLY Y 88 19.84 -66.80 -0.25
C GLY Y 88 19.75 -67.69 -1.45
N ALA Y 89 19.59 -67.13 -2.65
CA ALA Y 89 19.49 -67.95 -3.86
C ALA Y 89 20.81 -68.67 -4.11
N ASP Y 90 20.71 -69.95 -4.47
CA ASP Y 90 21.87 -70.74 -4.84
C ASP Y 90 22.25 -70.44 -6.28
N ASN Y 91 23.14 -71.27 -6.84
CA ASN Y 91 23.55 -71.10 -8.22
C ASN Y 91 22.34 -71.17 -9.15
N ILE Y 92 22.18 -70.19 -10.02
CA ILE Y 92 21.05 -70.09 -10.94
C ILE Y 92 21.59 -70.13 -12.35
N ASN Y 93 21.20 -71.15 -13.11
CA ASN Y 93 21.64 -71.28 -14.49
C ASN Y 93 20.63 -70.61 -15.40
N LEU Y 94 21.03 -69.53 -16.05
CA LEU Y 94 20.14 -68.77 -16.92
C LEU Y 94 19.97 -69.45 -18.27
N UNK Y 95 20.76 -70.48 -18.52
CA UNK Y 95 20.63 -71.25 -19.75
C UNK Y 95 19.46 -72.21 -19.64
N LYS Y 96 19.10 -72.53 -18.40
CA LYS Y 96 17.96 -73.39 -18.13
C LYS Y 96 16.77 -72.56 -17.68
N SER Y 97 16.61 -71.39 -18.30
CA SER Y 97 15.52 -70.48 -17.98
C SER Y 97 14.77 -70.11 -19.25
N THR Y 98 13.47 -69.85 -19.09
CA THR Y 98 12.60 -69.50 -20.21
C THR Y 98 11.88 -68.21 -19.88
N ILE Y 99 12.05 -67.20 -20.72
CA ILE Y 99 11.37 -65.92 -20.55
C ILE Y 99 10.14 -65.91 -21.45
N GLN Y 100 8.97 -65.64 -20.85
CA GLN Y 100 7.71 -65.60 -21.57
C GLN Y 100 7.41 -64.17 -21.96
N TRP Y 101 7.51 -63.88 -23.26
CA TRP Y 101 7.33 -62.52 -23.78
C TRP Y 101 5.85 -62.33 -24.10
N ILE Y 102 5.17 -61.54 -23.29
CA ILE Y 102 3.80 -61.15 -23.58
C ILE Y 102 3.83 -59.70 -24.06
N GLY Y 103 3.88 -59.52 -25.37
CA GLY Y 103 3.98 -58.19 -25.95
C GLY Y 103 2.67 -57.69 -26.48
N PRO Y 104 2.69 -56.53 -27.13
CA PRO Y 104 1.46 -56.00 -27.73
C PRO Y 104 0.95 -56.84 -28.89
N ASP Y 105 1.84 -57.53 -29.61
CA ASP Y 105 1.44 -58.34 -30.74
C ASP Y 105 1.55 -59.83 -30.44
N UNK Y 106 2.78 -60.34 -30.39
CA UNK Y 106 3.01 -61.77 -30.20
C UNK Y 106 2.86 -62.19 -28.75
N ALA Y 107 3.06 -63.47 -28.50
CA ALA Y 107 2.96 -64.04 -27.16
C ALA Y 107 3.63 -65.41 -27.14
N THR Y 108 4.93 -65.43 -26.91
CA THR Y 108 5.74 -66.65 -26.99
C THR Y 108 6.52 -66.84 -25.69
N THR Y 109 7.43 -67.82 -25.73
CA THR Y 109 8.29 -68.17 -24.59
C THR Y 109 9.72 -68.33 -25.11
N LEU Y 110 10.52 -67.29 -24.92
CA LEU Y 110 11.89 -67.30 -25.43
C LEU Y 110 12.75 -68.31 -24.68
N THR Y 111 13.81 -68.77 -25.33
CA THR Y 111 14.71 -69.78 -24.80
C THR Y 111 16.16 -69.36 -25.06
N TYR Y 112 17.05 -69.78 -24.17
CA TYR Y 112 18.48 -69.42 -24.25
C TYR Y 112 19.10 -69.75 -25.60
N UNK Y 113 20.04 -68.92 -26.02
CA UNK Y 113 20.77 -69.14 -27.27
C UNK Y 113 22.26 -68.86 -27.05
N UNK Y 114 22.99 -68.63 -28.15
CA UNK Y 114 24.41 -68.34 -28.05
C UNK Y 114 24.81 -67.20 -28.99
N UNK Y 115 23.94 -66.20 -29.06
CA UNK Y 115 24.16 -65.02 -29.90
C UNK Y 115 24.38 -65.39 -31.36
N UNK Y 118 22.81 -59.68 -31.93
CA UNK Y 118 21.84 -59.76 -33.02
C UNK Y 118 21.56 -61.22 -33.37
N UNK Y 119 20.68 -61.42 -34.36
CA UNK Y 119 20.29 -62.75 -34.81
C UNK Y 119 19.75 -63.60 -33.66
N UNK Y 120 18.87 -63.01 -32.86
CA UNK Y 120 18.33 -63.68 -31.70
C UNK Y 120 16.99 -64.36 -32.01
N UNK Y 121 16.15 -63.66 -32.78
CA UNK Y 121 14.81 -64.15 -33.13
C UNK Y 121 14.00 -64.49 -31.89
N GLU Y 122 13.45 -65.69 -31.85
CA GLU Y 122 12.67 -66.13 -30.70
C GLU Y 122 13.56 -66.76 -29.64
N ASN Y 123 14.66 -66.09 -29.32
CA ASN Y 123 15.60 -66.55 -28.32
C ASN Y 123 16.16 -65.35 -27.57
N PHE Y 124 16.67 -65.61 -26.37
CA PHE Y 124 17.34 -64.59 -25.58
C PHE Y 124 18.78 -65.00 -25.32
N THR Y 125 19.67 -64.02 -25.30
CA THR Y 125 21.10 -64.25 -25.17
C THR Y 125 21.62 -63.51 -23.94
N THR Y 126 22.47 -64.17 -23.17
CA THR Y 126 23.03 -63.56 -21.97
C THR Y 126 24.47 -63.10 -22.21
N UNK Y 127 24.84 -62.00 -21.57
CA UNK Y 127 26.20 -61.48 -21.65
C UNK Y 127 26.87 -61.58 -20.29
N SER Y 128 27.47 -60.48 -19.84
CA SER Y 128 28.09 -60.42 -18.52
C SER Y 128 28.33 -58.98 -18.11
N ILE Y 129 28.10 -58.68 -16.83
CA ILE Y 129 28.28 -57.32 -16.32
C ILE Y 129 29.32 -57.34 -15.21
N LYS Y 130 29.16 -58.26 -14.26
CA LYS Y 130 30.08 -58.35 -13.13
C LYS Y 130 30.14 -59.82 -12.69
N GLY Y 131 31.19 -60.52 -13.09
CA GLY Y 131 31.36 -61.91 -12.72
C GLY Y 131 32.10 -62.75 -13.75
N UNK Y 132 32.40 -63.98 -13.37
CA UNK Y 132 33.14 -64.89 -14.25
C UNK Y 132 32.20 -65.57 -15.25
N UNK Y 133 31.34 -66.44 -14.74
CA UNK Y 133 30.39 -67.17 -15.58
C UNK Y 133 29.41 -66.22 -16.25
N UNK Y 134 29.17 -66.43 -17.54
CA UNK Y 134 28.30 -65.55 -18.31
C UNK Y 134 26.93 -66.16 -18.53
N UNK Y 135 26.61 -67.20 -17.76
CA UNK Y 135 25.33 -67.89 -17.89
C UNK Y 135 24.79 -68.34 -16.54
N VAL Y 136 25.65 -68.35 -15.53
CA VAL Y 136 25.27 -68.82 -14.21
C VAL Y 136 25.52 -67.75 -13.15
N LEU Y 137 24.50 -67.47 -12.33
CA LEU Y 137 24.65 -66.58 -11.20
C LEU Y 137 25.19 -67.38 -10.02
N VAL Y 138 26.47 -67.16 -9.67
CA VAL Y 138 27.09 -67.91 -8.59
C VAL Y 138 27.26 -67.10 -7.31
N ASP Y 139 27.47 -65.79 -7.42
CA ASP Y 139 27.71 -64.93 -6.27
C ASP Y 139 26.60 -63.90 -6.15
N GLN Y 140 26.42 -63.39 -4.93
CA GLN Y 140 25.44 -62.34 -4.71
C GLN Y 140 25.83 -61.07 -5.48
N SER Y 141 27.13 -60.77 -5.55
CA SER Y 141 27.58 -59.60 -6.28
C SER Y 141 27.49 -59.78 -7.78
N ASP Y 142 27.16 -60.98 -8.26
CA ASP Y 142 27.11 -61.23 -9.69
C ASP Y 142 25.93 -60.53 -10.34
N ARG Y 143 26.10 -60.11 -11.60
CA ARG Y 143 25.04 -59.51 -12.38
C ARG Y 143 25.29 -59.83 -13.85
N ILE Y 144 24.28 -60.41 -14.49
CA ILE Y 144 24.38 -60.86 -15.89
C ILE Y 144 23.27 -60.20 -16.69
N LYS Y 145 23.63 -59.69 -17.87
CA LYS Y 145 22.70 -59.00 -18.74
C LYS Y 145 21.99 -59.99 -19.66
N VAL Y 146 20.67 -59.82 -19.80
CA VAL Y 146 19.84 -60.67 -20.64
C VAL Y 146 19.42 -59.85 -21.85
N ILE Y 147 19.68 -60.36 -23.04
CA ILE Y 147 19.45 -59.62 -24.28
C ILE Y 147 18.34 -60.29 -25.07
N MET Y 148 17.37 -59.50 -25.52
CA MET Y 148 16.32 -59.98 -26.41
C MET Y 148 16.09 -58.93 -27.49
N TYR Y 149 16.14 -59.36 -28.76
CA TYR Y 149 15.92 -58.46 -29.90
C TYR Y 149 14.43 -58.30 -30.09
N ALA Y 150 13.92 -57.11 -29.78
CA ALA Y 150 12.49 -56.85 -29.79
C ALA Y 150 11.88 -56.96 -31.18
N UNK Y 151 12.63 -56.56 -32.20
CA UNK Y 151 12.10 -56.54 -33.57
C UNK Y 151 12.05 -57.95 -34.16
N UNK Y 152 12.88 -58.85 -33.63
CA UNK Y 152 12.91 -60.22 -34.13
C UNK Y 152 12.03 -61.13 -33.28
N VAL Y 153 11.72 -60.69 -32.07
CA VAL Y 153 10.79 -61.42 -31.22
C VAL Y 153 9.39 -61.18 -31.74
N UNK Y 154 9.07 -59.91 -31.97
CA UNK Y 154 7.79 -59.51 -32.55
C UNK Y 154 8.02 -58.40 -33.55
N UNK Y 155 7.81 -57.17 -33.11
CA UNK Y 155 8.08 -56.00 -33.95
C UNK Y 155 8.76 -54.93 -33.12
N UNK Y 156 9.28 -53.90 -33.77
CA UNK Y 156 9.93 -52.80 -33.06
C UNK Y 156 8.96 -52.10 -32.12
N LEU Y 157 9.23 -52.19 -30.83
CA LEU Y 157 8.37 -51.61 -29.81
C LEU Y 157 8.22 -50.11 -29.98
N UNK Y 158 7.01 -49.67 -30.34
CA UNK Y 158 6.73 -48.26 -30.51
C UNK Y 158 6.54 -47.59 -29.16
N UNK Y 159 6.26 -46.30 -29.17
CA UNK Y 159 6.08 -45.53 -27.95
C UNK Y 159 4.81 -45.97 -27.22
N GLY Y 160 4.90 -46.11 -25.90
CA GLY Y 160 3.75 -46.47 -25.09
C GLY Y 160 3.48 -47.96 -25.02
N UNK Y 161 4.16 -48.72 -25.89
CA UNK Y 161 3.96 -50.17 -25.93
C UNK Y 161 4.54 -50.84 -24.70
N GLU Y 162 3.75 -51.69 -24.07
CA GLU Y 162 4.18 -52.41 -22.88
C GLU Y 162 4.44 -53.88 -23.22
N VAL Y 163 5.29 -54.52 -22.44
CA VAL Y 163 5.59 -55.95 -22.62
C VAL Y 163 5.66 -56.59 -21.24
N GLN Y 164 4.97 -57.72 -21.08
CA GLN Y 164 4.91 -58.41 -19.79
C GLN Y 164 5.89 -59.57 -19.79
N LEU Y 165 7.11 -59.29 -19.34
CA LEU Y 165 8.10 -60.35 -19.19
C LEU Y 165 7.84 -61.13 -17.91
N THR Y 166 8.18 -62.41 -17.94
CA THR Y 166 8.23 -63.25 -16.73
C THR Y 166 9.40 -64.22 -16.90
N VAL Y 167 10.43 -64.03 -16.07
CA VAL Y 167 11.64 -64.84 -16.14
C VAL Y 167 11.49 -66.05 -15.24
N THR Y 168 11.25 -67.22 -15.83
CA THR Y 168 11.05 -68.45 -15.09
C THR Y 168 12.37 -69.20 -14.98
N THR Y 169 12.83 -69.41 -13.76
CA THR Y 169 14.07 -70.12 -13.52
C THR Y 169 13.84 -71.63 -13.67
N GLN Y 170 14.92 -72.39 -13.47
CA GLN Y 170 14.83 -73.84 -13.68
C GLN Y 170 13.89 -74.50 -12.67
N TYR Y 171 14.04 -74.15 -11.39
CA TYR Y 171 13.27 -74.84 -10.36
C TYR Y 171 11.80 -74.44 -10.38
N GLY Y 172 11.48 -73.24 -10.84
CA GLY Y 172 10.08 -72.86 -10.97
C GLY Y 172 9.77 -71.44 -10.57
N SER Y 173 10.65 -70.80 -9.81
CA SER Y 173 10.43 -69.44 -9.37
C SER Y 173 10.30 -68.50 -10.57
N LYS Y 174 9.33 -67.60 -10.50
CA LYS Y 174 9.02 -66.69 -11.60
C LYS Y 174 9.12 -65.25 -11.12
N THR Y 175 9.65 -64.38 -11.98
CA THR Y 175 9.75 -62.96 -11.71
C THR Y 175 9.16 -62.20 -12.90
N THR Y 176 8.16 -61.38 -12.63
CA THR Y 176 7.44 -60.65 -13.68
C THR Y 176 7.87 -59.19 -13.69
N TYR Y 177 8.22 -58.69 -14.86
CA TYR Y 177 8.60 -57.30 -15.06
C TYR Y 177 7.77 -56.72 -16.19
N TRP Y 178 7.21 -55.53 -15.97
CA TRP Y 178 6.40 -54.86 -16.96
C TRP Y 178 7.24 -53.77 -17.62
N ALA Y 179 7.85 -54.10 -18.75
CA ALA Y 179 8.70 -53.16 -19.47
C ALA Y 179 7.78 -52.18 -20.22
N GLN Y 180 7.61 -51.00 -19.66
CA GLN Y 180 6.74 -49.97 -20.24
C GLN Y 180 7.62 -48.93 -20.91
N VAL Y 181 7.62 -48.93 -22.23
CA VAL Y 181 8.40 -47.94 -22.99
C VAL Y 181 7.84 -46.55 -22.72
N PRO Y 182 8.67 -45.52 -22.55
CA PRO Y 182 8.14 -44.17 -22.34
C PRO Y 182 7.27 -43.73 -23.50
N GLU Y 183 6.22 -42.98 -23.17
CA GLU Y 183 5.22 -42.61 -24.18
C GLU Y 183 5.80 -41.69 -25.24
N SER Y 184 6.91 -41.03 -24.95
CA SER Y 184 7.60 -40.18 -25.92
C SER Y 184 9.04 -40.65 -26.08
N LEU Y 185 9.51 -40.68 -27.32
CA LEU Y 185 10.87 -41.12 -27.62
C LEU Y 185 11.59 -40.16 -28.55
N LYS Y 186 11.18 -38.88 -28.56
CA LYS Y 186 11.81 -37.90 -29.44
C LYS Y 186 13.23 -37.63 -28.99
N ASP Y 187 14.20 -38.16 -29.74
CA ASP Y 187 15.62 -38.01 -29.45
C ASP Y 187 15.94 -38.46 -28.02
N LYS Y 188 15.66 -39.73 -27.76
CA LYS Y 188 15.93 -40.35 -26.47
C LYS Y 188 16.78 -41.59 -26.64
N ASN Y 189 17.90 -41.45 -27.36
CA ASN Y 189 18.80 -42.56 -27.66
C ASN Y 189 19.14 -43.29 -26.36
N ALA Y 190 19.01 -44.61 -26.37
CA ALA Y 190 19.27 -45.46 -25.20
C ALA Y 190 18.39 -45.06 -24.02
N VAL Y 191 17.07 -45.17 -24.19
CA VAL Y 191 16.15 -44.80 -23.14
C VAL Y 191 16.10 -45.92 -22.10
N UNK Y 192 15.59 -45.60 -20.91
CA UNK Y 192 15.44 -46.59 -19.85
C UNK Y 192 14.01 -47.10 -19.80
N LEU Y 193 13.83 -48.38 -20.08
CA LEU Y 193 12.51 -48.98 -20.06
C LEU Y 193 11.98 -49.13 -18.65
N GLN Z 13 -3.85 -1.18 0.59
CA GLN Z 13 -3.45 -0.48 1.81
C GLN Z 13 -2.99 0.94 1.51
N VAL Z 14 -2.39 1.13 0.32
CA VAL Z 14 -2.01 2.47 -0.10
C VAL Z 14 -3.25 3.32 -0.35
N GLY Z 15 -4.31 2.69 -0.88
CA GLY Z 15 -5.55 3.41 -1.08
C GLY Z 15 -6.15 3.92 0.23
N ILE Z 16 -6.00 3.15 1.30
CA ILE Z 16 -6.50 3.58 2.60
C ILE Z 16 -5.72 4.80 3.09
N GLY Z 17 -4.40 4.77 2.94
CA GLY Z 17 -3.59 5.89 3.39
C GLY Z 17 -3.89 7.17 2.63
N THR Z 18 -4.10 7.07 1.33
CA THR Z 18 -4.33 8.24 0.51
C THR Z 18 -5.61 8.97 0.93
N LEU Z 19 -6.66 8.21 1.23
CA LEU Z 19 -7.94 8.82 1.58
C LEU Z 19 -7.84 9.64 2.86
N ILE Z 20 -7.16 9.13 3.87
CA ILE Z 20 -7.02 9.86 5.13
C ILE Z 20 -6.20 11.13 4.91
N VAL Z 21 -5.11 11.03 4.16
CA VAL Z 21 -4.31 12.21 3.84
C VAL Z 21 -5.12 13.18 2.99
N PHE Z 22 -5.96 12.66 2.11
CA PHE Z 22 -6.81 13.52 1.29
C PHE Z 22 -7.74 14.36 2.15
N ILE Z 23 -8.25 13.80 3.24
CA ILE Z 23 -9.10 14.55 4.15
C ILE Z 23 -8.31 15.68 4.79
N ALA Z 24 -7.05 15.43 5.11
CA ALA Z 24 -6.22 16.47 5.73
C ALA Z 24 -5.98 17.63 4.78
N MET Z 25 -5.74 17.33 3.50
CA MET Z 25 -5.38 18.38 2.55
C MET Z 25 -6.52 19.37 2.35
N VAL Z 26 -7.75 18.88 2.23
CA VAL Z 26 -8.88 19.78 2.04
C VAL Z 26 -9.15 20.58 3.31
N LEU Z 27 -8.98 19.95 4.47
CA LEU Z 27 -9.16 20.68 5.73
C LEU Z 27 -8.11 21.77 5.88
N VAL Z 28 -6.85 21.45 5.57
CA VAL Z 28 -5.79 22.45 5.68
C VAL Z 28 -6.03 23.59 4.71
N ALA Z 29 -6.43 23.26 3.48
CA ALA Z 29 -6.69 24.31 2.48
C ALA Z 29 -7.85 25.21 2.92
N ALA Z 30 -8.89 24.62 3.52
CA ALA Z 30 -10.01 25.41 4.01
C ALA Z 30 -9.55 26.35 5.12
N ILE Z 31 -8.66 25.87 6.00
CA ILE Z 31 -8.12 26.73 7.05
C ILE Z 31 -7.31 27.87 6.44
N ALA Z 32 -6.49 27.55 5.43
CA ALA Z 32 -5.69 28.58 4.78
C ALA Z 32 -6.57 29.59 4.07
N ALA Z 33 -7.63 29.12 3.40
CA ALA Z 33 -8.53 30.03 2.70
C ALA Z 33 -9.30 30.90 3.69
N GLY Z 34 -9.56 30.37 4.88
CA GLY Z 34 -10.28 31.13 5.90
C GLY Z 34 -9.53 32.35 6.36
N VAL Z 35 -8.22 32.22 6.57
CA VAL Z 35 -7.40 33.35 7.03
C VAL Z 35 -7.40 34.47 6.00
N LEU Z 36 -7.23 34.10 4.72
CA LEU Z 36 -7.06 35.10 3.68
C LEU Z 36 -8.31 35.97 3.54
N ILE Z 37 -9.49 35.36 3.51
CA ILE Z 37 -10.72 36.13 3.33
C ILE Z 37 -11.04 36.93 4.58
N ASN Z 38 -10.91 36.32 5.75
CA ASN Z 38 -11.25 37.01 7.00
C ASN Z 38 -10.33 38.21 7.23
N THR Z 39 -9.03 38.04 6.94
CA THR Z 39 -8.11 39.16 7.06
C THR Z 39 -8.45 40.26 6.07
N ALA Z 40 -8.88 39.89 4.87
CA ALA Z 40 -9.30 40.89 3.89
C ALA Z 40 -10.54 41.63 4.36
N GLY Z 41 -11.43 40.93 5.06
CA GLY Z 41 -12.63 41.59 5.57
C GLY Z 41 -12.32 42.67 6.58
N TYR Z 42 -11.35 42.40 7.46
CA TYR Z 42 -10.95 43.41 8.44
C TYR Z 42 -10.36 44.63 7.74
N LEU Z 43 -9.47 44.41 6.77
CA LEU Z 43 -8.84 45.53 6.08
C LEU Z 43 -9.84 46.33 5.27
N GLN Z 44 -10.79 45.65 4.62
CA GLN Z 44 -11.77 46.37 3.81
C GLN Z 44 -12.63 47.28 4.68
N SER Z 45 -13.07 46.80 5.84
CA SER Z 45 -13.83 47.64 6.75
C SER Z 45 -12.98 48.79 7.27
N LYS Z 46 -11.72 48.50 7.63
CA LYS Z 46 -10.81 49.56 8.06
C LYS Z 46 -10.50 50.51 6.91
N GLY Z 47 -10.33 49.98 5.70
CA GLY Z 47 -10.04 50.83 4.56
C GLY Z 47 -11.19 51.74 4.20
N SER Z 48 -12.41 51.20 4.21
CA SER Z 48 -13.58 52.00 3.88
C SER Z 48 -13.78 53.12 4.90
N ALA Z 49 -13.61 52.80 6.19
CA ALA Z 49 -13.74 53.82 7.23
C ALA Z 49 -12.66 54.88 7.09
N THR Z 50 -11.45 54.47 6.72
CA THR Z 50 -10.35 55.42 6.57
C THR Z 50 -10.64 56.42 5.47
N GLY Z 51 -11.18 55.96 4.34
CA GLY Z 51 -11.46 56.86 3.23
C GLY Z 51 -12.47 57.92 3.58
N GLU Z 52 -13.54 57.54 4.29
CA GLU Z 52 -14.57 58.49 4.66
C GLU Z 52 -14.03 59.55 5.61
N GLU Z 53 -13.22 59.13 6.59
CA GLU Z 53 -12.71 60.07 7.58
C GLU Z 53 -11.61 60.96 6.98
N ALA Z 54 -10.72 60.38 6.18
CA ALA Z 54 -9.64 61.17 5.59
C ALA Z 54 -10.19 62.22 4.64
N SER Z 55 -11.19 61.85 3.82
CA SER Z 55 -11.84 62.84 2.98
C SER Z 55 -12.61 63.85 3.80
N ALA Z 56 -13.15 63.42 4.95
CA ALA Z 56 -13.88 64.33 5.81
C ALA Z 56 -12.95 65.35 6.47
N GLN Z 57 -11.72 64.92 6.79
CA GLN Z 57 -10.79 65.81 7.48
C GLN Z 57 -10.47 67.04 6.64
N VAL Z 58 -10.28 66.87 5.34
CA VAL Z 58 -9.93 68.00 4.48
C VAL Z 58 -11.16 68.78 4.06
N SER Z 59 -12.32 68.12 3.98
CA SER Z 59 -13.50 68.75 3.40
C SER Z 59 -14.21 69.68 4.38
N ASN Z 60 -14.70 69.12 5.49
CA ASN Z 60 -15.51 69.92 6.42
C ASN Z 60 -14.69 71.00 7.10
N ARG Z 61 -14.93 72.25 6.72
CA ARG Z 61 -14.13 73.37 7.18
C ARG Z 61 -15.05 74.52 7.56
N ILE Z 62 -14.59 75.35 8.48
CA ILE Z 62 -15.33 76.53 8.91
C ILE Z 62 -14.72 77.76 8.27
N ASN Z 63 -15.57 78.63 7.73
CA ASN Z 63 -15.12 79.87 7.11
C ASN Z 63 -15.71 81.04 7.87
N ILE Z 64 -14.84 81.86 8.46
CA ILE Z 64 -15.26 83.01 9.26
C ILE Z 64 -15.65 84.13 8.32
N VAL Z 65 -16.93 84.46 8.27
CA VAL Z 65 -17.41 85.51 7.37
C VAL Z 65 -16.96 86.89 7.85
N SER Z 66 -17.19 87.18 9.14
CA SER Z 66 -16.87 88.50 9.67
C SER Z 66 -16.72 88.41 11.17
N ALA Z 67 -16.08 89.44 11.74
CA ALA Z 67 -15.82 89.52 13.17
C ALA Z 67 -15.90 90.97 13.62
N TYR Z 68 -16.71 91.25 14.63
CA TYR Z 68 -16.82 92.57 15.22
C TYR Z 68 -16.85 92.46 16.74
N GLY Z 69 -16.67 93.59 17.41
CA GLY Z 69 -16.61 93.60 18.86
C GLY Z 69 -17.34 94.75 19.52
N ASN Z 70 -18.05 94.46 20.61
CA ASN Z 70 -18.74 95.48 21.38
C ASN Z 70 -17.72 96.23 22.23
N VAL Z 71 -17.91 97.54 22.32
CA VAL Z 71 -16.98 98.39 23.09
C VAL Z 71 -17.66 98.96 24.33
N UNK Z 72 -17.56 98.25 25.44
CA UNK Z 72 -18.04 98.75 26.72
C UNK Z 72 -17.03 99.71 27.30
N UNK Z 73 -17.49 100.90 27.68
CA UNK Z 73 -16.62 101.97 28.17
C UNK Z 73 -15.56 102.31 27.12
N UNK Z 74 -14.31 101.98 27.41
CA UNK Z 74 -13.22 102.27 26.49
C UNK Z 74 -12.39 101.03 26.19
N UNK Z 75 -13.03 99.87 26.25
CA UNK Z 75 -12.36 98.61 25.97
C UNK Z 75 -13.33 97.56 25.47
N VAL Z 76 -12.91 96.78 24.47
CA VAL Z 76 -13.76 95.74 23.91
C VAL Z 76 -13.85 94.55 24.85
N ASP Z 77 -15.09 94.10 25.11
CA ASP Z 77 -15.33 92.98 26.01
C ASP Z 77 -15.83 91.73 25.32
N TYR Z 78 -16.49 91.85 24.17
CA TYR Z 78 -17.01 90.70 23.45
C TYR Z 78 -16.40 90.64 22.07
N VAL Z 79 -16.15 89.42 21.58
CA VAL Z 79 -15.73 89.17 20.21
C VAL Z 79 -16.73 88.20 19.59
N ASN Z 80 -17.07 88.45 18.33
CA ASN Z 80 -18.05 87.65 17.62
C ASN Z 80 -17.46 87.10 16.33
N LEU Z 81 -17.90 85.91 15.95
CA LEU Z 81 -17.44 85.25 14.73
C LEU Z 81 -18.67 84.69 14.00
N THR Z 82 -19.05 85.34 12.90
CA THR Z 82 -20.10 84.81 12.04
C THR Z 82 -19.49 83.75 11.14
N VAL Z 83 -19.78 82.48 11.42
CA VAL Z 83 -19.16 81.37 10.72
C VAL Z 83 -20.14 80.80 9.69
N ARG Z 84 -19.59 80.09 8.72
CA ARG Z 84 -20.38 79.49 7.66
C ARG Z 84 -19.69 78.23 7.19
N GLN Z 85 -20.48 77.37 6.52
CA GLN Z 85 -19.92 76.15 5.94
C GLN Z 85 -18.98 76.48 4.79
N ALA Z 86 -17.93 75.66 4.65
CA ALA Z 86 -17.01 75.83 3.55
C ALA Z 86 -17.59 75.19 2.29
N ALA Z 87 -16.84 75.26 1.19
CA ALA Z 87 -17.28 74.64 -0.06
C ALA Z 87 -17.45 73.14 0.14
N GLY Z 88 -18.59 72.62 -0.30
CA GLY Z 88 -18.91 71.23 -0.08
C GLY Z 88 -19.21 70.95 1.38
N ALA Z 89 -18.32 70.22 2.06
CA ALA Z 89 -18.43 69.94 3.48
C ALA Z 89 -19.69 69.16 3.84
N ASP Z 90 -19.87 68.89 5.13
CA ASP Z 90 -21.05 68.18 5.62
C ASP Z 90 -21.53 68.89 6.87
N ASN Z 91 -22.43 68.23 7.61
CA ASN Z 91 -22.93 68.79 8.85
C ASN Z 91 -21.79 69.05 9.82
N ILE Z 92 -21.65 70.28 10.27
CA ILE Z 92 -20.55 70.68 11.15
C ILE Z 92 -21.16 70.99 12.51
N ASN Z 93 -20.84 70.17 13.51
CA ASN Z 93 -21.28 70.45 14.87
C ASN Z 93 -20.33 71.46 15.51
N LEU Z 94 -20.86 72.59 15.94
CA LEU Z 94 -20.04 73.66 16.50
C LEU Z 94 -19.97 73.55 18.02
N UNK Z 95 -20.31 72.37 18.54
CA UNK Z 95 -20.22 72.12 19.97
C UNK Z 95 -19.05 71.20 20.26
N LYS Z 96 -18.63 70.47 19.23
CA LYS Z 96 -17.49 69.58 19.35
C LYS Z 96 -16.27 70.21 18.69
N SER Z 97 -16.19 71.53 18.75
CA SER Z 97 -15.10 72.30 18.17
C SER Z 97 -14.39 73.09 19.25
N THR Z 98 -13.07 73.18 19.14
CA THR Z 98 -12.25 73.90 20.10
C THR Z 98 -11.61 75.09 19.41
N ILE Z 99 -11.62 76.23 20.09
CA ILE Z 99 -11.02 77.47 19.57
C ILE Z 99 -9.81 77.79 20.42
N GLN Z 100 -8.66 78.00 19.77
CA GLN Z 100 -7.43 78.35 20.45
C GLN Z 100 -7.25 79.85 20.46
N TRP Z 101 -7.17 80.43 21.66
CA TRP Z 101 -7.07 81.87 21.84
C TRP Z 101 -5.63 82.20 22.23
N ILE Z 102 -4.94 82.94 21.36
CA ILE Z 102 -3.61 83.44 21.65
C ILE Z 102 -3.75 84.96 21.70
N GLY Z 103 -3.96 85.49 22.91
CA GLY Z 103 -4.17 86.89 23.09
C GLY Z 103 -2.95 87.61 23.61
N PRO Z 104 -3.07 88.91 23.87
CA PRO Z 104 -1.93 89.68 24.39
C PRO Z 104 -1.44 89.17 25.74
N ASP Z 105 -2.34 88.68 26.58
CA ASP Z 105 -1.97 88.20 27.90
C ASP Z 105 -1.98 86.67 27.96
N UNK Z 106 -3.17 86.10 28.13
CA UNK Z 106 -3.32 84.66 28.27
C UNK Z 106 -3.24 83.98 26.91
N ALA Z 107 -3.20 82.65 26.93
CA ALA Z 107 -3.17 81.84 25.72
C ALA Z 107 -3.74 80.45 26.00
N THR Z 108 -5.07 80.36 26.07
CA THR Z 108 -5.75 79.14 26.46
C THR Z 108 -6.56 78.59 25.30
N THR Z 109 -7.28 77.51 25.58
CA THR Z 109 -8.17 76.86 24.63
C THR Z 109 -9.58 76.86 25.20
N LEU Z 110 -10.57 77.14 24.35
CA LEU Z 110 -11.96 77.26 24.77
C LEU Z 110 -12.80 76.12 24.23
N THR Z 111 -13.90 75.86 24.91
CA THR Z 111 -14.83 74.78 24.61
C THR Z 111 -16.26 75.31 24.67
N TYR Z 112 -17.18 74.58 24.03
CA TYR Z 112 -18.58 75.00 24.01
C TYR Z 112 -19.22 74.92 25.39
N UNK Z 113 -20.07 75.90 25.70
CA UNK Z 113 -20.83 75.90 26.94
C UNK Z 113 -22.18 76.55 26.72
N UNK Z 114 -23.25 75.81 27.01
CA UNK Z 114 -24.60 76.31 26.81
C UNK Z 114 -24.91 77.48 27.73
N UNK Z 115 -25.18 78.63 27.14
CA UNK Z 115 -25.55 79.86 27.84
C UNK Z 115 -24.42 80.42 28.70
N UNK Z 116 -24.18 81.72 28.57
CA UNK Z 116 -23.16 82.40 29.35
C UNK Z 116 -23.39 83.91 29.36
N UNK Z 117 -22.44 84.64 28.79
CA UNK Z 117 -22.49 86.11 28.72
C UNK Z 117 -22.62 86.73 30.11
N UNK Z 120 -18.71 83.41 30.87
CA UNK Z 120 -18.24 82.41 29.92
C UNK Z 120 -16.85 81.91 30.31
N UNK Z 121 -16.07 82.79 30.92
CA UNK Z 121 -14.71 82.47 31.37
C UNK Z 121 -13.83 81.98 30.22
N GLU Z 122 -13.64 80.66 30.16
CA GLU Z 122 -12.81 80.07 29.12
C GLU Z 122 -13.64 79.21 28.18
N ASN Z 123 -14.89 79.60 27.95
CA ASN Z 123 -15.80 78.85 27.11
C ASN Z 123 -16.47 79.79 26.12
N PHE Z 124 -16.88 79.24 24.99
CA PHE Z 124 -17.56 80.01 23.96
C PHE Z 124 -18.97 79.46 23.73
N THR Z 125 -19.87 80.35 23.34
CA THR Z 125 -21.27 80.04 23.09
C THR Z 125 -21.64 80.43 21.67
N THR Z 126 -22.71 79.82 21.17
CA THR Z 126 -23.13 80.05 19.79
C THR Z 126 -24.63 80.37 19.67
N UNK Z 127 -24.94 81.52 19.08
CA UNK Z 127 -26.32 81.90 18.79
C UNK Z 127 -26.55 81.79 17.28
N SER Z 128 -27.79 81.54 16.88
CA SER Z 128 -28.10 81.31 15.47
C SER Z 128 -28.54 82.59 14.75
N ILE Z 129 -27.69 83.10 13.87
CA ILE Z 129 -28.05 84.26 13.06
C ILE Z 129 -29.11 83.89 12.03
N LYS Z 130 -28.92 82.76 11.36
CA LYS Z 130 -29.85 82.30 10.33
C LYS Z 130 -29.78 80.79 10.25
N GLY Z 131 -30.93 80.14 10.37
CA GLY Z 131 -30.98 78.69 10.30
C GLY Z 131 -31.73 78.08 11.48
N UNK Z 132 -31.92 76.77 11.42
CA UNK Z 132 -32.66 76.05 12.47
C UNK Z 132 -31.84 75.94 13.75
N UNK Z 133 -30.95 74.95 13.80
CA UNK Z 133 -30.14 74.70 14.98
C UNK Z 133 -29.17 75.84 15.24
N UNK Z 134 -28.79 76.01 16.50
CA UNK Z 134 -27.87 77.08 16.88
C UNK Z 134 -26.52 76.52 17.32
N UNK Z 135 -26.20 75.32 16.86
CA UNK Z 135 -24.94 74.68 17.23
C UNK Z 135 -24.41 73.81 16.09
N VAL Z 136 -25.20 73.67 15.03
CA VAL Z 136 -24.81 72.84 13.90
C VAL Z 136 -25.00 73.62 12.59
N LEU Z 137 -24.05 73.49 11.67
CA LEU Z 137 -24.15 74.06 10.34
C LEU Z 137 -24.64 72.97 9.40
N VAL Z 138 -25.89 73.09 8.96
CA VAL Z 138 -26.51 72.03 8.16
C VAL Z 138 -26.39 72.31 6.67
N ASP Z 139 -26.84 73.48 6.22
CA ASP Z 139 -26.82 73.84 4.82
C ASP Z 139 -25.86 74.99 4.57
N GLN Z 140 -25.61 75.26 3.29
CA GLN Z 140 -24.67 76.32 2.93
C GLN Z 140 -25.16 77.71 3.33
N SER Z 141 -26.46 77.87 3.59
CA SER Z 141 -27.03 79.18 3.87
C SER Z 141 -27.08 79.53 5.35
N ASP Z 142 -26.87 78.58 6.24
CA ASP Z 142 -26.96 78.89 7.67
C ASP Z 142 -25.73 79.67 8.14
N ARG Z 143 -25.97 80.59 9.07
CA ARG Z 143 -24.90 81.37 9.70
C ARG Z 143 -25.10 81.29 11.21
N ILE Z 144 -24.01 81.07 11.93
CA ILE Z 144 -24.04 80.99 13.39
C ILE Z 144 -22.96 81.89 13.96
N LYS Z 145 -23.32 82.62 15.01
CA LYS Z 145 -22.41 83.56 15.65
C LYS Z 145 -21.72 82.91 16.83
N VAL Z 146 -20.40 83.12 16.92
CA VAL Z 146 -19.57 82.57 17.99
C VAL Z 146 -19.33 83.68 19.01
N ILE Z 147 -19.62 83.39 20.27
CA ILE Z 147 -19.52 84.37 21.34
C ILE Z 147 -18.45 83.96 22.33
N MET Z 148 -17.51 84.88 22.58
CA MET Z 148 -16.46 84.69 23.58
C MET Z 148 -16.26 85.98 24.34
N TYR Z 149 -16.26 85.88 25.68
CA TYR Z 149 -16.17 87.06 26.55
C TYR Z 149 -14.71 87.39 26.78
N ALA Z 150 -14.24 88.41 26.08
CA ALA Z 150 -12.83 88.79 26.11
C ALA Z 150 -12.36 89.22 27.50
N UNK Z 151 -13.20 89.97 28.20
CA UNK Z 151 -12.85 90.45 29.53
C UNK Z 151 -12.73 89.31 30.53
N UNK Z 152 -13.36 88.18 30.22
CA UNK Z 152 -13.31 87.01 31.09
C UNK Z 152 -12.19 86.07 30.69
N VAL Z 153 -11.92 85.97 29.40
CA VAL Z 153 -10.86 85.10 28.90
C VAL Z 153 -9.51 85.54 29.44
N UNK Z 154 -9.12 86.78 29.13
CA UNK Z 154 -7.87 87.32 29.60
C UNK Z 154 -8.13 88.61 30.36
N UNK Z 155 -8.45 89.67 29.61
CA UNK Z 155 -8.76 90.96 30.19
C UNK Z 155 -9.47 91.83 29.16
N UNK Z 156 -9.71 93.09 29.50
CA UNK Z 156 -10.31 94.03 28.56
C UNK Z 156 -9.27 94.43 27.52
N LEU Z 157 -9.43 93.92 26.30
CA LEU Z 157 -8.48 94.18 25.23
C LEU Z 157 -8.37 95.66 24.91
N UNK Z 158 -7.14 96.15 24.80
CA UNK Z 158 -6.89 97.55 24.51
C UNK Z 158 -6.78 97.79 23.01
N UNK Z 159 -6.82 99.06 22.61
CA UNK Z 159 -6.76 99.42 21.21
C UNK Z 159 -5.39 99.14 20.62
N GLY Z 160 -5.27 98.04 19.90
CA GLY Z 160 -4.02 97.68 19.24
C GLY Z 160 -3.61 96.23 19.43
N UNK Z 161 -4.15 95.58 20.45
CA UNK Z 161 -3.82 94.20 20.75
C UNK Z 161 -4.32 93.26 19.65
N GLU Z 162 -3.52 92.28 19.29
CA GLU Z 162 -3.90 91.30 18.27
C GLU Z 162 -4.17 89.94 18.90
N VAL Z 163 -5.35 89.38 18.59
CA VAL Z 163 -5.69 88.06 19.10
C VAL Z 163 -5.74 87.05 17.96
N GLN Z 164 -5.08 85.92 18.15
CA GLN Z 164 -5.07 84.84 17.17
C GLN Z 164 -6.07 83.78 17.58
N LEU Z 165 -6.92 83.36 16.64
CA LEU Z 165 -7.96 82.37 16.88
C LEU Z 165 -7.90 81.31 15.80
N THR Z 166 -8.05 80.05 16.20
CA THR Z 166 -8.11 78.93 15.27
C THR Z 166 -9.32 78.06 15.64
N VAL Z 167 -10.32 78.04 14.78
CA VAL Z 167 -11.54 77.28 15.03
C VAL Z 167 -11.39 75.87 14.47
N THR Z 168 -10.82 74.97 15.27
CA THR Z 168 -10.62 73.60 14.81
C THR Z 168 -11.92 72.82 14.92
N THR Z 169 -12.34 72.22 13.81
CA THR Z 169 -13.57 71.43 13.77
C THR Z 169 -13.29 70.06 14.41
N GLN Z 170 -14.32 69.22 14.49
CA GLN Z 170 -14.16 67.90 15.10
C GLN Z 170 -13.17 67.05 14.33
N TYR Z 171 -13.28 67.01 13.01
CA TYR Z 171 -12.46 66.11 12.21
C TYR Z 171 -10.98 66.52 12.26
N GLY Z 172 -10.72 67.82 12.34
CA GLY Z 172 -9.35 68.28 12.44
C GLY Z 172 -9.05 69.51 11.62
N SER Z 173 -9.99 69.91 10.76
CA SER Z 173 -9.80 71.09 9.94
C SER Z 173 -9.73 72.34 10.80
N LYS Z 174 -8.78 73.21 10.50
CA LYS Z 174 -8.53 74.42 11.27
C LYS Z 174 -8.73 75.65 10.39
N THR Z 175 -9.14 76.75 11.02
CA THR Z 175 -9.36 78.03 10.34
C THR Z 175 -8.77 79.13 11.23
N THR Z 176 -7.58 79.59 10.89
CA THR Z 176 -6.94 80.65 11.65
C THR Z 176 -7.54 82.00 11.27
N TYR Z 177 -7.71 82.86 12.28
CA TYR Z 177 -8.20 84.21 12.06
C TYR Z 177 -7.48 85.15 13.01
N TRP Z 178 -7.03 86.30 12.49
CA TRP Z 178 -6.30 87.29 13.27
C TRP Z 178 -7.19 88.52 13.44
N ALA Z 179 -7.66 88.74 14.65
CA ALA Z 179 -8.54 89.87 14.96
C ALA Z 179 -7.68 91.00 15.53
N GLN Z 180 -7.55 92.08 14.77
CA GLN Z 180 -6.74 93.24 15.16
C GLN Z 180 -7.68 94.31 15.69
N VAL Z 181 -7.58 94.59 16.98
CA VAL Z 181 -8.32 95.67 17.62
C VAL Z 181 -7.86 96.98 16.97
N PRO Z 182 -8.78 97.87 16.58
CA PRO Z 182 -8.36 99.07 15.86
C PRO Z 182 -7.47 99.98 16.70
N GLU Z 183 -6.62 100.75 16.01
CA GLU Z 183 -5.62 101.56 16.69
C GLU Z 183 -6.26 102.61 17.59
N SER Z 184 -7.31 103.27 17.10
CA SER Z 184 -7.99 104.33 17.85
C SER Z 184 -9.44 103.90 18.06
N LEU Z 185 -9.71 103.27 19.20
CA LEU Z 185 -11.05 102.82 19.54
C LEU Z 185 -11.74 103.82 20.47
N LYS Z 186 -11.99 105.02 19.93
CA LYS Z 186 -12.61 106.11 20.67
C LYS Z 186 -13.95 106.43 20.04
N ASP Z 187 -14.99 106.51 20.88
CA ASP Z 187 -16.33 106.92 20.48
C ASP Z 187 -16.88 106.02 19.37
N LYS Z 188 -16.84 104.71 19.61
CA LYS Z 188 -17.45 103.73 18.72
C LYS Z 188 -18.16 102.70 19.59
N ASN Z 189 -19.47 102.56 19.39
CA ASN Z 189 -20.23 101.56 20.14
C ASN Z 189 -19.75 100.15 19.82
N ALA Z 190 -19.62 99.83 18.54
CA ALA Z 190 -19.11 98.54 18.10
C ALA Z 190 -18.17 98.77 16.91
N VAL Z 191 -17.20 97.87 16.78
CA VAL Z 191 -16.21 97.99 15.73
C VAL Z 191 -15.79 96.63 15.18
N UNK Z 192 -15.73 96.53 13.86
CA UNK Z 192 -15.29 95.30 13.21
C UNK Z 192 -13.81 95.03 13.49
N LEU Z 193 -13.54 93.93 14.18
CA LEU Z 193 -12.17 93.56 14.52
C LEU Z 193 -11.39 93.14 13.29
#